data_9S0V
#
_entry.id   9S0V
#
_cell.length_a   156.730
_cell.length_b   297.700
_cell.length_c   205.160
_cell.angle_alpha   90.00
_cell.angle_beta   90.00
_cell.angle_gamma   90.00
#
_symmetry.space_group_name_H-M   'C 2 2 21'
#
loop_
_entity.id
_entity.type
_entity.pdbx_description
1 polymer 'Alkaline phosphatase, tissue-nonspecific isozyme'
2 branched 2-acetamido-2-deoxy-beta-D-glucopyranose-(1-4)-2-acetamido-2-deoxy-beta-D-glucopyranose
3 branched beta-D-mannopyranose-(1-4)-2-acetamido-2-deoxy-beta-D-glucopyranose-(1-4)-2-acetamido-2-deoxy-beta-D-glucopyranose
4 non-polymer 'ZINC ION'
5 non-polymer 'MAGNESIUM ION'
6 non-polymer 'CALCIUM ION'
7 non-polymer 2-acetamido-2-deoxy-beta-D-glucopyranose
8 non-polymer 'PHOSPHATE ION'
9 water water
#
_entity_poly.entity_id   1
_entity_poly.type   'polypeptide(L)'
_entity_poly.pdbx_seq_one_letter_code
;LVPEKEKDPKYWRDQAQETLKYALELQKLNTNVAKNVIMFLGDGMGVSTVTAARILKGQLHHNPGEETRLEMDKFPFVAL
SKTYNTNAQVPDSAGTATAYLCGVKANEGTVGVSAATERSRCNTTQGNEVTSILRWAKDAGKSVGIVTTTRVNHATPSAA
YAHSADRDWYSDNEMPPEALSQGCKDIAYQLMHNIRDIDVIMGGGRKYMYPKNKTDVEYESDEKARGTRLDGLDLVDTWK
SFKPRYKHSHFIWNRTELLTLDPHNVDYLLGLFEPGDMQYELNRNNVTDPSLSEMVVVAIQILRKNPKGFFLLVEGGRID
HGHHEGKAKQALHEAVEMDRAIGQAGSLTSSEDTLTVVTADHSHVFTFGGYTPRGNSIFGLAPMLSDTDKKPFTAILYGN
GPGYKVVGGERENVSMVDYAHNNYQAQSAVPLRHETHGGEDVAVFSKGPMAHLLHGVHEQNYVPHVMAYAACIGANLGHC
APAAAAENLYFQGDYKDDDDKHHHHHHHH
;
_entity_poly.pdbx_strand_id   A,B,C,D,E
#
loop_
_chem_comp.id
_chem_comp.type
_chem_comp.name
_chem_comp.formula
BMA D-saccharide, beta linking beta-D-mannopyranose 'C6 H12 O6'
CA non-polymer 'CALCIUM ION' 'Ca 2'
MG non-polymer 'MAGNESIUM ION' 'Mg 2'
NAG D-saccharide, beta linking 2-acetamido-2-deoxy-beta-D-glucopyranose 'C8 H15 N O6'
PO4 non-polymer 'PHOSPHATE ION' 'O4 P -3'
ZN non-polymer 'ZINC ION' 'Zn 2'
#
# COMPACT_ATOMS: atom_id res chain seq x y z
N LEU A 1 -21.61 2.48 17.64
CA LEU A 1 -21.42 1.49 16.57
C LEU A 1 -20.48 0.40 17.04
N VAL A 2 -19.18 0.61 16.84
CA VAL A 2 -18.14 -0.31 17.30
C VAL A 2 -18.35 -1.71 16.75
N PRO A 3 -17.83 -2.02 15.56
CA PRO A 3 -17.94 -3.39 15.05
C PRO A 3 -17.32 -4.37 16.03
N GLU A 4 -17.89 -5.57 16.13
CA GLU A 4 -17.46 -6.51 17.16
C GLU A 4 -15.99 -6.87 17.03
N LYS A 5 -15.47 -6.93 15.81
CA LYS A 5 -14.03 -7.20 15.65
C LYS A 5 -13.17 -6.04 16.18
N GLU A 6 -13.63 -4.80 16.06
CA GLU A 6 -12.80 -3.67 16.49
C GLU A 6 -12.76 -3.53 18.00
N LYS A 7 -13.46 -4.40 18.73
CA LYS A 7 -13.39 -4.47 20.18
C LYS A 7 -12.25 -5.37 20.65
N ASP A 8 -11.77 -6.25 19.77
CA ASP A 8 -10.72 -7.20 20.09
C ASP A 8 -9.36 -6.61 19.73
N PRO A 9 -8.41 -6.54 20.67
CA PRO A 9 -7.08 -6.01 20.32
C PRO A 9 -6.36 -6.84 19.28
N LYS A 10 -6.45 -8.17 19.33
CA LYS A 10 -5.78 -8.98 18.33
C LYS A 10 -6.11 -8.53 16.91
N TYR A 11 -7.31 -8.00 16.69
CA TYR A 11 -7.66 -7.50 15.37
C TYR A 11 -6.72 -6.37 14.96
N TRP A 12 -6.60 -5.36 15.82
CA TRP A 12 -5.73 -4.22 15.51
C TRP A 12 -4.27 -4.64 15.42
N ARG A 13 -3.83 -5.54 16.30
CA ARG A 13 -2.45 -5.98 16.30
C ARG A 13 -2.09 -6.72 15.01
N ASP A 14 -2.91 -7.70 14.62
CA ASP A 14 -2.68 -8.36 13.34
C ASP A 14 -2.71 -7.37 12.18
N GLN A 15 -3.65 -6.41 12.23
CA GLN A 15 -3.76 -5.44 11.14
C GLN A 15 -2.46 -4.66 10.99
N ALA A 16 -1.92 -4.18 12.10
CA ALA A 16 -0.65 -3.44 12.07
C ALA A 16 0.50 -4.34 11.64
N GLN A 17 0.55 -5.57 12.17
CA GLN A 17 1.64 -6.48 11.82
C GLN A 17 1.63 -6.83 10.34
N GLU A 18 0.46 -7.08 9.76
CA GLU A 18 0.40 -7.32 8.32
C GLU A 18 0.86 -6.09 7.53
N THR A 19 0.43 -4.90 7.97
CA THR A 19 0.95 -3.66 7.39
C THR A 19 2.46 -3.56 7.58
N LEU A 20 2.97 -4.03 8.71
CA LEU A 20 4.41 -4.06 8.92
C LEU A 20 5.09 -5.00 7.94
N LYS A 21 4.48 -6.17 7.71
CA LYS A 21 5.03 -7.15 6.78
C LYS A 21 5.21 -6.55 5.40
N TYR A 22 4.18 -5.88 4.88
CA TYR A 22 4.29 -5.27 3.57
C TYR A 22 5.29 -4.11 3.57
N ALA A 23 5.30 -3.33 4.65
CA ALA A 23 6.29 -2.26 4.78
C ALA A 23 7.70 -2.80 4.69
N LEU A 24 7.96 -3.97 5.29
CA LEU A 24 9.28 -4.57 5.20
C LEU A 24 9.55 -5.08 3.78
N GLU A 25 8.53 -5.58 3.10
CA GLU A 25 8.71 -5.99 1.71
C GLU A 25 9.02 -4.81 0.81
N LEU A 26 8.54 -3.62 1.15
CA LEU A 26 8.81 -2.47 0.29
C LEU A 26 10.23 -1.96 0.42
N GLN A 27 11.06 -2.60 1.25
CA GLN A 27 12.48 -2.25 1.29
C GLN A 27 13.17 -2.61 -0.02
N LYS A 28 12.72 -3.68 -0.67
CA LYS A 28 13.11 -3.98 -2.05
C LYS A 28 12.43 -2.97 -2.97
N LEU A 29 13.20 -2.02 -3.50
CA LEU A 29 12.64 -0.89 -4.21
C LEU A 29 12.50 -1.16 -5.71
N ASN A 30 11.65 -0.35 -6.34
CA ASN A 30 11.42 -0.39 -7.78
C ASN A 30 12.31 0.66 -8.44
N THR A 31 13.51 0.23 -8.83
CA THR A 31 14.46 1.07 -9.53
C THR A 31 14.34 0.96 -11.05
N ASN A 32 13.24 0.40 -11.55
CA ASN A 32 13.05 0.24 -12.98
C ASN A 32 12.79 1.60 -13.64
N VAL A 33 13.01 1.64 -14.96
CA VAL A 33 12.72 2.85 -15.72
C VAL A 33 11.20 2.98 -15.88
N ALA A 34 10.71 4.21 -15.86
CA ALA A 34 9.28 4.48 -15.99
C ALA A 34 8.95 4.58 -17.47
N LYS A 35 8.47 3.48 -18.05
CA LYS A 35 8.03 3.50 -19.43
C LYS A 35 6.86 4.46 -19.60
N ASN A 36 6.00 4.56 -18.59
CA ASN A 36 4.84 5.43 -18.63
C ASN A 36 4.76 6.26 -17.35
N VAL A 37 4.23 7.47 -17.46
CA VAL A 37 4.05 8.35 -16.31
C VAL A 37 2.63 8.93 -16.37
N ILE A 38 1.85 8.66 -15.32
CA ILE A 38 0.47 9.16 -15.20
C ILE A 38 0.37 10.01 -13.94
N MET A 39 -0.16 11.23 -14.11
CA MET A 39 -0.25 12.19 -13.02
C MET A 39 -1.71 12.60 -12.83
N PHE A 40 -2.29 12.26 -11.68
CA PHE A 40 -3.64 12.70 -11.32
C PHE A 40 -3.59 13.95 -10.45
N LEU A 41 -4.38 14.98 -10.82
CA LEU A 41 -4.47 16.22 -10.05
C LEU A 41 -5.89 16.49 -9.59
N GLY A 42 -6.13 16.34 -8.29
CA GLY A 42 -7.38 16.81 -7.71
C GLY A 42 -7.30 18.28 -7.36
N ASP A 43 -7.89 19.14 -8.20
CA ASP A 43 -7.85 20.58 -7.95
C ASP A 43 -8.55 20.93 -6.64
N GLY A 44 -7.77 21.28 -5.63
CA GLY A 44 -8.31 21.56 -4.32
C GLY A 44 -8.48 20.37 -3.42
N MET A 45 -7.73 19.29 -3.67
CA MET A 45 -7.89 18.05 -2.91
C MET A 45 -6.89 18.05 -1.76
N GLY A 46 -7.25 18.76 -0.70
CA GLY A 46 -6.45 18.78 0.51
C GLY A 46 -6.64 17.51 1.32
N VAL A 47 -5.83 17.36 2.36
CA VAL A 47 -5.95 16.21 3.24
C VAL A 47 -7.35 16.16 3.87
N SER A 48 -7.95 17.32 4.15
CA SER A 48 -9.33 17.36 4.64
C SER A 48 -10.30 16.78 3.61
N THR A 49 -10.08 17.09 2.33
CA THR A 49 -10.95 16.56 1.29
C THR A 49 -10.72 15.06 1.12
N VAL A 50 -9.46 14.62 1.19
CA VAL A 50 -9.14 13.20 1.01
C VAL A 50 -9.81 12.34 2.08
N THR A 51 -9.76 12.79 3.34
CA THR A 51 -10.41 12.04 4.41
C THR A 51 -11.92 12.01 4.23
N ALA A 52 -12.53 13.17 3.91
CA ALA A 52 -13.97 13.22 3.71
C ALA A 52 -14.39 12.39 2.51
N ALA A 53 -13.63 12.45 1.41
CA ALA A 53 -13.93 11.63 0.26
C ALA A 53 -13.78 10.15 0.57
N ARG A 54 -12.86 9.79 1.47
CA ARG A 54 -12.76 8.41 1.93
C ARG A 54 -14.02 7.96 2.64
N ILE A 55 -14.50 8.79 3.57
CA ILE A 55 -15.75 8.46 4.29
C ILE A 55 -16.90 8.33 3.30
N LEU A 56 -16.95 9.22 2.31
CA LEU A 56 -18.05 9.20 1.35
C LEU A 56 -18.05 7.91 0.52
N LYS A 57 -16.90 7.53 -0.03
CA LYS A 57 -16.82 6.30 -0.82
C LYS A 57 -17.33 5.11 -0.02
N GLY A 58 -16.88 4.99 1.23
CA GLY A 58 -17.33 3.89 2.06
C GLY A 58 -18.78 4.01 2.47
N GLN A 59 -19.25 5.24 2.72
CA GLN A 59 -20.64 5.42 3.11
C GLN A 59 -21.60 5.15 1.96
N LEU A 60 -21.19 5.43 0.72
CA LEU A 60 -22.01 5.06 -0.42
C LEU A 60 -22.13 3.55 -0.57
N HIS A 61 -21.28 2.78 0.12
CA HIS A 61 -21.36 1.34 0.17
C HIS A 61 -21.95 0.84 1.50
N HIS A 62 -22.67 1.71 2.21
CA HIS A 62 -23.38 1.37 3.44
C HIS A 62 -22.42 0.91 4.56
N ASN A 63 -21.22 1.47 4.57
CA ASN A 63 -20.22 1.29 5.61
C ASN A 63 -20.02 2.57 6.41
N PRO A 64 -19.45 2.48 7.61
CA PRO A 64 -19.18 3.71 8.39
C PRO A 64 -18.36 4.75 7.63
N GLY A 65 -17.36 4.33 6.86
CA GLY A 65 -16.63 5.23 6.00
C GLY A 65 -15.22 5.56 6.43
N GLU A 66 -14.99 5.66 7.74
CA GLU A 66 -13.67 6.01 8.24
C GLU A 66 -12.66 4.91 7.91
N GLU A 67 -13.08 3.65 8.02
CA GLU A 67 -12.20 2.51 7.77
C GLU A 67 -11.99 2.20 6.29
N THR A 68 -12.76 2.81 5.40
CA THR A 68 -12.63 2.53 3.97
C THR A 68 -11.25 2.97 3.47
N ARG A 69 -10.80 2.34 2.38
CA ARG A 69 -9.50 2.63 1.76
C ARG A 69 -9.74 3.17 0.35
N LEU A 70 -9.40 4.44 0.13
CA LEU A 70 -9.43 4.98 -1.21
C LEU A 70 -8.34 4.33 -2.06
N GLU A 71 -8.55 4.34 -3.38
CA GLU A 71 -7.52 3.82 -4.28
C GLU A 71 -6.20 4.57 -4.12
N MET A 72 -6.25 5.87 -3.80
CA MET A 72 -5.03 6.61 -3.56
C MET A 72 -4.41 6.27 -2.21
N ASP A 73 -5.23 5.86 -1.24
CA ASP A 73 -4.68 5.39 0.04
C ASP A 73 -3.87 4.11 -0.12
N LYS A 74 -4.10 3.37 -1.20
CA LYS A 74 -3.36 2.15 -1.46
C LYS A 74 -2.00 2.41 -2.08
N PHE A 75 -1.66 3.65 -2.40
CA PHE A 75 -0.33 3.97 -2.89
C PHE A 75 0.70 3.81 -1.77
N PRO A 76 1.88 3.29 -2.06
CA PRO A 76 2.85 2.97 -1.01
C PRO A 76 3.55 4.17 -0.39
N PHE A 77 3.82 5.21 -1.18
CA PHE A 77 4.66 6.32 -0.75
C PHE A 77 3.85 7.62 -0.73
N VAL A 78 3.96 8.36 0.37
CA VAL A 78 3.24 9.62 0.55
C VAL A 78 4.23 10.70 0.96
N ALA A 79 4.02 11.92 0.47
CA ALA A 79 4.86 13.05 0.80
C ALA A 79 4.07 14.34 0.67
N LEU A 80 4.43 15.34 1.48
CA LEU A 80 3.77 16.64 1.38
C LEU A 80 4.54 17.57 0.46
N SER A 81 3.82 18.56 -0.08
CA SER A 81 4.41 19.54 -0.96
C SER A 81 3.90 20.93 -0.57
N LYS A 82 4.82 21.88 -0.58
CA LYS A 82 4.58 23.26 -0.20
C LYS A 82 4.12 24.03 -1.43
N THR A 83 2.93 24.61 -1.37
CA THR A 83 2.27 25.11 -2.57
C THR A 83 2.50 26.59 -2.84
N TYR A 84 3.16 27.31 -1.92
CA TYR A 84 3.22 28.76 -2.01
C TYR A 84 3.71 29.20 -3.38
N ASN A 85 3.12 30.28 -3.88
CA ASN A 85 3.58 30.90 -5.10
C ASN A 85 4.65 31.94 -4.79
N THR A 86 5.39 32.32 -5.83
CA THR A 86 6.36 33.40 -5.69
C THR A 86 5.67 34.70 -5.28
N ASN A 87 4.45 34.94 -5.74
CA ASN A 87 3.74 36.16 -5.36
C ASN A 87 2.69 35.94 -4.28
N ALA A 88 2.25 34.71 -4.06
CA ALA A 88 1.07 34.47 -3.25
C ALA A 88 1.36 33.44 -2.16
N GLN A 89 1.02 33.80 -0.92
CA GLN A 89 1.04 32.83 0.17
C GLN A 89 0.01 31.73 -0.06
N VAL A 90 -1.23 32.10 -0.37
CA VAL A 90 -2.28 31.16 -0.78
C VAL A 90 -2.29 31.14 -2.30
N PRO A 91 -1.89 30.05 -2.95
CA PRO A 91 -1.63 30.08 -4.39
C PRO A 91 -2.89 29.94 -5.22
N ASP A 92 -2.75 30.15 -6.52
CA ASP A 92 -3.81 29.90 -7.49
C ASP A 92 -3.53 28.61 -8.24
N SER A 93 -4.44 28.25 -9.14
CA SER A 93 -4.30 27.02 -9.93
C SER A 93 -3.28 27.14 -11.04
N ALA A 94 -2.99 28.35 -11.51
CA ALA A 94 -2.09 28.53 -12.64
C ALA A 94 -0.64 28.46 -12.20
N GLY A 95 -0.27 29.24 -11.18
CA GLY A 95 1.11 29.23 -10.71
C GLY A 95 1.54 27.87 -10.20
N THR A 96 0.69 27.23 -9.39
CA THR A 96 0.96 25.86 -8.98
C THR A 96 1.13 24.95 -10.19
N ALA A 97 0.29 25.14 -11.21
CA ALA A 97 0.36 24.31 -12.41
C ALA A 97 1.74 24.39 -13.06
N THR A 98 2.31 25.59 -13.14
CA THR A 98 3.67 25.72 -13.66
C THR A 98 4.68 24.94 -12.83
N ALA A 99 4.42 24.77 -11.53
CA ALA A 99 5.37 24.08 -10.66
C ALA A 99 5.41 22.58 -10.93
N TYR A 100 4.30 21.89 -10.67
CA TYR A 100 4.29 20.44 -10.78
C TYR A 100 4.30 19.93 -12.21
N LEU A 101 4.18 20.80 -13.21
CA LEU A 101 4.27 20.40 -14.60
C LEU A 101 5.57 20.85 -15.26
N CYS A 102 5.97 22.10 -15.06
CA CYS A 102 7.16 22.63 -15.72
C CYS A 102 8.40 22.57 -14.84
N GLY A 103 8.24 22.30 -13.55
CA GLY A 103 9.36 22.16 -12.65
C GLY A 103 9.88 23.45 -12.06
N VAL A 104 9.16 24.56 -12.22
CA VAL A 104 9.57 25.86 -11.71
C VAL A 104 8.35 26.55 -11.13
N LYS A 105 8.53 27.23 -9.99
CA LYS A 105 7.45 28.02 -9.41
C LYS A 105 7.37 29.41 -10.04
N ALA A 106 6.15 29.92 -10.14
CA ALA A 106 5.89 31.17 -10.84
C ALA A 106 4.91 32.02 -10.04
N ASN A 107 4.57 33.17 -10.60
CA ASN A 107 3.65 34.10 -9.98
C ASN A 107 2.22 33.61 -10.16
N GLU A 108 1.33 34.13 -9.32
CA GLU A 108 -0.09 33.82 -9.46
C GLU A 108 -0.61 34.40 -10.77
N GLY A 109 -1.41 33.61 -11.48
CA GLY A 109 -2.00 34.02 -12.74
C GLY A 109 -1.22 33.61 -13.99
N THR A 110 0.07 33.38 -13.89
CA THR A 110 0.87 33.00 -15.06
C THR A 110 0.84 31.50 -15.28
N VAL A 111 1.08 31.10 -16.52
CA VAL A 111 1.03 29.69 -16.90
C VAL A 111 2.22 29.43 -17.82
N GLY A 112 3.11 28.53 -17.41
CA GLY A 112 4.22 28.13 -18.24
C GLY A 112 5.33 29.15 -18.42
N VAL A 113 5.40 30.15 -17.55
CA VAL A 113 6.46 31.15 -17.60
C VAL A 113 7.00 31.38 -16.19
N SER A 114 8.28 31.77 -16.12
CA SER A 114 8.97 31.89 -14.84
C SER A 114 8.45 33.10 -14.07
N ALA A 115 9.03 33.31 -12.88
CA ALA A 115 8.62 34.42 -12.04
C ALA A 115 9.05 35.76 -12.58
N ALA A 116 9.87 35.79 -13.64
CA ALA A 116 10.24 37.05 -14.26
C ALA A 116 9.10 37.59 -15.12
N THR A 117 8.25 36.71 -15.63
CA THR A 117 7.09 37.16 -16.38
C THR A 117 6.07 37.78 -15.43
N GLU A 118 5.60 38.97 -15.77
CA GLU A 118 4.59 39.65 -14.97
C GLU A 118 3.21 39.38 -15.57
N ARG A 119 2.23 39.17 -14.69
CA ARG A 119 0.88 38.85 -15.12
C ARG A 119 0.26 40.00 -15.90
N SER A 120 -0.37 39.67 -17.03
CA SER A 120 -1.06 40.56 -17.95
C SER A 120 -0.10 41.45 -18.72
N ARG A 121 1.20 41.35 -18.50
CA ARG A 121 2.22 42.06 -19.26
C ARG A 121 2.79 41.12 -20.32
N CYS A 122 2.23 41.22 -21.54
CA CYS A 122 2.62 40.30 -22.60
C CYS A 122 4.08 40.46 -23.03
N ASN A 123 4.64 41.67 -22.95
CA ASN A 123 5.99 41.82 -23.46
C ASN A 123 7.04 41.18 -22.54
N THR A 124 6.65 40.69 -21.37
CA THR A 124 7.59 40.06 -20.45
C THR A 124 7.59 38.55 -20.62
N THR A 125 6.72 38.03 -21.49
CA THR A 125 6.64 36.60 -21.72
C THR A 125 7.91 36.10 -22.41
N GLN A 126 8.33 36.79 -23.48
CA GLN A 126 9.47 36.35 -24.27
C GLN A 126 10.71 36.14 -23.40
N GLY A 127 11.41 35.05 -23.66
CA GLY A 127 12.60 34.70 -22.92
C GLY A 127 12.35 34.00 -21.59
N ASN A 128 11.14 34.10 -21.05
CA ASN A 128 10.82 33.51 -19.75
C ASN A 128 9.92 32.28 -19.86
N GLU A 129 9.87 31.65 -21.02
CA GLU A 129 9.04 30.45 -21.17
C GLU A 129 9.71 29.24 -20.53
N VAL A 130 8.91 28.41 -19.88
CA VAL A 130 9.37 27.20 -19.21
C VAL A 130 8.59 26.02 -19.76
N THR A 131 9.31 24.97 -20.18
CA THR A 131 8.69 23.80 -20.77
C THR A 131 8.16 22.88 -19.66
N SER A 132 7.18 22.06 -20.02
CA SER A 132 6.54 21.15 -19.09
C SER A 132 7.01 19.72 -19.33
N ILE A 133 6.68 18.84 -18.39
CA ILE A 133 7.02 17.43 -18.52
C ILE A 133 6.34 16.82 -19.74
N LEU A 134 5.22 17.38 -20.16
CA LEU A 134 4.55 16.91 -21.37
C LEU A 134 5.49 16.99 -22.57
N ARG A 135 6.09 18.17 -22.77
CA ARG A 135 7.02 18.36 -23.87
C ARG A 135 8.21 17.42 -23.79
N TRP A 136 8.80 17.30 -22.59
CA TRP A 136 9.94 16.40 -22.42
C TRP A 136 9.57 14.97 -22.82
N ALA A 137 8.33 14.57 -22.55
CA ALA A 137 7.90 13.22 -22.90
C ALA A 137 7.76 13.07 -24.41
N LYS A 138 7.12 14.03 -25.07
CA LYS A 138 6.95 13.95 -26.51
C LYS A 138 8.29 14.13 -27.24
N ASP A 139 9.18 14.96 -26.69
CA ASP A 139 10.50 15.11 -27.26
C ASP A 139 11.35 13.86 -27.07
N ALA A 140 10.99 13.03 -26.10
CA ALA A 140 11.63 11.73 -25.90
C ALA A 140 10.91 10.61 -26.64
N GLY A 141 9.89 10.94 -27.44
CA GLY A 141 9.18 9.99 -28.27
C GLY A 141 7.89 9.45 -27.70
N LYS A 142 7.65 9.62 -26.40
CA LYS A 142 6.44 9.08 -25.77
C LYS A 142 5.20 9.82 -26.24
N SER A 143 4.06 9.10 -26.24
CA SER A 143 2.78 9.73 -26.50
C SER A 143 2.33 10.56 -25.30
N VAL A 144 1.51 11.57 -25.56
CA VAL A 144 1.05 12.49 -24.51
C VAL A 144 -0.46 12.59 -24.53
N GLY A 145 -1.04 12.85 -23.36
CA GLY A 145 -2.48 12.95 -23.21
C GLY A 145 -2.92 13.87 -22.10
N ILE A 146 -4.02 14.58 -22.31
CA ILE A 146 -4.58 15.52 -21.33
C ILE A 146 -6.07 15.23 -21.21
N VAL A 147 -6.53 14.86 -20.01
CA VAL A 147 -7.93 14.57 -19.76
C VAL A 147 -8.39 15.39 -18.56
N THR A 148 -9.49 16.11 -18.72
CA THR A 148 -10.01 16.98 -17.68
C THR A 148 -11.51 17.12 -17.83
N THR A 149 -12.19 17.43 -16.73
CA THR A 149 -13.59 17.79 -16.78
C THR A 149 -13.80 19.30 -16.88
N THR A 150 -12.73 20.09 -16.73
CA THR A 150 -12.80 21.52 -16.98
C THR A 150 -12.37 21.81 -18.41
N ARG A 151 -12.45 23.08 -18.80
CA ARG A 151 -12.00 23.52 -20.11
C ARG A 151 -10.57 23.08 -20.38
N VAL A 152 -10.29 22.71 -21.64
CA VAL A 152 -8.94 22.32 -22.00
C VAL A 152 -7.98 23.49 -21.90
N ASN A 153 -8.50 24.71 -21.89
CA ASN A 153 -7.68 25.91 -21.74
C ASN A 153 -7.72 26.48 -20.32
N HIS A 154 -8.28 25.74 -19.37
CA HIS A 154 -8.29 26.15 -17.98
C HIS A 154 -6.85 26.18 -17.45
N ALA A 155 -6.69 26.65 -16.22
CA ALA A 155 -5.35 26.90 -15.67
C ALA A 155 -4.56 25.61 -15.52
N THR A 156 -5.17 24.59 -14.89
CA THR A 156 -4.45 23.35 -14.61
C THR A 156 -3.95 22.65 -15.87
N PRO A 157 -4.76 22.43 -16.92
CA PRO A 157 -4.22 21.76 -18.10
C PRO A 157 -3.35 22.67 -18.96
N SER A 158 -3.59 23.98 -18.93
CA SER A 158 -2.87 24.90 -19.82
C SER A 158 -1.37 24.91 -19.56
N ALA A 159 -0.94 24.65 -18.32
CA ALA A 159 0.48 24.68 -18.02
C ALA A 159 1.24 23.57 -18.74
N ALA A 160 0.54 22.55 -19.25
CA ALA A 160 1.22 21.48 -19.95
C ALA A 160 1.74 21.93 -21.31
N TYR A 161 0.99 22.76 -22.03
CA TYR A 161 1.36 23.09 -23.40
C TYR A 161 1.59 24.57 -23.66
N ALA A 162 0.94 25.47 -22.92
CA ALA A 162 0.95 26.88 -23.26
C ALA A 162 1.91 27.64 -22.36
N HIS A 163 2.35 28.80 -22.85
CA HIS A 163 3.17 29.71 -22.06
C HIS A 163 2.57 31.10 -22.26
N SER A 164 1.66 31.47 -21.38
CA SER A 164 0.91 32.71 -21.46
C SER A 164 1.10 33.53 -20.20
N ALA A 165 1.03 34.85 -20.36
CA ALA A 165 1.19 35.77 -19.24
C ALA A 165 -0.06 35.91 -18.40
N ASP A 166 -1.19 35.34 -18.84
CA ASP A 166 -2.43 35.42 -18.09
C ASP A 166 -3.26 34.18 -18.37
N ARG A 167 -3.75 33.53 -17.31
CA ARG A 167 -4.56 32.33 -17.50
C ARG A 167 -5.96 32.64 -18.00
N ASP A 168 -6.41 33.88 -17.87
CA ASP A 168 -7.75 34.25 -18.32
C ASP A 168 -7.84 34.40 -19.83
N TRP A 169 -6.73 34.35 -20.54
CA TRP A 169 -6.70 34.52 -21.99
C TRP A 169 -7.01 33.19 -22.69
N TYR A 170 -8.20 32.67 -22.41
CA TYR A 170 -8.63 31.40 -23.00
C TYR A 170 -8.59 31.46 -24.52
N SER A 171 -9.32 32.40 -25.11
CA SER A 171 -9.26 32.62 -26.53
C SER A 171 -8.88 34.07 -26.80
N ASP A 172 -8.65 34.35 -28.08
CA ASP A 172 -8.32 35.71 -28.52
C ASP A 172 -9.40 36.71 -28.13
N ASN A 173 -10.60 36.24 -27.80
CA ASN A 173 -11.66 37.14 -27.39
C ASN A 173 -11.35 37.84 -26.08
N GLU A 174 -10.79 37.10 -25.12
CA GLU A 174 -10.50 37.61 -23.78
C GLU A 174 -9.17 38.32 -23.71
N MET A 175 -8.42 38.36 -24.78
CA MET A 175 -7.12 38.99 -24.75
C MET A 175 -7.26 40.50 -24.92
N PRO A 176 -6.54 41.29 -24.14
CA PRO A 176 -6.62 42.75 -24.26
C PRO A 176 -6.00 43.21 -25.56
N PRO A 177 -6.29 44.45 -25.98
CA PRO A 177 -5.75 44.92 -27.27
C PRO A 177 -4.24 44.91 -27.32
N GLU A 178 -3.57 45.33 -26.25
CA GLU A 178 -2.11 45.36 -26.25
C GLU A 178 -1.54 43.96 -26.42
N ALA A 179 -2.12 42.97 -25.74
CA ALA A 179 -1.62 41.59 -25.81
C ALA A 179 -1.60 41.09 -27.25
N LEU A 180 -2.71 41.25 -27.97
CA LEU A 180 -2.75 40.83 -29.37
C LEU A 180 -1.74 41.62 -30.19
N SER A 181 -1.60 42.90 -29.91
CA SER A 181 -0.74 43.77 -30.70
C SER A 181 0.73 43.45 -30.47
N GLN A 182 1.08 42.99 -29.27
CA GLN A 182 2.43 42.57 -28.93
C GLN A 182 2.77 41.17 -29.44
N GLY A 183 1.80 40.47 -30.03
CA GLY A 183 2.04 39.15 -30.57
C GLY A 183 1.64 38.00 -29.67
N CYS A 184 0.98 38.26 -28.55
CA CYS A 184 0.59 37.16 -27.67
C CYS A 184 -0.54 36.36 -28.31
N LYS A 185 -0.45 35.05 -28.14
CA LYS A 185 -1.43 34.13 -28.67
C LYS A 185 -2.22 33.56 -27.51
N ASP A 186 -3.52 33.37 -27.73
CA ASP A 186 -4.38 32.89 -26.66
C ASP A 186 -4.05 31.44 -26.31
N ILE A 187 -4.60 31.01 -25.16
CA ILE A 187 -4.29 29.67 -24.66
C ILE A 187 -4.82 28.62 -25.62
N ALA A 188 -6.07 28.78 -26.07
CA ALA A 188 -6.67 27.85 -27.01
C ALA A 188 -5.84 27.74 -28.29
N TYR A 189 -5.42 28.88 -28.86
CA TYR A 189 -4.53 28.88 -30.02
C TYR A 189 -3.27 28.08 -29.73
N GLN A 190 -2.66 28.29 -28.56
CA GLN A 190 -1.43 27.58 -28.23
C GLN A 190 -1.65 26.10 -28.04
N LEU A 191 -2.89 25.66 -27.78
CA LEU A 191 -3.15 24.23 -27.66
C LEU A 191 -2.83 23.50 -28.95
N MET A 192 -3.34 24.00 -30.08
CA MET A 192 -3.11 23.34 -31.37
C MET A 192 -1.73 23.65 -31.95
N HIS A 193 -1.16 24.81 -31.64
CA HIS A 193 0.03 25.32 -32.33
C HIS A 193 1.34 24.99 -31.62
N ASN A 194 1.40 25.11 -30.29
CA ASN A 194 2.66 24.89 -29.57
C ASN A 194 3.17 23.48 -29.78
N ILE A 195 2.40 22.49 -29.33
CA ILE A 195 2.71 21.09 -29.55
C ILE A 195 1.58 20.55 -30.43
N ARG A 196 1.91 20.28 -31.70
CA ARG A 196 0.87 19.91 -32.65
C ARG A 196 0.50 18.44 -32.55
N ASP A 197 1.47 17.59 -32.19
CA ASP A 197 1.30 16.15 -32.17
C ASP A 197 0.90 15.63 -30.79
N ILE A 198 0.09 16.38 -30.05
CA ILE A 198 -0.49 15.88 -28.81
C ILE A 198 -1.50 14.79 -29.14
N ASP A 199 -1.27 13.58 -28.62
CA ASP A 199 -2.03 12.43 -29.08
C ASP A 199 -3.49 12.51 -28.65
N VAL A 200 -3.74 12.58 -27.34
CA VAL A 200 -5.09 12.56 -26.80
C VAL A 200 -5.37 13.88 -26.09
N ILE A 201 -6.53 14.47 -26.37
CA ILE A 201 -6.98 15.69 -25.71
C ILE A 201 -8.48 15.53 -25.50
N MET A 202 -8.90 15.46 -24.25
CA MET A 202 -10.32 15.32 -23.94
C MET A 202 -10.66 16.25 -22.79
N GLY A 203 -11.87 16.81 -22.82
CA GLY A 203 -12.29 17.76 -21.82
C GLY A 203 -13.27 18.75 -22.41
N GLY A 204 -13.64 19.72 -21.60
CA GLY A 204 -14.53 20.78 -22.04
C GLY A 204 -13.77 21.87 -22.79
N GLY A 205 -14.47 22.97 -23.02
CA GLY A 205 -13.86 24.10 -23.69
C GLY A 205 -14.07 24.08 -25.18
N ARG A 206 -15.30 23.80 -25.62
CA ARG A 206 -15.57 23.76 -27.05
C ARG A 206 -15.66 25.14 -27.67
N LYS A 207 -16.33 26.09 -27.00
CA LYS A 207 -16.61 27.39 -27.61
C LYS A 207 -15.34 28.13 -28.02
N TYR A 208 -14.21 27.82 -27.39
CA TYR A 208 -12.97 28.53 -27.67
C TYR A 208 -12.26 28.04 -28.92
N MET A 209 -12.81 27.05 -29.62
CA MET A 209 -12.21 26.56 -30.86
C MET A 209 -12.94 27.01 -32.11
N TYR A 210 -14.17 27.53 -31.99
CA TYR A 210 -14.95 27.91 -33.16
C TYR A 210 -15.04 29.43 -33.26
N PRO A 211 -15.16 29.97 -34.48
CA PRO A 211 -15.26 31.43 -34.63
C PRO A 211 -16.48 31.98 -33.91
N LYS A 212 -16.50 33.31 -33.80
CA LYS A 212 -17.50 33.98 -32.97
C LYS A 212 -18.90 33.74 -33.54
N ASN A 213 -19.87 33.74 -32.64
CA ASN A 213 -21.30 33.62 -32.94
C ASN A 213 -21.62 32.37 -33.76
N LYS A 214 -20.71 31.39 -33.80
CA LYS A 214 -21.03 30.16 -34.50
C LYS A 214 -21.84 29.32 -33.53
N THR A 215 -22.79 28.55 -34.07
CA THR A 215 -23.70 27.85 -33.18
C THR A 215 -23.11 26.51 -32.76
N ASP A 216 -23.22 26.21 -31.47
CA ASP A 216 -22.67 24.98 -30.93
C ASP A 216 -23.55 23.79 -31.28
N VAL A 217 -22.91 22.64 -31.54
CA VAL A 217 -23.65 21.47 -32.02
C VAL A 217 -24.59 20.94 -30.93
N GLU A 218 -24.09 20.80 -29.71
CA GLU A 218 -24.92 20.24 -28.63
C GLU A 218 -26.03 21.21 -28.24
N TYR A 219 -25.70 22.48 -28.08
CA TYR A 219 -26.67 23.51 -27.71
C TYR A 219 -26.62 24.57 -28.81
N GLU A 220 -27.44 24.38 -29.84
CA GLU A 220 -27.47 25.37 -30.92
C GLU A 220 -28.21 26.64 -30.50
N SER A 221 -29.13 26.52 -29.54
CA SER A 221 -29.95 27.64 -29.12
C SER A 221 -29.27 28.52 -28.09
N ASP A 222 -28.24 28.01 -27.41
CA ASP A 222 -27.58 28.75 -26.34
C ASP A 222 -26.68 29.83 -26.93
N GLU A 223 -26.94 31.08 -26.54
CA GLU A 223 -26.06 32.17 -26.97
C GLU A 223 -24.71 32.09 -26.27
N LYS A 224 -24.68 31.57 -25.04
CA LYS A 224 -23.41 31.39 -24.33
C LYS A 224 -22.53 30.35 -25.00
N ALA A 225 -23.14 29.27 -25.50
CA ALA A 225 -22.40 28.18 -26.12
C ALA A 225 -21.79 28.54 -27.46
N ARG A 226 -22.10 29.71 -28.00
CA ARG A 226 -21.55 30.15 -29.28
C ARG A 226 -20.05 30.37 -29.18
N GLY A 227 -19.37 30.13 -30.30
CA GLY A 227 -17.93 30.29 -30.35
C GLY A 227 -17.50 31.70 -29.97
N THR A 228 -16.20 31.83 -29.71
CA THR A 228 -15.63 33.06 -29.19
C THR A 228 -14.47 33.60 -30.01
N ARG A 229 -13.99 32.85 -30.99
CA ARG A 229 -12.77 33.17 -31.73
C ARG A 229 -13.01 34.36 -32.66
N LEU A 230 -12.36 35.50 -32.39
CA LEU A 230 -12.39 36.62 -33.32
C LEU A 230 -11.53 36.35 -34.55
N ASP A 231 -10.58 35.41 -34.45
CA ASP A 231 -9.72 35.02 -35.56
C ASP A 231 -10.44 34.35 -36.71
N GLY A 232 -11.67 33.86 -36.51
CA GLY A 232 -12.42 33.18 -37.54
C GLY A 232 -11.70 31.92 -38.00
N LEU A 233 -11.23 31.13 -37.02
CA LEU A 233 -10.50 29.90 -37.28
C LEU A 233 -11.25 28.68 -36.74
N ASP A 234 -11.19 27.58 -37.49
CA ASP A 234 -11.73 26.30 -37.01
C ASP A 234 -10.55 25.53 -36.45
N LEU A 235 -10.23 25.77 -35.17
CA LEU A 235 -9.11 25.09 -34.55
C LEU A 235 -9.28 23.58 -34.53
N VAL A 236 -10.53 23.10 -34.48
CA VAL A 236 -10.78 21.66 -34.60
C VAL A 236 -10.21 21.11 -35.91
N ASP A 237 -10.39 21.84 -37.02
CA ASP A 237 -9.73 21.47 -38.26
C ASP A 237 -8.23 21.66 -38.15
N THR A 238 -7.83 22.82 -37.60
CA THR A 238 -6.42 23.11 -37.40
C THR A 238 -5.72 21.98 -36.64
N TRP A 239 -6.44 21.30 -35.76
CA TRP A 239 -5.92 20.15 -35.04
C TRP A 239 -5.53 19.04 -36.01
N LYS A 240 -6.48 18.59 -36.81
CA LYS A 240 -6.20 17.51 -37.75
C LYS A 240 -5.30 17.96 -38.90
N SER A 241 -5.33 19.23 -39.26
CA SER A 241 -4.50 19.71 -40.36
C SER A 241 -3.02 19.54 -40.08
N PHE A 242 -2.61 19.64 -38.81
CA PHE A 242 -1.22 19.39 -38.46
C PHE A 242 -0.94 17.89 -38.35
N LYS A 243 -1.98 17.08 -38.18
CA LYS A 243 -1.78 15.64 -38.08
C LYS A 243 -1.48 15.08 -39.47
N PRO A 244 -0.69 14.02 -39.55
CA PRO A 244 -0.44 13.41 -40.86
C PRO A 244 -1.71 12.79 -41.40
N ARG A 245 -1.82 12.78 -42.73
CA ARG A 245 -3.03 12.29 -43.38
C ARG A 245 -3.18 10.78 -43.20
N TYR A 246 -2.05 10.05 -43.27
CA TYR A 246 -2.11 8.60 -43.16
C TYR A 246 -2.50 8.12 -41.77
N LYS A 247 -2.46 9.00 -40.76
CA LYS A 247 -2.80 8.65 -39.40
C LYS A 247 -4.27 8.93 -39.13
N HIS A 248 -4.97 7.98 -38.52
CA HIS A 248 -6.39 8.15 -38.24
C HIS A 248 -6.57 9.13 -37.08
N SER A 249 -7.33 10.19 -37.30
CA SER A 249 -7.55 11.23 -36.30
C SER A 249 -9.03 11.58 -36.26
N HIS A 250 -9.66 11.44 -35.10
CA HIS A 250 -11.08 11.65 -34.92
C HIS A 250 -11.35 12.79 -33.96
N PHE A 251 -12.37 13.58 -34.25
CA PHE A 251 -12.90 14.60 -33.33
C PHE A 251 -14.29 14.18 -32.89
N ILE A 252 -14.51 14.18 -31.57
CA ILE A 252 -15.78 13.75 -30.99
C ILE A 252 -16.25 14.79 -29.99
N TRP A 253 -17.55 14.78 -29.74
CA TRP A 253 -18.13 15.70 -28.78
C TRP A 253 -19.15 15.08 -27.83
N ASN A 254 -19.48 13.79 -27.97
CA ASN A 254 -20.41 13.17 -27.05
C ASN A 254 -19.99 11.73 -26.75
N ARG A 255 -20.61 11.17 -25.71
CA ARG A 255 -20.18 9.91 -25.13
C ARG A 255 -20.41 8.74 -26.09
N THR A 256 -21.51 8.79 -26.85
CA THR A 256 -21.85 7.68 -27.73
C THR A 256 -20.72 7.39 -28.70
N GLU A 257 -20.15 8.45 -29.27
CA GLU A 257 -19.04 8.33 -30.18
C GLU A 257 -17.79 7.81 -29.47
N LEU A 258 -17.56 8.31 -28.26
CA LEU A 258 -16.37 7.94 -27.50
C LEU A 258 -16.32 6.45 -27.24
N LEU A 259 -17.44 5.87 -26.84
CA LEU A 259 -17.51 4.44 -26.57
C LEU A 259 -17.46 3.61 -27.84
N THR A 260 -17.81 4.20 -28.99
CA THR A 260 -17.78 3.47 -30.25
C THR A 260 -16.38 3.38 -30.84
N LEU A 261 -15.50 4.32 -30.50
CA LEU A 261 -14.16 4.33 -31.06
C LEU A 261 -13.40 3.06 -30.69
N ASP A 262 -12.55 2.61 -31.63
CA ASP A 262 -11.65 1.50 -31.37
C ASP A 262 -10.25 2.06 -31.13
N PRO A 263 -9.65 1.80 -29.96
CA PRO A 263 -8.36 2.42 -29.64
C PRO A 263 -7.24 2.04 -30.59
N HIS A 264 -7.31 0.85 -31.19
CA HIS A 264 -6.27 0.41 -32.11
C HIS A 264 -6.32 1.24 -33.39
N ASN A 265 -7.51 1.75 -33.72
CA ASN A 265 -7.72 2.55 -34.93
C ASN A 265 -7.34 4.01 -34.73
N VAL A 266 -7.57 4.54 -33.54
CA VAL A 266 -7.41 5.97 -33.29
C VAL A 266 -5.96 6.25 -32.96
N ASP A 267 -5.32 7.12 -33.75
CA ASP A 267 -3.97 7.58 -33.49
C ASP A 267 -3.94 8.96 -32.87
N TYR A 268 -4.96 9.78 -33.13
CA TYR A 268 -5.13 11.09 -32.52
C TYR A 268 -6.60 11.23 -32.17
N LEU A 269 -6.89 11.70 -30.96
CA LEU A 269 -8.26 11.84 -30.50
C LEU A 269 -8.42 13.19 -29.83
N LEU A 270 -9.39 13.96 -30.30
CA LEU A 270 -9.74 15.25 -29.72
C LEU A 270 -11.22 15.24 -29.36
N GLY A 271 -11.52 15.41 -28.08
CA GLY A 271 -12.92 15.39 -27.66
C GLY A 271 -13.34 16.58 -26.85
N LEU A 272 -14.15 17.48 -27.41
CA LEU A 272 -14.68 18.62 -26.67
C LEU A 272 -16.16 18.39 -26.44
N PHE A 273 -16.53 18.15 -25.18
CA PHE A 273 -17.84 17.65 -24.80
C PHE A 273 -18.78 18.72 -24.25
N GLU A 274 -18.36 19.99 -24.21
CA GLU A 274 -19.18 21.04 -23.62
C GLU A 274 -18.63 22.38 -24.09
N PRO A 275 -19.48 23.41 -24.23
CA PRO A 275 -18.92 24.73 -24.60
C PRO A 275 -17.96 25.26 -23.56
N GLY A 276 -18.37 25.30 -22.31
CA GLY A 276 -17.52 25.63 -21.16
C GLY A 276 -17.00 24.40 -20.46
N ASP A 277 -16.95 24.47 -19.14
CA ASP A 277 -16.54 23.31 -18.36
C ASP A 277 -17.63 22.25 -18.38
N MET A 278 -17.21 20.99 -18.28
CA MET A 278 -18.16 19.89 -18.17
C MET A 278 -18.88 19.96 -16.83
N GLN A 279 -20.05 19.32 -16.79
CA GLN A 279 -20.91 19.38 -15.62
C GLN A 279 -20.29 18.61 -14.47
N TYR A 280 -20.77 18.88 -13.26
CA TYR A 280 -20.42 18.06 -12.11
C TYR A 280 -20.87 16.61 -12.35
N GLU A 281 -20.22 15.68 -11.64
CA GLU A 281 -20.58 14.28 -11.78
C GLU A 281 -22.00 14.00 -11.29
N LEU A 282 -22.48 14.76 -10.31
CA LEU A 282 -23.86 14.60 -9.87
C LEU A 282 -24.85 15.15 -10.87
N ASN A 283 -24.41 16.01 -11.80
CA ASN A 283 -25.28 16.59 -12.81
C ASN A 283 -24.99 16.09 -14.21
N ARG A 284 -24.19 15.05 -14.37
CA ARG A 284 -23.84 14.55 -15.70
C ARG A 284 -25.00 13.77 -16.29
N ASN A 285 -25.24 13.98 -17.59
CA ASN A 285 -26.22 13.21 -18.36
C ASN A 285 -25.55 11.93 -18.85
N ASN A 286 -26.19 10.80 -18.56
CA ASN A 286 -25.56 9.51 -18.79
C ASN A 286 -25.29 9.27 -20.26
N VAL A 287 -26.13 9.82 -21.14
CA VAL A 287 -26.07 9.48 -22.55
C VAL A 287 -25.24 10.48 -23.34
N THR A 288 -25.30 11.77 -22.97
CA THR A 288 -24.68 12.81 -23.79
C THR A 288 -23.20 12.95 -23.48
N ASP A 289 -22.83 13.01 -22.21
CA ASP A 289 -21.46 13.32 -21.82
C ASP A 289 -20.83 12.19 -21.00
N PRO A 290 -19.53 11.98 -21.13
CA PRO A 290 -18.88 10.88 -20.41
C PRO A 290 -18.35 11.26 -19.04
N SER A 291 -18.22 10.23 -18.21
CA SER A 291 -17.61 10.40 -16.90
C SER A 291 -16.09 10.41 -17.03
N LEU A 292 -15.43 10.92 -15.99
CA LEU A 292 -13.97 10.98 -16.01
C LEU A 292 -13.36 9.57 -16.07
N SER A 293 -13.98 8.59 -15.40
CA SER A 293 -13.42 7.25 -15.37
C SER A 293 -13.31 6.64 -16.77
N GLU A 294 -14.42 6.64 -17.52
CA GLU A 294 -14.40 6.13 -18.88
C GLU A 294 -13.47 6.92 -19.77
N MET A 295 -13.39 8.24 -19.55
CA MET A 295 -12.52 9.07 -20.38
C MET A 295 -11.06 8.68 -20.20
N VAL A 296 -10.66 8.36 -18.97
CA VAL A 296 -9.28 7.97 -18.71
C VAL A 296 -8.97 6.63 -19.35
N VAL A 297 -9.94 5.70 -19.31
CA VAL A 297 -9.73 4.36 -19.83
C VAL A 297 -9.39 4.41 -21.33
N VAL A 298 -10.25 5.05 -22.13
CA VAL A 298 -10.02 5.12 -23.56
C VAL A 298 -8.70 5.79 -23.88
N ALA A 299 -8.32 6.81 -23.08
CA ALA A 299 -7.05 7.49 -23.33
C ALA A 299 -5.88 6.53 -23.22
N ILE A 300 -5.82 5.76 -22.12
CA ILE A 300 -4.73 4.80 -21.93
C ILE A 300 -4.71 3.78 -23.05
N GLN A 301 -5.89 3.32 -23.48
CA GLN A 301 -5.96 2.33 -24.54
C GLN A 301 -5.34 2.88 -25.83
N ILE A 302 -5.56 4.16 -26.11
CA ILE A 302 -4.97 4.79 -27.29
C ILE A 302 -3.47 4.99 -27.12
N LEU A 303 -3.06 5.48 -25.95
CA LEU A 303 -1.67 5.83 -25.67
C LEU A 303 -0.77 4.61 -25.45
N ARG A 304 -1.32 3.48 -25.01
CA ARG A 304 -0.49 2.30 -24.75
C ARG A 304 0.21 1.79 -26.01
N LYS A 305 -0.28 2.17 -27.20
CA LYS A 305 0.23 1.59 -28.44
C LYS A 305 1.68 1.98 -28.68
N ASN A 306 2.04 3.23 -28.43
CA ASN A 306 3.41 3.69 -28.62
C ASN A 306 4.36 2.87 -27.73
N PRO A 307 5.34 2.17 -28.32
CA PRO A 307 6.24 1.34 -27.48
C PRO A 307 7.17 2.16 -26.61
N LYS A 308 7.50 3.39 -27.03
CA LYS A 308 8.41 4.22 -26.24
C LYS A 308 7.81 4.64 -24.92
N GLY A 309 6.48 4.55 -24.80
CA GLY A 309 5.78 4.85 -23.58
C GLY A 309 4.75 5.93 -23.80
N PHE A 310 4.25 6.48 -22.68
CA PHE A 310 3.27 7.54 -22.76
C PHE A 310 3.24 8.28 -21.43
N PHE A 311 2.86 9.56 -21.51
CA PHE A 311 2.57 10.40 -20.37
C PHE A 311 1.11 10.79 -20.44
N LEU A 312 0.42 10.70 -19.32
CA LEU A 312 -0.98 11.06 -19.25
C LEU A 312 -1.21 11.96 -18.05
N LEU A 313 -1.87 13.09 -18.27
CA LEU A 313 -2.24 14.02 -17.22
C LEU A 313 -3.75 14.03 -17.09
N VAL A 314 -4.25 13.66 -15.92
CA VAL A 314 -5.67 13.65 -15.61
C VAL A 314 -5.92 14.68 -14.52
N GLU A 315 -7.03 15.42 -14.63
CA GLU A 315 -7.39 16.43 -13.64
C GLU A 315 -8.84 16.24 -13.25
N GLY A 316 -9.07 15.92 -11.97
CA GLY A 316 -10.43 15.93 -11.45
C GLY A 316 -11.06 17.31 -11.56
N GLY A 317 -10.29 18.36 -11.26
CA GLY A 317 -10.65 19.73 -11.58
C GLY A 317 -11.80 20.33 -10.80
N ARG A 318 -12.99 19.82 -11.08
CA ARG A 318 -14.25 20.36 -10.57
C ARG A 318 -14.35 20.36 -9.04
N ILE A 319 -13.46 19.67 -8.34
CA ILE A 319 -13.45 19.77 -6.88
C ILE A 319 -13.23 21.23 -6.48
N ASP A 320 -12.35 21.92 -7.20
CA ASP A 320 -12.07 23.33 -6.91
C ASP A 320 -13.33 24.15 -7.03
N HIS A 321 -13.92 24.21 -8.24
CA HIS A 321 -15.18 24.92 -8.45
C HIS A 321 -16.26 24.46 -7.49
N GLY A 322 -16.16 23.23 -6.97
CA GLY A 322 -17.13 22.77 -6.01
C GLY A 322 -16.94 23.41 -4.65
N HIS A 323 -15.71 23.37 -4.14
CA HIS A 323 -15.42 24.05 -2.88
C HIS A 323 -15.65 25.55 -3.01
N HIS A 324 -15.33 26.11 -4.18
CA HIS A 324 -15.54 27.55 -4.42
C HIS A 324 -16.99 27.96 -4.15
N GLU A 325 -17.95 27.12 -4.55
CA GLU A 325 -19.36 27.39 -4.31
C GLU A 325 -19.85 26.87 -2.97
N GLY A 326 -18.96 26.35 -2.13
CA GLY A 326 -19.34 25.88 -0.82
C GLY A 326 -20.17 24.62 -0.82
N LYS A 327 -20.41 24.01 -1.97
CA LYS A 327 -21.23 22.80 -2.06
C LYS A 327 -20.32 21.60 -1.85
N ALA A 328 -20.20 21.19 -0.59
CA ALA A 328 -19.28 20.11 -0.27
C ALA A 328 -19.69 18.80 -0.91
N LYS A 329 -21.00 18.56 -1.05
CA LYS A 329 -21.45 17.33 -1.67
C LYS A 329 -20.99 17.21 -3.12
N GLN A 330 -21.00 18.33 -3.86
CA GLN A 330 -20.51 18.31 -5.23
C GLN A 330 -19.01 18.02 -5.28
N ALA A 331 -18.23 18.80 -4.52
CA ALA A 331 -16.78 18.65 -4.56
C ALA A 331 -16.35 17.27 -4.09
N LEU A 332 -16.90 16.81 -2.96
CA LEU A 332 -16.53 15.50 -2.44
C LEU A 332 -16.86 14.38 -3.42
N HIS A 333 -18.02 14.47 -4.08
CA HIS A 333 -18.39 13.46 -5.07
C HIS A 333 -17.43 13.45 -6.27
N GLU A 334 -17.05 14.64 -6.77
CA GLU A 334 -16.03 14.72 -7.82
C GLU A 334 -14.74 14.00 -7.39
N ALA A 335 -14.36 14.15 -6.12
CA ALA A 335 -13.13 13.51 -5.66
C ALA A 335 -13.24 11.99 -5.69
N VAL A 336 -14.39 11.44 -5.30
CA VAL A 336 -14.58 9.99 -5.34
C VAL A 336 -14.47 9.47 -6.77
N GLU A 337 -14.98 10.25 -7.73
CA GLU A 337 -14.92 9.86 -9.14
C GLU A 337 -13.48 9.72 -9.61
N MET A 338 -12.65 10.70 -9.30
CA MET A 338 -11.23 10.64 -9.68
C MET A 338 -10.56 9.42 -9.07
N ASP A 339 -10.93 9.07 -7.83
CA ASP A 339 -10.38 7.88 -7.19
C ASP A 339 -10.72 6.62 -7.97
N ARG A 340 -11.96 6.52 -8.46
CA ARG A 340 -12.36 5.40 -9.30
C ARG A 340 -11.49 5.33 -10.55
N ALA A 341 -11.28 6.47 -11.22
CA ALA A 341 -10.44 6.48 -12.42
C ALA A 341 -9.01 6.09 -12.09
N ILE A 342 -8.54 6.42 -10.89
CA ILE A 342 -7.21 6.00 -10.47
C ILE A 342 -7.13 4.49 -10.32
N GLY A 343 -8.18 3.88 -9.76
CA GLY A 343 -8.20 2.43 -9.64
C GLY A 343 -8.27 1.74 -10.99
N GLN A 344 -9.06 2.30 -11.92
CA GLN A 344 -9.14 1.76 -13.27
C GLN A 344 -7.79 1.83 -13.97
N ALA A 345 -7.11 2.97 -13.88
CA ALA A 345 -5.77 3.07 -14.45
C ALA A 345 -4.84 1.99 -13.91
N GLY A 346 -5.11 1.47 -12.71
CA GLY A 346 -4.31 0.39 -12.16
C GLY A 346 -4.52 -0.91 -12.90
N SER A 347 -5.72 -1.14 -13.43
CA SER A 347 -5.98 -2.35 -14.21
C SER A 347 -5.47 -2.23 -15.63
N LEU A 348 -5.41 -1.02 -16.18
CA LEU A 348 -4.94 -0.81 -17.54
C LEU A 348 -3.42 -0.74 -17.64
N THR A 349 -2.72 -0.53 -16.53
CA THR A 349 -1.27 -0.41 -16.54
C THR A 349 -0.67 -1.37 -15.51
N SER A 350 0.64 -1.58 -15.63
CA SER A 350 1.39 -2.40 -14.70
C SER A 350 2.22 -1.51 -13.79
N SER A 351 2.33 -1.91 -12.52
CA SER A 351 3.15 -1.16 -11.57
C SER A 351 4.64 -1.29 -11.84
N GLU A 352 5.04 -2.29 -12.64
CA GLU A 352 6.46 -2.48 -12.92
C GLU A 352 7.02 -1.41 -13.85
N ASP A 353 6.24 -0.98 -14.83
CA ASP A 353 6.72 -0.03 -15.83
C ASP A 353 6.04 1.33 -15.77
N THR A 354 4.97 1.49 -15.00
CA THR A 354 4.20 2.72 -15.00
C THR A 354 4.34 3.41 -13.65
N LEU A 355 4.72 4.69 -13.68
CA LEU A 355 4.82 5.52 -12.49
C LEU A 355 3.55 6.36 -12.37
N THR A 356 2.83 6.19 -11.28
CA THR A 356 1.58 6.91 -11.03
C THR A 356 1.77 7.82 -9.83
N VAL A 357 1.33 9.08 -9.97
CA VAL A 357 1.41 10.06 -8.92
C VAL A 357 0.07 10.78 -8.82
N VAL A 358 -0.49 10.83 -7.61
CA VAL A 358 -1.73 11.54 -7.35
C VAL A 358 -1.39 12.65 -6.37
N THR A 359 -1.71 13.88 -6.75
CA THR A 359 -1.37 15.04 -5.93
C THR A 359 -2.43 16.11 -6.15
N ALA A 360 -2.21 17.28 -5.57
CA ALA A 360 -3.13 18.40 -5.69
C ALA A 360 -2.33 19.69 -5.82
N ASP A 361 -2.96 20.70 -6.42
CA ASP A 361 -2.27 21.99 -6.58
C ASP A 361 -2.30 22.82 -5.30
N HIS A 362 -3.39 22.75 -4.54
CA HIS A 362 -3.50 23.47 -3.28
C HIS A 362 -4.62 22.83 -2.47
N SER A 363 -4.85 23.36 -1.27
CA SER A 363 -5.89 22.89 -0.38
C SER A 363 -7.00 23.93 -0.32
N HIS A 364 -8.00 23.68 0.52
CA HIS A 364 -9.11 24.59 0.71
C HIS A 364 -9.40 24.80 2.18
N VAL A 365 -10.23 25.83 2.41
CA VAL A 365 -10.72 26.22 3.72
C VAL A 365 -11.89 25.32 4.10
N PHE A 366 -11.77 24.04 3.79
CA PHE A 366 -12.81 23.05 4.04
C PHE A 366 -12.46 22.37 5.36
N THR A 367 -13.38 22.43 6.31
CA THR A 367 -13.13 21.83 7.62
C THR A 367 -14.23 20.84 7.88
N PHE A 368 -13.85 19.70 8.45
CA PHE A 368 -14.79 18.64 8.80
C PHE A 368 -14.52 18.20 10.23
N GLY A 369 -15.37 18.61 11.16
CA GLY A 369 -15.24 18.23 12.56
C GLY A 369 -16.55 18.47 13.29
N GLY A 370 -16.48 18.32 14.63
CA GLY A 370 -17.66 18.43 15.47
C GLY A 370 -17.97 17.22 16.33
N TYR A 371 -16.94 16.41 16.60
CA TYR A 371 -17.04 15.25 17.49
C TYR A 371 -18.20 14.33 17.08
N THR A 372 -18.33 14.10 15.78
CA THR A 372 -19.39 13.25 15.29
C THR A 372 -19.11 11.78 15.66
N PRO A 373 -20.15 10.97 15.86
CA PRO A 373 -19.94 9.57 16.21
C PRO A 373 -19.50 8.75 14.99
N ARG A 374 -19.02 7.55 15.28
CA ARG A 374 -18.61 6.64 14.21
C ARG A 374 -19.76 6.39 13.25
N GLY A 375 -19.48 6.52 11.95
CA GLY A 375 -20.47 6.31 10.91
C GLY A 375 -21.31 7.51 10.53
N ASN A 376 -21.44 8.48 11.43
CA ASN A 376 -22.18 9.71 11.15
C ASN A 376 -21.88 10.22 9.75
N SER A 377 -22.94 10.53 9.02
CA SER A 377 -22.82 10.97 7.63
C SER A 377 -21.78 12.07 7.50
N ILE A 378 -21.06 12.06 6.37
CA ILE A 378 -20.05 13.08 6.15
C ILE A 378 -20.70 14.44 5.97
N PHE A 379 -21.97 14.46 5.58
CA PHE A 379 -22.78 15.68 5.49
C PHE A 379 -23.72 15.82 6.67
N GLY A 380 -23.53 15.02 7.72
CA GLY A 380 -24.44 15.02 8.85
C GLY A 380 -24.22 16.20 9.78
N LEU A 381 -25.04 16.22 10.83
CA LEU A 381 -25.00 17.30 11.79
C LEU A 381 -24.18 16.89 13.00
N ALA A 382 -23.86 17.87 13.83
CA ALA A 382 -23.15 17.58 15.06
C ALA A 382 -24.08 16.83 16.03
N PRO A 383 -23.51 16.01 16.92
CA PRO A 383 -24.37 15.29 17.88
C PRO A 383 -25.13 16.21 18.82
N MET A 384 -24.52 17.31 19.25
CA MET A 384 -25.10 18.24 20.22
C MET A 384 -25.14 19.65 19.64
N LEU A 385 -26.04 20.45 20.20
CA LEU A 385 -26.20 21.83 19.79
C LEU A 385 -25.05 22.67 20.34
N SER A 386 -24.85 23.82 19.72
CA SER A 386 -23.84 24.76 20.20
C SER A 386 -24.22 25.28 21.58
N ASP A 387 -23.23 25.38 22.46
CA ASP A 387 -23.51 25.92 23.79
C ASP A 387 -23.94 27.38 23.74
N THR A 388 -23.55 28.10 22.68
CA THR A 388 -23.85 29.53 22.61
C THR A 388 -25.26 29.79 22.10
N ASP A 389 -25.45 29.78 20.79
CA ASP A 389 -26.71 30.16 20.16
C ASP A 389 -27.78 29.07 20.22
N LYS A 390 -27.48 27.94 20.89
CA LYS A 390 -28.42 26.83 21.10
C LYS A 390 -29.00 26.30 19.79
N LYS A 391 -28.23 26.40 18.70
CA LYS A 391 -28.67 25.90 17.41
C LYS A 391 -27.71 24.82 16.89
N PRO A 392 -28.23 23.82 16.18
CA PRO A 392 -27.37 22.77 15.64
C PRO A 392 -26.45 23.30 14.55
N PHE A 393 -25.42 22.50 14.25
CA PHE A 393 -24.47 22.88 13.21
C PHE A 393 -23.99 21.64 12.46
N THR A 394 -23.68 21.83 11.17
CA THR A 394 -23.21 20.75 10.31
C THR A 394 -21.79 20.34 10.67
N ALA A 395 -21.46 19.08 10.37
CA ALA A 395 -20.09 18.60 10.55
C ALA A 395 -19.14 19.31 9.61
N ILE A 396 -19.54 19.44 8.35
CA ILE A 396 -18.75 20.15 7.36
C ILE A 396 -18.97 21.65 7.54
N LEU A 397 -17.89 22.41 7.67
CA LEU A 397 -17.98 23.85 7.79
C LEU A 397 -16.86 24.50 6.99
N TYR A 398 -17.18 25.58 6.31
CA TYR A 398 -16.16 26.31 5.58
C TYR A 398 -15.73 27.54 6.39
N GLY A 399 -14.48 27.95 6.22
CA GLY A 399 -13.94 29.14 6.84
C GLY A 399 -14.57 30.38 6.25
N ASN A 400 -14.43 30.53 4.95
CA ASN A 400 -15.02 31.66 4.24
C ASN A 400 -15.73 31.11 3.01
N GLY A 401 -16.73 31.84 2.54
CA GLY A 401 -17.49 31.40 1.39
C GLY A 401 -18.92 31.90 1.39
N PRO A 402 -19.68 31.48 0.38
CA PRO A 402 -21.09 31.87 0.30
C PRO A 402 -22.01 31.18 1.28
N GLY A 403 -21.54 30.15 2.00
CA GLY A 403 -22.43 29.47 2.94
C GLY A 403 -22.79 30.27 4.17
N TYR A 404 -22.11 31.39 4.42
CA TYR A 404 -22.46 32.29 5.50
C TYR A 404 -23.85 32.88 5.28
N LYS A 405 -24.81 32.47 6.10
CA LYS A 405 -26.20 32.94 5.99
C LYS A 405 -26.64 33.34 7.39
N VAL A 406 -26.69 34.66 7.64
CA VAL A 406 -27.12 35.21 8.91
C VAL A 406 -28.39 36.00 8.71
N VAL A 407 -29.48 35.55 9.34
CA VAL A 407 -30.77 36.21 9.26
C VAL A 407 -30.89 37.15 10.45
N GLY A 408 -30.67 38.44 10.21
CA GLY A 408 -30.90 39.46 11.22
C GLY A 408 -30.20 39.27 12.54
N GLY A 409 -28.87 39.12 12.53
CA GLY A 409 -28.14 38.93 13.76
C GLY A 409 -28.16 37.53 14.31
N GLU A 410 -28.78 36.59 13.60
CA GLU A 410 -28.86 35.22 14.06
C GLU A 410 -28.35 34.32 12.94
N ARG A 411 -27.49 33.37 13.29
CA ARG A 411 -27.04 32.42 12.29
C ARG A 411 -28.21 31.50 11.90
N GLU A 412 -28.12 30.95 10.70
CA GLU A 412 -29.23 30.16 10.17
C GLU A 412 -29.48 28.94 11.04
N ASN A 413 -30.74 28.74 11.42
CA ASN A 413 -31.16 27.55 12.14
C ASN A 413 -31.20 26.39 11.13
N VAL A 414 -30.11 25.61 11.10
CA VAL A 414 -29.93 24.60 10.06
C VAL A 414 -30.82 23.38 10.22
N SER A 415 -31.47 23.20 11.39
CA SER A 415 -32.33 22.04 11.57
C SER A 415 -33.52 22.03 10.60
N MET A 416 -33.88 23.17 10.02
CA MET A 416 -35.06 23.26 9.15
C MET A 416 -34.73 23.30 7.67
N VAL A 417 -33.45 23.25 7.28
CA VAL A 417 -33.08 23.27 5.88
C VAL A 417 -32.62 21.88 5.45
N ASP A 418 -32.50 21.68 4.14
CA ASP A 418 -32.03 20.43 3.56
C ASP A 418 -30.52 20.52 3.35
N TYR A 419 -29.79 20.25 4.44
CA TYR A 419 -28.33 20.31 4.38
C TYR A 419 -27.74 19.15 3.59
N ALA A 420 -28.50 18.08 3.37
CA ALA A 420 -28.02 16.95 2.59
C ALA A 420 -28.26 17.12 1.10
N HIS A 421 -28.98 18.16 0.70
CA HIS A 421 -29.20 18.44 -0.71
C HIS A 421 -27.86 18.64 -1.42
N ASN A 422 -27.81 18.29 -2.70
CA ASN A 422 -26.54 18.30 -3.41
C ASN A 422 -25.93 19.70 -3.47
N ASN A 423 -26.76 20.74 -3.56
CA ASN A 423 -26.29 22.11 -3.67
C ASN A 423 -26.38 22.90 -2.37
N TYR A 424 -26.35 22.21 -1.23
CA TYR A 424 -26.35 22.89 0.06
C TYR A 424 -24.96 23.44 0.37
N GLN A 425 -24.92 24.65 0.89
CA GLN A 425 -23.67 25.35 1.20
C GLN A 425 -23.50 25.44 2.71
N ALA A 426 -22.48 24.76 3.21
CA ALA A 426 -22.19 24.71 4.64
C ALA A 426 -21.89 26.11 5.18
N GLN A 427 -22.02 26.26 6.49
CA GLN A 427 -21.88 27.57 7.11
C GLN A 427 -20.46 28.09 6.97
N SER A 428 -20.33 29.41 7.01
CA SER A 428 -19.03 30.05 6.85
C SER A 428 -18.85 31.12 7.92
N ALA A 429 -17.58 31.44 8.19
CA ALA A 429 -17.24 32.47 9.15
C ALA A 429 -17.23 33.85 8.51
N VAL A 430 -16.79 33.94 7.25
CA VAL A 430 -16.69 35.21 6.53
C VAL A 430 -17.42 35.06 5.21
N PRO A 431 -18.41 35.90 4.91
CA PRO A 431 -19.13 35.76 3.64
C PRO A 431 -18.30 36.21 2.45
N LEU A 432 -18.21 35.35 1.44
CA LEU A 432 -17.56 35.63 0.17
C LEU A 432 -18.40 35.03 -0.95
N ARG A 433 -18.33 35.64 -2.14
CA ARG A 433 -19.02 35.04 -3.29
C ARG A 433 -18.52 33.63 -3.52
N HIS A 434 -17.20 33.44 -3.50
CA HIS A 434 -16.59 32.13 -3.65
C HIS A 434 -15.63 31.88 -2.50
N GLU A 435 -15.58 30.63 -2.07
CA GLU A 435 -14.61 30.22 -1.07
C GLU A 435 -13.19 30.33 -1.65
N THR A 436 -12.25 30.61 -0.77
CA THR A 436 -10.85 30.80 -1.15
C THR A 436 -10.10 29.49 -1.11
N HIS A 437 -8.86 29.54 -1.58
CA HIS A 437 -7.97 28.39 -1.54
C HIS A 437 -7.42 28.25 -0.12
N GLY A 438 -6.38 27.43 0.04
CA GLY A 438 -5.77 27.25 1.33
C GLY A 438 -4.26 27.13 1.23
N GLY A 439 -3.55 27.82 2.10
CA GLY A 439 -2.10 27.74 2.08
C GLY A 439 -1.53 26.46 2.65
N GLU A 440 -2.36 25.61 3.24
CA GLU A 440 -1.88 24.37 3.81
C GLU A 440 -1.21 23.50 2.74
N ASP A 441 -0.39 22.57 3.21
CA ASP A 441 0.32 21.64 2.33
C ASP A 441 -0.60 20.55 1.82
N VAL A 442 -0.28 20.02 0.64
CA VAL A 442 -1.04 18.93 0.03
C VAL A 442 -0.18 17.68 -0.05
N ALA A 443 -0.84 16.54 -0.24
CA ALA A 443 -0.18 15.24 -0.25
C ALA A 443 0.17 14.83 -1.67
N VAL A 444 1.12 13.90 -1.77
CA VAL A 444 1.59 13.35 -3.03
C VAL A 444 1.69 11.84 -2.86
N PHE A 445 0.76 11.11 -3.47
CA PHE A 445 0.76 9.66 -3.45
C PHE A 445 1.45 9.14 -4.70
N SER A 446 2.39 8.22 -4.52
CA SER A 446 3.21 7.75 -5.63
C SER A 446 3.35 6.24 -5.55
N LYS A 447 3.16 5.57 -6.68
CA LYS A 447 3.34 4.14 -6.81
C LYS A 447 4.09 3.87 -8.10
N GLY A 448 4.97 2.87 -8.08
CA GLY A 448 5.67 2.50 -9.28
C GLY A 448 7.16 2.75 -9.22
N PRO A 449 7.77 2.90 -10.40
CA PRO A 449 9.23 3.05 -10.48
C PRO A 449 9.69 4.37 -9.87
N MET A 450 10.59 4.29 -8.90
CA MET A 450 11.24 5.42 -8.25
C MET A 450 10.26 6.28 -7.46
N ALA A 451 9.10 5.72 -7.11
CA ALA A 451 8.12 6.45 -6.30
C ALA A 451 8.68 6.79 -4.92
N HIS A 452 9.61 5.97 -4.42
CA HIS A 452 10.29 6.30 -3.16
C HIS A 452 11.15 7.55 -3.26
N LEU A 453 11.25 8.18 -4.44
CA LEU A 453 12.01 9.41 -4.56
C LEU A 453 11.14 10.61 -4.20
N LEU A 454 9.84 10.40 -4.10
CA LEU A 454 8.91 11.39 -3.62
C LEU A 454 8.70 11.19 -2.12
N HIS A 455 9.75 11.49 -1.38
CA HIS A 455 9.73 11.32 0.07
C HIS A 455 9.55 12.66 0.76
N GLY A 456 9.19 12.57 2.05
CA GLY A 456 9.25 13.69 2.97
C GLY A 456 8.51 14.95 2.57
N VAL A 457 8.82 16.05 3.24
CA VAL A 457 8.23 17.35 2.94
C VAL A 457 9.23 18.13 2.10
N HIS A 458 8.85 18.40 0.85
CA HIS A 458 9.64 19.20 -0.07
C HIS A 458 8.74 20.17 -0.80
N GLU A 459 9.35 20.92 -1.72
CA GLU A 459 8.63 21.91 -2.52
C GLU A 459 7.74 21.26 -3.57
N GLN A 460 6.87 22.08 -4.14
CA GLN A 460 5.93 21.60 -5.16
C GLN A 460 6.59 21.38 -6.51
N ASN A 461 7.61 22.18 -6.85
CA ASN A 461 8.31 22.01 -8.12
C ASN A 461 9.11 20.73 -8.18
N TYR A 462 9.25 20.01 -7.05
CA TYR A 462 10.10 18.84 -7.00
C TYR A 462 9.45 17.64 -7.68
N VAL A 463 8.12 17.61 -7.74
CA VAL A 463 7.40 16.43 -8.22
C VAL A 463 7.81 16.05 -9.65
N PRO A 464 7.77 16.95 -10.64
CA PRO A 464 8.10 16.53 -12.02
C PRO A 464 9.56 16.14 -12.21
N HIS A 465 10.47 16.63 -11.36
CA HIS A 465 11.87 16.23 -11.49
C HIS A 465 12.06 14.75 -11.17
N VAL A 466 11.19 14.19 -10.32
CA VAL A 466 11.26 12.77 -10.02
C VAL A 466 10.76 11.94 -11.20
N MET A 467 9.58 12.29 -11.71
CA MET A 467 8.99 11.57 -12.84
C MET A 467 9.94 11.59 -14.05
N ALA A 468 10.43 12.78 -14.40
CA ALA A 468 11.30 12.91 -15.55
C ALA A 468 12.56 12.05 -15.38
N TYR A 469 13.10 12.00 -14.17
CA TYR A 469 14.27 11.18 -13.93
C TYR A 469 13.94 9.69 -14.06
N ALA A 470 12.77 9.27 -13.58
CA ALA A 470 12.40 7.86 -13.65
C ALA A 470 12.16 7.42 -15.09
N ALA A 471 11.55 8.28 -15.91
CA ALA A 471 11.24 7.96 -17.29
C ALA A 471 12.41 8.17 -18.23
N CYS A 472 13.53 8.70 -17.74
CA CYS A 472 14.71 8.98 -18.56
C CYS A 472 14.38 10.00 -19.65
N ILE A 473 13.57 10.99 -19.28
CA ILE A 473 13.21 12.10 -20.14
C ILE A 473 13.69 13.38 -19.47
N GLY A 474 13.56 14.50 -20.17
CA GLY A 474 13.94 15.78 -19.61
C GLY A 474 15.43 16.02 -19.65
N ALA A 475 15.90 16.80 -18.67
CA ALA A 475 17.31 17.20 -18.63
C ALA A 475 18.20 16.11 -18.03
N ASN A 476 17.78 15.52 -16.92
CA ASN A 476 18.59 14.50 -16.25
C ASN A 476 18.16 13.14 -16.77
N LEU A 477 18.92 12.61 -17.73
CA LEU A 477 18.66 11.29 -18.29
C LEU A 477 19.56 10.23 -17.68
N GLY A 478 19.95 10.40 -16.41
CA GLY A 478 20.93 9.55 -15.75
C GLY A 478 20.40 8.22 -15.24
N HIS A 479 19.08 8.07 -15.10
CA HIS A 479 18.54 6.81 -14.60
C HIS A 479 18.87 5.66 -15.53
N CYS A 480 19.01 5.94 -16.82
CA CYS A 480 19.42 4.98 -17.84
C CYS A 480 20.85 5.35 -18.20
N ALA A 481 21.82 4.61 -17.69
CA ALA A 481 23.20 4.97 -18.00
C ALA A 481 23.50 4.60 -19.44
N PRO A 482 23.89 5.56 -20.29
CA PRO A 482 24.25 5.29 -21.68
C PRO A 482 25.54 4.48 -21.81
N LEU B 1 6.75 41.53 -3.43
CA LEU B 1 8.02 40.99 -2.95
C LEU B 1 8.75 40.27 -4.09
N VAL B 2 8.45 38.99 -4.30
CA VAL B 2 9.08 38.20 -5.37
C VAL B 2 10.59 38.19 -5.18
N PRO B 3 11.14 37.24 -4.42
CA PRO B 3 12.59 37.20 -4.24
C PRO B 3 13.29 37.08 -5.58
N GLU B 4 14.39 37.83 -5.73
CA GLU B 4 15.04 37.94 -7.02
C GLU B 4 15.63 36.61 -7.48
N LYS B 5 16.14 35.80 -6.53
CA LYS B 5 16.69 34.51 -6.91
C LYS B 5 15.60 33.60 -7.46
N GLU B 6 14.37 33.75 -6.97
CA GLU B 6 13.24 32.92 -7.37
C GLU B 6 12.65 33.35 -8.72
N LYS B 7 13.20 34.39 -9.33
CA LYS B 7 12.78 34.82 -10.65
C LYS B 7 13.49 34.05 -11.76
N ASP B 8 14.62 33.40 -11.45
CA ASP B 8 15.41 32.59 -12.37
C ASP B 8 15.00 31.12 -12.27
N PRO B 9 14.67 30.48 -13.39
CA PRO B 9 14.30 29.05 -13.32
C PRO B 9 15.44 28.16 -12.86
N LYS B 10 16.68 28.43 -13.30
CA LYS B 10 17.82 27.60 -12.90
C LYS B 10 17.92 27.45 -11.38
N TYR B 11 17.48 28.46 -10.62
CA TYR B 11 17.48 28.35 -9.17
C TYR B 11 16.58 27.21 -8.71
N TRP B 12 15.33 27.21 -9.17
CA TRP B 12 14.38 26.15 -8.80
C TRP B 12 14.85 24.80 -9.31
N ARG B 13 15.34 24.75 -10.55
CA ARG B 13 15.81 23.51 -11.15
C ARG B 13 16.97 22.91 -10.37
N ASP B 14 17.99 23.73 -10.06
CA ASP B 14 19.11 23.25 -9.26
C ASP B 14 18.64 22.77 -7.89
N GLN B 15 17.77 23.54 -7.24
CA GLN B 15 17.25 23.16 -5.93
C GLN B 15 16.49 21.84 -6.01
N ALA B 16 15.67 21.67 -7.04
CA ALA B 16 14.94 20.41 -7.19
C ALA B 16 15.89 19.25 -7.46
N GLN B 17 16.90 19.46 -8.32
CA GLN B 17 17.87 18.42 -8.60
C GLN B 17 18.66 18.03 -7.36
N GLU B 18 18.99 19.01 -6.51
CA GLU B 18 19.65 18.71 -5.24
C GLU B 18 18.78 17.82 -4.38
N THR B 19 17.48 18.11 -4.32
CA THR B 19 16.55 17.26 -3.60
C THR B 19 16.53 15.86 -4.20
N LEU B 20 16.66 15.75 -5.52
CA LEU B 20 16.71 14.44 -6.16
C LEU B 20 17.94 13.64 -5.73
N LYS B 21 19.09 14.30 -5.66
CA LYS B 21 20.33 13.61 -5.30
C LYS B 21 20.23 13.00 -3.91
N TYR B 22 19.79 13.79 -2.93
CA TYR B 22 19.60 13.25 -1.58
C TYR B 22 18.50 12.20 -1.55
N ALA B 23 17.42 12.40 -2.31
CA ALA B 23 16.37 11.41 -2.38
C ALA B 23 16.92 10.05 -2.83
N LEU B 24 17.81 10.06 -3.82
CA LEU B 24 18.50 8.86 -4.27
C LEU B 24 19.46 8.33 -3.22
N GLU B 25 20.13 9.23 -2.49
CA GLU B 25 21.03 8.78 -1.42
C GLU B 25 20.26 8.06 -0.32
N LEU B 26 19.00 8.42 -0.10
CA LEU B 26 18.16 7.77 0.89
C LEU B 26 17.71 6.39 0.44
N GLN B 27 18.07 5.97 -0.78
CA GLN B 27 17.81 4.61 -1.22
C GLN B 27 18.64 3.61 -0.44
N LYS B 28 19.82 4.00 0.03
CA LYS B 28 20.51 3.22 1.04
C LYS B 28 19.75 3.36 2.35
N LEU B 29 19.08 2.30 2.79
CA LEU B 29 18.16 2.40 3.90
C LEU B 29 18.90 2.18 5.22
N ASN B 30 18.30 2.65 6.31
CA ASN B 30 18.86 2.53 7.64
C ASN B 30 18.25 1.30 8.30
N THR B 31 18.92 0.16 8.16
CA THR B 31 18.47 -1.10 8.74
C THR B 31 19.03 -1.35 10.14
N ASN B 32 19.60 -0.34 10.79
CA ASN B 32 20.14 -0.54 12.12
C ASN B 32 19.02 -0.68 13.15
N VAL B 33 19.36 -1.28 14.29
CA VAL B 33 18.44 -1.40 15.40
C VAL B 33 18.30 -0.05 16.09
N ALA B 34 17.11 0.22 16.61
CA ALA B 34 16.84 1.50 17.28
C ALA B 34 17.17 1.35 18.76
N LYS B 35 18.38 1.77 19.15
CA LYS B 35 18.73 1.80 20.56
C LYS B 35 17.83 2.74 21.33
N ASN B 36 17.44 3.84 20.71
CA ASN B 36 16.62 4.85 21.34
C ASN B 36 15.43 5.16 20.44
N VAL B 37 14.31 5.48 21.06
CA VAL B 37 13.09 5.84 20.34
C VAL B 37 12.53 7.10 21.01
N ILE B 38 12.42 8.17 20.24
CA ILE B 38 11.87 9.43 20.74
C ILE B 38 10.62 9.75 19.94
N MET B 39 9.52 10.01 20.62
CA MET B 39 8.25 10.29 19.98
C MET B 39 7.76 11.65 20.43
N PHE B 40 7.64 12.58 19.49
CA PHE B 40 7.06 13.89 19.71
C PHE B 40 5.60 13.87 19.28
N LEU B 41 4.71 14.37 20.14
CA LEU B 41 3.28 14.45 19.83
C LEU B 41 2.82 15.89 19.92
N GLY B 42 2.54 16.48 18.76
CA GLY B 42 1.91 17.79 18.72
C GLY B 42 0.41 17.67 18.89
N ASP B 43 -0.09 17.93 20.10
CA ASP B 43 -1.50 17.78 20.39
C ASP B 43 -2.34 18.74 19.56
N GLY B 44 -2.99 18.23 18.52
CA GLY B 44 -3.75 19.06 17.62
C GLY B 44 -2.96 19.68 16.50
N MET B 45 -1.82 19.11 16.12
CA MET B 45 -0.96 19.70 15.11
C MET B 45 -1.33 19.11 13.75
N GLY B 46 -2.37 19.68 13.15
CA GLY B 46 -2.79 19.27 11.82
C GLY B 46 -1.90 19.80 10.73
N VAL B 47 -2.15 19.30 9.51
CA VAL B 47 -1.42 19.78 8.34
C VAL B 47 -1.61 21.28 8.16
N SER B 48 -2.78 21.79 8.54
CA SER B 48 -2.99 23.24 8.54
C SER B 48 -2.06 23.93 9.53
N THR B 49 -1.80 23.29 10.67
CA THR B 49 -0.95 23.90 11.70
C THR B 49 0.53 23.89 11.32
N VAL B 50 1.04 22.77 10.82
CA VAL B 50 2.46 22.70 10.51
C VAL B 50 2.83 23.74 9.47
N THR B 51 1.95 23.96 8.47
CA THR B 51 2.21 24.99 7.48
C THR B 51 2.20 26.37 8.12
N ALA B 52 1.21 26.63 8.97
CA ALA B 52 1.14 27.94 9.64
C ALA B 52 2.32 28.15 10.58
N ALA B 53 2.71 27.12 11.34
CA ALA B 53 3.87 27.23 12.20
C ALA B 53 5.15 27.43 11.39
N ARG B 54 5.19 26.87 10.17
CA ARG B 54 6.33 27.11 9.29
C ARG B 54 6.39 28.56 8.86
N ILE B 55 5.26 29.13 8.47
CA ILE B 55 5.21 30.54 8.10
C ILE B 55 5.64 31.40 9.27
N LEU B 56 5.16 31.06 10.48
CA LEU B 56 5.43 31.86 11.66
C LEU B 56 6.93 31.88 12.00
N LYS B 57 7.54 30.70 12.08
CA LYS B 57 8.96 30.60 12.42
C LYS B 57 9.82 31.49 11.54
N GLY B 58 9.62 31.41 10.23
CA GLY B 58 10.40 32.23 9.31
C GLY B 58 10.07 33.70 9.44
N GLN B 59 8.81 34.04 9.71
CA GLN B 59 8.43 35.44 9.86
C GLN B 59 8.99 36.06 11.12
N LEU B 60 9.17 35.26 12.18
CA LEU B 60 9.84 35.76 13.37
C LEU B 60 11.28 36.12 13.10
N HIS B 61 11.83 35.67 11.97
CA HIS B 61 13.16 36.05 11.51
C HIS B 61 13.11 37.10 10.40
N HIS B 62 11.97 37.79 10.25
CA HIS B 62 11.82 38.86 9.26
C HIS B 62 11.95 38.33 7.85
N ASN B 63 11.51 37.09 7.65
CA ASN B 63 11.46 36.41 6.36
C ASN B 63 10.02 36.22 5.91
N PRO B 64 9.78 35.98 4.62
CA PRO B 64 8.42 35.66 4.17
C PRO B 64 7.81 34.47 4.89
N GLY B 65 8.58 33.41 5.10
CA GLY B 65 8.11 32.30 5.92
C GLY B 65 7.73 31.04 5.16
N GLU B 66 7.16 31.19 3.97
CA GLU B 66 6.69 30.02 3.23
C GLU B 66 7.84 29.08 2.91
N GLU B 67 9.00 29.64 2.57
CA GLU B 67 10.19 28.87 2.22
C GLU B 67 10.94 28.32 3.43
N THR B 68 10.58 28.71 4.64
CA THR B 68 11.28 28.24 5.84
C THR B 68 11.09 26.73 5.99
N ARG B 69 12.03 26.10 6.70
CA ARG B 69 12.00 24.66 6.90
C ARG B 69 11.91 24.39 8.41
N LEU B 70 10.78 23.83 8.85
CA LEU B 70 10.72 23.36 10.22
C LEU B 70 11.64 22.16 10.41
N GLU B 71 12.07 21.95 11.65
CA GLU B 71 12.90 20.80 11.96
C GLU B 71 12.23 19.49 11.57
N MET B 72 10.90 19.42 11.66
CA MET B 72 10.19 18.22 11.22
C MET B 72 10.14 18.12 9.70
N ASP B 73 10.21 19.26 9.01
CA ASP B 73 10.27 19.24 7.56
C ASP B 73 11.55 18.59 7.05
N LYS B 74 12.61 18.56 7.86
CA LYS B 74 13.86 17.91 7.47
C LYS B 74 13.85 16.41 7.70
N PHE B 75 12.80 15.86 8.29
CA PHE B 75 12.69 14.41 8.41
C PHE B 75 12.54 13.79 7.01
N PRO B 76 13.18 12.65 6.77
CA PRO B 76 13.17 12.09 5.40
C PRO B 76 11.84 11.48 5.00
N PHE B 77 11.08 10.92 5.94
CA PHE B 77 9.90 10.13 5.65
C PHE B 77 8.66 10.76 6.27
N VAL B 78 7.58 10.81 5.49
CA VAL B 78 6.30 11.34 5.92
C VAL B 78 5.23 10.31 5.59
N ALA B 79 4.20 10.24 6.45
CA ALA B 79 3.11 9.31 6.21
C ALA B 79 1.85 9.87 6.85
N LEU B 80 0.70 9.59 6.25
CA LEU B 80 -0.55 10.01 6.85
C LEU B 80 -1.09 8.88 7.72
N SER B 81 -1.88 9.25 8.74
CA SER B 81 -2.44 8.29 9.68
C SER B 81 -3.90 8.58 9.93
N LYS B 82 -4.70 7.52 10.04
CA LYS B 82 -6.14 7.61 10.20
C LYS B 82 -6.48 7.71 11.68
N THR B 83 -7.14 8.80 12.07
CA THR B 83 -7.29 9.15 13.48
C THR B 83 -8.60 8.70 14.10
N TYR B 84 -9.55 8.20 13.31
CA TYR B 84 -10.90 7.93 13.81
C TYR B 84 -10.87 7.03 15.04
N ASN B 85 -11.76 7.30 15.98
CA ASN B 85 -11.92 6.41 17.12
C ASN B 85 -12.97 5.35 16.81
N THR B 86 -12.96 4.30 17.64
CA THR B 86 -14.01 3.29 17.53
C THR B 86 -15.39 3.88 17.80
N ASN B 87 -15.50 4.87 18.68
CA ASN B 87 -16.81 5.47 18.94
C ASN B 87 -17.05 6.76 18.17
N ALA B 88 -16.00 7.41 17.71
CA ALA B 88 -16.13 8.77 17.19
C ALA B 88 -15.47 8.89 15.83
N GLN B 89 -16.19 9.48 14.88
CA GLN B 89 -15.59 9.86 13.61
C GLN B 89 -14.48 10.86 13.82
N VAL B 90 -14.77 11.94 14.55
CA VAL B 90 -13.77 12.93 14.94
C VAL B 90 -13.26 12.56 16.32
N PRO B 91 -12.00 12.15 16.45
CA PRO B 91 -11.55 11.51 17.69
C PRO B 91 -11.25 12.52 18.79
N ASP B 92 -11.00 11.99 20.00
CA ASP B 92 -10.58 12.78 21.14
C ASP B 92 -9.08 12.57 21.37
N SER B 93 -8.57 13.19 22.44
CA SER B 93 -7.16 13.06 22.78
C SER B 93 -6.83 11.73 23.46
N ALA B 94 -7.81 11.08 24.11
CA ALA B 94 -7.53 9.89 24.91
C ALA B 94 -7.46 8.62 24.08
N GLY B 95 -8.51 8.36 23.27
CA GLY B 95 -8.52 7.16 22.45
C GLY B 95 -7.37 7.11 21.46
N THR B 96 -7.10 8.23 20.79
CA THR B 96 -5.94 8.33 19.92
C THR B 96 -4.66 7.96 20.67
N ALA B 97 -4.54 8.44 21.90
CA ALA B 97 -3.35 8.13 22.70
C ALA B 97 -3.17 6.63 22.86
N THR B 98 -4.26 5.90 23.11
CA THR B 98 -4.20 4.45 23.20
C THR B 98 -3.67 3.83 21.91
N ALA B 99 -3.94 4.46 20.76
CA ALA B 99 -3.54 3.87 19.48
C ALA B 99 -2.03 3.98 19.26
N TYR B 100 -1.50 5.20 19.16
CA TYR B 100 -0.09 5.36 18.83
C TYR B 100 0.84 5.02 19.98
N LEU B 101 0.32 4.75 21.18
CA LEU B 101 1.15 4.32 22.31
C LEU B 101 0.99 2.85 22.63
N CYS B 102 -0.24 2.34 22.67
CA CYS B 102 -0.50 0.96 23.05
C CYS B 102 -0.70 0.04 21.84
N GLY B 103 -0.90 0.58 20.65
CA GLY B 103 -1.02 -0.22 19.44
C GLY B 103 -2.40 -0.74 19.12
N VAL B 104 -3.45 -0.25 19.79
CA VAL B 104 -4.81 -0.68 19.55
C VAL B 104 -5.70 0.56 19.56
N LYS B 105 -6.67 0.61 18.65
CA LYS B 105 -7.63 1.70 18.64
C LYS B 105 -8.70 1.46 19.70
N ALA B 106 -9.18 2.55 20.31
CA ALA B 106 -10.09 2.44 21.43
C ALA B 106 -11.21 3.46 21.29
N ASN B 107 -12.11 3.44 22.26
CA ASN B 107 -13.27 4.31 22.34
C ASN B 107 -12.86 5.70 22.83
N GLU B 108 -13.71 6.68 22.58
CA GLU B 108 -13.42 8.02 23.08
C GLU B 108 -13.45 8.00 24.60
N GLY B 109 -12.47 8.64 25.22
CA GLY B 109 -12.40 8.73 26.65
C GLY B 109 -11.63 7.62 27.35
N THR B 110 -11.52 6.44 26.75
CA THR B 110 -10.80 5.38 27.43
C THR B 110 -9.31 5.56 27.15
N VAL B 111 -8.49 5.11 28.09
CA VAL B 111 -7.06 5.33 28.04
C VAL B 111 -6.37 4.04 28.45
N GLY B 112 -5.58 3.48 27.54
CA GLY B 112 -4.84 2.27 27.86
C GLY B 112 -5.69 1.02 27.96
N VAL B 113 -6.90 1.04 27.42
CA VAL B 113 -7.77 -0.12 27.40
C VAL B 113 -8.42 -0.23 26.03
N SER B 114 -8.80 -1.46 25.68
CA SER B 114 -9.32 -1.79 24.37
C SER B 114 -10.74 -1.24 24.18
N ALA B 115 -11.32 -1.55 23.01
CA ALA B 115 -12.66 -1.08 22.69
C ALA B 115 -13.78 -1.80 23.45
N ALA B 116 -13.47 -2.87 24.18
CA ALA B 116 -14.49 -3.54 24.98
C ALA B 116 -14.82 -2.76 26.24
N THR B 117 -13.86 -1.99 26.76
CA THR B 117 -14.13 -1.18 27.94
C THR B 117 -15.01 0.01 27.56
N GLU B 118 -16.05 0.22 28.35
CA GLU B 118 -16.99 1.32 28.16
C GLU B 118 -16.61 2.49 29.06
N ARG B 119 -16.90 3.70 28.59
CA ARG B 119 -16.55 4.89 29.32
C ARG B 119 -17.29 4.91 30.65
N SER B 120 -16.53 5.10 31.74
CA SER B 120 -17.03 5.20 33.11
C SER B 120 -17.55 3.88 33.67
N ARG B 121 -17.55 2.80 32.88
CA ARG B 121 -17.97 1.50 33.38
C ARG B 121 -16.70 0.85 33.91
N CYS B 122 -16.45 1.04 35.21
CA CYS B 122 -15.22 0.54 35.81
C CYS B 122 -15.13 -0.97 35.79
N ASN B 123 -16.27 -1.66 35.90
CA ASN B 123 -16.23 -3.11 35.96
C ASN B 123 -15.98 -3.76 34.61
N THR B 124 -15.89 -2.98 33.53
CA THR B 124 -15.53 -3.52 32.22
C THR B 124 -14.05 -3.36 31.92
N THR B 125 -13.30 -2.74 32.85
CA THR B 125 -11.86 -2.56 32.65
C THR B 125 -11.10 -3.87 32.72
N GLN B 126 -11.31 -4.68 33.77
CA GLN B 126 -10.51 -5.88 33.93
C GLN B 126 -10.55 -6.73 32.67
N GLY B 127 -9.38 -7.23 32.28
CA GLY B 127 -9.23 -8.04 31.09
C GLY B 127 -9.05 -7.28 29.80
N ASN B 128 -9.40 -5.99 29.77
CA ASN B 128 -9.34 -5.19 28.54
C ASN B 128 -8.19 -4.18 28.54
N GLU B 129 -7.19 -4.37 29.39
CA GLU B 129 -6.05 -3.46 29.43
C GLU B 129 -5.09 -3.76 28.29
N VAL B 130 -4.53 -2.71 27.71
CA VAL B 130 -3.55 -2.82 26.63
C VAL B 130 -2.29 -2.09 27.06
N THR B 131 -1.15 -2.76 26.94
CA THR B 131 0.11 -2.17 27.36
C THR B 131 0.62 -1.20 26.32
N SER B 132 1.46 -0.26 26.77
CA SER B 132 1.98 0.78 25.90
C SER B 132 3.43 0.49 25.53
N ILE B 133 3.91 1.23 24.53
CA ILE B 133 5.29 1.09 24.12
C ILE B 133 6.23 1.54 25.23
N LEU B 134 5.76 2.42 26.12
CA LEU B 134 6.57 2.79 27.28
C LEU B 134 6.88 1.56 28.12
N ARG B 135 5.87 0.74 28.40
CA ARG B 135 6.06 -0.49 29.17
C ARG B 135 7.01 -1.46 28.47
N TRP B 136 6.79 -1.68 27.17
CA TRP B 136 7.66 -2.60 26.42
C TRP B 136 9.12 -2.20 26.53
N ALA B 137 9.40 -0.89 26.56
CA ALA B 137 10.78 -0.43 26.66
C ALA B 137 11.34 -0.70 28.05
N LYS B 138 10.58 -0.38 29.09
CA LYS B 138 11.08 -0.61 30.44
C LYS B 138 11.16 -2.10 30.75
N ASP B 139 10.25 -2.90 30.19
CA ASP B 139 10.36 -4.34 30.33
C ASP B 139 11.55 -4.89 29.52
N ALA B 140 12.01 -4.14 28.52
CA ALA B 140 13.18 -4.50 27.72
C ALA B 140 14.47 -3.89 28.27
N GLY B 141 14.41 -3.22 29.43
CA GLY B 141 15.58 -2.70 30.09
C GLY B 141 15.92 -1.25 29.81
N LYS B 142 15.37 -0.66 28.76
CA LYS B 142 15.66 0.72 28.40
C LYS B 142 15.06 1.68 29.43
N SER B 143 15.73 2.83 29.63
CA SER B 143 15.15 3.87 30.47
C SER B 143 13.97 4.52 29.74
N VAL B 144 13.01 5.01 30.52
CA VAL B 144 11.77 5.56 29.99
C VAL B 144 11.54 6.96 30.53
N GLY B 145 10.87 7.79 29.74
CA GLY B 145 10.66 9.19 30.12
C GLY B 145 9.41 9.78 29.51
N ILE B 146 8.79 10.70 30.26
CA ILE B 146 7.58 11.40 29.84
C ILE B 146 7.77 12.89 30.10
N VAL B 147 7.65 13.71 29.06
CA VAL B 147 7.77 15.17 29.16
C VAL B 147 6.57 15.81 28.47
N THR B 148 5.89 16.71 29.18
CA THR B 148 4.73 17.38 28.62
C THR B 148 4.55 18.73 29.30
N THR B 149 3.85 19.62 28.62
CA THR B 149 3.46 20.89 29.22
C THR B 149 2.08 20.84 29.87
N THR B 150 1.31 19.79 29.62
CA THR B 150 0.06 19.60 30.33
C THR B 150 0.31 18.80 31.58
N ARG B 151 -0.74 18.59 32.38
CA ARG B 151 -0.62 17.76 33.57
C ARG B 151 -0.01 16.43 33.22
N VAL B 152 0.82 15.90 34.13
CA VAL B 152 1.42 14.60 33.90
C VAL B 152 0.38 13.49 33.86
N ASN B 153 -0.86 13.77 34.32
CA ASN B 153 -1.95 12.80 34.30
C ASN B 153 -2.98 13.06 33.21
N HIS B 154 -2.73 14.01 32.33
CA HIS B 154 -3.67 14.33 31.26
C HIS B 154 -3.81 13.15 30.31
N ALA B 155 -4.65 13.34 29.29
CA ALA B 155 -5.05 12.25 28.39
C ALA B 155 -3.87 11.73 27.57
N THR B 156 -3.12 12.62 26.93
CA THR B 156 -2.07 12.17 26.01
C THR B 156 -0.97 11.37 26.72
N PRO B 157 -0.36 11.85 27.82
CA PRO B 157 0.69 11.03 28.45
C PRO B 157 0.15 9.85 29.24
N SER B 158 -1.10 9.91 29.73
CA SER B 158 -1.61 8.84 30.60
C SER B 158 -1.64 7.49 29.91
N ALA B 159 -1.79 7.45 28.59
CA ALA B 159 -1.84 6.17 27.89
C ALA B 159 -0.51 5.44 27.97
N ALA B 160 0.55 6.15 28.35
CA ALA B 160 1.88 5.54 28.47
C ALA B 160 1.94 4.60 29.67
N TYR B 161 1.28 4.94 30.77
CA TYR B 161 1.40 4.15 31.99
C TYR B 161 0.07 3.65 32.54
N ALA B 162 -1.03 4.34 32.30
CA ALA B 162 -2.29 4.09 32.97
C ALA B 162 -3.24 3.29 32.09
N HIS B 163 -4.17 2.62 32.76
CA HIS B 163 -5.27 1.88 32.12
C HIS B 163 -6.52 2.25 32.88
N SER B 164 -7.20 3.30 32.42
CA SER B 164 -8.37 3.82 33.10
C SER B 164 -9.57 3.84 32.17
N ALA B 165 -10.75 3.66 32.75
CA ALA B 165 -11.98 3.67 31.98
C ALA B 165 -12.47 5.08 31.68
N ASP B 166 -11.84 6.09 32.27
CA ASP B 166 -12.23 7.47 32.02
C ASP B 166 -11.02 8.37 32.19
N ARG B 167 -10.82 9.26 31.23
CA ARG B 167 -9.71 10.20 31.27
C ARG B 167 -9.94 11.33 32.26
N ASP B 168 -11.20 11.58 32.67
CA ASP B 168 -11.53 12.64 33.62
C ASP B 168 -11.11 12.29 35.03
N TRP B 169 -10.70 11.04 35.28
CA TRP B 169 -10.35 10.58 36.62
C TRP B 169 -8.88 10.89 36.93
N TYR B 170 -8.56 12.19 36.94
CA TYR B 170 -7.20 12.63 37.24
C TYR B 170 -6.74 12.10 38.60
N SER B 171 -7.46 12.46 39.66
CA SER B 171 -7.18 11.94 40.99
C SER B 171 -8.47 11.34 41.56
N ASP B 172 -8.34 10.71 42.73
CA ASP B 172 -9.49 10.13 43.41
C ASP B 172 -10.56 11.19 43.70
N ASN B 173 -10.20 12.47 43.71
CA ASN B 173 -11.17 13.51 44.00
C ASN B 173 -12.24 13.57 42.92
N GLU B 174 -11.85 13.35 41.65
CA GLU B 174 -12.77 13.41 40.53
C GLU B 174 -13.45 12.08 40.21
N MET B 175 -13.14 11.01 40.93
CA MET B 175 -13.71 9.70 40.65
C MET B 175 -15.07 9.52 41.33
N PRO B 176 -16.04 8.93 40.63
CA PRO B 176 -17.37 8.71 41.22
C PRO B 176 -17.31 7.64 42.30
N PRO B 177 -18.32 7.60 43.17
CA PRO B 177 -18.28 6.63 44.28
C PRO B 177 -18.26 5.18 43.82
N GLU B 178 -19.08 4.82 42.84
CA GLU B 178 -19.12 3.44 42.37
C GLU B 178 -17.77 2.99 41.84
N ALA B 179 -17.06 3.87 41.12
CA ALA B 179 -15.75 3.50 40.59
C ALA B 179 -14.82 3.07 41.71
N LEU B 180 -14.75 3.86 42.79
CA LEU B 180 -13.90 3.53 43.93
C LEU B 180 -14.32 2.20 44.57
N SER B 181 -15.62 1.99 44.73
CA SER B 181 -16.11 0.77 45.36
C SER B 181 -15.91 -0.45 44.46
N GLN B 182 -15.93 -0.25 43.15
CA GLN B 182 -15.60 -1.31 42.20
C GLN B 182 -14.10 -1.55 42.09
N GLY B 183 -13.28 -0.72 42.72
CA GLY B 183 -11.84 -0.91 42.74
C GLY B 183 -11.02 -0.10 41.76
N CYS B 184 -11.61 0.87 41.05
CA CYS B 184 -10.84 1.64 40.09
C CYS B 184 -9.94 2.66 40.79
N LYS B 185 -8.72 2.80 40.29
CA LYS B 185 -7.72 3.73 40.79
C LYS B 185 -7.50 4.87 39.79
N ASP B 186 -7.26 6.06 40.32
CA ASP B 186 -7.13 7.26 39.49
C ASP B 186 -5.83 7.23 38.69
N ILE B 187 -5.73 8.17 37.74
CA ILE B 187 -4.57 8.25 36.84
C ILE B 187 -3.30 8.60 37.62
N ALA B 188 -3.37 9.68 38.42
CA ALA B 188 -2.20 10.11 39.21
C ALA B 188 -1.65 8.97 40.05
N TYR B 189 -2.53 8.25 40.74
CA TYR B 189 -2.13 7.08 41.49
C TYR B 189 -1.43 6.06 40.59
N GLN B 190 -2.00 5.80 39.40
CA GLN B 190 -1.42 4.84 38.49
C GLN B 190 -0.08 5.30 37.91
N LEU B 191 0.22 6.59 37.93
CA LEU B 191 1.54 7.06 37.47
C LEU B 191 2.65 6.50 38.35
N MET B 192 2.51 6.64 39.66
CA MET B 192 3.54 6.15 40.57
C MET B 192 3.45 4.65 40.78
N HIS B 193 2.24 4.09 40.68
CA HIS B 193 1.96 2.70 41.05
C HIS B 193 2.03 1.70 39.91
N ASN B 194 1.55 2.03 38.70
CA ASN B 194 1.58 1.05 37.62
C ASN B 194 3.01 0.69 37.25
N ILE B 195 3.79 1.68 36.83
CA ILE B 195 5.20 1.48 36.49
C ILE B 195 6.03 2.22 37.53
N ARG B 196 6.73 1.46 38.37
CA ARG B 196 7.47 2.07 39.47
C ARG B 196 8.78 2.70 39.01
N ASP B 197 9.41 2.11 38.01
CA ASP B 197 10.74 2.53 37.56
C ASP B 197 10.69 3.45 36.34
N ILE B 198 9.68 4.30 36.24
CA ILE B 198 9.69 5.33 35.20
C ILE B 198 10.77 6.34 35.57
N ASP B 199 11.77 6.48 34.70
CA ASP B 199 12.95 7.25 35.09
C ASP B 199 12.65 8.74 35.19
N VAL B 200 12.13 9.34 34.11
CA VAL B 200 11.90 10.77 34.03
C VAL B 200 10.41 11.02 33.85
N ILE B 201 9.87 11.96 34.63
CA ILE B 201 8.47 12.38 34.56
C ILE B 201 8.46 13.88 34.79
N MET B 202 8.05 14.66 33.79
CA MET B 202 8.03 16.10 33.94
C MET B 202 6.77 16.68 33.32
N GLY B 203 6.28 17.75 33.91
CA GLY B 203 5.05 18.38 33.46
C GLY B 203 4.34 19.02 34.63
N GLY B 204 3.14 19.52 34.36
CA GLY B 204 2.32 20.09 35.39
C GLY B 204 1.58 19.00 36.14
N GLY B 205 0.63 19.41 36.97
CA GLY B 205 -0.16 18.44 37.69
C GLY B 205 0.33 18.13 39.10
N ARG B 206 0.63 19.17 39.88
CA ARG B 206 1.07 18.97 41.26
C ARG B 206 -0.08 18.58 42.17
N LYS B 207 -1.21 19.28 42.04
CA LYS B 207 -2.31 19.13 42.99
C LYS B 207 -2.84 17.71 43.08
N TYR B 208 -2.67 16.92 42.02
CA TYR B 208 -3.16 15.54 42.01
C TYR B 208 -2.21 14.59 42.73
N MET B 209 -1.09 15.09 43.24
CA MET B 209 -0.14 14.27 43.97
C MET B 209 -0.16 14.48 45.48
N TYR B 210 -0.74 15.59 45.95
CA TYR B 210 -0.75 16.00 47.35
C TYR B 210 -2.14 15.87 47.96
N PRO B 211 -2.22 15.63 49.27
CA PRO B 211 -3.52 15.49 49.94
C PRO B 211 -4.38 16.75 49.83
N LYS B 212 -5.63 16.59 50.24
CA LYS B 212 -6.65 17.60 50.06
C LYS B 212 -6.39 18.84 50.93
N ASN B 213 -6.84 20.00 50.44
CA ASN B 213 -6.77 21.26 51.17
C ASN B 213 -5.34 21.58 51.62
N LYS B 214 -4.35 21.00 50.95
CA LYS B 214 -2.96 21.28 51.27
C LYS B 214 -2.58 22.62 50.66
N THR B 215 -1.29 22.90 50.50
CA THR B 215 -0.81 24.19 50.02
C THR B 215 0.17 23.97 48.87
N ASP B 216 0.01 24.73 47.79
CA ASP B 216 0.94 24.64 46.68
C ASP B 216 2.16 25.48 47.04
N VAL B 217 3.36 24.94 46.77
CA VAL B 217 4.58 25.64 47.18
C VAL B 217 4.75 26.94 46.39
N GLU B 218 4.50 26.89 45.09
CA GLU B 218 4.67 28.07 44.25
C GLU B 218 3.59 29.10 44.56
N TYR B 219 2.35 28.66 44.73
CA TYR B 219 1.22 29.54 45.03
C TYR B 219 0.58 29.08 46.33
N GLU B 220 1.04 29.63 47.44
CA GLU B 220 0.45 29.27 48.73
C GLU B 220 -0.94 29.89 48.90
N SER B 221 -1.23 30.96 48.16
CA SER B 221 -2.47 31.72 48.32
C SER B 221 -3.65 31.18 47.51
N ASP B 222 -3.40 30.42 46.44
CA ASP B 222 -4.49 29.96 45.58
C ASP B 222 -5.19 28.77 46.21
N GLU B 223 -6.51 28.90 46.44
CA GLU B 223 -7.27 27.77 46.95
C GLU B 223 -7.45 26.71 45.85
N LYS B 224 -7.51 27.13 44.59
CA LYS B 224 -7.62 26.18 43.50
C LYS B 224 -6.35 25.34 43.35
N ALA B 225 -5.19 25.95 43.55
CA ALA B 225 -3.92 25.23 43.45
C ALA B 225 -3.68 24.28 44.61
N ARG B 226 -4.48 24.36 45.67
CA ARG B 226 -4.35 23.46 46.81
C ARG B 226 -4.64 22.03 46.40
N GLY B 227 -3.93 21.09 47.03
CA GLY B 227 -4.03 19.69 46.68
C GLY B 227 -5.44 19.14 46.70
N THR B 228 -5.65 18.00 46.05
CA THR B 228 -6.99 17.45 45.87
C THR B 228 -7.16 15.99 46.29
N ARG B 229 -6.09 15.28 46.65
CA ARG B 229 -6.21 13.86 46.94
C ARG B 229 -6.96 13.69 48.25
N LEU B 230 -8.18 13.17 48.17
CA LEU B 230 -8.95 12.88 49.38
C LEU B 230 -8.43 11.65 50.14
N ASP B 231 -7.74 10.73 49.47
CA ASP B 231 -7.15 9.60 50.16
C ASP B 231 -6.03 10.04 51.10
N GLY B 232 -5.65 11.30 51.08
CA GLY B 232 -4.58 11.80 51.92
C GLY B 232 -3.20 11.22 51.71
N LEU B 233 -2.73 11.12 50.46
CA LEU B 233 -1.40 10.62 50.15
C LEU B 233 -0.51 11.66 49.51
N ASP B 234 0.78 11.57 49.85
CA ASP B 234 1.84 12.31 49.19
C ASP B 234 2.45 11.40 48.12
N LEU B 235 1.90 11.48 46.91
CA LEU B 235 2.38 10.65 45.80
C LEU B 235 3.84 10.95 45.48
N VAL B 236 4.30 12.18 45.71
CA VAL B 236 5.73 12.49 45.57
C VAL B 236 6.56 11.58 46.47
N ASP B 237 6.10 11.37 47.70
CA ASP B 237 6.81 10.45 48.59
C ASP B 237 6.64 9.02 48.10
N THR B 238 5.43 8.66 47.66
CA THR B 238 5.19 7.35 47.06
C THR B 238 6.17 7.08 45.91
N TRP B 239 6.54 8.13 45.17
CA TRP B 239 7.52 8.02 44.11
C TRP B 239 8.87 7.59 44.66
N LYS B 240 9.40 8.36 45.61
CA LYS B 240 10.70 8.04 46.18
C LYS B 240 10.69 6.74 46.97
N SER B 241 9.54 6.39 47.56
CA SER B 241 9.47 5.17 48.36
C SER B 241 9.69 3.94 47.49
N PHE B 242 9.24 3.97 46.23
CA PHE B 242 9.52 2.87 45.32
C PHE B 242 10.92 2.95 44.73
N LYS B 243 11.53 4.12 44.69
CA LYS B 243 12.85 4.21 44.11
C LYS B 243 13.87 3.63 45.08
N PRO B 244 14.91 2.97 44.56
CA PRO B 244 15.96 2.45 45.43
C PRO B 244 16.76 3.57 46.09
N ARG B 245 17.26 3.27 47.29
CA ARG B 245 18.00 4.26 48.06
C ARG B 245 19.34 4.58 47.42
N TYR B 246 20.02 3.55 46.91
CA TYR B 246 21.34 3.77 46.33
C TYR B 246 21.25 4.59 45.05
N LYS B 247 20.08 4.70 44.45
CA LYS B 247 19.88 5.52 43.27
C LYS B 247 19.42 6.90 43.70
N HIS B 248 20.07 7.94 43.17
CA HIS B 248 19.72 9.31 43.51
C HIS B 248 18.45 9.68 42.75
N SER B 249 17.43 10.14 43.48
CA SER B 249 16.14 10.50 42.89
C SER B 249 15.72 11.86 43.42
N HIS B 250 15.56 12.83 42.52
CA HIS B 250 15.29 14.21 42.90
C HIS B 250 13.93 14.67 42.37
N PHE B 251 13.24 15.47 43.16
CA PHE B 251 12.00 16.13 42.77
C PHE B 251 12.25 17.63 42.72
N ILE B 252 11.80 18.27 41.64
CA ILE B 252 11.97 19.69 41.46
C ILE B 252 10.62 20.28 41.11
N TRP B 253 10.47 21.58 41.33
CA TRP B 253 9.23 22.24 40.96
C TRP B 253 9.41 23.56 40.24
N ASN B 254 10.64 24.03 40.07
CA ASN B 254 10.86 25.26 39.35
C ASN B 254 12.12 25.15 38.47
N ARG B 255 12.25 26.10 37.54
CA ARG B 255 13.30 26.03 36.53
C ARG B 255 14.69 26.09 37.14
N THR B 256 14.87 26.88 38.20
CA THR B 256 16.20 27.02 38.79
C THR B 256 16.76 25.67 39.25
N GLU B 257 15.92 24.83 39.85
CA GLU B 257 16.40 23.52 40.27
C GLU B 257 16.71 22.63 39.06
N LEU B 258 15.88 22.70 38.02
CA LEU B 258 16.05 21.83 36.87
C LEU B 258 17.37 22.09 36.16
N LEU B 259 17.69 23.37 35.92
CA LEU B 259 18.93 23.71 35.23
C LEU B 259 20.15 23.42 36.08
N THR B 260 20.00 23.37 37.41
CA THR B 260 21.13 23.07 38.28
C THR B 260 21.41 21.58 38.39
N LEU B 261 20.43 20.72 38.10
CA LEU B 261 20.64 19.29 38.22
C LEU B 261 21.80 18.84 37.34
N ASP B 262 22.55 17.87 37.84
CA ASP B 262 23.59 17.24 37.05
C ASP B 262 23.07 15.90 36.55
N PRO B 263 22.94 15.72 35.24
CA PRO B 263 22.35 14.46 34.73
C PRO B 263 23.15 13.23 35.08
N HIS B 264 24.47 13.38 35.27
CA HIS B 264 25.32 12.25 35.60
C HIS B 264 24.98 11.70 36.97
N ASN B 265 24.47 12.56 37.85
CA ASN B 265 24.05 12.23 39.21
C ASN B 265 22.63 11.72 39.30
N VAL B 266 21.73 12.22 38.46
CA VAL B 266 20.31 11.95 38.62
C VAL B 266 19.98 10.62 37.95
N ASP B 267 19.36 9.72 38.72
CA ASP B 267 18.89 8.44 38.21
C ASP B 267 17.39 8.41 37.98
N TYR B 268 16.63 9.15 38.79
CA TYR B 268 15.19 9.26 38.65
C TYR B 268 14.80 10.72 38.88
N LEU B 269 13.90 11.25 38.04
CA LEU B 269 13.53 12.65 38.16
C LEU B 269 12.02 12.81 38.06
N LEU B 270 11.44 13.50 39.03
CA LEU B 270 10.03 13.85 39.00
C LEU B 270 9.97 15.37 39.12
N GLY B 271 9.51 16.04 38.08
CA GLY B 271 9.47 17.48 38.11
C GLY B 271 8.10 18.02 37.78
N LEU B 272 7.40 18.51 38.80
CA LEU B 272 6.06 19.05 38.60
C LEU B 272 6.13 20.56 38.82
N PHE B 273 5.99 21.32 37.73
CA PHE B 273 6.28 22.75 37.71
C PHE B 273 5.03 23.62 37.83
N GLU B 274 3.85 23.04 38.00
CA GLU B 274 2.60 23.79 38.06
C GLU B 274 1.53 22.93 38.71
N PRO B 275 0.56 23.54 39.40
CA PRO B 275 -0.53 22.71 39.96
C PRO B 275 -1.33 22.00 38.88
N GLY B 276 -1.81 22.74 37.89
CA GLY B 276 -2.45 22.19 36.71
C GLY B 276 -1.48 22.09 35.56
N ASP B 277 -1.99 22.39 34.37
CA ASP B 277 -1.16 22.40 33.17
C ASP B 277 -0.23 23.62 33.24
N MET B 278 0.97 23.46 32.68
CA MET B 278 1.90 24.57 32.61
C MET B 278 1.38 25.66 31.67
N GLN B 279 1.91 26.88 31.85
CA GLN B 279 1.43 28.02 31.08
C GLN B 279 1.83 27.91 29.61
N TYR B 280 1.15 28.72 28.79
CA TYR B 280 1.57 28.89 27.42
C TYR B 280 2.98 29.45 27.37
N GLU B 281 3.67 29.18 26.26
CA GLU B 281 5.03 29.65 26.09
C GLU B 281 5.08 31.17 26.02
N LEU B 282 4.00 31.80 25.56
CA LEU B 282 3.92 33.26 25.51
C LEU B 282 3.69 33.88 26.88
N ASN B 283 3.16 33.12 27.84
CA ASN B 283 2.90 33.62 29.18
C ASN B 283 3.77 32.98 30.24
N ARG B 284 4.78 32.21 29.83
CA ARG B 284 5.60 31.50 30.79
C ARG B 284 6.52 32.47 31.51
N ASN B 285 6.68 32.26 32.80
CA ASN B 285 7.61 33.04 33.59
C ASN B 285 9.02 32.47 33.46
N ASN B 286 9.96 33.34 33.09
CA ASN B 286 11.29 32.84 32.72
C ASN B 286 11.98 32.16 33.88
N VAL B 287 11.73 32.60 35.11
CA VAL B 287 12.51 32.07 36.22
C VAL B 287 11.82 30.87 36.88
N THR B 288 10.49 30.88 36.95
CA THR B 288 9.80 29.83 37.68
C THR B 288 9.61 28.58 36.84
N ASP B 289 9.18 28.73 35.58
CA ASP B 289 8.83 27.57 34.78
C ASP B 289 9.70 27.47 33.54
N PRO B 290 10.11 26.25 33.16
CA PRO B 290 10.94 26.06 31.98
C PRO B 290 10.13 25.78 30.72
N SER B 291 10.76 26.02 29.58
CA SER B 291 10.16 25.71 28.29
C SER B 291 10.26 24.20 28.03
N LEU B 292 9.46 23.74 27.06
CA LEU B 292 9.50 22.32 26.68
C LEU B 292 10.87 21.91 26.17
N SER B 293 11.52 22.77 25.39
CA SER B 293 12.85 22.45 24.89
C SER B 293 13.83 22.22 26.04
N GLU B 294 13.82 23.12 27.03
CA GLU B 294 14.70 22.94 28.19
C GLU B 294 14.42 21.63 28.91
N MET B 295 13.15 21.26 29.03
CA MET B 295 12.81 20.02 29.71
C MET B 295 13.30 18.82 28.91
N VAL B 296 13.21 18.90 27.59
CA VAL B 296 13.62 17.79 26.72
C VAL B 296 15.13 17.60 26.78
N VAL B 297 15.88 18.71 26.83
CA VAL B 297 17.34 18.62 26.83
C VAL B 297 17.82 17.85 28.06
N VAL B 298 17.43 18.31 29.25
CA VAL B 298 17.88 17.64 30.48
C VAL B 298 17.32 16.23 30.56
N ALA B 299 16.10 16.02 30.07
CA ALA B 299 15.52 14.67 30.09
C ALA B 299 16.35 13.71 29.27
N ILE B 300 16.68 14.08 28.03
CA ILE B 300 17.50 13.21 27.19
C ILE B 300 18.85 12.94 27.86
N GLN B 301 19.42 13.94 28.53
CA GLN B 301 20.70 13.75 29.20
C GLN B 301 20.60 12.69 30.31
N ILE B 302 19.50 12.67 31.06
CA ILE B 302 19.36 11.67 32.10
C ILE B 302 19.16 10.29 31.49
N LEU B 303 18.30 10.18 30.47
CA LEU B 303 17.99 8.89 29.89
C LEU B 303 19.11 8.34 29.01
N ARG B 304 19.98 9.19 28.47
CA ARG B 304 21.03 8.69 27.60
C ARG B 304 21.97 7.72 28.33
N LYS B 305 22.03 7.79 29.66
CA LYS B 305 23.02 7.02 30.40
C LYS B 305 22.76 5.52 30.27
N ASN B 306 21.50 5.10 30.24
CA ASN B 306 21.18 3.68 30.16
C ASN B 306 21.84 3.09 28.92
N PRO B 307 22.72 2.09 29.06
CA PRO B 307 23.39 1.54 27.88
C PRO B 307 22.47 0.78 26.95
N LYS B 308 21.40 0.17 27.48
CA LYS B 308 20.48 -0.57 26.61
C LYS B 308 19.64 0.36 25.74
N GLY B 309 19.57 1.64 26.09
CA GLY B 309 18.86 2.64 25.31
C GLY B 309 17.82 3.35 26.15
N PHE B 310 16.96 4.11 25.47
CA PHE B 310 15.90 4.83 26.17
C PHE B 310 14.78 5.16 25.21
N PHE B 311 13.58 5.31 25.76
CA PHE B 311 12.41 5.81 25.08
C PHE B 311 11.95 7.08 25.75
N LEU B 312 11.61 8.10 24.96
CA LEU B 312 11.14 9.37 25.49
C LEU B 312 9.86 9.75 24.76
N LEU B 313 8.83 10.10 25.52
CA LEU B 313 7.57 10.58 24.95
C LEU B 313 7.43 12.06 25.30
N VAL B 314 7.38 12.90 24.28
CA VAL B 314 7.25 14.34 24.42
C VAL B 314 5.92 14.76 23.82
N GLU B 315 5.26 15.73 24.46
CA GLU B 315 4.00 16.27 23.97
C GLU B 315 4.04 17.79 24.03
N GLY B 316 3.95 18.42 22.87
CA GLY B 316 3.75 19.86 22.84
C GLY B 316 2.51 20.27 23.61
N GLY B 317 1.44 19.48 23.49
CA GLY B 317 0.30 19.59 24.38
C GLY B 317 -0.56 20.83 24.23
N ARG B 318 -0.02 21.97 24.65
CA ARG B 318 -0.78 23.23 24.72
C ARG B 318 -1.29 23.70 23.37
N ILE B 319 -0.87 23.08 22.27
CA ILE B 319 -1.40 23.43 20.96
C ILE B 319 -2.90 23.23 20.95
N ASP B 320 -3.35 22.11 21.52
CA ASP B 320 -4.77 21.78 21.57
C ASP B 320 -5.56 22.86 22.31
N HIS B 321 -5.26 23.08 23.61
CA HIS B 321 -5.93 24.14 24.33
C HIS B 321 -5.82 25.49 23.63
N GLY B 322 -4.82 25.69 22.78
CA GLY B 322 -4.73 26.93 22.04
C GLY B 322 -5.78 27.01 20.94
N HIS B 323 -5.90 25.95 20.15
CA HIS B 323 -6.95 25.87 19.15
C HIS B 323 -8.33 25.86 19.79
N HIS B 324 -8.48 25.10 20.89
CA HIS B 324 -9.77 25.03 21.60
C HIS B 324 -10.26 26.42 22.00
N GLU B 325 -9.34 27.27 22.43
CA GLU B 325 -9.70 28.62 22.88
C GLU B 325 -9.76 29.60 21.72
N GLY B 326 -9.62 29.12 20.49
CA GLY B 326 -9.70 29.90 19.28
C GLY B 326 -8.57 30.89 19.07
N LYS B 327 -7.60 30.93 19.98
CA LYS B 327 -6.48 31.86 19.89
C LYS B 327 -5.36 31.20 19.11
N ALA B 328 -5.35 31.41 17.80
CA ALA B 328 -4.36 30.76 16.95
C ALA B 328 -2.95 31.19 17.30
N LYS B 329 -2.76 32.46 17.71
CA LYS B 329 -1.42 32.94 18.04
C LYS B 329 -0.81 32.16 19.19
N GLN B 330 -1.63 31.76 20.17
CA GLN B 330 -1.13 30.94 21.26
C GLN B 330 -0.71 29.56 20.75
N ALA B 331 -1.58 28.91 19.98
CA ALA B 331 -1.30 27.55 19.51
C ALA B 331 -0.07 27.51 18.61
N LEU B 332 0.01 28.44 17.65
CA LEU B 332 1.12 28.43 16.71
C LEU B 332 2.47 28.59 17.40
N HIS B 333 2.57 29.53 18.35
CA HIS B 333 3.81 29.69 19.09
C HIS B 333 4.15 28.42 19.87
N GLU B 334 3.12 27.76 20.42
CA GLU B 334 3.33 26.48 21.08
C GLU B 334 3.92 25.46 20.11
N ALA B 335 3.45 25.46 18.85
CA ALA B 335 3.94 24.49 17.87
C ALA B 335 5.40 24.76 17.51
N VAL B 336 5.76 26.03 17.30
CA VAL B 336 7.14 26.36 16.98
C VAL B 336 8.06 25.97 18.13
N GLU B 337 7.59 26.14 19.38
CA GLU B 337 8.39 25.72 20.52
C GLU B 337 8.67 24.23 20.50
N MET B 338 7.65 23.43 20.20
CA MET B 338 7.84 22.00 20.08
C MET B 338 8.85 21.68 18.98
N ASP B 339 8.78 22.41 17.86
CA ASP B 339 9.74 22.21 16.79
C ASP B 339 11.16 22.51 17.23
N ARG B 340 11.35 23.61 17.98
CA ARG B 340 12.67 23.88 18.55
C ARG B 340 13.15 22.71 19.41
N ALA B 341 12.26 22.15 20.23
CA ALA B 341 12.66 21.01 21.05
C ALA B 341 13.09 19.83 20.19
N ILE B 342 12.50 19.70 19.00
CA ILE B 342 12.91 18.65 18.07
C ILE B 342 14.33 18.89 17.61
N GLY B 343 14.67 20.14 17.30
CA GLY B 343 16.03 20.46 16.91
C GLY B 343 17.04 20.20 18.00
N GLN B 344 16.66 20.51 19.25
CA GLN B 344 17.55 20.25 20.38
C GLN B 344 17.85 18.76 20.49
N ALA B 345 16.81 17.93 20.49
CA ALA B 345 16.97 16.48 20.52
C ALA B 345 17.79 15.96 19.34
N GLY B 346 17.84 16.71 18.24
CA GLY B 346 18.59 16.26 17.08
C GLY B 346 20.10 16.26 17.26
N SER B 347 20.62 17.23 18.02
CA SER B 347 22.05 17.25 18.29
C SER B 347 22.44 16.32 19.44
N LEU B 348 21.52 16.01 20.36
CA LEU B 348 21.81 15.17 21.50
C LEU B 348 21.81 13.68 21.16
N THR B 349 21.26 13.29 20.03
CA THR B 349 21.21 11.90 19.60
C THR B 349 21.78 11.76 18.19
N SER B 350 22.09 10.51 17.86
CA SER B 350 22.59 10.15 16.54
C SER B 350 21.49 9.52 15.71
N SER B 351 21.46 9.85 14.43
CA SER B 351 20.47 9.26 13.53
C SER B 351 20.72 7.78 13.28
N GLU B 352 21.92 7.28 13.59
CA GLU B 352 22.21 5.88 13.36
C GLU B 352 21.49 4.96 14.33
N ASP B 353 21.36 5.37 15.60
CA ASP B 353 20.78 4.53 16.63
C ASP B 353 19.47 5.05 17.22
N THR B 354 19.09 6.29 16.94
CA THR B 354 17.90 6.87 17.55
C THR B 354 16.84 7.07 16.48
N LEU B 355 15.66 6.49 16.71
CA LEU B 355 14.51 6.65 15.82
C LEU B 355 13.62 7.75 16.39
N THR B 356 13.39 8.80 15.61
CA THR B 356 12.59 9.94 16.04
C THR B 356 11.32 10.00 15.20
N VAL B 357 10.19 10.17 15.86
CA VAL B 357 8.88 10.20 15.20
C VAL B 357 8.07 11.38 15.72
N VAL B 358 7.56 12.18 14.80
CA VAL B 358 6.69 13.32 15.10
C VAL B 358 5.35 13.09 14.43
N THR B 359 4.28 13.20 15.21
CA THR B 359 2.93 12.96 14.71
C THR B 359 1.98 13.86 15.51
N ALA B 360 0.69 13.66 15.31
CA ALA B 360 -0.35 14.38 16.02
C ALA B 360 -1.48 13.41 16.30
N ASP B 361 -2.25 13.68 17.36
CA ASP B 361 -3.36 12.79 17.68
C ASP B 361 -4.58 13.07 16.82
N HIS B 362 -4.81 14.33 16.47
CA HIS B 362 -5.95 14.74 15.66
C HIS B 362 -5.66 16.11 15.08
N SER B 363 -6.60 16.62 14.30
CA SER B 363 -6.51 17.94 13.70
C SER B 363 -7.53 18.88 14.36
N HIS B 364 -7.63 20.10 13.84
CA HIS B 364 -8.57 21.09 14.31
C HIS B 364 -9.25 21.73 13.11
N VAL B 365 -10.36 22.43 13.34
CA VAL B 365 -11.04 23.09 12.22
C VAL B 365 -10.38 24.45 12.00
N PHE B 366 -9.05 24.47 12.03
CA PHE B 366 -8.25 25.68 11.82
C PHE B 366 -7.77 25.73 10.38
N THR B 367 -8.13 26.79 9.66
CA THR B 367 -7.75 26.99 8.26
C THR B 367 -7.37 28.45 8.02
N PHE B 368 -6.41 28.66 7.11
CA PHE B 368 -5.99 30.00 6.72
C PHE B 368 -5.98 30.14 5.20
N GLY B 369 -6.62 31.19 4.72
CA GLY B 369 -6.69 31.45 3.30
C GLY B 369 -7.00 32.91 3.06
N GLY B 370 -7.35 33.21 1.82
CA GLY B 370 -7.70 34.55 1.40
C GLY B 370 -6.77 35.15 0.35
N TYR B 371 -6.00 34.33 -0.35
CA TYR B 371 -5.09 34.80 -1.41
C TYR B 371 -4.17 35.90 -0.90
N THR B 372 -3.61 35.69 0.29
CA THR B 372 -2.69 36.65 0.87
C THR B 372 -1.37 36.65 0.09
N PRO B 373 -0.69 37.79 0.02
CA PRO B 373 0.58 37.84 -0.69
C PRO B 373 1.69 37.17 0.11
N ARG B 374 2.80 36.93 -0.59
CA ARG B 374 3.97 36.33 0.05
C ARG B 374 4.40 37.19 1.23
N GLY B 375 4.62 36.55 2.38
CA GLY B 375 5.04 37.26 3.56
C GLY B 375 3.93 37.81 4.45
N ASN B 376 2.74 38.07 3.88
CA ASN B 376 1.60 38.50 4.69
C ASN B 376 1.57 37.73 6.00
N SER B 377 1.55 38.46 7.11
CA SER B 377 1.62 37.83 8.41
C SER B 377 0.58 36.72 8.52
N ILE B 378 0.96 35.63 9.20
CA ILE B 378 0.05 34.52 9.39
C ILE B 378 -1.13 34.94 10.26
N PHE B 379 -0.95 35.99 11.07
CA PHE B 379 -2.03 36.59 11.86
C PHE B 379 -2.59 37.84 11.19
N GLY B 380 -2.19 38.10 9.95
CA GLY B 380 -2.60 39.27 9.21
C GLY B 380 -3.97 39.12 8.57
N LEU B 381 -4.36 40.16 7.84
CA LEU B 381 -5.66 40.21 7.17
C LEU B 381 -5.54 39.80 5.71
N ALA B 382 -6.71 39.57 5.09
CA ALA B 382 -6.78 39.26 3.67
C ALA B 382 -6.47 40.50 2.84
N PRO B 383 -6.01 40.32 1.60
CA PRO B 383 -5.69 41.50 0.77
C PRO B 383 -6.88 42.38 0.47
N MET B 384 -8.04 41.80 0.18
CA MET B 384 -9.21 42.58 -0.15
C MET B 384 -10.36 42.23 0.78
N LEU B 385 -11.26 43.20 0.94
CA LEU B 385 -12.42 43.06 1.78
C LEU B 385 -13.40 42.11 1.12
N SER B 386 -14.30 41.53 1.92
CA SER B 386 -15.27 40.61 1.36
C SER B 386 -16.21 41.34 0.46
N ASP B 387 -16.58 40.69 -0.66
CA ASP B 387 -17.58 41.28 -1.55
C ASP B 387 -18.96 41.38 -0.90
N THR B 388 -19.25 40.57 0.11
CA THR B 388 -20.57 40.56 0.71
C THR B 388 -20.70 41.70 1.71
N ASP B 389 -20.23 41.50 2.94
CA ASP B 389 -20.42 42.52 3.98
C ASP B 389 -19.47 43.70 3.84
N LYS B 390 -18.61 43.72 2.83
CA LYS B 390 -17.72 44.84 2.57
C LYS B 390 -16.81 45.16 3.76
N LYS B 391 -16.49 44.14 4.56
CA LYS B 391 -15.61 44.26 5.72
C LYS B 391 -14.41 43.32 5.60
N PRO B 392 -13.25 43.72 6.12
CA PRO B 392 -12.07 42.86 6.04
C PRO B 392 -12.25 41.60 6.87
N PHE B 393 -11.37 40.63 6.61
CA PHE B 393 -11.40 39.38 7.36
C PHE B 393 -9.98 38.86 7.55
N THR B 394 -9.78 38.17 8.66
CA THR B 394 -8.46 37.65 8.97
C THR B 394 -8.12 36.50 8.04
N ALA B 395 -6.82 36.32 7.80
CA ALA B 395 -6.38 35.17 7.01
C ALA B 395 -6.72 33.86 7.72
N ILE B 396 -6.47 33.79 9.02
CA ILE B 396 -6.84 32.62 9.81
C ILE B 396 -8.33 32.69 10.14
N LEU B 397 -9.04 31.61 9.87
CA LEU B 397 -10.46 31.47 10.17
C LEU B 397 -10.71 30.06 10.69
N TYR B 398 -11.47 29.96 11.77
CA TYR B 398 -11.82 28.70 12.39
C TYR B 398 -13.19 28.24 11.92
N GLY B 399 -13.38 26.93 11.92
CA GLY B 399 -14.66 26.37 11.54
C GLY B 399 -15.75 26.63 12.54
N ASN B 400 -15.56 26.13 13.77
CA ASN B 400 -16.56 26.25 14.81
C ASN B 400 -15.91 26.60 16.16
N GLY B 401 -15.27 27.76 16.23
CA GLY B 401 -14.64 28.20 17.46
C GLY B 401 -15.44 29.25 18.19
N PRO B 402 -14.92 29.72 19.32
CA PRO B 402 -15.58 30.81 20.06
C PRO B 402 -15.40 32.19 19.43
N GLY B 403 -14.62 32.31 18.37
CA GLY B 403 -14.35 33.58 17.70
C GLY B 403 -15.51 34.18 16.97
N TYR B 404 -16.65 33.49 16.90
CA TYR B 404 -17.85 34.03 16.26
C TYR B 404 -18.29 35.31 16.97
N LYS B 405 -18.26 36.43 16.24
CA LYS B 405 -18.59 37.74 16.78
C LYS B 405 -19.56 38.45 15.86
N VAL B 406 -20.83 38.53 16.27
CA VAL B 406 -21.86 39.29 15.55
C VAL B 406 -22.29 40.43 16.46
N VAL B 407 -21.95 41.65 16.06
CA VAL B 407 -22.29 42.86 16.79
C VAL B 407 -23.55 43.43 16.14
N GLY B 408 -24.70 43.20 16.75
CA GLY B 408 -25.93 43.77 16.25
C GLY B 408 -26.26 43.40 14.83
N GLY B 409 -26.28 42.11 14.55
CA GLY B 409 -26.61 41.56 13.25
C GLY B 409 -25.52 41.55 12.20
N GLU B 410 -24.31 42.02 12.52
CA GLU B 410 -23.22 42.06 11.55
C GLU B 410 -21.97 41.48 12.18
N ARG B 411 -21.21 40.70 11.41
CA ARG B 411 -19.95 40.19 11.95
C ARG B 411 -18.99 41.35 12.23
N GLU B 412 -18.09 41.09 13.18
CA GLU B 412 -17.21 42.11 13.71
C GLU B 412 -16.28 42.69 12.64
N ASN B 413 -16.26 44.02 12.57
CA ASN B 413 -15.36 44.76 11.67
C ASN B 413 -13.95 44.71 12.26
N VAL B 414 -13.12 43.83 11.71
CA VAL B 414 -11.82 43.51 12.30
C VAL B 414 -10.81 44.63 12.20
N SER B 415 -11.07 45.67 11.40
CA SER B 415 -10.16 46.80 11.34
C SER B 415 -10.04 47.52 12.68
N MET B 416 -10.99 47.28 13.59
CA MET B 416 -11.07 47.95 14.87
C MET B 416 -10.53 47.11 16.02
N VAL B 417 -10.14 45.86 15.76
CA VAL B 417 -9.62 44.98 16.79
C VAL B 417 -8.13 44.78 16.57
N ASP B 418 -7.47 44.24 17.60
CA ASP B 418 -6.06 43.87 17.54
C ASP B 418 -5.99 42.39 17.16
N TYR B 419 -6.04 42.12 15.86
CA TYR B 419 -5.93 40.74 15.41
C TYR B 419 -4.57 40.15 15.68
N ALA B 420 -3.56 40.97 15.99
CA ALA B 420 -2.24 40.48 16.33
C ALA B 420 -2.05 40.21 17.82
N HIS B 421 -3.01 40.57 18.66
CA HIS B 421 -2.93 40.26 20.08
C HIS B 421 -2.80 38.75 20.28
N ASN B 422 -2.06 38.37 21.31
CA ASN B 422 -1.82 36.95 21.54
C ASN B 422 -3.11 36.20 21.82
N ASN B 423 -4.08 36.86 22.47
CA ASN B 423 -5.33 36.23 22.86
C ASN B 423 -6.49 36.59 21.93
N TYR B 424 -6.22 36.95 20.68
CA TYR B 424 -7.29 37.18 19.72
C TYR B 424 -7.79 35.84 19.18
N GLN B 425 -9.11 35.72 19.04
CA GLN B 425 -9.75 34.51 18.59
C GLN B 425 -10.32 34.75 17.20
N ALA B 426 -9.76 34.08 16.18
CA ALA B 426 -10.21 34.30 14.81
C ALA B 426 -11.67 33.91 14.65
N GLN B 427 -12.29 34.46 13.62
CA GLN B 427 -13.72 34.28 13.41
C GLN B 427 -14.05 32.85 13.04
N SER B 428 -15.28 32.45 13.33
CA SER B 428 -15.72 31.08 13.12
C SER B 428 -17.09 31.08 12.45
N ALA B 429 -17.44 29.93 11.90
CA ALA B 429 -18.72 29.76 11.24
C ALA B 429 -19.83 29.46 12.25
N VAL B 430 -19.50 28.70 13.30
CA VAL B 430 -20.47 28.31 14.31
C VAL B 430 -19.92 28.60 15.69
N PRO B 431 -20.63 29.37 16.53
CA PRO B 431 -20.13 29.70 17.87
C PRO B 431 -20.21 28.50 18.82
N LEU B 432 -19.11 28.20 19.49
CA LEU B 432 -19.05 27.21 20.55
C LEU B 432 -18.10 27.70 21.64
N ARG B 433 -18.33 27.21 22.86
CA ARG B 433 -17.45 27.52 23.98
C ARG B 433 -16.00 27.17 23.65
N HIS B 434 -15.80 25.97 23.13
CA HIS B 434 -14.50 25.51 22.66
C HIS B 434 -14.62 25.03 21.22
N GLU B 435 -13.58 25.30 20.45
CA GLU B 435 -13.51 24.81 19.09
C GLU B 435 -13.43 23.30 19.07
N THR B 436 -13.94 22.69 18.00
CA THR B 436 -13.94 21.24 17.91
C THR B 436 -12.65 20.74 17.28
N HIS B 437 -12.49 19.41 17.30
CA HIS B 437 -11.38 18.77 16.62
C HIS B 437 -11.64 18.67 15.13
N GLY B 438 -10.85 17.84 14.44
CA GLY B 438 -11.02 17.66 13.01
C GLY B 438 -10.81 16.23 12.61
N GLY B 439 -11.69 15.72 11.73
CA GLY B 439 -11.57 14.37 11.25
C GLY B 439 -10.44 14.16 10.26
N GLU B 440 -9.78 15.23 9.84
CA GLU B 440 -8.68 15.14 8.89
C GLU B 440 -7.56 14.25 9.43
N ASP B 441 -6.76 13.74 8.50
CA ASP B 441 -5.59 12.94 8.85
C ASP B 441 -4.41 13.82 9.25
N VAL B 442 -3.52 13.24 10.03
CA VAL B 442 -2.31 13.92 10.50
C VAL B 442 -1.09 13.26 9.87
N ALA B 443 0.01 13.99 9.89
CA ALA B 443 1.25 13.53 9.30
C ALA B 443 2.12 12.84 10.33
N VAL B 444 3.04 12.02 9.84
CA VAL B 444 3.98 11.26 10.67
C VAL B 444 5.34 11.43 10.01
N PHE B 445 6.19 12.26 10.59
CA PHE B 445 7.55 12.49 10.12
C PHE B 445 8.48 11.56 10.88
N SER B 446 9.36 10.87 10.15
CA SER B 446 10.20 9.85 10.77
C SER B 446 11.62 9.96 10.24
N LYS B 447 12.59 9.93 11.14
CA LYS B 447 14.00 9.90 10.80
C LYS B 447 14.69 8.91 11.71
N GLY B 448 15.67 8.20 11.16
CA GLY B 448 16.45 7.26 11.93
C GLY B 448 16.29 5.82 11.46
N PRO B 449 16.61 4.88 12.34
CA PRO B 449 16.59 3.46 11.96
C PRO B 449 15.17 2.97 11.70
N MET B 450 14.95 2.42 10.51
CA MET B 450 13.69 1.81 10.09
C MET B 450 12.58 2.86 9.95
N ALA B 451 12.94 4.14 9.89
CA ALA B 451 11.96 5.20 9.71
C ALA B 451 11.23 5.10 8.38
N HIS B 452 11.85 4.46 7.38
CA HIS B 452 11.18 4.26 6.10
C HIS B 452 9.98 3.33 6.18
N LEU B 453 9.71 2.71 7.34
CA LEU B 453 8.58 1.81 7.47
C LEU B 453 7.29 2.53 7.79
N LEU B 454 7.38 3.80 8.20
CA LEU B 454 6.19 4.61 8.43
C LEU B 454 5.90 5.37 7.13
N HIS B 455 5.46 4.60 6.15
CA HIS B 455 5.20 5.09 4.80
C HIS B 455 3.70 5.19 4.56
N GLY B 456 3.33 5.90 3.50
CA GLY B 456 1.94 5.87 3.01
C GLY B 456 0.89 6.26 4.06
N VAL B 457 -0.35 5.97 3.70
CA VAL B 457 -1.51 6.25 4.56
C VAL B 457 -1.92 4.95 5.24
N HIS B 458 -1.79 4.91 6.56
CA HIS B 458 -2.16 3.74 7.37
C HIS B 458 -2.98 4.20 8.57
N GLU B 459 -3.37 3.24 9.39
CA GLU B 459 -4.13 3.53 10.59
C GLU B 459 -3.20 4.12 11.66
N GLN B 460 -3.80 4.69 12.70
CA GLN B 460 -3.02 5.30 13.78
C GLN B 460 -2.40 4.25 14.70
N ASN B 461 -3.05 3.08 14.85
CA ASN B 461 -2.50 2.04 15.70
C ASN B 461 -1.19 1.48 15.16
N TYR B 462 -0.80 1.83 13.93
CA TYR B 462 0.39 1.25 13.32
C TYR B 462 1.68 1.90 13.79
N VAL B 463 1.64 3.17 14.22
CA VAL B 463 2.87 3.88 14.59
C VAL B 463 3.68 3.13 15.65
N PRO B 464 3.12 2.70 16.78
CA PRO B 464 3.96 2.04 17.79
C PRO B 464 4.51 0.69 17.36
N HIS B 465 3.84 0.00 16.43
CA HIS B 465 4.36 -1.29 15.95
C HIS B 465 5.65 -1.13 15.18
N VAL B 466 5.85 0.01 14.50
CA VAL B 466 7.11 0.28 13.83
C VAL B 466 8.21 0.55 14.84
N MET B 467 7.93 1.44 15.78
CA MET B 467 8.91 1.80 16.80
C MET B 467 9.35 0.56 17.58
N ALA B 468 8.38 -0.25 18.02
CA ALA B 468 8.70 -1.47 18.76
C ALA B 468 9.52 -2.45 17.91
N TYR B 469 9.20 -2.56 16.63
CA TYR B 469 9.96 -3.47 15.77
C TYR B 469 11.38 -2.99 15.58
N ALA B 470 11.56 -1.68 15.38
CA ALA B 470 12.89 -1.12 15.19
C ALA B 470 13.73 -1.23 16.46
N ALA B 471 13.12 -1.02 17.62
CA ALA B 471 13.83 -1.07 18.88
C ALA B 471 13.99 -2.49 19.42
N CYS B 472 13.43 -3.47 18.73
CA CYS B 472 13.50 -4.88 19.14
C CYS B 472 12.84 -5.08 20.50
N ILE B 473 11.71 -4.42 20.70
CA ILE B 473 10.89 -4.57 21.89
C ILE B 473 9.50 -5.03 21.45
N GLY B 474 8.67 -5.34 22.44
CA GLY B 474 7.31 -5.76 22.16
C GLY B 474 7.22 -7.22 21.77
N ALA B 475 6.20 -7.53 20.96
CA ALA B 475 5.93 -8.91 20.58
C ALA B 475 6.86 -9.38 19.46
N ASN B 476 6.99 -8.57 18.41
CA ASN B 476 7.78 -8.94 17.24
C ASN B 476 9.18 -8.39 17.44
N LEU B 477 10.09 -9.24 17.91
CA LEU B 477 11.50 -8.90 18.05
C LEU B 477 12.34 -9.46 16.92
N GLY B 478 11.76 -9.59 15.73
CA GLY B 478 12.44 -10.22 14.62
C GLY B 478 13.53 -9.39 13.99
N HIS B 479 13.54 -8.09 14.26
CA HIS B 479 14.60 -7.24 13.70
C HIS B 479 15.96 -7.64 14.25
N CYS B 480 16.02 -8.15 15.48
CA CYS B 480 17.26 -8.69 16.00
C CYS B 480 17.16 -10.21 16.07
N ALA B 481 16.82 -10.83 14.95
CA ALA B 481 16.71 -12.28 14.92
C ALA B 481 18.11 -12.88 14.91
N PRO B 482 18.40 -13.88 15.75
CA PRO B 482 19.71 -14.54 15.80
C PRO B 482 20.04 -15.33 14.52
N LEU C 1 22.16 45.15 -3.87
CA LEU C 1 21.18 44.14 -3.50
C LEU C 1 20.26 44.71 -2.43
N VAL C 2 20.77 44.79 -1.20
CA VAL C 2 20.10 45.33 -0.01
C VAL C 2 18.78 44.63 0.23
N PRO C 3 18.80 43.49 0.91
CA PRO C 3 17.55 42.78 1.23
C PRO C 3 16.64 43.66 2.07
N GLU C 4 15.33 43.53 1.84
CA GLU C 4 14.40 44.45 2.45
C GLU C 4 14.41 44.33 3.98
N LYS C 5 14.62 43.13 4.51
CA LYS C 5 14.73 42.95 5.95
C LYS C 5 15.97 43.63 6.52
N GLU C 6 17.07 43.63 5.77
CA GLU C 6 18.31 44.22 6.23
C GLU C 6 18.26 45.74 6.19
N LYS C 7 17.16 46.30 5.71
CA LYS C 7 16.95 47.74 5.72
C LYS C 7 16.31 48.20 7.03
N ASP C 8 15.67 47.27 7.76
CA ASP C 8 15.02 47.50 9.03
C ASP C 8 15.98 47.19 10.17
N PRO C 9 16.22 48.15 11.07
CA PRO C 9 17.16 47.88 12.18
C PRO C 9 16.72 46.77 13.11
N LYS C 10 15.43 46.72 13.45
CA LYS C 10 14.91 45.67 14.33
C LYS C 10 15.35 44.28 13.90
N TYR C 11 15.51 44.06 12.59
CA TYR C 11 16.00 42.76 12.12
C TYR C 11 17.37 42.44 12.71
N TRP C 12 18.32 43.36 12.54
CA TRP C 12 19.66 43.12 13.06
C TRP C 12 19.66 43.02 14.58
N ARG C 13 18.88 43.89 15.25
CA ARG C 13 18.87 43.89 16.71
C ARG C 13 18.33 42.57 17.26
N ASP C 14 17.17 42.14 16.78
CA ASP C 14 16.64 40.84 17.19
C ASP C 14 17.62 39.73 16.91
N GLN C 15 18.31 39.80 15.77
CA GLN C 15 19.30 38.78 15.42
C GLN C 15 20.44 38.73 16.43
N ALA C 16 20.98 39.89 16.80
CA ALA C 16 22.07 39.92 17.77
C ALA C 16 21.59 39.43 19.13
N GLN C 17 20.40 39.84 19.55
CA GLN C 17 19.86 39.40 20.84
C GLN C 17 19.67 37.89 20.85
N GLU C 18 19.22 37.32 19.72
CA GLU C 18 19.08 35.88 19.61
C GLU C 18 20.43 35.18 19.78
N THR C 19 21.48 35.72 19.17
CA THR C 19 22.81 35.16 19.39
C THR C 19 23.22 35.30 20.85
N LEU C 20 22.84 36.41 21.49
CA LEU C 20 23.16 36.63 22.90
C LEU C 20 22.44 35.61 23.78
N LYS C 21 21.17 35.29 23.45
CA LYS C 21 20.42 34.32 24.25
C LYS C 21 21.15 32.99 24.31
N TYR C 22 21.59 32.49 23.15
CA TYR C 22 22.34 31.23 23.09
C TYR C 22 23.69 31.36 23.79
N ALA C 23 24.36 32.52 23.61
CA ALA C 23 25.61 32.79 24.29
C ALA C 23 25.44 32.66 25.80
N LEU C 24 24.33 33.15 26.34
CA LEU C 24 24.07 33.03 27.77
C LEU C 24 23.81 31.59 28.16
N GLU C 25 23.16 30.82 27.27
CA GLU C 25 22.92 29.42 27.51
C GLU C 25 24.22 28.62 27.50
N LEU C 26 25.20 29.08 26.73
CA LEU C 26 26.51 28.45 26.62
C LEU C 26 27.38 28.69 27.83
N GLN C 27 26.88 29.45 28.81
CA GLN C 27 27.63 29.62 30.05
C GLN C 27 27.67 28.35 30.86
N LYS C 28 26.59 27.56 30.81
CA LYS C 28 26.59 26.19 31.31
C LYS C 28 27.39 25.32 30.36
N LEU C 29 28.53 24.84 30.82
CA LEU C 29 29.51 24.21 29.95
C LEU C 29 29.28 22.70 29.82
N ASN C 30 29.84 22.15 28.74
CA ASN C 30 29.79 20.71 28.49
C ASN C 30 31.05 20.12 29.10
N THR C 31 30.97 19.74 30.36
CA THR C 31 32.09 19.14 31.06
C THR C 31 32.10 17.63 30.96
N ASN C 32 31.31 17.06 30.08
CA ASN C 32 31.20 15.62 29.94
C ASN C 32 32.49 15.05 29.36
N VAL C 33 32.66 13.74 29.55
CA VAL C 33 33.81 13.05 28.98
C VAL C 33 33.61 12.87 27.48
N ALA C 34 34.70 12.94 26.73
CA ALA C 34 34.66 12.78 25.28
C ALA C 34 34.87 11.31 24.93
N LYS C 35 33.76 10.58 24.74
CA LYS C 35 33.87 9.21 24.25
C LYS C 35 34.41 9.16 22.82
N ASN C 36 34.12 10.18 22.01
CA ASN C 36 34.59 10.23 20.63
C ASN C 36 35.26 11.57 20.35
N VAL C 37 36.27 11.54 19.48
CA VAL C 37 36.97 12.75 19.05
C VAL C 37 37.18 12.68 17.54
N ILE C 38 36.67 13.67 16.82
CA ILE C 38 36.84 13.76 15.37
C ILE C 38 37.58 15.06 15.08
N MET C 39 38.62 14.99 14.28
CA MET C 39 39.42 16.17 13.97
C MET C 39 39.42 16.38 12.46
N PHE C 40 38.82 17.50 12.02
CA PHE C 40 38.85 17.93 10.63
C PHE C 40 39.98 18.93 10.44
N LEU C 41 40.80 18.69 9.43
CA LEU C 41 41.89 19.59 9.07
C LEU C 41 41.74 20.05 7.63
N GLY C 42 41.48 21.34 7.46
CA GLY C 42 41.53 21.93 6.14
C GLY C 42 42.96 22.26 5.76
N ASP C 43 43.57 21.43 4.92
CA ASP C 43 44.96 21.65 4.52
C ASP C 43 45.11 22.97 3.78
N GLY C 44 45.66 23.97 4.46
CA GLY C 44 45.76 25.28 3.85
C GLY C 44 44.53 26.13 3.99
N MET C 45 43.71 25.87 5.00
CA MET C 45 42.42 26.55 5.15
C MET C 45 42.60 27.75 6.09
N GLY C 46 43.08 28.87 5.51
CA GLY C 46 43.23 30.09 6.27
C GLY C 46 41.90 30.77 6.55
N VAL C 47 41.94 31.78 7.42
CA VAL C 47 40.72 32.55 7.73
C VAL C 47 40.19 33.23 6.48
N SER C 48 41.10 33.68 5.59
CA SER C 48 40.67 34.20 4.29
C SER C 48 40.02 33.11 3.45
N THR C 49 40.51 31.88 3.56
CA THR C 49 39.98 30.79 2.75
C THR C 49 38.57 30.41 3.21
N VAL C 50 38.34 30.32 4.52
CA VAL C 50 37.01 29.94 5.01
C VAL C 50 35.98 31.01 4.67
N THR C 51 36.34 32.29 4.76
CA THR C 51 35.40 33.35 4.44
C THR C 51 34.94 33.25 2.99
N ALA C 52 35.88 33.01 2.07
CA ALA C 52 35.50 32.86 0.67
C ALA C 52 34.64 31.63 0.47
N ALA C 53 34.97 30.53 1.16
CA ALA C 53 34.17 29.30 1.06
C ALA C 53 32.74 29.52 1.57
N ARG C 54 32.56 30.41 2.55
CA ARG C 54 31.21 30.76 2.97
C ARG C 54 30.45 31.45 1.84
N ILE C 55 31.11 32.40 1.17
CA ILE C 55 30.48 33.10 0.05
C ILE C 55 30.11 32.09 -1.04
N LEU C 56 31.01 31.15 -1.32
CA LEU C 56 30.81 30.19 -2.40
C LEU C 56 29.61 29.29 -2.12
N LYS C 57 29.57 28.68 -0.93
CA LYS C 57 28.47 27.79 -0.57
C LYS C 57 27.12 28.47 -0.76
N GLY C 58 26.98 29.68 -0.24
CA GLY C 58 25.72 30.39 -0.38
C GLY C 58 25.42 30.77 -1.82
N GLN C 59 26.46 31.11 -2.58
CA GLN C 59 26.25 31.47 -3.98
C GLN C 59 25.87 30.25 -4.81
N LEU C 60 26.32 29.06 -4.42
CA LEU C 60 25.86 27.84 -5.07
C LEU C 60 24.38 27.60 -4.85
N HIS C 61 23.78 28.27 -3.87
CA HIS C 61 22.35 28.24 -3.64
C HIS C 61 21.66 29.52 -4.14
N HIS C 62 22.33 30.28 -5.01
CA HIS C 62 21.77 31.49 -5.61
C HIS C 62 21.48 32.55 -4.56
N ASN C 63 22.31 32.58 -3.52
CA ASN C 63 22.29 33.55 -2.46
C ASN C 63 23.49 34.46 -2.59
N PRO C 64 23.45 35.65 -2.01
CA PRO C 64 24.64 36.51 -2.03
C PRO C 64 25.88 35.82 -1.47
N GLY C 65 25.72 34.99 -0.44
CA GLY C 65 26.78 34.17 0.09
C GLY C 65 27.29 34.63 1.44
N GLU C 66 27.32 35.95 1.66
CA GLU C 66 27.89 36.51 2.89
C GLU C 66 27.08 36.08 4.12
N GLU C 67 25.76 36.12 4.01
CA GLU C 67 24.89 35.77 5.14
C GLU C 67 24.85 34.27 5.38
N THR C 68 25.43 33.48 4.50
CA THR C 68 25.48 32.04 4.67
C THR C 68 26.30 31.68 5.89
N ARG C 69 26.02 30.51 6.46
CA ARG C 69 26.73 30.01 7.63
C ARG C 69 27.29 28.62 7.32
N LEU C 70 28.61 28.50 7.32
CA LEU C 70 29.27 27.21 7.17
C LEU C 70 28.97 26.32 8.36
N GLU C 71 29.05 25.00 8.14
CA GLU C 71 28.87 24.05 9.24
C GLU C 71 29.89 24.28 10.35
N MET C 72 31.10 24.72 9.99
CA MET C 72 32.10 25.05 11.00
C MET C 72 31.81 26.37 11.68
N ASP C 73 31.12 27.29 10.99
CA ASP C 73 30.72 28.54 11.63
C ASP C 73 29.73 28.30 12.77
N LYS C 74 29.02 27.17 12.74
CA LYS C 74 28.08 26.84 13.81
C LYS C 74 28.77 26.21 15.01
N PHE C 75 30.06 25.93 14.92
CA PHE C 75 30.78 25.48 16.10
C PHE C 75 30.84 26.63 17.10
N PRO C 76 30.63 26.35 18.39
CA PRO C 76 30.50 27.45 19.35
C PRO C 76 31.80 28.13 19.69
N PHE C 77 32.94 27.43 19.67
CA PHE C 77 34.17 27.98 20.20
C PHE C 77 35.20 28.14 19.09
N VAL C 78 35.79 29.33 19.03
CA VAL C 78 36.78 29.68 18.03
C VAL C 78 38.03 30.16 18.76
N ALA C 79 39.19 29.78 18.23
CA ALA C 79 40.46 30.18 18.82
C ALA C 79 41.52 30.18 17.72
N LEU C 80 42.49 31.05 17.87
CA LEU C 80 43.56 31.06 16.88
C LEU C 80 44.70 30.20 17.37
N SER C 81 45.50 29.70 16.43
CA SER C 81 46.66 28.89 16.77
C SER C 81 47.83 29.36 15.95
N LYS C 82 49.01 29.50 16.56
CA LYS C 82 50.17 30.00 15.85
C LYS C 82 50.90 28.84 15.20
N THR C 83 51.08 28.95 13.89
CA THR C 83 51.48 27.84 13.03
C THR C 83 52.99 27.74 12.84
N TYR C 84 53.76 28.72 13.33
CA TYR C 84 55.19 28.75 13.05
C TYR C 84 55.85 27.43 13.44
N ASN C 85 56.78 26.98 12.62
CA ASN C 85 57.60 25.84 12.98
C ASN C 85 58.87 26.29 13.67
N THR C 86 59.54 25.32 14.30
CA THR C 86 60.84 25.59 14.91
C THR C 86 61.85 26.08 13.89
N ASN C 87 61.73 25.67 12.62
CA ASN C 87 62.69 26.11 11.62
C ASN C 87 62.22 27.31 10.80
N ALA C 88 60.93 27.40 10.48
CA ALA C 88 60.43 28.33 9.49
C ALA C 88 59.22 29.10 10.00
N GLN C 89 59.20 30.41 9.71
CA GLN C 89 58.00 31.21 9.99
C GLN C 89 56.79 30.70 9.19
N VAL C 90 56.96 30.52 7.89
CA VAL C 90 55.91 29.94 7.05
C VAL C 90 56.13 28.43 7.05
N PRO C 91 55.31 27.66 7.76
CA PRO C 91 55.61 26.25 7.99
C PRO C 91 55.19 25.36 6.83
N ASP C 92 55.57 24.09 6.92
CA ASP C 92 55.08 23.12 5.97
C ASP C 92 53.98 22.28 6.62
N SER C 93 53.41 21.37 5.83
CA SER C 93 52.33 20.52 6.31
C SER C 93 52.82 19.39 7.21
N ALA C 94 54.09 19.00 7.10
CA ALA C 94 54.59 17.87 7.89
C ALA C 94 54.91 18.30 9.31
N GLY C 95 55.67 19.40 9.46
CA GLY C 95 56.01 19.87 10.79
C GLY C 95 54.81 20.28 11.61
N THR C 96 53.89 21.06 11.00
CA THR C 96 52.65 21.39 11.68
C THR C 96 51.89 20.14 12.08
N ALA C 97 51.90 19.11 11.22
CA ALA C 97 51.19 17.88 11.53
C ALA C 97 51.66 17.29 12.85
N THR C 98 52.97 17.30 13.10
CA THR C 98 53.48 16.86 14.39
C THR C 98 52.93 17.72 15.53
N ALA C 99 52.66 19.00 15.27
CA ALA C 99 52.20 19.90 16.32
C ALA C 99 50.78 19.57 16.76
N TYR C 100 49.80 19.71 15.85
CA TYR C 100 48.41 19.53 16.23
C TYR C 100 48.02 18.06 16.43
N LEU C 101 48.92 17.11 16.14
CA LEU C 101 48.67 15.70 16.39
C LEU C 101 49.45 15.15 17.57
N CYS C 102 50.75 15.46 17.67
CA CYS C 102 51.58 14.91 18.73
C CYS C 102 51.79 15.84 19.91
N GLY C 103 51.45 17.13 19.78
CA GLY C 103 51.60 18.04 20.89
C GLY C 103 52.97 18.64 21.04
N VAL C 104 53.84 18.50 20.03
CA VAL C 104 55.19 19.03 20.06
C VAL C 104 55.46 19.67 18.71
N LYS C 105 56.13 20.81 18.73
CA LYS C 105 56.53 21.46 17.50
C LYS C 105 57.83 20.84 16.99
N ALA C 106 57.94 20.75 15.67
CA ALA C 106 59.06 20.04 15.07
C ALA C 106 59.58 20.88 13.92
N ASN C 107 60.64 20.38 13.30
CA ASN C 107 61.24 21.10 12.20
C ASN C 107 60.42 20.86 10.93
N GLU C 108 60.50 21.81 9.99
CA GLU C 108 59.74 21.66 8.76
C GLU C 108 60.32 20.49 7.96
N GLY C 109 59.43 19.65 7.43
CA GLY C 109 59.81 18.47 6.69
C GLY C 109 59.85 17.18 7.49
N THR C 110 60.01 17.26 8.80
CA THR C 110 60.05 16.06 9.63
C THR C 110 58.63 15.62 9.99
N VAL C 111 58.49 14.34 10.33
CA VAL C 111 57.18 13.76 10.65
C VAL C 111 57.34 12.89 11.89
N GLY C 112 56.56 13.22 12.93
CA GLY C 112 56.52 12.39 14.12
C GLY C 112 57.77 12.40 14.97
N VAL C 113 58.65 13.38 14.78
CA VAL C 113 59.89 13.47 15.56
C VAL C 113 60.10 14.90 16.03
N SER C 114 60.81 15.03 17.14
CA SER C 114 61.01 16.32 17.79
C SER C 114 61.94 17.20 16.97
N ALA C 115 62.22 18.39 17.49
CA ALA C 115 63.10 19.34 16.81
C ALA C 115 64.56 18.93 16.85
N ALA C 116 64.91 17.88 17.60
CA ALA C 116 66.28 17.40 17.59
C ALA C 116 66.60 16.59 16.33
N THR C 117 65.62 15.94 15.74
CA THR C 117 65.84 15.25 14.48
C THR C 117 65.98 16.28 13.38
N GLU C 118 67.06 16.19 12.61
CA GLU C 118 67.27 17.10 11.50
C GLU C 118 66.80 16.43 10.21
N ARG C 119 66.32 17.24 9.27
CA ARG C 119 65.74 16.73 8.04
C ARG C 119 66.72 15.86 7.27
N SER C 120 66.26 14.68 6.86
CA SER C 120 66.97 13.68 6.06
C SER C 120 68.07 12.97 6.85
N ARG C 121 68.23 13.28 8.12
CA ARG C 121 69.26 12.70 8.98
C ARG C 121 68.65 11.50 9.68
N CYS C 122 68.81 10.31 9.07
CA CYS C 122 68.19 9.12 9.63
C CYS C 122 68.74 8.76 11.01
N ASN C 123 70.01 9.06 11.28
CA ASN C 123 70.60 8.69 12.57
C ASN C 123 70.15 9.59 13.72
N THR C 124 69.44 10.68 13.44
CA THR C 124 68.94 11.56 14.50
C THR C 124 67.51 11.24 14.88
N THR C 125 66.89 10.26 14.21
CA THR C 125 65.51 9.89 14.52
C THR C 125 65.41 9.23 15.88
N GLN C 126 66.26 8.24 16.15
CA GLN C 126 66.20 7.46 17.37
C GLN C 126 66.22 8.35 18.61
N GLY C 127 65.36 8.01 19.58
CA GLY C 127 65.26 8.77 20.81
C GLY C 127 64.41 10.02 20.73
N ASN C 128 64.17 10.53 19.53
CA ASN C 128 63.42 11.77 19.35
C ASN C 128 62.02 11.53 18.78
N GLU C 129 61.50 10.32 18.95
CA GLU C 129 60.19 9.97 18.42
C GLU C 129 59.10 10.51 19.33
N VAL C 130 58.04 11.06 18.74
CA VAL C 130 56.92 11.58 19.52
C VAL C 130 55.63 10.97 18.98
N THR C 131 54.81 10.42 19.87
CA THR C 131 53.56 9.77 19.47
C THR C 131 52.45 10.81 19.25
N SER C 132 51.44 10.40 18.48
CA SER C 132 50.30 11.27 18.16
C SER C 132 49.09 10.89 19.00
N ILE C 133 48.07 11.76 18.97
CA ILE C 133 46.83 11.51 19.71
C ILE C 133 46.15 10.23 19.23
N LEU C 134 46.37 9.87 17.97
CA LEU C 134 45.84 8.60 17.47
C LEU C 134 46.39 7.42 18.26
N ARG C 135 47.71 7.39 18.47
CA ARG C 135 48.30 6.31 19.24
C ARG C 135 47.72 6.29 20.65
N TRP C 136 47.59 7.46 21.28
CA TRP C 136 47.02 7.53 22.63
C TRP C 136 45.61 6.96 22.64
N ALA C 137 44.85 7.18 21.56
CA ALA C 137 43.49 6.67 21.49
C ALA C 137 43.46 5.16 21.34
N LYS C 138 44.28 4.61 20.44
CA LYS C 138 44.29 3.17 20.25
C LYS C 138 44.85 2.44 21.46
N ASP C 139 45.78 3.07 22.19
CA ASP C 139 46.25 2.52 23.45
C ASP C 139 45.17 2.50 24.50
N ALA C 140 44.14 3.34 24.35
CA ALA C 140 42.99 3.34 25.24
C ALA C 140 41.85 2.46 24.75
N GLY C 141 42.04 1.72 23.66
CA GLY C 141 41.04 0.80 23.15
C GLY C 141 40.10 1.40 22.14
N LYS C 142 40.06 2.72 22.05
CA LYS C 142 39.17 3.42 21.15
C LYS C 142 39.56 3.11 19.71
N SER C 143 38.58 3.07 18.81
CA SER C 143 38.89 2.85 17.41
C SER C 143 39.54 4.09 16.80
N VAL C 144 40.40 3.87 15.81
CA VAL C 144 41.11 4.97 15.18
C VAL C 144 40.91 4.86 13.68
N GLY C 145 40.88 6.00 13.03
CA GLY C 145 40.62 6.05 11.60
C GLY C 145 41.29 7.27 11.00
N ILE C 146 41.74 7.11 9.76
CA ILE C 146 42.40 8.18 9.02
C ILE C 146 41.70 8.27 7.68
N VAL C 147 41.09 9.43 7.39
CA VAL C 147 40.40 9.65 6.13
C VAL C 147 40.96 10.90 5.48
N THR C 148 41.37 10.77 4.22
CA THR C 148 41.99 11.86 3.48
C THR C 148 41.76 11.64 1.99
N THR C 149 41.82 12.74 1.23
CA THR C 149 41.83 12.67 -0.22
C THR C 149 43.24 12.67 -0.79
N THR C 150 44.24 12.98 0.02
CA THR C 150 45.61 12.87 -0.43
C THR C 150 46.13 11.47 -0.13
N ARG C 151 47.35 11.18 -0.58
CA ARG C 151 47.96 9.90 -0.27
C ARG C 151 47.86 9.62 1.23
N VAL C 152 47.63 8.35 1.56
CA VAL C 152 47.50 7.99 2.97
C VAL C 152 48.82 8.23 3.67
N ASN C 153 49.90 8.28 2.91
CA ASN C 153 51.24 8.52 3.41
C ASN C 153 51.72 9.94 3.18
N HIS C 154 50.81 10.84 2.77
CA HIS C 154 51.16 12.25 2.62
C HIS C 154 51.52 12.83 3.99
N ALA C 155 51.93 14.10 4.02
CA ALA C 155 52.48 14.68 5.23
C ALA C 155 51.43 14.77 6.34
N THR C 156 50.24 15.28 6.01
CA THR C 156 49.22 15.51 7.04
C THR C 156 48.81 14.23 7.75
N PRO C 157 48.43 13.12 7.05
CA PRO C 157 48.07 11.90 7.78
C PRO C 157 49.25 11.11 8.33
N SER C 158 50.44 11.26 7.72
CA SER C 158 51.57 10.45 8.13
C SER C 158 51.97 10.72 9.57
N ALA C 159 51.74 11.94 10.07
CA ALA C 159 52.11 12.25 11.45
C ALA C 159 51.28 11.50 12.46
N ALA C 160 50.15 10.91 12.05
CA ALA C 160 49.34 10.14 12.97
C ALA C 160 50.03 8.83 13.35
N TYR C 161 50.74 8.21 12.42
CA TYR C 161 51.31 6.90 12.63
C TYR C 161 52.84 6.81 12.49
N ALA C 162 53.46 7.69 11.72
CA ALA C 162 54.86 7.54 11.32
C ALA C 162 55.79 8.45 12.11
N HIS C 163 57.08 8.05 12.16
CA HIS C 163 58.18 8.87 12.71
C HIS C 163 59.33 8.77 11.71
N SER C 164 59.36 9.69 10.75
CA SER C 164 60.37 9.70 9.70
C SER C 164 61.06 11.07 9.68
N ALA C 165 62.33 11.06 9.28
CA ALA C 165 63.13 12.28 9.24
C ALA C 165 62.88 13.12 7.99
N ASP C 166 62.14 12.60 7.02
CA ASP C 166 61.88 13.33 5.78
C ASP C 166 60.49 12.97 5.27
N ARG C 167 59.70 13.99 4.92
CA ARG C 167 58.34 13.72 4.45
C ARG C 167 58.30 13.16 3.04
N ASP C 168 59.35 13.37 2.25
CA ASP C 168 59.40 12.90 0.87
C ASP C 168 59.63 11.40 0.77
N TRP C 169 59.90 10.73 1.89
CA TRP C 169 60.18 9.30 1.90
C TRP C 169 58.88 8.51 1.98
N TYR C 170 58.04 8.70 0.96
CA TYR C 170 56.75 8.01 0.89
C TYR C 170 56.94 6.50 0.99
N SER C 171 57.67 5.96 0.03
CA SER C 171 58.02 4.55 0.00
C SER C 171 59.53 4.40 -0.13
N ASP C 172 60.01 3.17 -0.04
CA ASP C 172 61.44 2.90 -0.11
C ASP C 172 62.05 3.34 -1.43
N ASN C 173 61.23 3.50 -2.46
CA ASN C 173 61.74 3.85 -3.78
C ASN C 173 62.33 5.25 -3.79
N GLU C 174 61.71 6.19 -3.07
CA GLU C 174 62.18 7.56 -3.02
C GLU C 174 63.23 7.80 -1.95
N MET C 175 63.55 6.78 -1.15
CA MET C 175 64.55 6.94 -0.09
C MET C 175 65.95 6.68 -0.63
N PRO C 176 66.90 7.52 -0.22
CA PRO C 176 68.29 7.31 -0.63
C PRO C 176 68.87 6.09 0.05
N PRO C 177 69.94 5.51 -0.51
CA PRO C 177 70.50 4.28 0.07
C PRO C 177 71.03 4.45 1.49
N GLU C 178 71.71 5.57 1.76
CA GLU C 178 72.29 5.80 3.08
C GLU C 178 71.22 5.72 4.17
N ALA C 179 70.05 6.29 3.92
CA ALA C 179 68.97 6.23 4.91
C ALA C 179 68.61 4.77 5.23
N LEU C 180 68.37 3.96 4.18
CA LEU C 180 68.10 2.54 4.38
C LEU C 180 69.25 1.83 5.09
N SER C 181 70.49 2.25 4.84
CA SER C 181 71.62 1.58 5.47
C SER C 181 71.60 1.79 6.98
N GLN C 182 71.08 2.93 7.43
CA GLN C 182 70.97 3.21 8.85
C GLN C 182 69.75 2.55 9.50
N GLY C 183 68.91 1.88 8.73
CA GLY C 183 67.76 1.17 9.27
C GLY C 183 66.44 1.92 9.20
N CYS C 184 66.40 3.06 8.54
CA CYS C 184 65.16 3.83 8.44
C CYS C 184 64.17 3.19 7.48
N LYS C 185 62.90 3.20 7.86
CA LYS C 185 61.84 2.68 7.03
C LYS C 185 60.90 3.77 6.57
N ASP C 186 60.40 3.60 5.34
CA ASP C 186 59.54 4.56 4.68
C ASP C 186 58.19 4.66 5.38
N ILE C 187 57.45 5.71 4.99
CA ILE C 187 56.17 5.98 5.62
C ILE C 187 55.16 4.86 5.33
N ALA C 188 55.08 4.44 4.06
CA ALA C 188 54.15 3.38 3.69
C ALA C 188 54.35 2.13 4.54
N TYR C 189 55.61 1.70 4.69
CA TYR C 189 55.93 0.60 5.59
C TYR C 189 55.44 0.88 7.01
N GLN C 190 55.68 2.10 7.51
CA GLN C 190 55.31 2.43 8.88
C GLN C 190 53.80 2.50 9.09
N LEU C 191 53.03 2.71 8.03
CA LEU C 191 51.58 2.71 8.16
C LEU C 191 51.09 1.35 8.63
N MET C 192 51.58 0.27 8.01
CA MET C 192 51.14 -1.07 8.39
C MET C 192 51.85 -1.58 9.63
N HIS C 193 53.09 -1.18 9.87
CA HIS C 193 53.90 -1.81 10.90
C HIS C 193 53.84 -1.11 12.25
N ASN C 194 53.84 0.22 12.27
CA ASN C 194 53.87 0.95 13.54
C ASN C 194 52.64 0.63 14.38
N ILE C 195 51.45 0.94 13.86
CA ILE C 195 50.20 0.63 14.52
C ILE C 195 49.48 -0.40 13.65
N ARG C 196 49.41 -1.64 14.13
CA ARG C 196 48.80 -2.71 13.35
C ARG C 196 47.27 -2.68 13.44
N ASP C 197 46.72 -2.20 14.55
CA ASP C 197 45.29 -2.23 14.77
C ASP C 197 44.61 -0.93 14.39
N ILE C 198 45.09 -0.26 13.33
CA ILE C 198 44.38 0.88 12.76
C ILE C 198 43.13 0.39 12.07
N ASP C 199 41.97 0.86 12.54
CA ASP C 199 40.70 0.30 12.09
C ASP C 199 40.38 0.74 10.66
N VAL C 200 40.34 2.04 10.40
CA VAL C 200 39.95 2.59 9.10
C VAL C 200 41.10 3.42 8.53
N ILE C 201 41.34 3.25 7.22
CA ILE C 201 42.36 4.00 6.48
C ILE C 201 41.80 4.27 5.09
N MET C 202 41.64 5.54 4.73
CA MET C 202 41.12 5.89 3.42
C MET C 202 41.93 7.02 2.82
N GLY C 203 42.11 6.95 1.51
CA GLY C 203 42.89 7.94 0.80
C GLY C 203 43.54 7.29 -0.40
N GLY C 204 44.33 8.10 -1.09
CA GLY C 204 45.09 7.62 -2.23
C GLY C 204 46.41 7.01 -1.80
N GLY C 205 47.25 6.80 -2.81
CA GLY C 205 48.58 6.28 -2.56
C GLY C 205 48.65 4.77 -2.67
N ARG C 206 48.03 4.23 -3.72
CA ARG C 206 48.05 2.78 -3.92
C ARG C 206 49.42 2.32 -4.42
N LYS C 207 50.06 3.10 -5.30
CA LYS C 207 51.31 2.67 -5.92
C LYS C 207 52.39 2.37 -4.88
N TYR C 208 52.32 2.99 -3.71
CA TYR C 208 53.35 2.81 -2.71
C TYR C 208 53.13 1.56 -1.87
N MET C 209 52.06 0.82 -2.11
CA MET C 209 51.77 -0.40 -1.35
C MET C 209 52.07 -1.67 -2.11
N TYR C 210 52.22 -1.60 -3.44
CA TYR C 210 52.45 -2.78 -4.25
C TYR C 210 53.88 -2.81 -4.78
N PRO C 211 54.42 -4.00 -5.06
CA PRO C 211 55.81 -4.11 -5.53
C PRO C 211 56.06 -3.33 -6.82
N LYS C 212 57.34 -3.24 -7.16
CA LYS C 212 57.81 -2.37 -8.23
C LYS C 212 57.31 -2.85 -9.59
N ASN C 213 57.07 -1.90 -10.49
CA ASN C 213 56.62 -2.15 -11.86
C ASN C 213 55.41 -3.06 -11.94
N LYS C 214 54.70 -3.26 -10.84
CA LYS C 214 53.48 -4.03 -10.90
C LYS C 214 52.41 -3.08 -11.40
N THR C 215 51.46 -3.58 -12.16
CA THR C 215 50.50 -2.69 -12.80
C THR C 215 49.32 -2.43 -11.89
N ASP C 216 48.87 -1.17 -11.88
CA ASP C 216 47.78 -0.80 -11.00
C ASP C 216 46.48 -1.37 -11.51
N VAL C 217 45.65 -1.83 -10.57
CA VAL C 217 44.43 -2.53 -10.95
C VAL C 217 43.48 -1.58 -11.67
N GLU C 218 43.35 -0.35 -11.15
CA GLU C 218 42.42 0.60 -11.74
C GLU C 218 42.90 1.11 -13.09
N TYR C 219 44.16 1.49 -13.19
CA TYR C 219 44.75 2.02 -14.42
C TYR C 219 45.92 1.12 -14.79
N GLU C 220 45.65 0.13 -15.65
CA GLU C 220 46.69 -0.81 -16.06
C GLU C 220 47.70 -0.18 -17.01
N SER C 221 47.28 0.82 -17.79
CA SER C 221 48.17 1.36 -18.82
C SER C 221 49.11 2.43 -18.28
N ASP C 222 48.79 3.05 -17.16
CA ASP C 222 49.62 4.13 -16.64
C ASP C 222 50.87 3.55 -16.00
N GLU C 223 52.04 3.92 -16.51
CA GLU C 223 53.28 3.49 -15.88
C GLU C 223 53.49 4.22 -14.56
N LYS C 224 52.98 5.45 -14.43
CA LYS C 224 53.08 6.18 -13.17
C LYS C 224 52.28 5.47 -12.07
N ALA C 225 51.12 4.93 -12.43
CA ALA C 225 50.29 4.24 -11.45
C ALA C 225 50.85 2.89 -11.02
N ARG C 226 51.89 2.41 -11.72
CA ARG C 226 52.51 1.14 -11.36
C ARG C 226 53.21 1.23 -10.00
N GLY C 227 53.17 0.11 -9.28
CA GLY C 227 53.70 0.07 -7.93
C GLY C 227 55.16 0.49 -7.87
N THR C 228 55.60 0.77 -6.65
CA THR C 228 56.93 1.33 -6.45
C THR C 228 57.78 0.59 -5.43
N ARG C 229 57.29 -0.45 -4.78
CA ARG C 229 58.06 -1.03 -3.68
C ARG C 229 59.23 -1.83 -4.24
N LEU C 230 60.45 -1.39 -3.93
CA LEU C 230 61.63 -2.20 -4.18
C LEU C 230 61.73 -3.35 -3.18
N ASP C 231 61.04 -3.23 -2.04
CA ASP C 231 60.98 -4.30 -1.04
C ASP C 231 60.26 -5.53 -1.56
N GLY C 232 59.51 -5.40 -2.65
CA GLY C 232 58.74 -6.52 -3.19
C GLY C 232 57.74 -7.09 -2.20
N LEU C 233 57.02 -6.23 -1.49
CA LEU C 233 56.06 -6.66 -0.49
C LEU C 233 54.67 -6.16 -0.86
N ASP C 234 53.67 -6.96 -0.57
CA ASP C 234 52.27 -6.55 -0.73
C ASP C 234 51.84 -6.01 0.63
N LEU C 235 52.05 -4.72 0.85
CA LEU C 235 51.68 -4.12 2.12
C LEU C 235 50.19 -4.26 2.39
N VAL C 236 49.37 -4.32 1.33
CA VAL C 236 47.94 -4.61 1.49
C VAL C 236 47.76 -5.99 2.12
N ASP C 237 48.60 -6.95 1.71
CA ASP C 237 48.62 -8.27 2.33
C ASP C 237 49.10 -8.20 3.78
N THR C 238 50.24 -7.54 4.00
CA THR C 238 50.77 -7.40 5.36
C THR C 238 49.76 -6.74 6.27
N TRP C 239 48.89 -5.89 5.73
CA TRP C 239 47.81 -5.30 6.50
C TRP C 239 46.91 -6.41 7.06
N LYS C 240 46.45 -7.29 6.18
CA LYS C 240 45.58 -8.39 6.60
C LYS C 240 46.32 -9.40 7.48
N SER C 241 47.64 -9.56 7.26
CA SER C 241 48.40 -10.52 8.06
C SER C 241 48.47 -10.12 9.52
N PHE C 242 48.47 -8.81 9.81
CA PHE C 242 48.48 -8.36 11.19
C PHE C 242 47.10 -8.44 11.82
N LYS C 243 46.04 -8.42 11.02
CA LYS C 243 44.70 -8.46 11.57
C LYS C 243 44.35 -9.87 12.04
N PRO C 244 43.53 -9.98 13.07
CA PRO C 244 43.12 -11.32 13.52
C PRO C 244 42.25 -12.00 12.47
N ARG C 245 42.33 -13.33 12.44
CA ARG C 245 41.59 -14.08 11.43
C ARG C 245 40.09 -14.03 11.68
N TYR C 246 39.68 -14.11 12.96
CA TYR C 246 38.26 -14.11 13.28
C TYR C 246 37.59 -12.78 12.99
N LYS C 247 38.38 -11.73 12.77
CA LYS C 247 37.88 -10.40 12.48
C LYS C 247 37.83 -10.18 10.97
N HIS C 248 36.70 -9.67 10.47
CA HIS C 248 36.56 -9.42 9.03
C HIS C 248 37.33 -8.18 8.60
N SER C 249 38.14 -8.34 7.55
CA SER C 249 38.99 -7.27 7.04
C SER C 249 38.83 -7.17 5.53
N HIS C 250 38.36 -6.03 5.04
CA HIS C 250 38.12 -5.82 3.62
C HIS C 250 38.98 -4.70 3.06
N PHE C 251 39.45 -4.89 1.84
CA PHE C 251 40.17 -3.88 1.06
C PHE C 251 39.33 -3.45 -0.13
N ILE C 252 39.19 -2.15 -0.34
CA ILE C 252 38.38 -1.62 -1.44
C ILE C 252 39.21 -0.62 -2.23
N TRP C 253 38.83 -0.44 -3.49
CA TRP C 253 39.47 0.54 -4.36
C TRP C 253 38.52 1.34 -5.22
N ASN C 254 37.22 1.06 -5.20
CA ASN C 254 36.29 1.88 -5.98
C ASN C 254 35.03 2.12 -5.15
N ARG C 255 34.25 3.12 -5.59
CA ARG C 255 33.07 3.55 -4.83
C ARG C 255 32.02 2.45 -4.76
N THR C 256 31.90 1.62 -5.80
CA THR C 256 30.91 0.54 -5.75
C THR C 256 31.16 -0.38 -4.55
N GLU C 257 32.43 -0.69 -4.28
CA GLU C 257 32.74 -1.55 -3.15
C GLU C 257 32.45 -0.84 -1.83
N LEU C 258 32.73 0.48 -1.77
CA LEU C 258 32.56 1.23 -0.53
C LEU C 258 31.11 1.27 -0.06
N LEU C 259 30.19 1.64 -0.96
CA LEU C 259 28.79 1.74 -0.58
C LEU C 259 28.14 0.38 -0.38
N THR C 260 28.73 -0.69 -0.91
CA THR C 260 28.19 -2.04 -0.71
C THR C 260 28.55 -2.62 0.65
N LEU C 261 29.61 -2.11 1.27
CA LEU C 261 30.06 -2.60 2.56
C LEU C 261 28.96 -2.42 3.61
N ASP C 262 28.87 -3.40 4.52
CA ASP C 262 27.98 -3.33 5.66
C ASP C 262 28.77 -2.93 6.89
N PRO C 263 28.45 -1.81 7.54
CA PRO C 263 29.30 -1.33 8.64
C PRO C 263 29.41 -2.31 9.81
N HIS C 264 28.36 -3.08 10.08
CA HIS C 264 28.37 -4.01 11.21
C HIS C 264 29.26 -5.21 10.94
N ASN C 265 29.38 -5.59 9.67
CA ASN C 265 30.14 -6.75 9.26
C ASN C 265 31.63 -6.45 9.12
N VAL C 266 31.98 -5.19 8.84
CA VAL C 266 33.36 -4.75 8.63
C VAL C 266 34.01 -4.44 9.97
N ASP C 267 35.15 -5.09 10.26
CA ASP C 267 35.94 -4.79 11.44
C ASP C 267 37.21 -4.00 11.14
N TYR C 268 37.83 -4.21 9.99
CA TYR C 268 39.00 -3.44 9.57
C TYR C 268 38.82 -3.10 8.10
N LEU C 269 39.05 -1.84 7.75
CA LEU C 269 38.83 -1.41 6.37
C LEU C 269 40.00 -0.54 5.90
N LEU C 270 40.60 -0.94 4.78
CA LEU C 270 41.64 -0.22 4.08
C LEU C 270 41.16 0.08 2.68
N GLY C 271 41.01 1.37 2.38
CA GLY C 271 40.52 1.76 1.06
C GLY C 271 41.40 2.76 0.34
N LEU C 272 42.12 2.29 -0.68
CA LEU C 272 42.97 3.15 -1.50
C LEU C 272 42.30 3.30 -2.86
N PHE C 273 41.81 4.50 -3.15
CA PHE C 273 40.93 4.76 -4.28
C PHE C 273 41.65 5.34 -5.48
N GLU C 274 42.98 5.47 -5.43
CA GLU C 274 43.75 6.09 -6.50
C GLU C 274 45.20 5.68 -6.36
N PRO C 275 45.96 5.60 -7.45
CA PRO C 275 47.39 5.28 -7.32
C PRO C 275 48.17 6.32 -6.53
N GLY C 276 48.08 7.58 -6.91
CA GLY C 276 48.62 8.75 -6.18
C GLY C 276 47.56 9.44 -5.36
N ASP C 277 47.59 10.78 -5.35
CA ASP C 277 46.53 11.52 -4.68
C ASP C 277 45.22 11.36 -5.42
N MET C 278 44.13 11.42 -4.67
CA MET C 278 42.80 11.39 -5.24
C MET C 278 42.52 12.69 -5.99
N GLN C 279 41.56 12.61 -6.89
CA GLN C 279 41.22 13.71 -7.78
C GLN C 279 40.55 14.84 -6.99
N TYR C 280 40.58 16.04 -7.56
CA TYR C 280 39.77 17.12 -7.02
C TYR C 280 38.28 16.76 -7.13
N GLU C 281 37.47 17.42 -6.31
CA GLU C 281 36.03 17.16 -6.34
C GLU C 281 35.40 17.60 -7.67
N LEU C 282 35.92 18.65 -8.29
CA LEU C 282 35.39 19.07 -9.58
C LEU C 282 35.81 18.13 -10.70
N ASN C 283 36.85 17.33 -10.50
CA ASN C 283 37.37 16.39 -11.48
C ASN C 283 37.12 14.93 -11.11
N ARG C 284 36.37 14.68 -10.04
CA ARG C 284 36.12 13.32 -9.59
C ARG C 284 35.11 12.63 -10.50
N ASN C 285 35.35 11.35 -10.77
CA ASN C 285 34.42 10.49 -11.50
C ASN C 285 33.37 9.92 -10.55
N ASN C 286 32.09 10.10 -10.92
CA ASN C 286 31.01 9.75 -10.00
C ASN C 286 31.00 8.25 -9.66
N VAL C 287 31.39 7.40 -10.60
CA VAL C 287 31.25 5.96 -10.38
C VAL C 287 32.51 5.35 -9.79
N THR C 288 33.69 5.84 -10.16
CA THR C 288 34.94 5.20 -9.77
C THR C 288 35.41 5.62 -8.38
N ASP C 289 35.36 6.91 -8.08
CA ASP C 289 35.98 7.44 -6.89
C ASP C 289 34.94 8.00 -5.93
N PRO C 290 35.10 7.81 -4.63
CA PRO C 290 34.13 8.33 -3.66
C PRO C 290 34.52 9.73 -3.20
N SER C 291 33.52 10.46 -2.75
CA SER C 291 33.68 11.78 -2.19
C SER C 291 34.18 11.70 -0.75
N LEU C 292 34.69 12.83 -0.24
CA LEU C 292 35.17 12.87 1.13
C LEU C 292 34.06 12.51 2.10
N SER C 293 32.86 13.03 1.86
CA SER C 293 31.72 12.76 2.73
C SER C 293 31.39 11.27 2.76
N GLU C 294 31.31 10.64 1.59
CA GLU C 294 30.99 9.22 1.51
C GLU C 294 32.01 8.40 2.28
N MET C 295 33.29 8.79 2.19
CA MET C 295 34.36 8.09 2.89
C MET C 295 34.21 8.27 4.40
N VAL C 296 33.84 9.48 4.84
CA VAL C 296 33.72 9.75 6.27
C VAL C 296 32.52 9.03 6.87
N VAL C 297 31.39 9.01 6.15
CA VAL C 297 30.18 8.40 6.67
C VAL C 297 30.42 6.93 6.99
N VAL C 298 30.94 6.17 6.02
CA VAL C 298 31.21 4.76 6.25
C VAL C 298 32.25 4.60 7.36
N ALA C 299 33.23 5.51 7.42
CA ALA C 299 34.25 5.44 8.45
C ALA C 299 33.65 5.58 9.84
N ILE C 300 32.82 6.61 10.03
CA ILE C 300 32.16 6.81 11.32
C ILE C 300 31.26 5.62 11.66
N GLN C 301 30.59 5.07 10.65
CA GLN C 301 29.71 3.92 10.89
C GLN C 301 30.50 2.74 11.45
N ILE C 302 31.71 2.53 10.93
CA ILE C 302 32.56 1.45 11.42
C ILE C 302 33.11 1.76 12.80
N LEU C 303 33.54 3.01 13.01
CA LEU C 303 34.20 3.34 14.27
C LEU C 303 33.23 3.46 15.44
N ARG C 304 31.95 3.76 15.17
CA ARG C 304 30.98 3.88 16.26
C ARG C 304 30.79 2.57 17.01
N LYS C 305 31.17 1.43 16.41
CA LYS C 305 30.86 0.14 17.02
C LYS C 305 31.62 -0.08 18.33
N ASN C 306 32.88 0.36 18.39
CA ASN C 306 33.67 0.20 19.61
C ASN C 306 32.96 0.85 20.79
N PRO C 307 32.68 0.11 21.87
CA PRO C 307 31.96 0.73 23.00
C PRO C 307 32.76 1.80 23.71
N LYS C 308 34.09 1.72 23.71
CA LYS C 308 34.90 2.72 24.39
C LYS C 308 34.97 4.05 23.65
N GLY C 309 34.64 4.07 22.36
CA GLY C 309 34.65 5.30 21.57
C GLY C 309 35.56 5.18 20.37
N PHE C 310 35.85 6.33 19.77
CA PHE C 310 36.70 6.33 18.59
C PHE C 310 37.33 7.70 18.39
N PHE C 311 38.47 7.70 17.72
CA PHE C 311 39.14 8.90 17.23
C PHE C 311 39.22 8.82 15.71
N LEU C 312 38.86 9.90 15.03
CA LEU C 312 38.89 9.96 13.58
C LEU C 312 39.58 11.23 13.12
N LEU C 313 40.51 11.09 12.19
CA LEU C 313 41.22 12.22 11.59
C LEU C 313 40.77 12.37 10.14
N VAL C 314 40.15 13.51 9.83
CA VAL C 314 39.67 13.82 8.49
C VAL C 314 40.47 15.01 7.99
N GLU C 315 40.85 14.96 6.72
CA GLU C 315 41.63 16.02 6.09
C GLU C 315 41.01 16.38 4.76
N GLY C 316 40.58 17.63 4.61
CA GLY C 316 40.18 18.12 3.30
C GLY C 316 41.30 17.99 2.29
N GLY C 317 42.54 18.27 2.71
CA GLY C 317 43.73 17.93 1.94
C GLY C 317 43.94 18.75 0.69
N ARG C 318 43.09 18.53 -0.31
CA ARG C 318 43.26 19.11 -1.63
C ARG C 318 43.17 20.63 -1.67
N ILE C 319 42.73 21.29 -0.59
CA ILE C 319 42.73 22.75 -0.59
C ILE C 319 44.14 23.28 -0.84
N ASP C 320 45.13 22.66 -0.19
CA ASP C 320 46.53 23.01 -0.34
C ASP C 320 46.99 22.87 -1.79
N HIS C 321 46.99 21.63 -2.31
CA HIS C 321 47.39 21.42 -3.70
C HIS C 321 46.63 22.31 -4.66
N GLY C 322 45.46 22.80 -4.27
CA GLY C 322 44.72 23.75 -5.08
C GLY C 322 45.29 25.16 -5.02
N HIS C 323 45.52 25.67 -3.79
CA HIS C 323 46.13 26.98 -3.62
C HIS C 323 47.53 27.02 -4.22
N HIS C 324 48.30 25.94 -4.07
CA HIS C 324 49.65 25.90 -4.63
C HIS C 324 49.61 26.19 -6.13
N GLU C 325 48.58 25.71 -6.83
CA GLU C 325 48.42 25.97 -8.25
C GLU C 325 47.67 27.26 -8.57
N GLY C 326 47.35 28.06 -7.57
CA GLY C 326 46.66 29.32 -7.83
C GLY C 326 45.24 29.18 -8.35
N LYS C 327 44.70 27.96 -8.44
CA LYS C 327 43.36 27.76 -8.96
C LYS C 327 42.38 27.83 -7.80
N ALA C 328 41.89 29.04 -7.56
CA ALA C 328 41.02 29.29 -6.42
C ALA C 328 39.71 28.51 -6.52
N LYS C 329 39.17 28.37 -7.73
CA LYS C 329 37.91 27.64 -7.87
C LYS C 329 38.06 26.18 -7.42
N GLN C 330 39.21 25.56 -7.69
CA GLN C 330 39.46 24.22 -7.20
C GLN C 330 39.57 24.18 -5.69
N ALA C 331 40.42 25.04 -5.11
CA ALA C 331 40.66 25.01 -3.68
C ALA C 331 39.40 25.34 -2.89
N LEU C 332 38.71 26.41 -3.27
CA LEU C 332 37.50 26.81 -2.55
C LEU C 332 36.43 25.72 -2.61
N HIS C 333 36.24 25.08 -3.76
CA HIS C 333 35.30 23.97 -3.81
C HIS C 333 35.70 22.85 -2.87
N GLU C 334 37.01 22.55 -2.81
CA GLU C 334 37.47 21.57 -1.84
C GLU C 334 37.08 21.97 -0.42
N ALA C 335 37.13 23.27 -0.12
CA ALA C 335 36.77 23.74 1.23
C ALA C 335 35.28 23.57 1.49
N VAL C 336 34.44 23.95 0.52
CA VAL C 336 33.00 23.75 0.66
C VAL C 336 32.69 22.27 0.81
N GLU C 337 33.46 21.41 0.14
CA GLU C 337 33.27 19.97 0.29
C GLU C 337 33.50 19.49 1.71
N MET C 338 34.61 19.90 2.32
CA MET C 338 34.89 19.49 3.69
C MET C 338 33.80 19.98 4.65
N ASP C 339 33.28 21.19 4.40
CA ASP C 339 32.21 21.71 5.25
C ASP C 339 30.98 20.79 5.22
N ARG C 340 30.68 20.22 4.04
CA ARG C 340 29.64 19.21 3.92
C ARG C 340 29.92 18.01 4.83
N ALA C 341 31.16 17.51 4.80
CA ALA C 341 31.53 16.36 5.62
C ALA C 341 31.43 16.64 7.10
N ILE C 342 31.73 17.88 7.52
CA ILE C 342 31.57 18.25 8.92
C ILE C 342 30.10 18.22 9.31
N GLY C 343 29.22 18.67 8.40
CA GLY C 343 27.80 18.59 8.66
C GLY C 343 27.28 17.16 8.73
N GLN C 344 27.78 16.29 7.85
CA GLN C 344 27.39 14.88 7.90
C GLN C 344 27.78 14.26 9.24
N ALA C 345 29.05 14.39 9.62
CA ALA C 345 29.51 13.86 10.90
C ALA C 345 28.74 14.44 12.08
N GLY C 346 28.14 15.62 11.93
CA GLY C 346 27.41 16.21 13.04
C GLY C 346 26.13 15.48 13.39
N SER C 347 25.48 14.90 12.39
CA SER C 347 24.28 14.10 12.65
C SER C 347 24.62 12.67 13.06
N LEU C 348 25.78 12.16 12.64
CA LEU C 348 26.16 10.79 12.96
C LEU C 348 26.67 10.65 14.39
N THR C 349 27.00 11.75 15.05
CA THR C 349 27.47 11.76 16.42
C THR C 349 26.68 12.78 17.23
N SER C 350 26.80 12.68 18.54
CA SER C 350 26.18 13.60 19.48
C SER C 350 27.20 14.58 20.04
N SER C 351 26.77 15.81 20.29
CA SER C 351 27.64 16.80 20.90
C SER C 351 27.94 16.46 22.35
N GLU C 352 27.14 15.58 22.96
CA GLU C 352 27.32 15.26 24.37
C GLU C 352 28.55 14.38 24.59
N ASP C 353 28.81 13.45 23.67
CA ASP C 353 29.88 12.47 23.83
C ASP C 353 31.02 12.63 22.82
N THR C 354 30.84 13.42 21.77
CA THR C 354 31.84 13.53 20.72
C THR C 354 32.37 14.95 20.66
N LEU C 355 33.69 15.09 20.75
CA LEU C 355 34.36 16.37 20.58
C LEU C 355 34.92 16.43 19.17
N THR C 356 34.45 17.41 18.39
CA THR C 356 34.86 17.62 17.02
C THR C 356 35.58 18.96 16.95
N VAL C 357 36.74 18.97 16.28
CA VAL C 357 37.57 20.16 16.16
C VAL C 357 37.95 20.31 14.70
N VAL C 358 37.72 21.49 14.14
CA VAL C 358 38.06 21.80 12.76
C VAL C 358 39.10 22.91 12.78
N THR C 359 40.23 22.67 12.11
CA THR C 359 41.33 23.62 12.10
C THR C 359 42.09 23.46 10.78
N ALA C 360 43.22 24.14 10.66
CA ALA C 360 44.07 24.08 9.49
C ALA C 360 45.52 24.05 9.95
N ASP C 361 46.39 23.46 9.12
CA ASP C 361 47.80 23.38 9.47
C ASP C 361 48.54 24.68 9.19
N HIS C 362 48.15 25.40 8.14
CA HIS C 362 48.78 26.66 7.78
C HIS C 362 47.80 27.41 6.88
N SER C 363 48.19 28.62 6.50
CA SER C 363 47.38 29.45 5.63
C SER C 363 48.06 29.56 4.26
N HIS C 364 47.49 30.39 3.39
CA HIS C 364 48.06 30.64 2.07
C HIS C 364 48.06 32.13 1.82
N VAL C 365 48.82 32.54 0.81
CA VAL C 365 48.88 33.97 0.50
C VAL C 365 47.71 34.31 -0.44
N PHE C 366 46.52 33.81 -0.10
CA PHE C 366 45.30 34.02 -0.87
C PHE C 366 44.49 35.15 -0.28
N THR C 367 44.17 36.16 -1.11
CA THR C 367 43.41 37.34 -0.73
C THR C 367 42.35 37.63 -1.76
N PHE C 368 41.24 38.20 -1.29
CA PHE C 368 40.21 38.72 -2.18
C PHE C 368 39.79 40.10 -1.70
N GLY C 369 39.74 41.04 -2.62
CA GLY C 369 39.39 42.40 -2.29
C GLY C 369 38.86 43.09 -3.52
N GLY C 370 38.75 44.40 -3.43
CA GLY C 370 38.34 45.23 -4.53
C GLY C 370 37.03 45.95 -4.35
N TYR C 371 36.54 46.07 -3.13
CA TYR C 371 35.28 46.74 -2.85
C TYR C 371 34.16 46.16 -3.72
N THR C 372 34.14 44.83 -3.80
CA THR C 372 33.15 44.16 -4.64
C THR C 372 31.75 44.37 -4.06
N PRO C 373 30.74 44.46 -4.91
CA PRO C 373 29.37 44.65 -4.41
C PRO C 373 28.82 43.37 -3.81
N ARG C 374 27.72 43.55 -3.08
CA ARG C 374 27.04 42.42 -2.46
C ARG C 374 26.62 41.39 -3.50
N GLY C 375 26.90 40.12 -3.20
CA GLY C 375 26.55 39.03 -4.09
C GLY C 375 27.58 38.75 -5.16
N ASN C 376 28.39 39.74 -5.50
CA ASN C 376 29.46 39.58 -6.48
C ASN C 376 30.15 38.24 -6.30
N SER C 377 30.22 37.48 -7.39
CA SER C 377 30.77 36.13 -7.33
C SER C 377 32.15 36.14 -6.70
N ILE C 378 32.46 35.06 -5.99
CA ILE C 378 33.80 34.95 -5.42
C ILE C 378 34.85 34.88 -6.51
N PHE C 379 34.48 34.47 -7.71
CA PHE C 379 35.40 34.48 -8.85
C PHE C 379 35.14 35.67 -9.78
N GLY C 380 34.32 36.64 -9.35
CA GLY C 380 33.98 37.76 -10.19
C GLY C 380 35.06 38.82 -10.24
N LEU C 381 34.78 39.88 -11.01
CA LEU C 381 35.71 40.97 -11.19
C LEU C 381 35.41 42.13 -10.24
N ALA C 382 36.37 43.05 -10.17
CA ALA C 382 36.21 44.23 -9.35
C ALA C 382 35.15 45.14 -9.97
N PRO C 383 34.50 45.97 -9.15
CA PRO C 383 33.48 46.88 -9.72
C PRO C 383 34.04 47.86 -10.72
N MET C 384 35.23 48.40 -10.48
CA MET C 384 35.81 49.40 -11.35
C MET C 384 37.19 48.97 -11.79
N LEU C 385 37.64 49.50 -12.92
CA LEU C 385 38.96 49.15 -13.42
C LEU C 385 40.05 49.85 -12.62
N SER C 386 41.28 49.36 -12.80
CA SER C 386 42.43 49.91 -12.11
C SER C 386 42.67 51.38 -12.47
N ASP C 387 43.09 52.15 -11.47
CA ASP C 387 43.42 53.56 -11.71
C ASP C 387 44.63 53.67 -12.62
N THR C 388 45.53 52.69 -12.57
CA THR C 388 46.77 52.72 -13.34
C THR C 388 46.54 52.20 -14.75
N ASP C 389 46.57 50.87 -14.91
CA ASP C 389 46.53 50.26 -16.22
C ASP C 389 45.13 50.23 -16.83
N LYS C 390 44.13 50.77 -16.13
CA LYS C 390 42.77 50.91 -16.64
C LYS C 390 42.20 49.58 -17.17
N LYS C 391 42.63 48.48 -16.54
CA LYS C 391 42.16 47.14 -16.84
C LYS C 391 41.51 46.53 -15.61
N PRO C 392 40.51 45.68 -15.80
CA PRO C 392 39.86 45.04 -14.65
C PRO C 392 40.79 44.07 -13.96
N PHE C 393 40.41 43.69 -12.74
CA PHE C 393 41.14 42.71 -11.97
C PHE C 393 40.14 41.87 -11.18
N THR C 394 40.47 40.60 -11.00
CA THR C 394 39.57 39.70 -10.29
C THR C 394 39.56 40.04 -8.81
N ALA C 395 38.44 39.70 -8.16
CA ALA C 395 38.36 39.88 -6.71
C ALA C 395 39.40 39.02 -6.00
N ILE C 396 39.54 37.77 -6.42
CA ILE C 396 40.55 36.90 -5.86
C ILE C 396 41.91 37.24 -6.48
N LEU C 397 42.90 37.48 -5.61
CA LEU C 397 44.26 37.79 -6.01
C LEU C 397 45.21 37.07 -5.07
N TYR C 398 46.22 36.43 -5.62
CA TYR C 398 47.23 35.69 -4.86
C TYR C 398 48.49 36.52 -4.70
N GLY C 399 49.23 36.22 -3.64
CA GLY C 399 50.50 36.89 -3.38
C GLY C 399 51.62 36.46 -4.31
N ASN C 400 51.99 35.18 -4.27
CA ASN C 400 53.10 34.63 -5.07
C ASN C 400 52.75 33.29 -5.71
N GLY C 401 51.84 33.30 -6.68
CA GLY C 401 51.46 32.08 -7.35
C GLY C 401 51.90 32.07 -8.80
N PRO C 402 51.56 30.99 -9.53
CA PRO C 402 51.85 30.94 -10.96
C PRO C 402 50.95 31.83 -11.80
N GLY C 403 49.95 32.46 -11.19
CA GLY C 403 49.04 33.32 -11.93
C GLY C 403 49.64 34.61 -12.43
N TYR C 404 50.89 34.91 -12.08
CA TYR C 404 51.55 36.10 -12.62
C TYR C 404 51.69 35.96 -14.12
N LYS C 405 50.95 36.76 -14.88
CA LYS C 405 50.95 36.71 -16.33
C LYS C 405 51.07 38.14 -16.86
N VAL C 406 52.26 38.49 -17.34
CA VAL C 406 52.51 39.79 -17.94
C VAL C 406 52.86 39.51 -19.40
N VAL C 407 51.97 39.90 -20.31
CA VAL C 407 52.13 39.67 -21.73
C VAL C 407 52.78 40.91 -22.35
N GLY C 408 54.06 40.79 -22.66
CA GLY C 408 54.80 41.87 -23.30
C GLY C 408 54.82 43.12 -22.47
N GLY C 409 55.22 42.99 -21.22
CA GLY C 409 55.34 44.11 -20.32
C GLY C 409 54.07 44.62 -19.69
N GLU C 410 52.93 43.98 -19.94
CA GLU C 410 51.66 44.47 -19.44
C GLU C 410 50.95 43.32 -18.74
N ARG C 411 50.36 43.59 -17.58
CA ARG C 411 49.58 42.54 -16.93
C ARG C 411 48.39 42.19 -17.81
N GLU C 412 47.93 40.95 -17.68
CA GLU C 412 46.89 40.44 -18.55
C GLU C 412 45.57 41.18 -18.41
N ASN C 413 45.00 41.57 -19.55
CA ASN C 413 43.66 42.12 -19.64
C ASN C 413 42.65 41.00 -19.45
N VAL C 414 42.08 40.90 -18.25
CA VAL C 414 41.28 39.74 -17.85
C VAL C 414 39.92 39.64 -18.54
N SER C 415 39.45 40.71 -19.18
CA SER C 415 38.16 40.64 -19.89
C SER C 415 38.20 39.63 -21.03
N MET C 416 39.39 39.23 -21.47
CA MET C 416 39.51 38.35 -22.63
C MET C 416 39.67 36.88 -22.23
N VAL C 417 39.74 36.58 -20.94
CA VAL C 417 39.83 35.20 -20.45
C VAL C 417 38.58 34.81 -19.67
N ASP C 418 38.49 33.51 -19.40
CA ASP C 418 37.42 32.94 -18.58
C ASP C 418 37.91 32.89 -17.14
N TYR C 419 37.72 34.00 -16.43
CA TYR C 419 38.14 34.09 -15.03
C TYR C 419 37.31 33.19 -14.12
N ALA C 420 36.13 32.76 -14.57
CA ALA C 420 35.29 31.86 -13.80
C ALA C 420 35.60 30.39 -14.06
N HIS C 421 36.52 30.10 -14.99
CA HIS C 421 36.87 28.71 -15.28
C HIS C 421 37.42 28.03 -14.04
N ASN C 422 37.20 26.71 -13.95
CA ASN C 422 37.56 25.97 -12.75
C ASN C 422 39.06 25.98 -12.48
N ASN C 423 39.88 25.91 -13.54
CA ASN C 423 41.33 25.86 -13.39
C ASN C 423 42.01 27.18 -13.73
N TYR C 424 41.30 28.29 -13.64
CA TYR C 424 41.91 29.58 -13.87
C TYR C 424 42.76 29.97 -12.68
N GLN C 425 43.94 30.52 -12.96
CA GLN C 425 44.92 30.92 -11.96
C GLN C 425 44.89 32.44 -11.87
N ALA C 426 44.35 32.96 -10.77
CA ALA C 426 44.21 34.39 -10.60
C ALA C 426 45.59 35.05 -10.55
N GLN C 427 45.59 36.36 -10.83
CA GLN C 427 46.86 37.08 -10.95
C GLN C 427 47.56 37.14 -9.60
N SER C 428 48.89 37.24 -9.65
CA SER C 428 49.74 37.25 -8.47
C SER C 428 50.81 38.32 -8.64
N ALA C 429 51.50 38.62 -7.53
CA ALA C 429 52.57 39.61 -7.56
C ALA C 429 53.91 39.04 -8.01
N VAL C 430 54.22 37.81 -7.65
CA VAL C 430 55.51 37.21 -7.98
C VAL C 430 55.30 35.84 -8.62
N PRO C 431 55.84 35.59 -9.82
CA PRO C 431 55.64 34.28 -10.45
C PRO C 431 56.46 33.21 -9.75
N LEU C 432 55.77 32.15 -9.33
CA LEU C 432 56.41 30.98 -8.76
C LEU C 432 55.68 29.77 -9.32
N ARG C 433 56.42 28.67 -9.47
CA ARG C 433 55.80 27.45 -9.97
C ARG C 433 54.59 27.07 -9.13
N HIS C 434 54.77 27.07 -7.82
CA HIS C 434 53.71 26.84 -6.86
C HIS C 434 53.64 28.00 -5.89
N GLU C 435 52.42 28.36 -5.51
CA GLU C 435 52.19 29.39 -4.52
C GLU C 435 52.71 28.94 -3.16
N THR C 436 53.09 29.91 -2.34
CA THR C 436 53.66 29.60 -1.04
C THR C 436 52.56 29.48 0.01
N HIS C 437 52.96 29.00 1.19
CA HIS C 437 52.06 28.97 2.33
C HIS C 437 51.95 30.35 2.94
N GLY C 438 51.45 30.43 4.16
CA GLY C 438 51.32 31.69 4.85
C GLY C 438 51.61 31.61 6.33
N GLY C 439 52.36 32.58 6.84
CA GLY C 439 52.65 32.64 8.25
C GLY C 439 51.51 33.11 9.12
N GLU C 440 50.41 33.55 8.52
CA GLU C 440 49.26 34.02 9.29
C GLU C 440 48.77 32.92 10.23
N ASP C 441 48.11 33.33 11.30
CA ASP C 441 47.53 32.35 12.21
C ASP C 441 46.24 31.80 11.62
N VAL C 442 45.94 30.57 11.99
CA VAL C 442 44.77 29.86 11.48
C VAL C 442 43.77 29.73 12.63
N ALA C 443 42.52 29.51 12.27
CA ALA C 443 41.44 29.42 13.24
C ALA C 443 41.21 27.97 13.63
N VAL C 444 40.61 27.80 14.81
CA VAL C 444 40.30 26.48 15.38
C VAL C 444 38.87 26.53 15.89
N PHE C 445 37.96 25.85 15.19
CA PHE C 445 36.56 25.72 15.58
C PHE C 445 36.32 24.42 16.33
N SER C 446 35.64 24.49 17.46
CA SER C 446 35.49 23.32 18.33
C SER C 446 34.10 23.22 18.92
N LYS C 447 33.53 22.02 18.91
CA LYS C 447 32.26 21.75 19.56
C LYS C 447 32.35 20.42 20.30
N GLY C 448 31.63 20.34 21.43
CA GLY C 448 31.55 19.12 22.19
C GLY C 448 32.11 19.25 23.60
N PRO C 449 32.48 18.11 24.20
CA PRO C 449 32.93 18.11 25.60
C PRO C 449 34.26 18.82 25.75
N MET C 450 34.29 19.83 26.62
CA MET C 450 35.48 20.59 26.98
C MET C 450 36.03 21.41 25.82
N ALA C 451 35.22 21.68 24.80
CA ALA C 451 35.65 22.50 23.68
C ALA C 451 35.95 23.94 24.09
N HIS C 452 35.37 24.41 25.21
CA HIS C 452 35.64 25.73 25.76
C HIS C 452 37.08 25.90 26.20
N LEU C 453 37.88 24.84 26.08
CA LEU C 453 39.30 24.89 26.41
C LEU C 453 40.14 25.32 25.22
N LEU C 454 39.56 25.32 24.02
CA LEU C 454 40.22 25.86 22.83
C LEU C 454 39.76 27.31 22.64
N HIS C 455 40.25 28.17 23.54
CA HIS C 455 39.95 29.59 23.60
C HIS C 455 41.16 30.39 23.11
N GLY C 456 40.93 31.68 22.85
CA GLY C 456 42.05 32.60 22.67
C GLY C 456 43.08 32.23 21.62
N VAL C 457 44.22 32.90 21.70
CA VAL C 457 45.36 32.68 20.81
C VAL C 457 46.37 31.81 21.54
N HIS C 458 46.61 30.61 21.04
CA HIS C 458 47.58 29.71 21.65
C HIS C 458 48.48 29.10 20.58
N GLU C 459 49.41 28.26 21.01
CA GLU C 459 50.28 27.58 20.07
C GLU C 459 49.52 26.40 19.43
N GLN C 460 50.10 25.88 18.36
CA GLN C 460 49.50 24.77 17.62
C GLN C 460 49.69 23.44 18.33
N ASN C 461 50.78 23.28 19.09
CA ASN C 461 50.99 22.04 19.85
C ASN C 461 49.94 21.86 20.94
N TYR C 462 49.13 22.87 21.21
CA TYR C 462 48.16 22.83 22.30
C TYR C 462 46.89 22.06 21.95
N VAL C 463 46.50 22.04 20.67
CA VAL C 463 45.24 21.41 20.28
C VAL C 463 45.16 19.94 20.68
N PRO C 464 46.15 19.09 20.37
CA PRO C 464 46.01 17.67 20.74
C PRO C 464 46.00 17.43 22.24
N HIS C 465 46.55 18.34 23.04
CA HIS C 465 46.48 18.17 24.49
C HIS C 465 45.07 18.38 25.03
N VAL C 466 44.25 19.20 24.35
CA VAL C 466 42.88 19.42 24.82
C VAL C 466 42.02 18.20 24.53
N MET C 467 42.08 17.72 23.29
CA MET C 467 41.29 16.55 22.88
C MET C 467 41.67 15.34 23.72
N ALA C 468 42.98 15.11 23.90
CA ALA C 468 43.44 13.99 24.72
C ALA C 468 42.96 14.12 26.16
N TYR C 469 42.97 15.34 26.70
CA TYR C 469 42.50 15.55 28.07
C TYR C 469 41.00 15.32 28.19
N ALA C 470 40.23 15.82 27.23
CA ALA C 470 38.78 15.63 27.27
C ALA C 470 38.42 14.16 27.10
N ALA C 471 39.18 13.42 26.31
CA ALA C 471 38.93 12.02 26.05
C ALA C 471 39.50 11.10 27.13
N CYS C 472 40.22 11.66 28.11
CA CYS C 472 40.85 10.89 29.19
C CYS C 472 41.85 9.88 28.62
N ILE C 473 42.57 10.29 27.59
CA ILE C 473 43.63 9.51 26.99
C ILE C 473 44.92 10.31 27.08
N GLY C 474 46.03 9.67 26.71
CA GLY C 474 47.29 10.37 26.71
C GLY C 474 47.91 10.45 28.10
N ALA C 475 48.64 11.55 28.34
CA ALA C 475 49.38 11.69 29.59
C ALA C 475 48.48 12.11 30.74
N ASN C 476 47.63 13.13 30.54
CA ASN C 476 46.82 13.68 31.61
C ASN C 476 45.45 13.00 31.57
N LEU C 477 45.23 12.05 32.48
CA LEU C 477 43.95 11.36 32.62
C LEU C 477 43.11 11.92 33.76
N GLY C 478 43.28 13.21 34.07
CA GLY C 478 42.61 13.80 35.22
C GLY C 478 41.15 14.13 35.04
N HIS C 479 40.69 14.21 33.78
CA HIS C 479 39.28 14.53 33.55
C HIS C 479 38.36 13.45 34.12
N CYS C 480 38.86 12.21 34.23
CA CYS C 480 38.12 11.12 34.84
C CYS C 480 38.70 10.76 36.19
N ALA C 481 38.70 11.70 37.13
CA ALA C 481 39.30 11.40 38.43
C ALA C 481 38.42 10.40 39.20
N PRO C 482 38.92 9.20 39.51
CA PRO C 482 38.18 8.15 40.22
C PRO C 482 37.83 8.54 41.66
N LEU D 1 -25.18 -12.53 14.92
CA LEU D 1 -24.33 -11.63 14.15
C LEU D 1 -25.20 -10.62 13.39
N VAL D 2 -25.57 -10.94 12.16
CA VAL D 2 -26.43 -10.09 11.34
C VAL D 2 -25.91 -8.65 11.27
N PRO D 3 -25.02 -8.33 10.35
CA PRO D 3 -24.55 -6.94 10.25
C PRO D 3 -25.71 -6.00 10.03
N GLU D 4 -25.65 -4.83 10.68
CA GLU D 4 -26.77 -3.91 10.61
C GLU D 4 -26.99 -3.44 9.17
N LYS D 5 -25.90 -3.33 8.40
CA LYS D 5 -26.02 -2.94 7.00
C LYS D 5 -26.78 -3.99 6.18
N GLU D 6 -26.59 -5.28 6.50
CA GLU D 6 -27.27 -6.34 5.78
C GLU D 6 -28.71 -6.52 6.23
N LYS D 7 -29.17 -5.74 7.20
CA LYS D 7 -30.56 -5.80 7.65
C LYS D 7 -31.48 -4.93 6.81
N ASP D 8 -30.93 -3.96 6.09
CA ASP D 8 -31.68 -3.06 5.25
C ASP D 8 -31.71 -3.57 3.81
N PRO D 9 -32.89 -3.73 3.22
CA PRO D 9 -32.95 -4.24 1.83
C PRO D 9 -32.24 -3.34 0.82
N LYS D 10 -32.36 -2.02 0.97
CA LYS D 10 -31.74 -1.10 0.01
C LYS D 10 -30.27 -1.42 -0.20
N TYR D 11 -29.59 -1.92 0.83
CA TYR D 11 -28.18 -2.30 0.71
C TYR D 11 -28.00 -3.41 -0.32
N TRP D 12 -28.74 -4.51 -0.16
CA TRP D 12 -28.59 -5.64 -1.08
C TRP D 12 -28.99 -5.25 -2.50
N ARG D 13 -30.07 -4.47 -2.64
CA ARG D 13 -30.54 -4.07 -3.94
C ARG D 13 -29.50 -3.21 -4.66
N ASP D 14 -28.96 -2.20 -3.98
CA ASP D 14 -27.90 -1.38 -4.56
C ASP D 14 -26.69 -2.23 -4.97
N GLN D 15 -26.32 -3.20 -4.13
CA GLN D 15 -25.15 -4.03 -4.44
C GLN D 15 -25.35 -4.79 -5.75
N ALA D 16 -26.52 -5.39 -5.93
CA ALA D 16 -26.80 -6.10 -7.17
C ALA D 16 -26.89 -5.15 -8.36
N GLN D 17 -27.53 -3.98 -8.16
CA GLN D 17 -27.66 -3.02 -9.26
C GLN D 17 -26.29 -2.51 -9.72
N GLU D 18 -25.36 -2.28 -8.79
CA GLU D 18 -24.02 -1.90 -9.20
C GLU D 18 -23.36 -3.04 -9.98
N THR D 19 -23.59 -4.29 -9.56
CA THR D 19 -23.10 -5.43 -10.32
C THR D 19 -23.71 -5.46 -11.72
N LEU D 20 -24.98 -5.06 -11.85
CA LEU D 20 -25.61 -5.00 -13.16
C LEU D 20 -24.91 -3.98 -14.05
N LYS D 21 -24.54 -2.83 -13.49
CA LYS D 21 -23.86 -1.81 -14.28
C LYS D 21 -22.56 -2.34 -14.87
N TYR D 22 -21.74 -2.99 -14.04
CA TYR D 22 -20.49 -3.55 -14.55
C TYR D 22 -20.73 -4.70 -15.51
N ALA D 23 -21.73 -5.54 -15.23
CA ALA D 23 -22.08 -6.61 -16.17
C ALA D 23 -22.45 -6.05 -17.53
N LEU D 24 -23.20 -4.95 -17.57
CA LEU D 24 -23.53 -4.33 -18.85
C LEU D 24 -22.31 -3.69 -19.49
N GLU D 25 -21.41 -3.11 -18.69
CA GLU D 25 -20.19 -2.55 -19.24
C GLU D 25 -19.27 -3.64 -19.80
N LEU D 26 -19.33 -4.85 -19.25
CA LEU D 26 -18.55 -5.99 -19.75
C LEU D 26 -19.07 -6.54 -21.07
N GLN D 27 -20.14 -5.97 -21.62
CA GLN D 27 -20.58 -6.33 -22.95
C GLN D 27 -19.60 -5.88 -24.01
N LYS D 28 -18.93 -4.75 -23.80
CA LYS D 28 -17.80 -4.37 -24.65
C LYS D 28 -16.65 -5.32 -24.36
N LEU D 29 -16.35 -6.21 -25.30
CA LEU D 29 -15.44 -7.31 -25.06
C LEU D 29 -14.00 -6.91 -25.35
N ASN D 30 -13.07 -7.67 -24.76
CA ASN D 30 -11.63 -7.46 -24.94
C ASN D 30 -11.17 -8.44 -26.03
N THR D 31 -11.18 -7.99 -27.27
CA THR D 31 -10.70 -8.82 -28.37
C THR D 31 -9.24 -8.58 -28.70
N ASN D 32 -8.49 -7.91 -27.82
CA ASN D 32 -7.09 -7.65 -28.10
C ASN D 32 -6.30 -8.95 -28.06
N VAL D 33 -5.11 -8.91 -28.68
CA VAL D 33 -4.27 -10.09 -28.68
C VAL D 33 -3.67 -10.28 -27.28
N ALA D 34 -3.51 -11.54 -26.88
CA ALA D 34 -2.95 -11.86 -25.57
C ALA D 34 -1.44 -11.97 -25.72
N LYS D 35 -0.74 -10.87 -25.44
CA LYS D 35 0.72 -10.90 -25.44
C LYS D 35 1.25 -11.84 -24.38
N ASN D 36 0.57 -11.93 -23.24
CA ASN D 36 0.99 -12.78 -22.14
C ASN D 36 -0.17 -13.67 -21.73
N VAL D 37 0.17 -14.91 -21.32
CA VAL D 37 -0.82 -15.88 -20.87
C VAL D 37 -0.28 -16.53 -19.60
N ILE D 38 -1.03 -16.41 -18.50
CA ILE D 38 -0.66 -17.01 -17.23
C ILE D 38 -1.78 -17.94 -16.81
N MET D 39 -1.43 -19.18 -16.48
CA MET D 39 -2.40 -20.17 -16.04
C MET D 39 -2.02 -20.62 -14.64
N PHE D 40 -2.89 -20.34 -13.68
CA PHE D 40 -2.75 -20.82 -12.31
C PHE D 40 -3.52 -22.11 -12.16
N LEU D 41 -2.89 -23.13 -11.59
CA LEU D 41 -3.55 -24.40 -11.35
C LEU D 41 -3.54 -24.71 -9.86
N GLY D 42 -4.72 -24.61 -9.24
CA GLY D 42 -4.85 -25.08 -7.88
C GLY D 42 -5.07 -26.57 -7.90
N ASP D 43 -4.02 -27.34 -7.64
CA ASP D 43 -4.11 -28.80 -7.72
C ASP D 43 -5.09 -29.33 -6.69
N GLY D 44 -6.27 -29.74 -7.15
CA GLY D 44 -7.31 -30.23 -6.27
C GLY D 44 -8.25 -29.18 -5.70
N MET D 45 -8.41 -28.04 -6.37
CA MET D 45 -9.21 -26.93 -5.87
C MET D 45 -10.62 -26.98 -6.46
N GLY D 46 -11.48 -27.80 -5.83
CA GLY D 46 -12.87 -27.86 -6.23
C GLY D 46 -13.65 -26.65 -5.75
N VAL D 47 -14.89 -26.54 -6.21
CA VAL D 47 -15.76 -25.45 -5.79
C VAL D 47 -15.95 -25.49 -4.27
N SER D 48 -15.90 -26.69 -3.69
CA SER D 48 -15.96 -26.80 -2.23
C SER D 48 -14.77 -26.09 -1.59
N THR D 49 -13.59 -26.19 -2.21
CA THR D 49 -12.40 -25.55 -1.65
C THR D 49 -12.41 -24.04 -1.87
N VAL D 50 -12.82 -23.57 -3.06
CA VAL D 50 -12.78 -22.14 -3.33
C VAL D 50 -13.69 -21.38 -2.37
N THR D 51 -14.87 -21.93 -2.07
CA THR D 51 -15.77 -21.28 -1.13
C THR D 51 -15.20 -21.29 0.28
N ALA D 52 -14.68 -22.44 0.73
CA ALA D 52 -14.09 -22.53 2.06
C ALA D 52 -12.84 -21.67 2.18
N ALA D 53 -12.00 -21.65 1.16
CA ALA D 53 -10.82 -20.79 1.17
C ALA D 53 -11.21 -19.32 1.17
N ARG D 54 -12.35 -18.99 0.56
CA ARG D 54 -12.85 -17.62 0.63
C ARG D 54 -13.16 -17.23 2.08
N ILE D 55 -13.85 -18.11 2.81
CA ILE D 55 -14.14 -17.85 4.23
C ILE D 55 -12.86 -17.71 5.02
N LEU D 56 -11.87 -18.57 4.77
CA LEU D 56 -10.63 -18.52 5.54
C LEU D 56 -9.93 -17.19 5.35
N LYS D 57 -9.79 -16.75 4.09
CA LYS D 57 -9.16 -15.46 3.80
C LYS D 57 -9.83 -14.34 4.58
N GLY D 58 -11.16 -14.30 4.57
CA GLY D 58 -11.86 -13.25 5.30
C GLY D 58 -11.74 -13.38 6.81
N GLN D 59 -11.73 -14.62 7.31
CA GLN D 59 -11.64 -14.83 8.76
C GLN D 59 -10.26 -14.50 9.30
N LEU D 60 -9.21 -14.69 8.50
CA LEU D 60 -7.88 -14.27 8.92
C LEU D 60 -7.79 -12.75 9.08
N HIS D 61 -8.75 -12.00 8.55
CA HIS D 61 -8.86 -10.56 8.78
C HIS D 61 -9.99 -10.24 9.75
N HIS D 62 -10.45 -11.24 10.52
CA HIS D 62 -11.45 -11.07 11.58
C HIS D 62 -12.81 -10.64 11.05
N ASN D 63 -13.17 -11.12 9.87
CA ASN D 63 -14.50 -10.96 9.28
C ASN D 63 -15.22 -12.30 9.23
N PRO D 64 -16.55 -12.31 9.06
CA PRO D 64 -17.26 -13.60 8.92
C PRO D 64 -16.71 -14.50 7.84
N GLY D 65 -16.32 -13.96 6.69
CA GLY D 65 -15.64 -14.74 5.68
C GLY D 65 -16.47 -15.04 4.44
N GLU D 66 -17.77 -15.27 4.61
CA GLU D 66 -18.61 -15.61 3.48
C GLU D 66 -18.69 -14.45 2.49
N GLU D 67 -18.75 -13.22 2.99
CA GLU D 67 -18.85 -12.02 2.17
C GLU D 67 -17.54 -11.63 1.52
N THR D 68 -16.44 -12.28 1.90
CA THR D 68 -15.13 -11.98 1.36
C THR D 68 -15.11 -12.25 -0.14
N ARG D 69 -14.21 -11.58 -0.85
CA ARG D 69 -14.02 -11.79 -2.28
C ARG D 69 -12.60 -12.25 -2.51
N LEU D 70 -12.43 -13.49 -2.94
CA LEU D 70 -11.11 -13.92 -3.38
C LEU D 70 -10.73 -13.18 -4.65
N GLU D 71 -9.42 -13.07 -4.88
CA GLU D 71 -8.95 -12.45 -6.11
C GLU D 71 -9.47 -13.17 -7.34
N MET D 72 -9.65 -14.50 -7.26
CA MET D 72 -10.20 -15.24 -8.39
C MET D 72 -11.69 -14.98 -8.53
N ASP D 73 -12.37 -14.65 -7.42
CA ASP D 73 -13.76 -14.25 -7.48
C ASP D 73 -13.93 -12.93 -8.23
N LYS D 74 -12.88 -12.11 -8.29
CA LYS D 74 -12.94 -10.86 -9.03
C LYS D 74 -12.78 -11.06 -10.52
N PHE D 75 -12.49 -12.29 -10.96
CA PHE D 75 -12.43 -12.58 -12.38
C PHE D 75 -13.82 -12.47 -13.00
N PRO D 76 -13.95 -11.90 -14.19
CA PRO D 76 -15.29 -11.63 -14.74
C PRO D 76 -15.99 -12.87 -15.27
N PHE D 77 -15.27 -13.84 -15.83
CA PHE D 77 -15.89 -14.96 -16.52
C PHE D 77 -15.56 -16.26 -15.80
N VAL D 78 -16.57 -17.07 -15.54
CA VAL D 78 -16.44 -18.34 -14.85
C VAL D 78 -17.12 -19.42 -15.68
N ALA D 79 -16.56 -20.63 -15.70
CA ALA D 79 -17.12 -21.73 -16.46
C ALA D 79 -16.67 -23.05 -15.83
N LEU D 80 -17.50 -24.09 -15.95
CA LEU D 80 -17.09 -25.39 -15.44
C LEU D 80 -16.40 -26.24 -16.50
N SER D 81 -15.59 -27.19 -16.04
CA SER D 81 -14.88 -28.13 -16.90
C SER D 81 -15.03 -29.54 -16.36
N LYS D 82 -15.14 -30.47 -17.29
CA LYS D 82 -15.30 -31.89 -17.00
C LYS D 82 -13.92 -32.54 -16.90
N THR D 83 -13.63 -33.18 -15.77
CA THR D 83 -12.27 -33.62 -15.47
C THR D 83 -11.98 -35.06 -15.88
N TYR D 84 -12.98 -35.81 -16.36
CA TYR D 84 -12.84 -37.24 -16.59
C TYR D 84 -11.66 -37.57 -17.51
N ASN D 85 -11.01 -38.70 -17.22
CA ASN D 85 -9.98 -39.27 -18.07
C ASN D 85 -10.60 -40.33 -18.98
N THR D 86 -9.84 -40.73 -20.02
CA THR D 86 -10.31 -41.81 -20.90
C THR D 86 -10.48 -43.13 -20.16
N ASN D 87 -9.59 -43.40 -19.21
CA ASN D 87 -9.62 -44.62 -18.42
C ASN D 87 -10.30 -44.46 -17.09
N ALA D 88 -10.43 -43.23 -16.63
CA ALA D 88 -10.77 -42.95 -15.25
C ALA D 88 -11.92 -41.97 -15.20
N GLN D 89 -12.97 -42.34 -14.48
CA GLN D 89 -14.03 -41.40 -14.14
C GLN D 89 -13.50 -40.33 -13.20
N VAL D 90 -12.84 -40.75 -12.12
CA VAL D 90 -12.17 -39.84 -11.20
C VAL D 90 -10.71 -39.77 -11.63
N PRO D 91 -10.24 -38.64 -12.15
CA PRO D 91 -8.94 -38.59 -12.81
C PRO D 91 -7.79 -38.47 -11.81
N ASP D 92 -6.58 -38.57 -12.35
CA ASP D 92 -5.36 -38.30 -11.59
C ASP D 92 -4.82 -36.94 -12.00
N SER D 93 -3.70 -36.56 -11.39
CA SER D 93 -3.11 -35.25 -11.66
C SER D 93 -2.40 -35.20 -13.00
N ALA D 94 -1.92 -36.35 -13.50
CA ALA D 94 -1.14 -36.37 -14.73
C ALA D 94 -2.03 -36.38 -15.97
N GLY D 95 -3.05 -37.25 -15.98
CA GLY D 95 -3.93 -37.32 -17.13
C GLY D 95 -4.64 -36.02 -17.42
N THR D 96 -5.18 -35.39 -16.37
CA THR D 96 -5.75 -34.06 -16.52
C THR D 96 -4.72 -33.07 -17.04
N ALA D 97 -3.48 -33.16 -16.54
CA ALA D 97 -2.44 -32.23 -16.94
C ALA D 97 -2.24 -32.20 -18.45
N THR D 98 -2.23 -33.36 -19.09
CA THR D 98 -2.15 -33.41 -20.55
C THR D 98 -3.32 -32.69 -21.20
N ALA D 99 -4.49 -32.67 -20.54
CA ALA D 99 -5.66 -32.06 -21.13
C ALA D 99 -5.53 -30.53 -21.19
N TYR D 100 -5.43 -29.88 -20.03
CA TYR D 100 -5.42 -28.42 -20.02
C TYR D 100 -4.12 -27.81 -20.49
N LEU D 101 -3.05 -28.60 -20.67
CA LEU D 101 -1.78 -28.09 -21.19
C LEU D 101 -1.53 -28.50 -22.63
N CYS D 102 -1.74 -29.78 -22.96
CA CYS D 102 -1.45 -30.26 -24.30
C CYS D 102 -2.67 -30.25 -25.20
N GLY D 103 -3.86 -30.06 -24.64
CA GLY D 103 -5.07 -29.93 -25.42
C GLY D 103 -5.74 -31.23 -25.81
N VAL D 104 -5.35 -32.35 -25.21
CA VAL D 104 -5.93 -33.65 -25.54
C VAL D 104 -6.20 -34.40 -24.23
N LYS D 105 -7.34 -35.06 -24.16
CA LYS D 105 -7.64 -35.88 -23.00
C LYS D 105 -6.95 -37.22 -23.17
N ALA D 106 -6.38 -37.73 -22.09
CA ALA D 106 -5.49 -38.90 -22.18
C ALA D 106 -5.78 -39.82 -21.00
N ASN D 107 -5.03 -40.92 -20.92
CA ASN D 107 -5.21 -41.85 -19.82
C ASN D 107 -4.51 -41.37 -18.55
N GLU D 108 -4.94 -41.93 -17.43
CA GLU D 108 -4.34 -41.67 -16.14
C GLU D 108 -2.92 -42.22 -16.03
N GLY D 109 -2.05 -41.44 -15.38
CA GLY D 109 -0.67 -41.80 -15.19
C GLY D 109 0.25 -41.31 -16.28
N THR D 110 -0.29 -41.06 -17.46
CA THR D 110 0.51 -40.64 -18.60
C THR D 110 0.69 -39.13 -18.57
N VAL D 111 1.79 -38.66 -19.14
CA VAL D 111 2.14 -37.25 -19.11
C VAL D 111 2.62 -36.87 -20.50
N GLY D 112 1.91 -35.95 -21.15
CA GLY D 112 2.35 -35.50 -22.44
C GLY D 112 2.19 -36.52 -23.55
N VAL D 113 1.35 -37.53 -23.36
CA VAL D 113 1.12 -38.54 -24.39
C VAL D 113 -0.38 -38.77 -24.50
N SER D 114 -0.81 -39.20 -25.69
CA SER D 114 -2.22 -39.38 -25.98
C SER D 114 -2.76 -40.64 -25.29
N ALA D 115 -4.06 -40.90 -25.52
CA ALA D 115 -4.72 -42.06 -24.95
C ALA D 115 -4.32 -43.37 -25.64
N ALA D 116 -3.55 -43.30 -26.73
CA ALA D 116 -3.08 -44.52 -27.37
C ALA D 116 -1.92 -45.15 -26.59
N THR D 117 -1.16 -44.33 -25.87
CA THR D 117 -0.08 -44.83 -25.02
C THR D 117 -0.62 -45.49 -23.77
N GLU D 118 -0.08 -46.67 -23.45
CA GLU D 118 -0.43 -47.40 -22.25
C GLU D 118 0.61 -47.14 -21.16
N ARG D 119 0.16 -47.14 -19.91
CA ARG D 119 1.01 -46.84 -18.77
C ARG D 119 2.13 -47.85 -18.67
N SER D 120 3.36 -47.35 -18.53
CA SER D 120 4.59 -48.13 -18.39
C SER D 120 4.97 -48.83 -19.67
N ARG D 121 4.22 -48.64 -20.74
CA ARG D 121 4.59 -49.20 -22.03
C ARG D 121 5.36 -48.16 -22.80
N CYS D 122 6.69 -48.19 -22.65
CA CYS D 122 7.54 -47.31 -23.44
C CYS D 122 7.38 -47.67 -24.91
N ASN D 123 6.92 -48.89 -25.18
CA ASN D 123 6.76 -49.44 -26.52
C ASN D 123 5.58 -48.79 -27.25
N THR D 124 4.79 -47.95 -26.55
CA THR D 124 3.76 -47.10 -27.16
C THR D 124 4.04 -45.61 -27.09
N THR D 125 5.15 -45.18 -26.49
CA THR D 125 5.40 -43.74 -26.33
C THR D 125 5.63 -43.06 -27.67
N GLN D 126 6.57 -43.55 -28.47
CA GLN D 126 6.91 -42.92 -29.74
C GLN D 126 5.67 -42.80 -30.62
N GLY D 127 5.54 -41.66 -31.29
CA GLY D 127 4.43 -41.41 -32.20
C GLY D 127 3.16 -40.89 -31.56
N ASN D 128 2.98 -41.06 -30.25
CA ASN D 128 1.79 -40.60 -29.55
C ASN D 128 2.08 -39.40 -28.65
N GLU D 129 3.14 -38.65 -28.93
CA GLU D 129 3.47 -37.47 -28.13
C GLU D 129 2.55 -36.32 -28.49
N VAL D 130 2.16 -35.54 -27.49
CA VAL D 130 1.31 -34.38 -27.71
C VAL D 130 2.02 -33.17 -27.11
N THR D 131 2.14 -32.11 -27.89
CA THR D 131 2.85 -30.92 -27.41
C THR D 131 1.93 -30.08 -26.52
N SER D 132 2.55 -29.27 -25.67
CA SER D 132 1.82 -28.45 -24.72
C SER D 132 1.79 -27.00 -25.16
N ILE D 133 0.93 -26.22 -24.50
CA ILE D 133 0.83 -24.80 -24.80
C ILE D 133 2.14 -24.08 -24.50
N LEU D 134 2.94 -24.64 -23.58
CA LEU D 134 4.26 -24.07 -23.28
C LEU D 134 5.13 -24.03 -24.54
N ARG D 135 5.23 -25.17 -25.23
CA ARG D 135 6.04 -25.27 -26.44
C ARG D 135 5.54 -24.31 -27.52
N TRP D 136 4.22 -24.28 -27.75
CA TRP D 136 3.67 -23.37 -28.74
C TRP D 136 4.02 -21.93 -28.42
N ALA D 137 4.05 -21.58 -27.13
CA ALA D 137 4.37 -20.22 -26.74
C ALA D 137 5.84 -19.92 -26.99
N LYS D 138 6.72 -20.84 -26.63
CA LYS D 138 8.14 -20.63 -26.86
C LYS D 138 8.51 -20.69 -28.34
N ASP D 139 7.80 -21.50 -29.12
CA ASP D 139 8.03 -21.52 -30.56
C ASP D 139 7.62 -20.22 -31.22
N ALA D 140 6.75 -19.44 -30.59
CA ALA D 140 6.37 -18.12 -31.07
C ALA D 140 7.26 -17.02 -30.51
N GLY D 141 8.32 -17.40 -29.79
CA GLY D 141 9.27 -16.46 -29.25
C GLY D 141 9.00 -15.99 -27.83
N LYS D 142 7.80 -16.22 -27.32
CA LYS D 142 7.45 -15.75 -25.98
C LYS D 142 8.26 -16.51 -24.94
N SER D 143 8.57 -15.82 -23.84
CA SER D 143 9.26 -16.49 -22.72
C SER D 143 8.31 -17.44 -22.00
N VAL D 144 8.88 -18.46 -21.38
CA VAL D 144 8.09 -19.47 -20.70
C VAL D 144 8.58 -19.62 -19.27
N GLY D 145 7.68 -20.01 -18.39
CA GLY D 145 8.03 -20.16 -16.99
C GLY D 145 7.19 -21.21 -16.31
N ILE D 146 7.81 -21.93 -15.38
CA ILE D 146 7.13 -22.95 -14.59
C ILE D 146 7.45 -22.65 -13.13
N VAL D 147 6.41 -22.35 -12.36
CA VAL D 147 6.53 -22.03 -10.94
C VAL D 147 5.61 -22.97 -10.19
N THR D 148 6.17 -23.66 -9.20
CA THR D 148 5.43 -24.66 -8.46
C THR D 148 6.00 -24.79 -7.08
N THR D 149 5.17 -25.24 -6.15
CA THR D 149 5.61 -25.61 -4.82
C THR D 149 5.91 -27.09 -4.69
N THR D 150 5.49 -27.90 -5.65
CA THR D 150 5.90 -29.30 -5.68
C THR D 150 7.15 -29.43 -6.55
N ARG D 151 7.69 -30.64 -6.58
CA ARG D 151 8.83 -30.93 -7.44
C ARG D 151 8.53 -30.54 -8.89
N VAL D 152 9.56 -30.03 -9.57
CA VAL D 152 9.39 -29.63 -10.96
C VAL D 152 9.13 -30.82 -11.86
N ASN D 153 9.44 -32.03 -11.42
CA ASN D 153 9.19 -33.25 -12.18
C ASN D 153 7.91 -33.95 -11.74
N HIS D 154 7.07 -33.31 -10.92
CA HIS D 154 5.79 -33.87 -10.51
C HIS D 154 4.85 -33.97 -11.72
N ALA D 155 3.65 -34.51 -11.50
CA ALA D 155 2.74 -34.81 -12.60
C ALA D 155 2.26 -33.55 -13.29
N THR D 156 1.77 -32.57 -12.53
CA THR D 156 1.24 -31.34 -13.12
C THR D 156 2.28 -30.54 -13.90
N PRO D 157 3.48 -30.25 -13.38
CA PRO D 157 4.42 -29.47 -14.20
C PRO D 157 5.04 -30.25 -15.33
N SER D 158 5.20 -31.57 -15.20
CA SER D 158 5.87 -32.35 -16.24
C SER D 158 5.10 -32.35 -17.55
N ALA D 159 3.77 -32.19 -17.49
CA ALA D 159 3.00 -32.20 -18.73
C ALA D 159 3.31 -31.02 -19.64
N ALA D 160 3.94 -29.98 -19.11
CA ALA D 160 4.31 -28.83 -19.93
C ALA D 160 5.46 -29.16 -20.88
N TYR D 161 6.43 -29.94 -20.42
CA TYR D 161 7.65 -30.15 -21.19
C TYR D 161 7.90 -31.60 -21.57
N ALA D 162 7.41 -32.57 -20.80
CA ALA D 162 7.79 -33.97 -20.94
C ALA D 162 6.70 -34.78 -21.64
N HIS D 163 7.14 -35.93 -22.17
CA HIS D 163 6.29 -36.96 -22.77
C HIS D 163 6.75 -38.30 -22.21
N SER D 164 6.14 -38.74 -21.11
CA SER D 164 6.53 -39.97 -20.44
C SER D 164 5.34 -40.92 -20.33
N ALA D 165 5.64 -42.23 -20.36
CA ALA D 165 4.61 -43.25 -20.28
C ALA D 165 4.18 -43.54 -18.84
N ASP D 166 4.91 -43.03 -17.86
CA ASP D 166 4.55 -43.21 -16.46
C ASP D 166 5.02 -41.97 -15.71
N ARG D 167 4.11 -41.40 -14.92
CA ARG D 167 4.39 -40.19 -14.16
C ARG D 167 5.35 -40.43 -13.01
N ASP D 168 5.51 -41.68 -12.57
CA ASP D 168 6.39 -42.01 -11.47
C ASP D 168 7.86 -42.01 -11.87
N TRP D 169 8.17 -41.88 -13.15
CA TRP D 169 9.55 -41.91 -13.66
C TRP D 169 10.20 -40.53 -13.56
N TYR D 170 10.29 -40.03 -12.33
CA TYR D 170 10.90 -38.73 -12.09
C TYR D 170 12.31 -38.68 -12.63
N SER D 171 13.17 -39.57 -12.13
CA SER D 171 14.53 -39.72 -12.63
C SER D 171 14.74 -41.17 -13.03
N ASP D 172 15.91 -41.44 -13.60
CA ASP D 172 16.30 -42.79 -13.99
C ASP D 172 16.28 -43.79 -12.85
N ASN D 173 16.39 -43.33 -11.61
CA ASN D 173 16.38 -44.28 -10.49
C ASN D 173 15.01 -44.92 -10.35
N GLU D 174 13.95 -44.16 -10.60
CA GLU D 174 12.59 -44.66 -10.49
C GLU D 174 12.14 -45.37 -11.76
N MET D 175 12.98 -45.43 -12.79
CA MET D 175 12.65 -46.10 -14.03
C MET D 175 12.98 -47.59 -13.96
N PRO D 176 12.08 -48.45 -14.43
CA PRO D 176 12.34 -49.89 -14.41
C PRO D 176 13.40 -50.26 -15.42
N PRO D 177 14.01 -51.44 -15.30
CA PRO D 177 15.08 -51.81 -16.24
C PRO D 177 14.64 -51.85 -17.69
N GLU D 178 13.44 -52.35 -17.97
CA GLU D 178 12.98 -52.39 -19.35
C GLU D 178 12.89 -50.99 -19.97
N ALA D 179 12.32 -50.03 -19.23
CA ALA D 179 12.05 -48.71 -19.78
C ALA D 179 13.31 -48.00 -20.25
N LEU D 180 14.34 -47.88 -19.38
CA LEU D 180 15.56 -47.22 -19.83
C LEU D 180 16.19 -47.97 -20.98
N SER D 181 16.13 -49.31 -20.99
CA SER D 181 16.70 -50.04 -22.12
C SER D 181 15.88 -49.85 -23.38
N GLN D 182 14.57 -49.58 -23.23
CA GLN D 182 13.70 -49.32 -24.37
C GLN D 182 13.99 -47.98 -25.02
N GLY D 183 14.86 -47.18 -24.42
CA GLY D 183 15.23 -45.89 -24.96
C GLY D 183 14.47 -44.73 -24.37
N CYS D 184 13.60 -45.00 -23.39
CA CYS D 184 12.84 -43.96 -22.73
C CYS D 184 13.73 -43.22 -21.73
N LYS D 185 13.57 -41.91 -21.68
CA LYS D 185 14.36 -41.07 -20.78
C LYS D 185 13.46 -40.52 -19.68
N ASP D 186 14.04 -40.35 -18.51
CA ASP D 186 13.30 -39.89 -17.35
C ASP D 186 12.85 -38.44 -17.53
N ILE D 187 11.89 -38.02 -16.69
CA ILE D 187 11.35 -36.66 -16.77
C ILE D 187 12.42 -35.63 -16.49
N ALA D 188 13.23 -35.85 -15.45
CA ALA D 188 14.30 -34.91 -15.14
C ALA D 188 15.17 -34.64 -16.37
N TYR D 189 15.57 -35.69 -17.08
CA TYR D 189 16.27 -35.53 -18.35
C TYR D 189 15.43 -34.71 -19.32
N GLN D 190 14.14 -35.02 -19.42
CA GLN D 190 13.27 -34.31 -20.36
C GLN D 190 13.06 -32.86 -19.99
N LEU D 191 13.27 -32.49 -18.73
CA LEU D 191 13.15 -31.09 -18.33
C LEU D 191 14.20 -30.23 -19.02
N MET D 192 15.47 -30.64 -18.94
CA MET D 192 16.56 -29.86 -19.53
C MET D 192 16.70 -30.11 -21.03
N HIS D 193 16.35 -31.31 -21.49
CA HIS D 193 16.72 -31.72 -22.84
C HIS D 193 15.62 -31.47 -23.87
N ASN D 194 14.36 -31.72 -23.51
CA ASN D 194 13.26 -31.55 -24.46
C ASN D 194 13.18 -30.10 -24.92
N ILE D 195 12.94 -29.19 -23.99
CA ILE D 195 12.91 -27.75 -24.27
C ILE D 195 14.09 -27.14 -23.53
N ARG D 196 15.11 -26.75 -24.30
CA ARG D 196 16.36 -26.27 -23.72
C ARG D 196 16.26 -24.80 -23.29
N ASP D 197 15.39 -24.01 -23.95
CA ASP D 197 15.26 -22.58 -23.73
C ASP D 197 14.11 -22.22 -22.79
N ILE D 198 13.79 -23.09 -21.82
CA ILE D 198 12.79 -22.72 -20.81
C ILE D 198 13.41 -21.65 -19.91
N ASP D 199 12.78 -20.48 -19.88
CA ASP D 199 13.39 -19.31 -19.26
C ASP D 199 13.47 -19.46 -17.74
N VAL D 200 12.31 -19.64 -17.09
CA VAL D 200 12.24 -19.71 -15.64
C VAL D 200 11.70 -21.09 -15.25
N ILE D 201 12.34 -21.71 -14.26
CA ILE D 201 11.92 -22.99 -13.70
C ILE D 201 12.16 -22.91 -12.21
N MET D 202 11.09 -22.96 -11.42
CA MET D 202 11.20 -22.91 -9.98
C MET D 202 10.27 -23.97 -9.39
N GLY D 203 10.72 -24.57 -8.30
CA GLY D 203 10.03 -25.67 -7.68
C GLY D 203 11.01 -26.55 -6.94
N GLY D 204 10.51 -27.68 -6.44
CA GLY D 204 11.33 -28.66 -5.77
C GLY D 204 11.96 -29.65 -6.74
N GLY D 205 12.56 -30.70 -6.15
CA GLY D 205 13.14 -31.79 -6.90
C GLY D 205 14.63 -31.70 -7.19
N ARG D 206 15.43 -31.34 -6.18
CA ARG D 206 16.87 -31.21 -6.40
C ARG D 206 17.53 -32.57 -6.57
N LYS D 207 17.13 -33.55 -5.76
CA LYS D 207 17.79 -34.85 -5.74
C LYS D 207 17.77 -35.52 -7.12
N TYR D 208 16.81 -35.15 -7.97
CA TYR D 208 16.68 -35.73 -9.29
C TYR D 208 17.57 -35.05 -10.34
N MET D 209 18.31 -34.00 -9.98
CA MET D 209 19.17 -33.30 -10.92
C MET D 209 20.65 -33.59 -10.74
N TYR D 210 21.05 -34.13 -9.61
CA TYR D 210 22.42 -34.39 -9.22
C TYR D 210 22.71 -35.89 -9.24
N PRO D 211 23.98 -36.28 -9.44
CA PRO D 211 24.31 -37.71 -9.51
C PRO D 211 23.94 -38.45 -8.23
N LYS D 212 24.03 -39.76 -8.31
CA LYS D 212 23.56 -40.62 -7.23
C LYS D 212 24.42 -40.41 -5.99
N ASN D 213 23.78 -40.57 -4.82
CA ASN D 213 24.45 -40.49 -3.53
C ASN D 213 25.21 -39.18 -3.33
N LYS D 214 24.83 -38.14 -4.09
CA LYS D 214 25.39 -36.80 -3.96
C LYS D 214 24.80 -36.09 -2.75
N THR D 215 25.59 -35.22 -2.11
CA THR D 215 25.11 -34.59 -0.88
C THR D 215 24.36 -33.32 -1.24
N ASP D 216 23.23 -33.11 -0.59
CA ASP D 216 22.42 -31.93 -0.85
C ASP D 216 23.02 -30.72 -0.14
N VAL D 217 22.94 -29.57 -0.81
CA VAL D 217 23.57 -28.39 -0.26
C VAL D 217 22.82 -27.96 1.01
N GLU D 218 21.49 -27.99 0.98
CA GLU D 218 20.72 -27.56 2.14
C GLU D 218 20.79 -28.58 3.27
N TYR D 219 20.63 -29.86 2.95
CA TYR D 219 20.60 -30.94 3.93
C TYR D 219 21.73 -31.91 3.60
N GLU D 220 22.89 -31.68 4.22
CA GLU D 220 24.05 -32.53 3.97
C GLU D 220 23.90 -33.92 4.56
N SER D 221 23.25 -34.02 5.73
CA SER D 221 23.15 -35.28 6.45
C SER D 221 21.98 -36.11 5.98
N ASP D 222 21.04 -35.50 5.27
CA ASP D 222 19.80 -36.15 4.91
C ASP D 222 20.10 -37.18 3.82
N GLU D 223 19.84 -38.46 4.11
CA GLU D 223 20.11 -39.52 3.14
C GLU D 223 19.13 -39.48 1.98
N LYS D 224 17.90 -39.05 2.22
CA LYS D 224 16.92 -38.93 1.14
C LYS D 224 17.33 -37.85 0.16
N ALA D 225 17.89 -36.75 0.68
CA ALA D 225 18.31 -35.66 -0.18
C ALA D 225 19.51 -36.03 -1.03
N ARG D 226 20.14 -37.18 -0.80
CA ARG D 226 21.22 -37.57 -1.67
C ARG D 226 20.68 -37.82 -3.07
N GLY D 227 21.40 -37.29 -4.07
CA GLY D 227 20.90 -37.35 -5.43
C GLY D 227 20.56 -38.78 -5.85
N THR D 228 19.80 -38.88 -6.93
CA THR D 228 19.25 -40.16 -7.36
C THR D 228 19.67 -40.54 -8.77
N ARG D 229 20.43 -39.68 -9.46
CA ARG D 229 20.75 -39.91 -10.86
C ARG D 229 21.78 -41.02 -10.99
N LEU D 230 21.36 -42.14 -11.58
CA LEU D 230 22.30 -43.18 -11.98
C LEU D 230 23.05 -42.78 -13.24
N ASP D 231 22.49 -41.85 -14.02
CA ASP D 231 23.13 -41.35 -15.21
C ASP D 231 24.44 -40.63 -14.90
N GLY D 232 24.72 -40.36 -13.63
CA GLY D 232 25.94 -39.64 -13.26
C GLY D 232 26.05 -38.32 -13.97
N LEU D 233 24.93 -37.60 -14.10
CA LEU D 233 24.90 -36.34 -14.82
C LEU D 233 24.51 -35.24 -13.84
N ASP D 234 25.15 -34.09 -13.99
CA ASP D 234 24.78 -32.89 -13.25
C ASP D 234 23.85 -32.08 -14.15
N LEU D 235 22.56 -32.41 -14.08
CA LEU D 235 21.57 -31.73 -14.90
C LEU D 235 21.54 -30.24 -14.60
N VAL D 236 21.89 -29.85 -13.38
CA VAL D 236 22.06 -28.42 -13.08
C VAL D 236 23.11 -27.80 -13.98
N ASP D 237 24.24 -28.49 -14.19
CA ASP D 237 25.23 -28.00 -15.15
C ASP D 237 24.73 -28.16 -16.58
N THR D 238 24.13 -29.33 -16.88
CA THR D 238 23.54 -29.56 -18.19
C THR D 238 22.55 -28.46 -18.54
N TRP D 239 21.94 -27.85 -17.54
CA TRP D 239 21.04 -26.72 -17.77
C TRP D 239 21.79 -25.51 -18.34
N LYS D 240 22.83 -25.03 -17.63
CA LYS D 240 23.52 -23.81 -18.06
C LYS D 240 24.34 -24.03 -19.32
N SER D 241 24.80 -25.25 -19.57
CA SER D 241 25.60 -25.52 -20.74
C SER D 241 24.81 -25.30 -22.03
N PHE D 242 23.49 -25.52 -22.01
CA PHE D 242 22.65 -25.30 -23.20
C PHE D 242 22.34 -23.83 -23.44
N LYS D 243 22.55 -22.98 -22.43
CA LYS D 243 22.24 -21.56 -22.54
C LYS D 243 23.26 -20.83 -23.42
N PRO D 244 22.82 -19.77 -24.11
CA PRO D 244 23.76 -18.97 -24.92
C PRO D 244 24.78 -18.24 -24.06
N ARG D 245 25.90 -17.88 -24.70
CA ARG D 245 27.03 -17.30 -23.96
C ARG D 245 26.69 -15.92 -23.41
N TYR D 246 26.10 -15.06 -24.24
CA TYR D 246 25.78 -13.70 -23.81
C TYR D 246 24.60 -13.66 -22.84
N LYS D 247 23.86 -14.76 -22.71
CA LYS D 247 22.66 -14.80 -21.86
C LYS D 247 23.06 -15.17 -20.43
N HIS D 248 22.62 -14.35 -19.47
CA HIS D 248 22.91 -14.59 -18.07
C HIS D 248 21.96 -15.64 -17.50
N SER D 249 22.52 -16.67 -16.87
CA SER D 249 21.70 -17.73 -16.28
C SER D 249 22.23 -18.06 -14.89
N HIS D 250 21.38 -17.91 -13.88
CA HIS D 250 21.75 -18.16 -12.50
C HIS D 250 20.97 -19.35 -11.96
N PHE D 251 21.62 -20.13 -11.09
CA PHE D 251 20.97 -21.20 -10.36
C PHE D 251 20.96 -20.79 -8.89
N ILE D 252 19.78 -20.90 -8.27
CA ILE D 252 19.62 -20.52 -6.88
C ILE D 252 18.94 -21.68 -6.14
N TRP D 253 19.19 -21.75 -4.83
CA TRP D 253 18.59 -22.79 -4.02
C TRP D 253 17.98 -22.31 -2.72
N ASN D 254 18.13 -21.04 -2.35
CA ASN D 254 17.46 -20.56 -1.15
C ASN D 254 16.89 -19.18 -1.41
N ARG D 255 16.00 -18.76 -0.51
CA ARG D 255 15.22 -17.54 -0.69
C ARG D 255 16.08 -16.29 -0.72
N THR D 256 17.16 -16.27 0.05
CA THR D 256 18.00 -15.07 0.09
C THR D 256 18.50 -14.72 -1.30
N GLU D 257 18.87 -15.72 -2.10
CA GLU D 257 19.37 -15.43 -3.44
C GLU D 257 18.26 -14.94 -4.36
N LEU D 258 17.05 -15.51 -4.23
CA LEU D 258 15.96 -15.10 -5.11
C LEU D 258 15.65 -13.62 -4.92
N LEU D 259 15.65 -13.15 -3.67
CA LEU D 259 15.37 -11.75 -3.40
C LEU D 259 16.50 -10.82 -3.83
N THR D 260 17.73 -11.32 -3.96
CA THR D 260 18.82 -10.46 -4.40
C THR D 260 18.88 -10.34 -5.93
N LEU D 261 18.32 -11.30 -6.67
CA LEU D 261 18.46 -11.27 -8.12
C LEU D 261 17.87 -9.99 -8.70
N ASP D 262 18.54 -9.48 -9.74
CA ASP D 262 18.04 -8.36 -10.50
C ASP D 262 17.43 -8.91 -11.77
N PRO D 263 16.12 -8.74 -12.01
CA PRO D 263 15.53 -9.32 -13.22
C PRO D 263 16.11 -8.76 -14.51
N HIS D 264 16.56 -7.51 -14.50
CA HIS D 264 17.12 -6.93 -15.71
C HIS D 264 18.42 -7.61 -16.09
N ASN D 265 19.12 -8.19 -15.11
CA ASN D 265 20.36 -8.90 -15.35
C ASN D 265 20.15 -10.37 -15.68
N VAL D 266 19.11 -10.98 -15.12
CA VAL D 266 18.88 -12.42 -15.23
C VAL D 266 18.05 -12.71 -16.49
N ASP D 267 18.59 -13.56 -17.37
CA ASP D 267 17.87 -13.99 -18.57
C ASP D 267 17.32 -15.41 -18.46
N TYR D 268 17.98 -16.29 -17.72
CA TYR D 268 17.53 -17.65 -17.45
C TYR D 268 17.73 -17.96 -15.97
N LEU D 269 16.70 -18.55 -15.35
CA LEU D 269 16.77 -18.84 -13.93
C LEU D 269 16.21 -20.22 -13.62
N LEU D 270 17.01 -21.02 -12.91
CA LEU D 270 16.59 -22.32 -12.39
C LEU D 270 16.75 -22.30 -10.88
N GLY D 271 15.65 -22.40 -10.16
CA GLY D 271 15.66 -22.35 -8.72
C GLY D 271 14.95 -23.53 -8.10
N LEU D 272 15.75 -24.46 -7.59
CA LEU D 272 15.28 -25.67 -6.94
C LEU D 272 15.56 -25.57 -5.44
N PHE D 273 14.50 -25.43 -4.63
CA PHE D 273 14.65 -25.04 -3.24
C PHE D 273 14.53 -26.20 -2.27
N GLU D 274 14.35 -27.43 -2.75
CA GLU D 274 14.12 -28.55 -1.86
C GLU D 274 14.39 -29.83 -2.60
N PRO D 275 14.89 -30.87 -1.91
CA PRO D 275 15.07 -32.17 -2.57
C PRO D 275 13.77 -32.81 -3.04
N GLY D 276 12.79 -32.92 -2.16
CA GLY D 276 11.47 -33.36 -2.56
C GLY D 276 10.55 -32.19 -2.81
N ASP D 277 9.28 -32.33 -2.44
CA ASP D 277 8.35 -31.22 -2.56
C ASP D 277 8.65 -30.16 -1.49
N MET D 278 8.38 -28.91 -1.83
CA MET D 278 8.56 -27.86 -0.84
C MET D 278 7.49 -27.97 0.24
N GLN D 279 7.78 -27.39 1.40
CA GLN D 279 6.88 -27.51 2.54
C GLN D 279 5.59 -26.74 2.31
N TYR D 280 4.59 -27.09 3.13
CA TYR D 280 3.37 -26.32 3.21
C TYR D 280 3.69 -24.89 3.63
N GLU D 281 2.78 -23.98 3.29
CA GLU D 281 2.99 -22.58 3.66
C GLU D 281 3.00 -22.42 5.16
N LEU D 282 2.26 -23.27 5.88
CA LEU D 282 2.27 -23.22 7.34
C LEU D 282 3.56 -23.75 7.95
N ASN D 283 4.30 -24.59 7.22
CA ASN D 283 5.54 -25.16 7.75
C ASN D 283 6.78 -24.64 7.04
N ARG D 284 6.64 -23.60 6.22
CA ARG D 284 7.75 -23.04 5.45
C ARG D 284 8.71 -22.26 6.33
N ASN D 285 10.01 -22.41 6.06
CA ASN D 285 11.01 -21.62 6.76
C ASN D 285 11.16 -20.27 6.07
N ASN D 286 11.04 -19.20 6.87
CA ASN D 286 10.96 -17.86 6.33
C ASN D 286 12.27 -17.44 5.66
N VAL D 287 13.40 -17.96 6.16
CA VAL D 287 14.71 -17.51 5.71
C VAL D 287 15.24 -18.37 4.57
N THR D 288 15.01 -19.67 4.60
CA THR D 288 15.60 -20.55 3.59
C THR D 288 14.76 -20.66 2.33
N ASP D 289 13.44 -20.81 2.47
CA ASP D 289 12.64 -21.10 1.30
C ASP D 289 11.62 -20.00 1.04
N PRO D 290 11.36 -19.68 -0.22
CA PRO D 290 10.40 -18.60 -0.52
C PRO D 290 8.98 -19.13 -0.64
N SER D 291 8.04 -18.21 -0.44
CA SER D 291 6.63 -18.51 -0.61
C SER D 291 6.27 -18.52 -2.08
N LEU D 292 5.09 -19.08 -2.39
CA LEU D 292 4.65 -19.12 -3.77
C LEU D 292 4.50 -17.73 -4.35
N SER D 293 4.03 -16.77 -3.55
CA SER D 293 3.90 -15.40 -4.02
C SER D 293 5.27 -14.83 -4.37
N GLU D 294 6.26 -15.02 -3.48
CA GLU D 294 7.60 -14.50 -3.72
C GLU D 294 8.20 -15.09 -5.00
N MET D 295 7.93 -16.38 -5.26
CA MET D 295 8.47 -17.02 -6.46
C MET D 295 7.81 -16.49 -7.72
N VAL D 296 6.49 -16.27 -7.68
CA VAL D 296 5.76 -15.84 -8.86
C VAL D 296 6.10 -14.40 -9.24
N VAL D 297 6.28 -13.54 -8.23
CA VAL D 297 6.56 -12.13 -8.50
C VAL D 297 7.83 -11.98 -9.32
N VAL D 298 8.94 -12.56 -8.86
CA VAL D 298 10.20 -12.45 -9.58
C VAL D 298 10.11 -13.14 -10.94
N ALA D 299 9.37 -14.24 -11.05
CA ALA D 299 9.22 -14.92 -12.34
C ALA D 299 8.62 -13.99 -13.38
N ILE D 300 7.52 -13.32 -13.02
CA ILE D 300 6.91 -12.36 -13.94
C ILE D 300 7.88 -11.25 -14.29
N GLN D 301 8.67 -10.78 -13.33
CA GLN D 301 9.63 -9.71 -13.60
C GLN D 301 10.66 -10.14 -14.66
N ILE D 302 11.09 -11.41 -14.61
CA ILE D 302 12.04 -11.89 -15.61
C ILE D 302 11.37 -12.02 -16.98
N LEU D 303 10.16 -12.59 -17.02
CA LEU D 303 9.54 -12.88 -18.30
C LEU D 303 9.02 -11.64 -19.00
N ARG D 304 8.73 -10.58 -18.26
CA ARG D 304 8.21 -9.33 -18.83
C ARG D 304 9.15 -8.72 -19.86
N LYS D 305 10.45 -9.02 -19.78
CA LYS D 305 11.44 -8.35 -20.62
C LYS D 305 11.25 -8.69 -22.09
N ASN D 306 10.92 -9.94 -22.40
CA ASN D 306 10.70 -10.33 -23.78
C ASN D 306 9.59 -9.52 -24.41
N PRO D 307 9.86 -8.76 -25.48
CA PRO D 307 8.78 -7.95 -26.07
C PRO D 307 7.68 -8.77 -26.70
N LYS D 308 7.99 -9.99 -27.18
CA LYS D 308 6.95 -10.81 -27.80
C LYS D 308 5.94 -11.33 -26.79
N GLY D 309 6.28 -11.36 -25.50
CA GLY D 309 5.38 -11.79 -24.46
C GLY D 309 5.94 -12.94 -23.66
N PHE D 310 5.07 -13.57 -22.88
CA PHE D 310 5.50 -14.70 -22.08
C PHE D 310 4.30 -15.54 -21.67
N PHE D 311 4.56 -16.81 -21.40
CA PHE D 311 3.59 -17.73 -20.84
C PHE D 311 4.12 -18.22 -19.50
N LEU D 312 3.25 -18.26 -18.49
CA LEU D 312 3.64 -18.70 -17.17
C LEU D 312 2.63 -19.72 -16.64
N LEU D 313 3.16 -20.83 -16.13
CA LEU D 313 2.35 -21.87 -15.50
C LEU D 313 2.69 -21.87 -14.02
N VAL D 314 1.71 -21.55 -13.18
CA VAL D 314 1.87 -21.55 -11.73
C VAL D 314 0.95 -22.63 -11.17
N GLU D 315 1.45 -23.35 -10.17
CA GLU D 315 0.68 -24.42 -9.53
C GLU D 315 0.75 -24.27 -8.02
N GLY D 316 -0.39 -24.02 -7.40
CA GLY D 316 -0.46 -24.08 -5.95
C GLY D 316 -0.07 -25.45 -5.44
N GLY D 317 -0.53 -26.50 -6.13
CA GLY D 317 -0.01 -27.84 -5.98
C GLY D 317 -0.32 -28.54 -4.67
N ARG D 318 0.31 -28.06 -3.60
CA ARG D 318 0.27 -28.68 -2.29
C ARG D 318 -1.13 -28.84 -1.71
N ILE D 319 -2.14 -28.20 -2.30
CA ILE D 319 -3.51 -28.43 -1.87
C ILE D 319 -3.89 -29.91 -2.00
N ASP D 320 -3.48 -30.53 -3.11
CA ASP D 320 -3.80 -31.93 -3.34
C ASP D 320 -3.31 -32.80 -2.19
N HIS D 321 -1.99 -32.81 -1.95
CA HIS D 321 -1.43 -33.55 -0.82
C HIS D 321 -2.08 -33.13 0.50
N GLY D 322 -2.65 -31.92 0.56
CA GLY D 322 -3.33 -31.51 1.77
C GLY D 322 -4.66 -32.23 1.95
N HIS D 323 -5.49 -32.25 0.91
CA HIS D 323 -6.72 -33.02 0.97
C HIS D 323 -6.40 -34.50 1.12
N HIS D 324 -5.35 -34.97 0.45
CA HIS D 324 -4.92 -36.36 0.56
C HIS D 324 -4.67 -36.77 2.01
N GLU D 325 -4.04 -35.89 2.79
CA GLU D 325 -3.72 -36.19 4.17
C GLU D 325 -4.85 -35.84 5.12
N GLY D 326 -6.00 -35.42 4.59
CA GLY D 326 -7.12 -35.08 5.42
C GLY D 326 -6.93 -33.83 6.26
N LYS D 327 -5.80 -33.16 6.12
CA LYS D 327 -5.50 -31.97 6.91
C LYS D 327 -6.09 -30.77 6.17
N ALA D 328 -7.36 -30.48 6.48
CA ALA D 328 -8.07 -29.43 5.77
C ALA D 328 -7.43 -28.07 6.00
N LYS D 329 -6.90 -27.83 7.21
CA LYS D 329 -6.27 -26.55 7.49
C LYS D 329 -5.07 -26.31 6.59
N GLN D 330 -4.29 -27.36 6.31
CA GLN D 330 -3.17 -27.24 5.40
C GLN D 330 -3.65 -26.92 3.98
N ALA D 331 -4.61 -27.69 3.48
CA ALA D 331 -5.07 -27.51 2.11
C ALA D 331 -5.69 -26.13 1.90
N LEU D 332 -6.57 -25.72 2.83
CA LEU D 332 -7.23 -24.43 2.71
C LEU D 332 -6.23 -23.28 2.72
N HIS D 333 -5.23 -23.36 3.60
CA HIS D 333 -4.20 -22.33 3.65
C HIS D 333 -3.40 -22.28 2.35
N GLU D 334 -3.14 -23.44 1.76
CA GLU D 334 -2.47 -23.48 0.46
C GLU D 334 -3.27 -22.72 -0.60
N ALA D 335 -4.60 -22.88 -0.59
CA ALA D 335 -5.44 -22.20 -1.57
C ALA D 335 -5.39 -20.70 -1.38
N VAL D 336 -5.43 -20.23 -0.13
CA VAL D 336 -5.34 -18.79 0.12
C VAL D 336 -4.01 -18.23 -0.36
N GLU D 337 -2.92 -18.99 -0.17
CA GLU D 337 -1.63 -18.51 -0.63
C GLU D 337 -1.60 -18.33 -2.14
N MET D 338 -2.15 -19.31 -2.88
CA MET D 338 -2.22 -19.17 -4.33
C MET D 338 -3.03 -17.93 -4.71
N ASP D 339 -4.11 -17.64 -3.97
CA ASP D 339 -4.88 -16.43 -4.24
C ASP D 339 -4.04 -15.18 -4.02
N ARG D 340 -3.20 -15.15 -2.98
CA ARG D 340 -2.30 -14.02 -2.81
C ARG D 340 -1.45 -13.82 -4.06
N ALA D 341 -0.90 -14.91 -4.60
CA ALA D 341 -0.10 -14.81 -5.81
C ALA D 341 -0.94 -14.35 -7.01
N ILE D 342 -2.21 -14.73 -7.04
CA ILE D 342 -3.09 -14.29 -8.13
C ILE D 342 -3.31 -12.78 -8.07
N GLY D 343 -3.51 -12.24 -6.87
CA GLY D 343 -3.68 -10.79 -6.76
C GLY D 343 -2.42 -10.02 -7.11
N GLN D 344 -1.26 -10.51 -6.66
CA GLN D 344 0.00 -9.87 -7.00
C GLN D 344 0.25 -9.89 -8.50
N ALA D 345 0.12 -11.06 -9.13
CA ALA D 345 0.29 -11.15 -10.58
C ALA D 345 -0.65 -10.20 -11.30
N GLY D 346 -1.75 -9.80 -10.67
CA GLY D 346 -2.67 -8.86 -11.30
C GLY D 346 -2.11 -7.46 -11.42
N SER D 347 -1.25 -7.06 -10.47
CA SER D 347 -0.64 -5.74 -10.55
C SER D 347 0.54 -5.70 -11.50
N LEU D 348 1.21 -6.84 -11.70
CA LEU D 348 2.38 -6.89 -12.56
C LEU D 348 2.02 -6.95 -14.04
N THR D 349 0.78 -7.28 -14.38
CA THR D 349 0.33 -7.35 -15.76
C THR D 349 -0.93 -6.50 -15.93
N SER D 350 -1.24 -6.17 -17.18
CA SER D 350 -2.45 -5.43 -17.50
C SER D 350 -3.47 -6.36 -18.11
N SER D 351 -4.75 -6.13 -17.78
CA SER D 351 -5.81 -6.94 -18.37
C SER D 351 -5.99 -6.67 -19.86
N GLU D 352 -5.45 -5.56 -20.35
CA GLU D 352 -5.57 -5.24 -21.77
C GLU D 352 -4.75 -6.18 -22.64
N ASP D 353 -3.55 -6.58 -22.20
CA ASP D 353 -2.73 -7.44 -23.03
C ASP D 353 -2.51 -8.82 -22.45
N THR D 354 -2.88 -9.06 -21.20
CA THR D 354 -2.57 -10.32 -20.52
C THR D 354 -3.86 -11.09 -20.22
N LEU D 355 -3.91 -12.34 -20.66
CA LEU D 355 -5.00 -13.26 -20.37
C LEU D 355 -4.58 -14.18 -19.23
N THR D 356 -5.33 -14.17 -18.13
CA THR D 356 -5.05 -15.00 -16.96
C THR D 356 -6.18 -15.99 -16.73
N VAL D 357 -5.82 -17.24 -16.45
CA VAL D 357 -6.77 -18.31 -16.22
C VAL D 357 -6.40 -19.04 -14.93
N VAL D 358 -7.37 -19.19 -14.03
CA VAL D 358 -7.21 -19.92 -12.78
C VAL D 358 -8.17 -21.09 -12.77
N THR D 359 -7.66 -22.29 -12.57
CA THR D 359 -8.48 -23.50 -12.62
C THR D 359 -7.86 -24.57 -11.72
N ALA D 360 -8.42 -25.78 -11.80
CA ALA D 360 -7.95 -26.93 -11.03
C ALA D 360 -8.04 -28.17 -11.91
N ASP D 361 -7.24 -29.19 -11.58
CA ASP D 361 -7.28 -30.40 -12.41
C ASP D 361 -8.43 -31.32 -12.02
N HIS D 362 -8.75 -31.42 -10.73
CA HIS D 362 -9.84 -32.27 -10.27
C HIS D 362 -10.28 -31.77 -8.91
N SER D 363 -11.30 -32.41 -8.35
CA SER D 363 -11.80 -32.02 -7.05
C SER D 363 -11.45 -33.11 -6.03
N HIS D 364 -11.93 -32.92 -4.81
CA HIS D 364 -11.74 -33.87 -3.73
C HIS D 364 -13.08 -34.11 -3.06
N VAL D 365 -13.16 -35.17 -2.27
CA VAL D 365 -14.39 -35.48 -1.54
C VAL D 365 -14.42 -34.63 -0.27
N PHE D 366 -14.01 -33.37 -0.38
CA PHE D 366 -13.95 -32.44 0.73
C PHE D 366 -15.21 -31.57 0.72
N THR D 367 -15.98 -31.63 1.81
CA THR D 367 -17.22 -30.85 1.92
C THR D 367 -17.35 -30.30 3.35
N PHE D 368 -17.98 -29.13 3.45
CA PHE D 368 -18.26 -28.54 4.76
C PHE D 368 -19.74 -28.16 4.84
N GLY D 369 -20.40 -28.61 5.90
CA GLY D 369 -21.81 -28.33 6.08
C GLY D 369 -22.16 -28.46 7.55
N GLY D 370 -23.46 -28.46 7.81
CA GLY D 370 -23.96 -28.59 9.17
C GLY D 370 -24.75 -27.41 9.71
N TYR D 371 -25.30 -26.56 8.84
CA TYR D 371 -26.09 -25.39 9.25
C TYR D 371 -25.32 -24.54 10.26
N THR D 372 -24.04 -24.32 9.97
CA THR D 372 -23.21 -23.51 10.84
C THR D 372 -23.62 -22.04 10.73
N PRO D 373 -23.49 -21.28 11.81
CA PRO D 373 -23.89 -19.88 11.77
C PRO D 373 -22.89 -19.00 11.03
N ARG D 374 -23.37 -17.80 10.70
CA ARG D 374 -22.52 -16.82 10.02
C ARG D 374 -21.30 -16.51 10.88
N GLY D 375 -20.12 -16.54 10.24
CA GLY D 375 -18.88 -16.23 10.90
C GLY D 375 -18.20 -17.39 11.61
N ASN D 376 -18.98 -18.39 12.03
CA ASN D 376 -18.44 -19.61 12.64
C ASN D 376 -17.22 -20.11 11.89
N SER D 377 -16.18 -20.44 12.64
CA SER D 377 -14.90 -20.84 12.06
C SER D 377 -15.09 -21.90 11.00
N ILE D 378 -14.31 -21.80 9.93
CA ILE D 378 -14.38 -22.81 8.90
C ILE D 378 -13.87 -24.14 9.42
N PHE D 379 -13.05 -24.14 10.47
CA PHE D 379 -12.63 -25.36 11.13
C PHE D 379 -13.40 -25.63 12.42
N GLY D 380 -14.46 -24.85 12.68
CA GLY D 380 -15.21 -25.04 13.89
C GLY D 380 -16.15 -26.22 13.74
N LEU D 381 -16.89 -26.47 14.82
CA LEU D 381 -17.82 -27.59 14.91
C LEU D 381 -19.22 -27.14 14.54
N ALA D 382 -20.09 -28.12 14.35
CA ALA D 382 -21.48 -27.83 14.05
C ALA D 382 -22.18 -27.19 15.25
N PRO D 383 -23.25 -26.42 15.00
CA PRO D 383 -23.98 -25.80 16.12
C PRO D 383 -24.59 -26.82 17.09
N MET D 384 -25.05 -27.96 16.58
CA MET D 384 -25.75 -28.96 17.37
C MET D 384 -25.01 -30.29 17.32
N LEU D 385 -25.20 -31.11 18.35
CA LEU D 385 -24.60 -32.43 18.32
C LEU D 385 -25.41 -33.33 17.41
N SER D 386 -24.81 -34.46 17.04
CA SER D 386 -25.55 -35.42 16.22
C SER D 386 -26.79 -35.93 16.96
N ASP D 387 -27.91 -36.00 16.25
CA ASP D 387 -29.12 -36.52 16.85
C ASP D 387 -28.96 -37.99 17.24
N THR D 388 -28.05 -38.70 16.59
CA THR D 388 -27.85 -40.12 16.85
C THR D 388 -26.93 -40.33 18.05
N ASP D 389 -25.62 -40.27 17.83
CA ASP D 389 -24.66 -40.60 18.88
C ASP D 389 -24.46 -39.49 19.89
N LYS D 390 -25.16 -38.35 19.74
CA LYS D 390 -25.12 -37.24 20.70
C LYS D 390 -23.70 -36.72 20.96
N LYS D 391 -22.85 -36.76 19.95
CA LYS D 391 -21.49 -36.23 20.01
C LYS D 391 -21.30 -35.13 18.98
N PRO D 392 -20.46 -34.13 19.27
CA PRO D 392 -20.24 -33.06 18.30
C PRO D 392 -19.53 -33.56 17.06
N PHE D 393 -19.61 -32.78 15.99
CA PHE D 393 -18.94 -33.11 14.76
C PHE D 393 -18.46 -31.83 14.06
N THR D 394 -17.34 -31.96 13.36
CA THR D 394 -16.75 -30.83 12.65
C THR D 394 -17.60 -30.46 11.44
N ALA D 395 -17.54 -29.17 11.08
CA ALA D 395 -18.21 -28.71 9.86
C ALA D 395 -17.56 -29.31 8.62
N ILE D 396 -16.25 -29.34 8.59
CA ILE D 396 -15.50 -29.95 7.50
C ILE D 396 -15.55 -31.46 7.66
N LEU D 397 -15.98 -32.15 6.61
CA LEU D 397 -16.03 -33.60 6.62
C LEU D 397 -15.55 -34.10 5.27
N TYR D 398 -14.68 -35.11 5.30
CA TYR D 398 -14.13 -35.71 4.11
C TYR D 398 -14.91 -36.99 3.79
N GLY D 399 -14.95 -37.34 2.51
CA GLY D 399 -15.63 -38.55 2.09
C GLY D 399 -14.89 -39.80 2.55
N ASN D 400 -13.66 -39.98 2.09
CA ASN D 400 -12.85 -41.14 2.45
C ASN D 400 -11.45 -40.67 2.77
N GLY D 401 -11.10 -40.62 4.04
CA GLY D 401 -9.78 -40.17 4.41
C GLY D 401 -9.18 -40.93 5.56
N PRO D 402 -7.96 -40.54 5.95
CA PRO D 402 -7.38 -41.09 7.17
C PRO D 402 -8.04 -40.53 8.41
N GLY D 403 -8.93 -39.55 8.26
CA GLY D 403 -9.64 -38.96 9.37
C GLY D 403 -10.69 -39.86 9.99
N TYR D 404 -10.98 -41.02 9.37
CA TYR D 404 -11.87 -41.99 9.99
C TYR D 404 -11.21 -42.44 11.28
N LYS D 405 -11.79 -42.06 12.42
CA LYS D 405 -11.24 -42.41 13.73
C LYS D 405 -12.38 -42.95 14.57
N VAL D 406 -12.41 -44.26 14.75
CA VAL D 406 -13.39 -44.93 15.59
C VAL D 406 -12.63 -45.59 16.72
N VAL D 407 -12.82 -45.08 17.93
CA VAL D 407 -12.17 -45.60 19.13
C VAL D 407 -13.14 -46.58 19.76
N GLY D 408 -12.88 -47.87 19.54
CA GLY D 408 -13.68 -48.93 20.14
C GLY D 408 -15.15 -48.92 19.79
N GLY D 409 -15.47 -48.91 18.50
CA GLY D 409 -16.85 -48.93 18.07
C GLY D 409 -17.56 -47.61 18.15
N GLU D 410 -16.89 -46.54 18.58
CA GLU D 410 -17.49 -45.23 18.75
C GLU D 410 -16.65 -44.25 17.95
N ARG D 411 -17.29 -43.37 17.20
CA ARG D 411 -16.56 -42.31 16.53
C ARG D 411 -16.00 -41.33 17.56
N GLU D 412 -14.91 -40.67 17.18
CA GLU D 412 -14.18 -39.82 18.11
C GLU D 412 -15.03 -38.65 18.62
N ASN D 413 -15.06 -38.50 19.94
CA ASN D 413 -15.69 -37.37 20.62
C ASN D 413 -14.79 -36.16 20.44
N VAL D 414 -15.11 -35.32 19.43
CA VAL D 414 -14.23 -34.25 18.99
C VAL D 414 -14.10 -33.13 20.01
N SER D 415 -14.99 -33.07 21.01
CA SER D 415 -14.87 -32.02 22.01
C SER D 415 -13.56 -32.07 22.79
N MET D 416 -12.82 -33.19 22.75
CA MET D 416 -11.61 -33.33 23.54
C MET D 416 -10.32 -33.13 22.77
N VAL D 417 -10.37 -33.05 21.44
CA VAL D 417 -9.15 -32.89 20.64
C VAL D 417 -9.11 -31.48 20.08
N ASP D 418 -7.94 -31.10 19.57
CA ASP D 418 -7.77 -29.79 18.95
C ASP D 418 -8.04 -29.93 17.45
N TYR D 419 -9.32 -29.85 17.12
CA TYR D 419 -9.76 -29.89 15.72
C TYR D 419 -9.32 -28.67 14.95
N ALA D 420 -8.91 -27.60 15.63
CA ALA D 420 -8.39 -26.42 14.96
C ALA D 420 -6.90 -26.52 14.68
N HIS D 421 -6.25 -27.59 15.16
CA HIS D 421 -4.82 -27.79 14.90
C HIS D 421 -4.54 -27.90 13.40
N ASN D 422 -3.33 -27.48 13.02
CA ASN D 422 -2.97 -27.44 11.61
C ASN D 422 -2.97 -28.83 10.98
N ASN D 423 -2.56 -29.84 11.75
CA ASN D 423 -2.45 -31.20 11.23
C ASN D 423 -3.63 -32.07 11.65
N TYR D 424 -4.76 -31.46 11.97
CA TYR D 424 -5.95 -32.22 12.32
C TYR D 424 -6.62 -32.74 11.05
N GLN D 425 -7.05 -33.99 11.09
CA GLN D 425 -7.68 -34.65 9.96
C GLN D 425 -9.16 -34.83 10.28
N ALA D 426 -10.01 -34.12 9.54
CA ALA D 426 -11.45 -34.21 9.76
C ALA D 426 -11.94 -35.63 9.50
N GLN D 427 -13.11 -35.93 10.06
CA GLN D 427 -13.65 -37.27 10.04
C GLN D 427 -14.05 -37.68 8.63
N SER D 428 -14.01 -38.98 8.37
CA SER D 428 -14.33 -39.50 7.05
C SER D 428 -15.26 -40.71 7.18
N ALA D 429 -15.91 -41.04 6.06
CA ALA D 429 -16.85 -42.15 6.03
C ALA D 429 -16.15 -43.49 5.86
N VAL D 430 -15.06 -43.53 5.09
CA VAL D 430 -14.34 -44.76 4.79
C VAL D 430 -12.87 -44.53 5.13
N PRO D 431 -12.26 -45.35 5.97
CA PRO D 431 -10.85 -45.13 6.32
C PRO D 431 -9.94 -45.49 5.16
N LEU D 432 -9.09 -44.55 4.77
CA LEU D 432 -8.10 -44.76 3.73
C LEU D 432 -6.81 -44.08 4.18
N ARG D 433 -5.67 -44.63 3.75
CA ARG D 433 -4.40 -43.95 4.01
C ARG D 433 -4.42 -42.53 3.46
N HIS D 434 -4.89 -42.37 2.23
CA HIS D 434 -5.03 -41.05 1.64
C HIS D 434 -6.42 -40.89 1.05
N GLU D 435 -6.92 -39.66 1.14
CA GLU D 435 -8.20 -39.29 0.57
C GLU D 435 -8.15 -39.35 -0.95
N THR D 436 -9.30 -39.66 -1.56
CA THR D 436 -9.39 -39.78 -3.01
C THR D 436 -9.79 -38.46 -3.66
N HIS D 437 -9.71 -38.43 -4.99
CA HIS D 437 -10.13 -37.26 -5.76
C HIS D 437 -11.65 -37.27 -5.91
N GLY D 438 -12.16 -36.44 -6.82
CA GLY D 438 -13.58 -36.36 -7.08
C GLY D 438 -13.90 -36.10 -8.54
N GLY D 439 -14.91 -36.80 -9.07
CA GLY D 439 -15.35 -36.60 -10.43
C GLY D 439 -16.11 -35.32 -10.66
N GLU D 440 -16.37 -34.57 -9.59
CA GLU D 440 -17.12 -33.33 -9.66
C GLU D 440 -16.47 -32.36 -10.63
N ASP D 441 -17.26 -31.44 -11.17
CA ASP D 441 -16.70 -30.45 -12.08
C ASP D 441 -15.98 -29.38 -11.27
N VAL D 442 -14.94 -28.80 -11.89
CA VAL D 442 -14.17 -27.75 -11.25
C VAL D 442 -14.44 -26.46 -12.03
N ALA D 443 -14.18 -25.34 -11.38
CA ALA D 443 -14.46 -24.04 -11.96
C ALA D 443 -13.23 -23.50 -12.70
N VAL D 444 -13.48 -22.58 -13.62
CA VAL D 444 -12.46 -21.94 -14.43
C VAL D 444 -12.74 -20.45 -14.44
N PHE D 445 -11.92 -19.69 -13.73
CA PHE D 445 -12.01 -18.24 -13.67
C PHE D 445 -11.01 -17.65 -14.66
N SER D 446 -11.48 -16.71 -15.49
CA SER D 446 -10.67 -16.18 -16.57
C SER D 446 -10.85 -14.66 -16.69
N LYS D 447 -9.74 -13.95 -16.83
CA LYS D 447 -9.79 -12.51 -17.05
C LYS D 447 -8.80 -12.12 -18.15
N GLY D 448 -9.19 -11.11 -18.92
CA GLY D 448 -8.32 -10.56 -19.94
C GLY D 448 -8.85 -10.72 -21.35
N PRO D 449 -7.95 -10.65 -22.32
CA PRO D 449 -8.36 -10.72 -23.75
C PRO D 449 -8.87 -12.10 -24.11
N MET D 450 -10.09 -12.13 -24.67
CA MET D 450 -10.76 -13.33 -25.19
C MET D 450 -11.18 -14.30 -24.08
N ALA D 451 -11.23 -13.85 -22.83
CA ALA D 451 -11.74 -14.70 -21.75
C ALA D 451 -13.22 -15.01 -21.91
N HIS D 452 -13.98 -14.16 -22.62
CA HIS D 452 -15.39 -14.39 -22.90
C HIS D 452 -15.62 -15.65 -23.72
N LEU D 453 -14.55 -16.32 -24.12
CA LEU D 453 -14.64 -17.57 -24.88
C LEU D 453 -14.71 -18.80 -24.00
N LEU D 454 -14.41 -18.67 -22.70
CA LEU D 454 -14.51 -19.76 -21.73
C LEU D 454 -15.85 -19.67 -21.02
N HIS D 455 -16.88 -20.05 -21.74
CA HIS D 455 -18.26 -19.98 -21.28
C HIS D 455 -18.72 -21.37 -20.88
N GLY D 456 -19.84 -21.44 -20.17
CA GLY D 456 -20.56 -22.71 -20.02
C GLY D 456 -19.79 -23.90 -19.48
N VAL D 457 -20.35 -25.09 -19.67
CA VAL D 457 -19.72 -26.35 -19.27
C VAL D 457 -19.10 -27.00 -20.50
N HIS D 458 -17.77 -27.17 -20.46
CA HIS D 458 -17.06 -27.79 -21.57
C HIS D 458 -16.10 -28.83 -21.03
N GLU D 459 -15.36 -29.46 -21.95
CA GLU D 459 -14.37 -30.44 -21.58
C GLU D 459 -13.14 -29.72 -21.01
N GLN D 460 -12.27 -30.49 -20.35
CA GLN D 460 -11.07 -29.88 -19.77
C GLN D 460 -10.05 -29.53 -20.83
N ASN D 461 -9.99 -30.31 -21.91
CA ASN D 461 -9.03 -30.04 -22.98
C ASN D 461 -9.33 -28.75 -23.75
N TYR D 462 -10.50 -28.14 -23.54
CA TYR D 462 -10.88 -26.96 -24.31
C TYR D 462 -10.14 -25.72 -23.84
N VAL D 463 -9.71 -25.69 -22.57
CA VAL D 463 -9.08 -24.49 -22.01
C VAL D 463 -7.84 -24.07 -22.81
N PRO D 464 -6.85 -24.95 -23.06
CA PRO D 464 -5.64 -24.50 -23.77
C PRO D 464 -5.89 -24.08 -25.21
N HIS D 465 -6.95 -24.57 -25.85
CA HIS D 465 -7.24 -24.15 -27.21
C HIS D 465 -7.68 -22.69 -27.25
N VAL D 466 -8.31 -22.23 -26.16
CA VAL D 466 -8.72 -20.82 -26.08
C VAL D 466 -7.51 -19.94 -25.85
N MET D 467 -6.65 -20.33 -24.90
CA MET D 467 -5.45 -19.55 -24.60
C MET D 467 -4.58 -19.42 -25.85
N ALA D 468 -4.38 -20.53 -26.58
CA ALA D 468 -3.57 -20.49 -27.78
C ALA D 468 -4.18 -19.57 -28.84
N TYR D 469 -5.50 -19.60 -29.00
CA TYR D 469 -6.14 -18.72 -29.98
C TYR D 469 -6.04 -17.26 -29.54
N ALA D 470 -6.19 -17.00 -28.24
CA ALA D 470 -6.13 -15.61 -27.76
C ALA D 470 -4.75 -15.01 -27.94
N ALA D 471 -3.71 -15.80 -27.70
CA ALA D 471 -2.32 -15.35 -27.83
C ALA D 471 -1.77 -15.50 -29.25
N CYS D 472 -2.53 -16.09 -30.17
CA CYS D 472 -2.08 -16.32 -31.54
C CYS D 472 -0.88 -17.25 -31.60
N ILE D 473 -0.91 -18.30 -30.78
CA ILE D 473 0.08 -19.36 -30.79
C ILE D 473 -0.64 -20.68 -31.06
N GLY D 474 0.13 -21.75 -31.24
CA GLY D 474 -0.44 -23.05 -31.49
C GLY D 474 -0.81 -23.27 -32.95
N ALA D 475 -1.84 -24.10 -33.15
CA ALA D 475 -2.25 -24.48 -34.50
C ALA D 475 -3.07 -23.38 -35.18
N ASN D 476 -4.05 -22.83 -34.49
CA ASN D 476 -4.96 -21.83 -35.06
C ASN D 476 -4.44 -20.43 -34.74
N LEU D 477 -3.85 -19.76 -35.74
CA LEU D 477 -3.41 -18.38 -35.57
C LEU D 477 -4.39 -17.40 -36.16
N GLY D 478 -5.69 -17.73 -36.18
CA GLY D 478 -6.68 -16.91 -36.87
C GLY D 478 -7.08 -15.64 -36.14
N HIS D 479 -6.78 -15.54 -34.84
CA HIS D 479 -7.11 -14.33 -34.11
C HIS D 479 -6.34 -13.12 -34.62
N CYS D 480 -5.13 -13.33 -35.14
CA CYS D 480 -4.36 -12.25 -35.74
C CYS D 480 -4.39 -12.36 -37.25
N ALA D 481 -5.59 -12.54 -37.78
CA ALA D 481 -5.81 -12.63 -39.21
C ALA D 481 -5.68 -11.23 -39.81
N PRO D 482 -5.32 -11.13 -41.09
CA PRO D 482 -5.24 -9.78 -41.67
C PRO D 482 -6.58 -9.05 -41.65
N ALA D 483 -7.67 -9.76 -41.88
CA ALA D 483 -9.01 -9.19 -41.71
C ALA D 483 -10.09 -10.27 -41.83
N LEU E 1 -12.02 -50.00 -20.62
CA LEU E 1 -12.86 -49.51 -21.72
C LEU E 1 -12.05 -48.76 -22.75
N VAL E 2 -11.79 -47.48 -22.48
CA VAL E 2 -11.04 -46.61 -23.37
C VAL E 2 -11.76 -46.49 -24.72
N PRO E 3 -12.69 -45.54 -24.89
CA PRO E 3 -13.37 -45.41 -26.18
C PRO E 3 -12.39 -45.19 -27.32
N GLU E 4 -12.66 -45.85 -28.45
CA GLU E 4 -11.72 -45.90 -29.57
C GLU E 4 -11.53 -44.56 -30.26
N LYS E 5 -12.60 -43.79 -30.44
CA LYS E 5 -12.46 -42.49 -31.07
C LYS E 5 -11.61 -41.56 -30.22
N GLU E 6 -11.66 -41.74 -28.90
CA GLU E 6 -10.92 -40.93 -27.96
C GLU E 6 -9.45 -41.34 -27.85
N LYS E 7 -9.01 -42.36 -28.59
CA LYS E 7 -7.60 -42.73 -28.62
C LYS E 7 -6.81 -41.94 -29.66
N ASP E 8 -7.48 -41.35 -30.64
CA ASP E 8 -6.81 -40.53 -31.64
C ASP E 8 -6.84 -39.08 -31.19
N PRO E 9 -5.70 -38.39 -31.11
CA PRO E 9 -5.71 -37.00 -30.66
C PRO E 9 -6.56 -36.09 -31.54
N LYS E 10 -6.54 -36.31 -32.85
CA LYS E 10 -7.28 -35.45 -33.78
C LYS E 10 -8.75 -35.32 -33.37
N TYR E 11 -9.31 -36.35 -32.72
CA TYR E 11 -10.69 -36.29 -32.27
C TYR E 11 -10.92 -35.19 -31.24
N TRP E 12 -10.12 -35.16 -30.17
CA TRP E 12 -10.29 -34.12 -29.16
C TRP E 12 -10.02 -32.74 -29.74
N ARG E 13 -9.00 -32.64 -30.58
CA ARG E 13 -8.62 -31.34 -31.13
C ARG E 13 -9.73 -30.75 -31.97
N ASP E 14 -10.28 -31.54 -32.89
CA ASP E 14 -11.40 -31.08 -33.71
C ASP E 14 -12.58 -30.66 -32.84
N GLN E 15 -12.89 -31.46 -31.82
CA GLN E 15 -14.01 -31.17 -30.94
C GLN E 15 -13.81 -29.84 -30.21
N ALA E 16 -12.61 -29.62 -29.69
CA ALA E 16 -12.34 -28.37 -28.98
C ALA E 16 -12.42 -27.17 -29.91
N GLN E 17 -11.87 -27.29 -31.13
CA GLN E 17 -11.97 -26.20 -32.10
C GLN E 17 -13.41 -25.92 -32.47
N GLU E 18 -14.23 -26.97 -32.55
CA GLU E 18 -15.66 -26.76 -32.83
C GLU E 18 -16.30 -25.91 -31.73
N THR E 19 -15.96 -26.19 -30.48
CA THR E 19 -16.45 -25.38 -29.37
C THR E 19 -15.96 -23.94 -29.50
N LEU E 20 -14.71 -23.75 -29.97
CA LEU E 20 -14.18 -22.41 -30.15
C LEU E 20 -14.94 -21.64 -31.22
N LYS E 21 -15.25 -22.28 -32.35
CA LYS E 21 -15.98 -21.61 -33.41
C LYS E 21 -17.34 -21.12 -32.90
N TYR E 22 -18.06 -21.98 -32.18
CA TYR E 22 -19.34 -21.57 -31.61
C TYR E 22 -19.14 -20.53 -30.50
N ALA E 23 -18.09 -20.68 -29.69
CA ALA E 23 -17.79 -19.68 -28.67
C ALA E 23 -17.56 -18.31 -29.28
N LEU E 24 -16.82 -18.26 -30.39
CA LEU E 24 -16.63 -17.00 -31.11
C LEU E 24 -17.94 -16.51 -31.72
N GLU E 25 -18.81 -17.43 -32.15
CA GLU E 25 -20.12 -17.02 -32.63
C GLU E 25 -20.93 -16.40 -31.52
N LEU E 26 -20.69 -16.83 -30.27
CA LEU E 26 -21.37 -16.31 -29.09
C LEU E 26 -20.86 -14.94 -28.68
N GLN E 27 -19.86 -14.39 -29.39
CA GLN E 27 -19.46 -13.01 -29.16
C GLN E 27 -20.56 -12.06 -29.58
N LYS E 28 -21.37 -12.45 -30.57
CA LYS E 28 -22.63 -11.77 -30.86
C LYS E 28 -23.62 -12.06 -29.75
N LEU E 29 -23.93 -11.04 -28.95
CA LEU E 29 -24.72 -11.20 -27.75
C LEU E 29 -26.20 -11.05 -28.08
N ASN E 30 -27.04 -11.59 -27.20
CA ASN E 30 -28.50 -11.52 -27.34
C ASN E 30 -28.95 -10.33 -26.50
N THR E 31 -29.01 -9.17 -27.14
CA THR E 31 -29.41 -7.95 -26.45
C THR E 31 -30.92 -7.71 -26.53
N ASN E 32 -31.67 -8.73 -26.92
CA ASN E 32 -33.12 -8.62 -27.09
C ASN E 32 -33.83 -8.56 -25.73
N VAL E 33 -35.07 -8.07 -25.76
CA VAL E 33 -35.88 -8.07 -24.55
C VAL E 33 -36.38 -9.49 -24.28
N ALA E 34 -36.47 -9.86 -23.00
CA ALA E 34 -36.95 -11.18 -22.62
C ALA E 34 -38.45 -11.08 -22.39
N LYS E 35 -39.23 -11.43 -23.41
CA LYS E 35 -40.68 -11.48 -23.25
C LYS E 35 -41.07 -12.51 -22.20
N ASN E 36 -40.31 -13.60 -22.11
CA ASN E 36 -40.61 -14.69 -21.18
C ASN E 36 -39.36 -14.97 -20.35
N VAL E 37 -39.59 -15.36 -19.09
CA VAL E 37 -38.52 -15.71 -18.18
C VAL E 37 -38.93 -16.97 -17.44
N ILE E 38 -38.13 -18.03 -17.57
CA ILE E 38 -38.41 -19.30 -16.92
C ILE E 38 -37.24 -19.64 -16.02
N MET E 39 -37.53 -19.93 -14.77
CA MET E 39 -36.48 -20.18 -13.80
C MET E 39 -36.65 -21.57 -13.19
N PHE E 40 -35.64 -22.40 -13.40
CA PHE E 40 -35.56 -23.72 -12.79
C PHE E 40 -34.70 -23.67 -11.54
N LEU E 41 -35.20 -24.22 -10.44
CA LEU E 41 -34.42 -24.30 -9.21
C LEU E 41 -34.30 -25.76 -8.81
N GLY E 42 -33.09 -26.31 -8.94
CA GLY E 42 -32.79 -27.62 -8.41
C GLY E 42 -32.48 -27.54 -6.93
N ASP E 43 -33.48 -27.86 -6.10
CA ASP E 43 -33.37 -27.76 -4.66
C ASP E 43 -32.33 -28.76 -4.18
N GLY E 44 -31.15 -28.27 -3.82
CA GLY E 44 -30.06 -29.14 -3.41
C GLY E 44 -29.20 -29.67 -4.53
N MET E 45 -29.15 -28.98 -5.67
CA MET E 45 -28.37 -29.42 -6.83
C MET E 45 -27.00 -28.79 -6.81
N GLY E 46 -26.08 -29.41 -6.07
CA GLY E 46 -24.72 -28.93 -6.05
C GLY E 46 -23.97 -29.32 -7.30
N VAL E 47 -22.78 -28.73 -7.45
CA VAL E 47 -21.91 -29.07 -8.56
C VAL E 47 -21.54 -30.55 -8.51
N SER E 48 -21.48 -31.12 -7.30
CA SER E 48 -21.29 -32.57 -7.19
C SER E 48 -22.46 -33.32 -7.80
N THR E 49 -23.68 -32.80 -7.65
CA THR E 49 -24.85 -33.50 -8.17
C THR E 49 -24.96 -33.39 -9.68
N VAL E 50 -24.70 -32.21 -10.26
CA VAL E 50 -24.87 -32.06 -11.71
C VAL E 50 -23.97 -33.02 -12.45
N THR E 51 -22.74 -33.21 -11.95
CA THR E 51 -21.82 -34.15 -12.59
C THR E 51 -22.33 -35.58 -12.45
N ALA E 52 -22.78 -35.97 -11.26
CA ALA E 52 -23.30 -37.31 -11.06
C ALA E 52 -24.55 -37.55 -11.88
N ALA E 53 -25.45 -36.56 -11.93
CA ALA E 53 -26.66 -36.70 -12.76
C ALA E 53 -26.32 -36.79 -14.24
N ARG E 54 -25.24 -36.13 -14.68
CA ARG E 54 -24.78 -36.28 -16.05
C ARG E 54 -24.36 -37.71 -16.32
N ILE E 55 -23.58 -38.29 -15.41
CA ILE E 55 -23.16 -39.68 -15.55
C ILE E 55 -24.37 -40.61 -15.60
N LEU E 56 -25.35 -40.38 -14.73
CA LEU E 56 -26.51 -41.25 -14.65
C LEU E 56 -27.32 -41.21 -15.94
N LYS E 57 -27.63 -40.01 -16.41
CA LYS E 57 -28.42 -39.85 -17.63
C LYS E 57 -27.79 -40.63 -18.78
N GLY E 58 -26.48 -40.50 -18.95
CA GLY E 58 -25.80 -41.22 -20.01
C GLY E 58 -25.74 -42.71 -19.78
N GLN E 59 -25.59 -43.13 -18.52
CA GLN E 59 -25.54 -44.55 -18.22
C GLN E 59 -26.89 -45.21 -18.48
N LEU E 60 -27.99 -44.45 -18.38
CA LEU E 60 -29.30 -44.98 -18.73
C LEU E 60 -29.42 -45.27 -20.22
N HIS E 61 -28.52 -44.73 -21.04
CA HIS E 61 -28.45 -45.00 -22.46
C HIS E 61 -27.33 -45.97 -22.81
N HIS E 62 -26.81 -46.70 -21.83
CA HIS E 62 -25.80 -47.73 -22.02
C HIS E 62 -24.48 -47.12 -22.51
N ASN E 63 -24.19 -45.91 -22.08
CA ASN E 63 -22.99 -45.16 -22.39
C ASN E 63 -22.11 -45.06 -21.15
N PRO E 64 -20.81 -44.75 -21.32
CA PRO E 64 -19.97 -44.50 -20.13
C PRO E 64 -20.54 -43.39 -19.25
N GLY E 65 -21.07 -42.32 -19.84
CA GLY E 65 -21.80 -41.33 -19.09
C GLY E 65 -21.07 -40.01 -18.88
N GLU E 66 -19.75 -40.07 -18.70
CA GLU E 66 -18.98 -38.87 -18.40
C GLU E 66 -19.03 -37.86 -19.55
N GLU E 67 -18.95 -38.32 -20.79
CA GLU E 67 -18.96 -37.45 -21.96
C GLU E 67 -20.35 -36.92 -22.28
N THR E 68 -21.38 -37.39 -21.58
CA THR E 68 -22.76 -36.98 -21.83
C THR E 68 -22.91 -35.49 -21.59
N ARG E 69 -23.93 -34.90 -22.24
CA ARG E 69 -24.22 -33.48 -22.10
C ARG E 69 -25.62 -33.33 -21.54
N LEU E 70 -25.73 -32.81 -20.32
CA LEU E 70 -27.03 -32.48 -19.77
C LEU E 70 -27.64 -31.30 -20.54
N GLU E 71 -28.97 -31.23 -20.51
CA GLU E 71 -29.65 -30.11 -21.15
C GLU E 71 -29.19 -28.78 -20.56
N MET E 72 -28.83 -28.76 -19.27
CA MET E 72 -28.29 -27.56 -18.66
C MET E 72 -26.86 -27.27 -19.09
N ASP E 73 -26.10 -28.31 -19.45
CA ASP E 73 -24.74 -28.09 -19.95
C ASP E 73 -24.73 -27.36 -21.29
N LYS E 74 -25.81 -27.45 -22.05
CA LYS E 74 -25.91 -26.80 -23.35
C LYS E 74 -26.22 -25.32 -23.25
N PHE E 75 -26.45 -24.82 -22.03
CA PHE E 75 -26.62 -23.39 -21.84
C PHE E 75 -25.29 -22.69 -22.09
N PRO E 76 -25.30 -21.53 -22.75
CA PRO E 76 -24.02 -20.90 -23.10
C PRO E 76 -23.31 -20.27 -21.92
N PHE E 77 -24.02 -19.81 -20.89
CA PHE E 77 -23.43 -19.02 -19.83
C PHE E 77 -23.52 -19.71 -18.49
N VAL E 78 -22.41 -19.73 -17.75
CA VAL E 78 -22.32 -20.31 -16.43
C VAL E 78 -21.72 -19.28 -15.49
N ALA E 79 -22.23 -19.25 -14.25
CA ALA E 79 -21.72 -18.35 -13.22
C ALA E 79 -21.99 -18.97 -11.87
N LEU E 80 -21.11 -18.70 -10.91
CA LEU E 80 -21.32 -19.21 -9.56
C LEU E 80 -22.05 -18.16 -8.74
N SER E 81 -22.72 -18.63 -7.70
CA SER E 81 -23.48 -17.77 -6.81
C SER E 81 -23.19 -18.12 -5.36
N LYS E 82 -23.10 -17.08 -4.55
CA LYS E 82 -22.80 -17.20 -3.12
C LYS E 82 -24.12 -17.39 -2.37
N THR E 83 -24.25 -18.53 -1.70
CA THR E 83 -25.55 -18.93 -1.18
C THR E 83 -25.78 -18.56 0.28
N TYR E 84 -24.74 -18.11 1.00
CA TYR E 84 -24.85 -17.92 2.44
C TYR E 84 -26.03 -17.05 2.80
N ASN E 85 -26.68 -17.38 3.91
CA ASN E 85 -27.76 -16.58 4.45
C ASN E 85 -27.18 -15.48 5.33
N THR E 86 -28.03 -14.53 5.72
CA THR E 86 -27.56 -13.47 6.60
C THR E 86 -27.01 -14.03 7.92
N ASN E 87 -27.69 -15.02 8.50
CA ASN E 87 -27.23 -15.65 9.72
C ASN E 87 -26.79 -17.11 9.53
N ALA E 88 -26.61 -17.57 8.30
CA ALA E 88 -26.29 -18.98 8.10
C ALA E 88 -25.09 -19.08 7.17
N GLN E 89 -24.02 -19.71 7.66
CA GLN E 89 -22.92 -20.10 6.78
C GLN E 89 -23.42 -21.14 5.78
N VAL E 90 -24.06 -22.19 6.29
CA VAL E 90 -24.76 -23.18 5.48
C VAL E 90 -26.23 -22.78 5.45
N PRO E 91 -26.76 -22.32 4.32
CA PRO E 91 -28.09 -21.71 4.32
C PRO E 91 -29.18 -22.77 4.23
N ASP E 92 -30.42 -22.33 4.39
CA ASP E 92 -31.57 -23.18 4.20
C ASP E 92 -32.28 -22.82 2.89
N SER E 93 -33.35 -23.55 2.59
CA SER E 93 -34.07 -23.35 1.34
C SER E 93 -34.97 -22.12 1.36
N ALA E 94 -35.44 -21.71 2.53
CA ALA E 94 -36.39 -20.61 2.59
C ALA E 94 -35.70 -19.25 2.50
N GLY E 95 -34.65 -19.04 3.30
CA GLY E 95 -33.91 -17.80 3.24
C GLY E 95 -33.30 -17.55 1.88
N THR E 96 -32.67 -18.59 1.30
CA THR E 96 -32.13 -18.48 -0.05
C THR E 96 -33.22 -18.07 -1.05
N ALA E 97 -34.43 -18.63 -0.90
CA ALA E 97 -35.52 -18.34 -1.81
C ALA E 97 -35.76 -16.84 -1.92
N THR E 98 -35.73 -16.14 -0.79
CA THR E 98 -35.85 -14.67 -0.81
C THR E 98 -34.77 -14.04 -1.67
N ALA E 99 -33.60 -14.67 -1.78
CA ALA E 99 -32.51 -14.08 -2.54
C ALA E 99 -32.76 -14.18 -4.04
N TYR E 100 -32.81 -15.40 -4.58
CA TYR E 100 -32.92 -15.57 -6.03
C TYR E 100 -34.30 -15.28 -6.59
N LEU E 101 -35.31 -15.06 -5.73
CA LEU E 101 -36.63 -14.68 -6.20
C LEU E 101 -36.96 -13.22 -5.90
N CYS E 102 -36.66 -12.75 -4.69
CA CYS E 102 -37.01 -11.40 -4.28
C CYS E 102 -35.85 -10.42 -4.43
N GLY E 103 -34.63 -10.89 -4.61
CA GLY E 103 -33.49 -10.02 -4.83
C GLY E 103 -32.82 -9.50 -3.58
N VAL E 104 -33.12 -10.05 -2.41
CA VAL E 104 -32.56 -9.58 -1.15
C VAL E 104 -32.16 -10.81 -0.32
N LYS E 105 -31.03 -10.72 0.37
CA LYS E 105 -30.64 -11.80 1.27
C LYS E 105 -31.36 -11.68 2.60
N ALA E 106 -31.70 -12.83 3.19
CA ALA E 106 -32.49 -12.87 4.40
C ALA E 106 -31.97 -13.94 5.34
N ASN E 107 -32.64 -14.06 6.47
CA ASN E 107 -32.37 -14.99 7.55
C ASN E 107 -32.88 -16.39 7.24
N GLU E 108 -32.32 -17.37 7.92
CA GLU E 108 -32.85 -18.72 7.75
C GLU E 108 -34.22 -18.80 8.41
N GLY E 109 -35.15 -19.46 7.75
CA GLY E 109 -36.50 -19.62 8.23
C GLY E 109 -37.48 -18.58 7.75
N THR E 110 -37.01 -17.42 7.33
CA THR E 110 -37.87 -16.35 6.83
C THR E 110 -38.14 -16.53 5.34
N VAL E 111 -39.26 -15.96 4.89
CA VAL E 111 -39.62 -16.01 3.48
C VAL E 111 -40.25 -14.67 3.08
N GLY E 112 -39.68 -14.01 2.06
CA GLY E 112 -40.30 -12.80 1.56
C GLY E 112 -40.20 -11.60 2.46
N VAL E 113 -39.28 -11.62 3.43
CA VAL E 113 -39.02 -10.51 4.31
C VAL E 113 -37.51 -10.35 4.45
N SER E 114 -37.08 -9.13 4.73
CA SER E 114 -35.65 -8.84 4.81
C SER E 114 -35.04 -9.46 6.06
N ALA E 115 -33.75 -9.20 6.25
CA ALA E 115 -33.03 -9.72 7.40
C ALA E 115 -33.43 -9.06 8.71
N ALA E 116 -34.27 -8.02 8.67
CA ALA E 116 -34.71 -7.38 9.90
C ALA E 116 -35.78 -8.22 10.62
N THR E 117 -36.53 -9.03 9.89
CA THR E 117 -37.52 -9.91 10.49
C THR E 117 -36.84 -11.08 11.19
N GLU E 118 -37.26 -11.39 12.41
CA GLU E 118 -36.71 -12.52 13.15
C GLU E 118 -37.59 -13.75 12.96
N ARG E 119 -36.96 -14.93 12.87
CA ARG E 119 -37.71 -16.15 12.62
C ARG E 119 -38.68 -16.43 13.76
N SER E 120 -39.93 -16.74 13.40
CA SER E 120 -41.05 -17.08 14.29
C SER E 120 -41.58 -15.87 15.05
N ARG E 121 -40.96 -14.73 14.88
CA ARG E 121 -41.41 -13.48 15.49
C ARG E 121 -42.26 -12.72 14.47
N CYS E 122 -43.57 -12.91 14.57
CA CYS E 122 -44.53 -12.27 13.66
C CYS E 122 -44.52 -10.76 13.81
N ASN E 123 -44.10 -10.25 14.97
CA ASN E 123 -44.11 -8.82 15.25
C ASN E 123 -43.09 -8.02 14.45
N THR E 124 -42.15 -8.69 13.78
CA THR E 124 -41.18 -8.02 12.93
C THR E 124 -41.50 -8.15 11.44
N THR E 125 -42.59 -8.84 11.09
CA THR E 125 -42.90 -9.05 9.68
C THR E 125 -43.28 -7.74 8.99
N GLN E 126 -44.19 -6.97 9.57
CA GLN E 126 -44.66 -5.75 8.93
C GLN E 126 -43.53 -4.78 8.62
N GLY E 127 -43.61 -4.14 7.47
CA GLY E 127 -42.62 -3.17 7.04
C GLY E 127 -41.37 -3.75 6.41
N ASN E 128 -41.10 -5.03 6.64
CA ASN E 128 -39.91 -5.68 6.10
C ASN E 128 -40.25 -6.63 4.97
N GLU E 129 -41.41 -6.49 4.35
CA GLU E 129 -41.76 -7.38 3.25
C GLU E 129 -41.00 -6.97 1.99
N VAL E 130 -40.53 -7.96 1.24
CA VAL E 130 -39.82 -7.76 0.00
C VAL E 130 -40.54 -8.57 -1.08
N THR E 131 -40.85 -7.92 -2.20
CA THR E 131 -41.60 -8.60 -3.26
C THR E 131 -40.70 -9.49 -4.10
N SER E 132 -41.34 -10.43 -4.81
CA SER E 132 -40.65 -11.41 -5.63
C SER E 132 -40.75 -11.06 -7.10
N ILE E 133 -39.93 -11.77 -7.91
CA ILE E 133 -39.96 -11.60 -9.37
C ILE E 133 -41.33 -11.99 -9.93
N LEU E 134 -42.06 -12.88 -9.24
CA LEU E 134 -43.42 -13.20 -9.64
C LEU E 134 -44.28 -11.94 -9.63
N ARG E 135 -44.24 -11.22 -8.51
CA ARG E 135 -45.03 -10.00 -8.35
C ARG E 135 -44.65 -8.95 -9.39
N TRP E 136 -43.34 -8.74 -9.60
CA TRP E 136 -42.90 -7.76 -10.57
C TRP E 136 -43.44 -8.06 -11.97
N ALA E 137 -43.51 -9.33 -12.34
CA ALA E 137 -44.03 -9.71 -13.66
C ALA E 137 -45.54 -9.56 -13.74
N LYS E 138 -46.26 -10.06 -12.72
CA LYS E 138 -47.72 -9.98 -12.77
C LYS E 138 -48.21 -8.55 -12.66
N ASP E 139 -47.48 -7.67 -11.98
CA ASP E 139 -47.87 -6.27 -11.99
C ASP E 139 -47.63 -5.64 -13.37
N ALA E 140 -46.76 -6.23 -14.18
CA ALA E 140 -46.50 -5.78 -15.54
C ALA E 140 -47.39 -6.48 -16.56
N GLY E 141 -48.34 -7.29 -16.10
CA GLY E 141 -49.29 -7.94 -16.97
C GLY E 141 -48.93 -9.33 -17.43
N LYS E 142 -47.67 -9.76 -17.30
CA LYS E 142 -47.32 -11.07 -17.81
C LYS E 142 -47.96 -12.15 -16.94
N SER E 143 -48.27 -13.29 -17.56
CA SER E 143 -48.79 -14.42 -16.83
C SER E 143 -47.72 -15.06 -15.95
N VAL E 144 -48.14 -15.62 -14.83
CA VAL E 144 -47.20 -16.18 -13.86
C VAL E 144 -47.62 -17.59 -13.50
N GLY E 145 -46.65 -18.40 -13.13
CA GLY E 145 -46.90 -19.80 -12.80
C GLY E 145 -45.87 -20.34 -11.84
N ILE E 146 -46.32 -21.28 -11.00
CA ILE E 146 -45.47 -21.98 -10.04
C ILE E 146 -45.74 -23.47 -10.20
N VAL E 147 -44.68 -24.23 -10.52
CA VAL E 147 -44.75 -25.67 -10.68
C VAL E 147 -43.67 -26.29 -9.81
N THR E 148 -44.05 -27.29 -9.01
CA THR E 148 -43.11 -27.93 -8.10
C THR E 148 -43.56 -29.35 -7.82
N THR E 149 -42.59 -30.16 -7.39
CA THR E 149 -42.88 -31.51 -6.95
C THR E 149 -43.15 -31.59 -5.45
N THR E 150 -42.85 -30.55 -4.68
CA THR E 150 -43.18 -30.44 -3.27
C THR E 150 -44.47 -29.62 -3.08
N ARG E 151 -44.89 -29.51 -1.82
CA ARG E 151 -46.07 -28.72 -1.46
C ARG E 151 -45.96 -27.31 -2.03
N VAL E 152 -47.10 -26.76 -2.49
CA VAL E 152 -47.10 -25.42 -3.06
C VAL E 152 -46.80 -24.36 -2.02
N ASN E 153 -46.97 -24.67 -0.74
CA ASN E 153 -46.64 -23.75 0.34
C ASN E 153 -45.29 -24.06 0.95
N HIS E 154 -44.51 -24.95 0.33
CA HIS E 154 -43.18 -25.29 0.82
C HIS E 154 -42.26 -24.07 0.75
N ALA E 155 -41.03 -24.22 1.24
CA ALA E 155 -40.13 -23.08 1.40
C ALA E 155 -39.76 -22.49 0.05
N THR E 156 -39.37 -23.34 -0.90
CA THR E 156 -38.85 -22.83 -2.17
C THR E 156 -39.87 -22.04 -2.99
N PRO E 157 -41.08 -22.55 -3.27
CA PRO E 157 -42.04 -21.72 -4.03
C PRO E 157 -42.69 -20.63 -3.19
N SER E 158 -42.71 -20.76 -1.86
CA SER E 158 -43.44 -19.80 -1.03
C SER E 158 -42.89 -18.39 -1.15
N ALA E 159 -41.60 -18.23 -1.44
CA ALA E 159 -41.03 -16.90 -1.55
C ALA E 159 -41.59 -16.13 -2.74
N ALA E 160 -42.23 -16.82 -3.69
CA ALA E 160 -42.80 -16.15 -4.85
C ALA E 160 -44.00 -15.28 -4.44
N TYR E 161 -44.80 -15.74 -3.48
CA TYR E 161 -46.02 -15.03 -3.14
C TYR E 161 -46.11 -14.62 -1.68
N ALA E 162 -45.49 -15.35 -0.77
CA ALA E 162 -45.74 -15.18 0.65
C ALA E 162 -44.64 -14.34 1.31
N HIS E 163 -45.00 -13.68 2.42
CA HIS E 163 -44.07 -12.94 3.26
C HIS E 163 -44.40 -13.34 4.69
N SER E 164 -43.75 -14.39 5.19
CA SER E 164 -44.04 -14.94 6.51
C SER E 164 -42.75 -14.99 7.32
N ALA E 165 -42.89 -14.89 8.63
CA ALA E 165 -41.74 -14.91 9.53
C ALA E 165 -41.23 -16.31 9.81
N ASP E 166 -41.96 -17.35 9.40
CA ASP E 166 -41.51 -18.71 9.65
C ASP E 166 -41.98 -19.61 8.52
N ARG E 167 -41.06 -20.44 8.01
CA ARG E 167 -41.42 -21.36 6.95
C ARG E 167 -42.23 -22.54 7.43
N ASP E 168 -42.22 -22.84 8.73
CA ASP E 168 -42.99 -23.95 9.28
C ASP E 168 -44.49 -23.65 9.34
N TRP E 169 -44.90 -22.41 9.03
CA TRP E 169 -46.30 -22.02 9.11
C TRP E 169 -47.04 -22.38 7.81
N TYR E 170 -47.06 -23.68 7.51
CA TYR E 170 -47.73 -24.17 6.31
C TYR E 170 -49.19 -23.74 6.26
N SER E 171 -49.97 -24.18 7.25
CA SER E 171 -51.37 -23.80 7.43
C SER E 171 -51.52 -23.20 8.82
N ASP E 172 -52.73 -22.69 9.13
CA ASP E 172 -52.91 -22.09 10.45
C ASP E 172 -52.68 -23.10 11.56
N ASN E 173 -52.73 -24.41 11.25
CA ASN E 173 -52.57 -25.42 12.28
C ASN E 173 -51.16 -25.42 12.86
N GLU E 174 -50.15 -25.20 12.02
CA GLU E 174 -48.76 -25.18 12.49
C GLU E 174 -48.35 -23.82 13.06
N MET E 175 -49.24 -22.83 13.04
CA MET E 175 -48.85 -21.53 13.56
C MET E 175 -49.07 -21.47 15.07
N PRO E 176 -48.12 -20.87 15.80
CA PRO E 176 -48.27 -20.72 17.26
C PRO E 176 -49.35 -19.69 17.58
N PRO E 177 -49.84 -19.67 18.82
CA PRO E 177 -50.94 -18.75 19.15
C PRO E 177 -50.63 -17.29 18.97
N GLU E 178 -49.46 -16.82 19.43
CA GLU E 178 -49.15 -15.39 19.31
C GLU E 178 -49.14 -14.96 17.86
N ALA E 179 -48.58 -15.79 16.98
CA ALA E 179 -48.50 -15.45 15.57
C ALA E 179 -49.87 -15.14 15.00
N LEU E 180 -50.85 -16.02 15.26
CA LEU E 180 -52.20 -15.78 14.77
C LEU E 180 -52.79 -14.50 15.36
N SER E 181 -52.56 -14.27 16.65
CA SER E 181 -53.17 -13.12 17.30
C SER E 181 -52.55 -11.80 16.83
N GLN E 182 -51.28 -11.83 16.46
CA GLN E 182 -50.62 -10.66 15.90
C GLN E 182 -50.98 -10.40 14.44
N GLY E 183 -51.80 -11.27 13.84
CA GLY E 183 -52.28 -11.04 12.50
C GLY E 183 -51.55 -11.75 11.39
N CYS E 184 -50.63 -12.66 11.70
CA CYS E 184 -49.92 -13.37 10.66
C CYS E 184 -50.84 -14.43 10.06
N LYS E 185 -50.83 -14.51 8.73
CA LYS E 185 -51.64 -15.46 7.98
C LYS E 185 -50.71 -16.52 7.42
N ASP E 186 -51.19 -17.76 7.38
CA ASP E 186 -50.31 -18.85 6.97
C ASP E 186 -49.92 -18.70 5.50
N ILE E 187 -48.91 -19.49 5.11
CA ILE E 187 -48.38 -19.42 3.75
C ILE E 187 -49.47 -19.79 2.75
N ALA E 188 -50.19 -20.88 3.01
CA ALA E 188 -51.28 -21.30 2.14
C ALA E 188 -52.32 -20.19 1.96
N TYR E 189 -52.73 -19.55 3.06
CA TYR E 189 -53.63 -18.41 2.97
C TYR E 189 -53.08 -17.33 2.05
N GLN E 190 -51.79 -17.01 2.19
CA GLN E 190 -51.17 -15.98 1.39
C GLN E 190 -51.07 -16.35 -0.09
N LEU E 191 -51.13 -17.64 -0.43
CA LEU E 191 -51.11 -18.04 -1.83
C LEU E 191 -52.29 -17.47 -2.60
N MET E 192 -53.51 -17.68 -2.09
CA MET E 192 -54.71 -17.18 -2.77
C MET E 192 -54.93 -15.69 -2.51
N HIS E 193 -54.50 -15.19 -1.35
CA HIS E 193 -54.87 -13.84 -0.92
C HIS E 193 -53.87 -12.78 -1.34
N ASN E 194 -52.56 -13.08 -1.26
CA ASN E 194 -51.57 -12.08 -1.63
C ASN E 194 -51.64 -11.77 -3.13
N ILE E 195 -51.44 -12.77 -3.98
CA ILE E 195 -51.54 -12.62 -5.42
C ILE E 195 -52.75 -13.38 -5.91
N ARG E 196 -53.77 -12.63 -6.35
CA ARG E 196 -55.03 -13.22 -6.76
C ARG E 196 -54.97 -13.78 -8.17
N ASP E 197 -54.22 -13.13 -9.06
CA ASP E 197 -54.17 -13.49 -10.47
C ASP E 197 -52.97 -14.36 -10.81
N ILE E 198 -52.56 -15.24 -9.89
CA ILE E 198 -51.57 -16.26 -10.26
C ILE E 198 -52.22 -17.23 -11.22
N ASP E 199 -51.69 -17.31 -12.43
CA ASP E 199 -52.36 -18.07 -13.49
C ASP E 199 -52.29 -19.56 -13.23
N VAL E 200 -51.08 -20.10 -13.07
CA VAL E 200 -50.86 -21.54 -12.96
C VAL E 200 -50.26 -21.88 -11.60
N ILE E 201 -50.77 -22.95 -10.98
CA ILE E 201 -50.26 -23.44 -9.71
C ILE E 201 -50.36 -24.96 -9.71
N MET E 202 -49.22 -25.65 -9.64
CA MET E 202 -49.24 -27.10 -9.62
C MET E 202 -48.23 -27.65 -8.62
N GLY E 203 -48.57 -28.75 -7.97
CA GLY E 203 -47.71 -29.35 -6.97
C GLY E 203 -48.53 -30.05 -5.92
N GLY E 204 -47.84 -30.53 -4.89
CA GLY E 204 -48.51 -31.16 -3.77
C GLY E 204 -49.00 -30.13 -2.77
N GLY E 205 -49.43 -30.63 -1.61
CA GLY E 205 -49.88 -29.74 -0.56
C GLY E 205 -51.37 -29.50 -0.54
N ARG E 206 -52.16 -30.57 -0.68
CA ARG E 206 -53.61 -30.42 -0.68
C ARG E 206 -54.17 -30.18 0.72
N LYS E 207 -53.67 -30.89 1.74
CA LYS E 207 -54.30 -30.86 3.06
C LYS E 207 -54.39 -29.46 3.65
N TYR E 208 -53.52 -28.54 3.23
CA TYR E 208 -53.47 -27.19 3.76
C TYR E 208 -54.51 -26.28 3.14
N MET E 209 -55.32 -26.78 2.22
CA MET E 209 -56.37 -25.99 1.58
C MET E 209 -57.76 -26.31 2.11
N TYR E 210 -57.94 -27.44 2.78
CA TYR E 210 -59.24 -27.90 3.23
C TYR E 210 -59.35 -27.80 4.74
N PRO E 211 -60.56 -27.59 5.27
CA PRO E 211 -60.72 -27.50 6.74
C PRO E 211 -60.31 -28.81 7.42
N LYS E 212 -60.23 -28.74 8.74
CA LYS E 212 -59.67 -29.83 9.52
C LYS E 212 -60.52 -31.10 9.40
N ASN E 213 -59.84 -32.24 9.49
CA ASN E 213 -60.42 -33.58 9.53
C ASN E 213 -61.30 -33.88 8.31
N LYS E 214 -61.16 -33.12 7.23
CA LYS E 214 -61.90 -33.44 6.01
C LYS E 214 -61.14 -34.53 5.26
N THR E 215 -61.86 -35.40 4.57
CA THR E 215 -61.21 -36.53 3.92
C THR E 215 -60.76 -36.13 2.51
N ASP E 216 -59.54 -36.53 2.16
CA ASP E 216 -58.97 -36.22 0.86
C ASP E 216 -59.56 -37.13 -0.22
N VAL E 217 -59.77 -36.57 -1.42
CA VAL E 217 -60.44 -37.30 -2.50
C VAL E 217 -59.57 -38.46 -2.97
N GLU E 218 -58.26 -38.23 -3.12
CA GLU E 218 -57.37 -39.27 -3.62
C GLU E 218 -57.22 -40.40 -2.61
N TYR E 219 -56.98 -40.07 -1.34
CA TYR E 219 -56.86 -41.07 -0.29
C TYR E 219 -57.86 -40.75 0.81
N GLU E 220 -59.06 -41.32 0.70
CA GLU E 220 -60.08 -41.14 1.72
C GLU E 220 -59.76 -41.94 2.99
N SER E 221 -58.95 -42.98 2.86
CA SER E 221 -58.66 -43.87 3.98
C SER E 221 -57.56 -43.32 4.89
N ASP E 222 -56.68 -42.47 4.39
CA ASP E 222 -55.57 -41.94 5.18
C ASP E 222 -56.01 -40.76 6.04
N GLU E 223 -55.81 -40.89 7.36
CA GLU E 223 -56.10 -39.80 8.29
C GLU E 223 -55.07 -38.67 8.22
N LYS E 224 -53.81 -38.99 7.90
CA LYS E 224 -52.80 -37.94 7.77
C LYS E 224 -53.16 -36.97 6.66
N ALA E 225 -53.78 -37.47 5.58
CA ALA E 225 -54.17 -36.62 4.46
C ALA E 225 -55.36 -35.72 4.79
N ARG E 226 -55.97 -35.89 5.96
CA ARG E 226 -57.09 -35.05 6.36
C ARG E 226 -56.66 -33.61 6.50
N GLY E 227 -57.58 -32.69 6.16
CA GLY E 227 -57.26 -31.28 6.16
C GLY E 227 -56.74 -30.80 7.50
N THR E 228 -56.11 -29.64 7.46
CA THR E 228 -55.42 -29.08 8.61
C THR E 228 -55.83 -27.64 8.92
N ARG E 229 -56.71 -27.04 8.13
CA ARG E 229 -57.12 -25.64 8.29
C ARG E 229 -58.11 -25.50 9.43
N LEU E 230 -57.71 -24.80 10.49
CA LEU E 230 -58.66 -24.40 11.52
C LEU E 230 -59.55 -23.23 11.08
N ASP E 231 -59.17 -22.48 10.03
CA ASP E 231 -60.06 -21.42 9.54
C ASP E 231 -61.39 -21.95 9.03
N GLY E 232 -61.51 -23.25 8.79
CA GLY E 232 -62.73 -23.76 8.20
C GLY E 232 -63.01 -23.11 6.86
N LEU E 233 -61.98 -22.96 6.03
CA LEU E 233 -62.09 -22.37 4.71
C LEU E 233 -61.71 -23.39 3.65
N ASP E 234 -62.43 -23.34 2.53
CA ASP E 234 -62.12 -24.11 1.35
C ASP E 234 -61.30 -23.19 0.46
N LEU E 235 -59.99 -23.21 0.65
CA LEU E 235 -59.10 -22.37 -0.15
C LEU E 235 -59.25 -22.65 -1.65
N VAL E 236 -59.58 -23.90 -2.01
CA VAL E 236 -59.86 -24.24 -3.41
C VAL E 236 -61.02 -23.40 -3.94
N ASP E 237 -62.10 -23.25 -3.14
CA ASP E 237 -63.19 -22.35 -3.52
C ASP E 237 -62.70 -20.91 -3.50
N THR E 238 -61.97 -20.56 -2.43
CA THR E 238 -61.35 -19.26 -2.31
C THR E 238 -60.51 -18.93 -3.53
N TRP E 239 -59.94 -19.96 -4.18
CA TRP E 239 -59.18 -19.74 -5.40
C TRP E 239 -60.08 -19.17 -6.49
N LYS E 240 -61.15 -19.90 -6.86
CA LYS E 240 -62.02 -19.38 -7.91
C LYS E 240 -62.86 -18.19 -7.47
N SER E 241 -63.13 -18.03 -6.17
CA SER E 241 -63.95 -16.90 -5.72
C SER E 241 -63.30 -15.57 -6.06
N PHE E 242 -61.96 -15.51 -6.07
CA PHE E 242 -61.28 -14.29 -6.49
C PHE E 242 -61.16 -14.20 -8.01
N LYS E 243 -61.31 -15.30 -8.72
CA LYS E 243 -61.17 -15.28 -10.17
C LYS E 243 -62.41 -14.65 -10.81
N PRO E 244 -62.23 -13.99 -11.94
CA PRO E 244 -63.40 -13.47 -12.68
C PRO E 244 -64.23 -14.62 -13.25
N ARG E 245 -65.53 -14.36 -13.38
CA ARG E 245 -66.46 -15.40 -13.82
C ARG E 245 -66.28 -15.76 -15.28
N TYR E 246 -66.04 -14.76 -16.14
CA TYR E 246 -65.94 -15.02 -17.57
C TYR E 246 -64.70 -15.82 -17.94
N LYS E 247 -63.72 -15.93 -17.04
CA LYS E 247 -62.52 -16.68 -17.29
C LYS E 247 -62.69 -18.10 -16.76
N HIS E 248 -62.31 -19.08 -17.56
CA HIS E 248 -62.43 -20.48 -17.16
C HIS E 248 -61.38 -20.80 -16.11
N SER E 249 -61.82 -21.38 -15.00
CA SER E 249 -60.93 -21.73 -13.90
C SER E 249 -61.17 -23.19 -13.55
N HIS E 250 -60.16 -24.03 -13.74
CA HIS E 250 -60.28 -25.47 -13.53
C HIS E 250 -59.35 -25.90 -12.41
N PHE E 251 -59.83 -26.84 -11.59
CA PHE E 251 -59.02 -27.51 -10.60
C PHE E 251 -58.89 -28.96 -11.00
N ILE E 252 -57.69 -29.48 -10.91
CA ILE E 252 -57.42 -30.87 -11.22
C ILE E 252 -56.70 -31.44 -10.02
N TRP E 253 -56.88 -32.74 -9.78
CA TRP E 253 -56.22 -33.36 -8.65
C TRP E 253 -55.53 -34.65 -9.06
N ASN E 254 -55.69 -35.08 -10.30
CA ASN E 254 -55.01 -36.26 -10.79
C ASN E 254 -54.60 -36.03 -12.24
N ARG E 255 -53.76 -36.94 -12.71
CA ARG E 255 -53.05 -36.76 -13.97
C ARG E 255 -54.00 -36.76 -15.16
N THR E 256 -55.02 -37.62 -15.14
CA THR E 256 -55.93 -37.71 -16.28
C THR E 256 -56.61 -36.38 -16.57
N GLU E 257 -57.03 -35.64 -15.54
CA GLU E 257 -57.66 -34.34 -15.79
C GLU E 257 -56.69 -33.36 -16.41
N LEU E 258 -55.43 -33.39 -16.01
CA LEU E 258 -54.46 -32.44 -16.55
C LEU E 258 -54.33 -32.59 -18.06
N LEU E 259 -54.21 -33.84 -18.54
CA LEU E 259 -54.06 -34.10 -19.97
C LEU E 259 -55.36 -33.85 -20.73
N THR E 260 -56.51 -33.90 -20.06
CA THR E 260 -57.77 -33.63 -20.74
C THR E 260 -57.99 -32.14 -20.92
N LEU E 261 -57.36 -31.30 -20.10
CA LEU E 261 -57.53 -29.87 -20.21
C LEU E 261 -57.10 -29.37 -21.58
N ASP E 262 -57.80 -28.36 -22.08
CA ASP E 262 -57.44 -27.69 -23.31
C ASP E 262 -56.72 -26.39 -22.97
N PRO E 263 -55.47 -26.21 -23.39
CA PRO E 263 -54.73 -25.01 -22.97
C PRO E 263 -55.38 -23.71 -23.42
N HIS E 264 -56.04 -23.71 -24.58
CA HIS E 264 -56.72 -22.51 -25.05
C HIS E 264 -57.96 -22.21 -24.21
N ASN E 265 -58.56 -23.24 -23.60
CA ASN E 265 -59.74 -23.07 -22.77
C ASN E 265 -59.37 -22.68 -21.35
N VAL E 266 -58.24 -23.17 -20.83
CA VAL E 266 -57.91 -22.96 -19.42
C VAL E 266 -57.25 -21.58 -19.30
N ASP E 267 -57.82 -20.73 -18.46
CA ASP E 267 -57.20 -19.45 -18.17
C ASP E 267 -56.54 -19.41 -16.80
N TYR E 268 -57.09 -20.14 -15.82
CA TYR E 268 -56.50 -20.24 -14.49
C TYR E 268 -56.54 -21.70 -14.09
N LEU E 269 -55.41 -22.21 -13.60
CA LEU E 269 -55.33 -23.62 -13.28
C LEU E 269 -54.66 -23.81 -11.92
N LEU E 270 -55.33 -24.54 -11.05
CA LEU E 270 -54.81 -24.94 -9.75
C LEU E 270 -54.86 -26.45 -9.72
N GLY E 271 -53.69 -27.09 -9.70
CA GLY E 271 -53.65 -28.53 -9.66
C GLY E 271 -52.81 -29.03 -8.51
N LEU E 272 -53.46 -29.53 -7.47
CA LEU E 272 -52.76 -30.09 -6.32
C LEU E 272 -52.92 -31.60 -6.39
N PHE E 273 -51.81 -32.29 -6.62
CA PHE E 273 -51.80 -33.70 -6.94
C PHE E 273 -51.50 -34.59 -5.74
N GLU E 274 -51.35 -34.03 -4.54
CA GLU E 274 -51.05 -34.83 -3.36
C GLU E 274 -51.34 -34.03 -2.11
N PRO E 275 -51.77 -34.68 -1.03
CA PRO E 275 -51.94 -33.94 0.24
C PRO E 275 -50.64 -33.36 0.76
N GLY E 276 -49.59 -34.15 0.84
CA GLY E 276 -48.27 -33.64 1.15
C GLY E 276 -47.45 -33.39 -0.09
N ASP E 277 -46.15 -33.64 0.01
CA ASP E 277 -45.26 -33.51 -1.14
C ASP E 277 -45.48 -34.65 -2.11
N MET E 278 -45.30 -34.37 -3.40
CA MET E 278 -45.43 -35.45 -4.38
C MET E 278 -44.25 -36.40 -4.26
N GLN E 279 -44.49 -37.65 -4.67
CA GLN E 279 -43.49 -38.69 -4.50
C GLN E 279 -42.36 -38.51 -5.51
N TYR E 280 -41.25 -39.20 -5.23
CA TYR E 280 -40.12 -39.28 -6.14
C TYR E 280 -40.57 -39.82 -7.50
N GLU E 281 -39.78 -39.53 -8.53
CA GLU E 281 -40.11 -39.99 -9.87
C GLU E 281 -40.11 -41.50 -9.96
N LEU E 282 -39.29 -42.16 -9.13
CA LEU E 282 -39.27 -43.61 -9.05
C LEU E 282 -40.50 -44.12 -8.32
N ASN E 283 -41.19 -43.26 -7.58
CA ASN E 283 -42.38 -43.61 -6.82
C ASN E 283 -43.65 -43.04 -7.41
N ARG E 284 -43.57 -42.43 -8.59
CA ARG E 284 -44.72 -41.81 -9.21
C ARG E 284 -45.61 -42.89 -9.84
N ASN E 285 -46.91 -42.72 -9.65
CA ASN E 285 -47.89 -43.62 -10.25
C ASN E 285 -48.24 -43.07 -11.64
N ASN E 286 -48.08 -43.90 -12.66
CA ASN E 286 -48.20 -43.42 -14.03
C ASN E 286 -49.58 -42.85 -14.32
N VAL E 287 -50.60 -43.36 -13.64
CA VAL E 287 -51.96 -42.98 -13.99
C VAL E 287 -52.47 -41.82 -13.13
N THR E 288 -52.11 -41.78 -11.85
CA THR E 288 -52.68 -40.82 -10.90
C THR E 288 -51.92 -39.49 -10.87
N ASP E 289 -50.59 -39.52 -10.81
CA ASP E 289 -49.85 -38.29 -10.62
C ASP E 289 -48.95 -38.01 -11.82
N PRO E 290 -48.83 -36.75 -12.24
CA PRO E 290 -47.97 -36.44 -13.39
C PRO E 290 -46.54 -36.13 -12.97
N SER E 291 -45.64 -36.30 -13.93
CA SER E 291 -44.24 -35.97 -13.75
C SER E 291 -44.03 -34.46 -13.87
N LEU E 292 -42.86 -34.01 -13.42
CA LEU E 292 -42.55 -32.58 -13.48
C LEU E 292 -42.57 -32.06 -14.91
N SER E 293 -42.04 -32.83 -15.86
CA SER E 293 -42.05 -32.40 -17.25
C SER E 293 -43.47 -32.23 -17.77
N GLU E 294 -44.34 -33.20 -17.49
CA GLU E 294 -45.73 -33.12 -17.95
C GLU E 294 -46.40 -31.89 -17.40
N MET E 295 -46.12 -31.57 -16.13
CA MET E 295 -46.71 -30.40 -15.52
C MET E 295 -46.18 -29.12 -16.17
N VAL E 296 -44.90 -29.11 -16.56
CA VAL E 296 -44.33 -27.90 -17.16
C VAL E 296 -44.91 -27.63 -18.54
N VAL E 297 -45.07 -28.68 -19.35
CA VAL E 297 -45.56 -28.49 -20.71
C VAL E 297 -46.95 -27.85 -20.70
N VAL E 298 -47.87 -28.42 -19.91
CA VAL E 298 -49.22 -27.86 -19.84
C VAL E 298 -49.19 -26.43 -19.31
N ALA E 299 -48.33 -26.16 -18.34
CA ALA E 299 -48.22 -24.80 -17.80
C ALA E 299 -47.76 -23.82 -18.87
N ILE E 300 -46.67 -24.16 -19.57
CA ILE E 300 -46.14 -23.27 -20.60
C ILE E 300 -47.19 -23.00 -21.67
N GLN E 301 -47.96 -24.03 -22.03
CA GLN E 301 -49.01 -23.87 -23.03
C GLN E 301 -50.06 -22.87 -22.58
N ILE E 302 -50.45 -22.92 -21.31
CA ILE E 302 -51.43 -21.98 -20.79
C ILE E 302 -50.84 -20.58 -20.72
N LEU E 303 -49.58 -20.47 -20.29
CA LEU E 303 -48.95 -19.16 -20.12
C LEU E 303 -48.54 -18.52 -21.44
N ARG E 304 -48.29 -19.33 -22.48
CA ARG E 304 -47.92 -18.81 -23.79
C ARG E 304 -48.95 -17.86 -24.37
N LYS E 305 -50.21 -17.95 -23.92
CA LYS E 305 -51.29 -17.18 -24.55
C LYS E 305 -51.12 -15.68 -24.30
N ASN E 306 -50.68 -15.30 -23.10
CA ASN E 306 -50.50 -13.90 -22.77
C ASN E 306 -49.53 -13.24 -23.74
N PRO E 307 -49.95 -12.21 -24.49
CA PRO E 307 -49.02 -11.59 -25.44
C PRO E 307 -47.90 -10.83 -24.77
N LYS E 308 -48.12 -10.31 -23.57
CA LYS E 308 -47.12 -9.52 -22.87
C LYS E 308 -45.96 -10.37 -22.40
N GLY E 309 -46.14 -11.67 -22.29
CA GLY E 309 -45.11 -12.59 -21.86
C GLY E 309 -45.56 -13.37 -20.64
N PHE E 310 -44.60 -14.02 -20.00
CA PHE E 310 -44.92 -14.78 -18.79
C PHE E 310 -43.65 -15.07 -18.01
N PHE E 311 -43.83 -15.29 -16.71
CA PHE E 311 -42.78 -15.79 -15.83
C PHE E 311 -43.21 -17.13 -15.26
N LEU E 312 -42.30 -18.10 -15.26
CA LEU E 312 -42.58 -19.43 -14.73
C LEU E 312 -41.46 -19.85 -13.80
N LEU E 313 -41.82 -20.32 -12.61
CA LEU E 313 -40.86 -20.85 -11.65
C LEU E 313 -41.10 -22.36 -11.50
N VAL E 314 -40.08 -23.15 -11.79
CA VAL E 314 -40.13 -24.60 -11.68
C VAL E 314 -39.14 -25.03 -10.62
N GLU E 315 -39.51 -26.03 -9.82
CA GLU E 315 -38.63 -26.55 -8.79
C GLU E 315 -38.56 -28.07 -8.92
N GLY E 316 -37.35 -28.57 -9.20
CA GLY E 316 -37.14 -30.01 -9.14
C GLY E 316 -37.49 -30.57 -7.77
N GLY E 317 -37.13 -29.85 -6.72
CA GLY E 317 -37.63 -30.08 -5.37
C GLY E 317 -37.13 -31.32 -4.64
N ARG E 318 -37.65 -32.48 -5.04
CA ARG E 318 -37.36 -33.72 -4.31
C ARG E 318 -35.87 -34.10 -4.30
N ILE E 319 -35.04 -33.42 -5.08
CA ILE E 319 -33.60 -33.68 -5.00
C ILE E 319 -33.11 -33.47 -3.57
N ASP E 320 -33.59 -32.41 -2.92
CA ASP E 320 -33.22 -32.12 -1.55
C ASP E 320 -33.59 -33.24 -0.59
N HIS E 321 -34.90 -33.50 -0.44
CA HIS E 321 -35.37 -34.57 0.45
C HIS E 321 -34.72 -35.90 0.14
N GLY E 322 -34.27 -36.10 -1.10
CA GLY E 322 -33.57 -37.34 -1.44
C GLY E 322 -32.18 -37.38 -0.85
N HIS E 323 -31.43 -36.29 -1.03
CA HIS E 323 -30.12 -36.15 -0.40
C HIS E 323 -30.21 -36.23 1.11
N HIS E 324 -31.22 -35.59 1.70
CA HIS E 324 -31.41 -35.64 3.15
C HIS E 324 -31.49 -37.08 3.64
N GLU E 325 -32.15 -37.94 2.88
CA GLU E 325 -32.34 -39.34 3.25
C GLU E 325 -31.16 -40.23 2.86
N GLY E 326 -30.08 -39.65 2.35
CA GLY E 326 -28.90 -40.39 1.98
C GLY E 326 -29.06 -41.32 0.80
N LYS E 327 -30.23 -41.34 0.18
CA LYS E 327 -30.52 -42.20 -0.96
C LYS E 327 -30.17 -41.43 -2.22
N ALA E 328 -28.91 -41.58 -2.66
CA ALA E 328 -28.45 -40.81 -3.81
C ALA E 328 -29.23 -41.16 -5.08
N LYS E 329 -29.64 -42.42 -5.22
CA LYS E 329 -30.36 -42.82 -6.42
C LYS E 329 -31.66 -42.03 -6.59
N GLN E 330 -32.35 -41.75 -5.49
CA GLN E 330 -33.57 -40.93 -5.56
C GLN E 330 -33.24 -39.51 -6.01
N ALA E 331 -32.26 -38.88 -5.35
CA ALA E 331 -31.93 -37.49 -5.67
C ALA E 331 -31.45 -37.36 -7.11
N LEU E 332 -30.51 -38.21 -7.53
CA LEU E 332 -30.00 -38.12 -8.89
C LEU E 332 -31.11 -38.32 -9.92
N HIS E 333 -32.00 -39.30 -9.69
CA HIS E 333 -33.12 -39.48 -10.61
C HIS E 333 -34.02 -38.26 -10.66
N GLU E 334 -34.30 -37.66 -9.50
CA GLU E 334 -35.05 -36.41 -9.47
C GLU E 334 -34.34 -35.33 -10.27
N ALA E 335 -33.01 -35.29 -10.21
CA ALA E 335 -32.26 -34.27 -10.95
C ALA E 335 -32.33 -34.52 -12.46
N VAL E 336 -32.16 -35.78 -12.89
CA VAL E 336 -32.25 -36.08 -14.32
C VAL E 336 -33.63 -35.76 -14.86
N GLU E 337 -34.67 -36.00 -14.06
CA GLU E 337 -36.02 -35.62 -14.49
C GLU E 337 -36.13 -34.14 -14.77
N MET E 338 -35.57 -33.33 -13.87
CA MET E 338 -35.55 -31.88 -14.09
C MET E 338 -34.83 -31.52 -15.39
N ASP E 339 -33.75 -32.23 -15.72
CA ASP E 339 -33.04 -31.97 -16.98
C ASP E 339 -33.92 -32.27 -18.18
N ARG E 340 -34.67 -33.38 -18.14
CA ARG E 340 -35.64 -33.66 -19.20
C ARG E 340 -36.68 -32.55 -19.28
N ALA E 341 -37.17 -32.10 -18.13
CA ALA E 341 -38.18 -31.04 -18.10
C ALA E 341 -37.65 -29.74 -18.70
N ILE E 342 -36.35 -29.49 -18.59
CA ILE E 342 -35.77 -28.29 -19.21
C ILE E 342 -35.80 -28.41 -20.74
N GLY E 343 -35.42 -29.57 -21.26
CA GLY E 343 -35.40 -29.76 -22.71
C GLY E 343 -36.77 -29.58 -23.31
N GLN E 344 -37.80 -29.99 -22.59
CA GLN E 344 -39.17 -29.75 -23.02
C GLN E 344 -39.43 -28.26 -23.16
N ALA E 345 -39.14 -27.50 -22.10
CA ALA E 345 -39.31 -26.04 -22.16
C ALA E 345 -38.46 -25.41 -23.24
N GLY E 346 -37.33 -26.04 -23.60
CA GLY E 346 -36.49 -25.49 -24.65
C GLY E 346 -37.13 -25.57 -26.01
N SER E 347 -37.95 -26.59 -26.24
CA SER E 347 -38.66 -26.69 -27.51
C SER E 347 -39.93 -25.85 -27.53
N LEU E 348 -40.54 -25.63 -26.36
CA LEU E 348 -41.77 -24.84 -26.31
C LEU E 348 -41.49 -23.34 -26.29
N THR E 349 -40.27 -22.92 -26.02
CA THR E 349 -39.94 -21.51 -25.99
C THR E 349 -38.78 -21.26 -26.95
N SER E 350 -38.61 -20.00 -27.34
CA SER E 350 -37.54 -19.62 -28.24
C SER E 350 -36.42 -18.92 -27.48
N SER E 351 -35.18 -19.20 -27.87
CA SER E 351 -34.05 -18.53 -27.23
C SER E 351 -33.99 -17.04 -27.57
N GLU E 352 -34.72 -16.60 -28.59
CA GLU E 352 -34.70 -15.18 -28.95
C GLU E 352 -35.48 -14.35 -27.95
N ASP E 353 -36.59 -14.88 -27.43
CA ASP E 353 -37.47 -14.13 -26.54
C ASP E 353 -37.55 -14.66 -25.13
N THR E 354 -37.04 -15.84 -24.86
CA THR E 354 -37.19 -16.50 -23.56
C THR E 354 -35.86 -16.65 -22.86
N LEU E 355 -35.79 -16.15 -21.64
CA LEU E 355 -34.62 -16.32 -20.80
C LEU E 355 -34.86 -17.49 -19.85
N THR E 356 -34.00 -18.51 -19.95
CA THR E 356 -34.07 -19.71 -19.14
C THR E 356 -32.85 -19.72 -18.24
N VAL E 357 -33.08 -19.91 -16.94
CA VAL E 357 -32.01 -19.92 -15.95
C VAL E 357 -32.22 -21.11 -15.03
N VAL E 358 -31.17 -21.92 -14.87
CA VAL E 358 -31.18 -23.07 -13.99
C VAL E 358 -30.13 -22.87 -12.91
N THR E 359 -30.52 -23.02 -11.65
CA THR E 359 -29.63 -22.78 -10.53
C THR E 359 -30.04 -23.69 -9.38
N ALA E 360 -29.44 -23.47 -8.22
CA ALA E 360 -29.76 -24.22 -7.00
C ALA E 360 -29.71 -23.25 -5.83
N ASP E 361 -30.44 -23.58 -4.76
CA ASP E 361 -30.41 -22.72 -3.58
C ASP E 361 -29.21 -23.02 -2.69
N HIS E 362 -28.79 -24.28 -2.63
CA HIS E 362 -27.66 -24.68 -1.79
C HIS E 362 -27.09 -25.98 -2.36
N SER E 363 -26.01 -26.45 -1.73
CA SER E 363 -25.36 -27.69 -2.10
C SER E 363 -25.59 -28.73 -1.01
N HIS E 364 -24.96 -29.89 -1.17
CA HIS E 364 -25.03 -30.95 -0.18
C HIS E 364 -23.65 -31.54 0.06
N VAL E 365 -23.52 -32.28 1.17
CA VAL E 365 -22.24 -32.90 1.49
C VAL E 365 -22.16 -34.23 0.74
N PHE E 366 -22.54 -34.18 -0.54
CA PHE E 366 -22.58 -35.34 -1.42
C PHE E 366 -21.31 -35.36 -2.27
N THR E 367 -20.57 -36.45 -2.21
CA THR E 367 -19.33 -36.62 -2.96
C THR E 367 -19.30 -37.98 -3.60
N PHE E 368 -18.69 -38.04 -4.78
CA PHE E 368 -18.41 -39.33 -5.41
C PHE E 368 -16.96 -39.33 -5.84
N GLY E 369 -16.23 -40.34 -5.40
CA GLY E 369 -14.84 -40.45 -5.73
C GLY E 369 -14.41 -41.89 -5.57
N GLY E 370 -13.11 -42.08 -5.61
CA GLY E 370 -12.54 -43.40 -5.47
C GLY E 370 -11.79 -43.91 -6.70
N TYR E 371 -11.38 -43.03 -7.61
CA TYR E 371 -10.63 -43.42 -8.80
C TYR E 371 -11.35 -44.52 -9.58
N THR E 372 -12.65 -44.30 -9.80
CA THR E 372 -13.45 -45.26 -10.53
C THR E 372 -13.06 -45.26 -12.01
N PRO E 373 -13.17 -46.40 -12.68
CA PRO E 373 -12.83 -46.46 -14.10
C PRO E 373 -13.94 -45.84 -14.96
N ARG E 374 -13.58 -45.56 -16.20
CA ARG E 374 -14.56 -45.04 -17.14
C ARG E 374 -15.72 -46.02 -17.27
N GLY E 375 -16.94 -45.49 -17.20
CA GLY E 375 -18.15 -46.28 -17.27
C GLY E 375 -18.68 -46.79 -15.94
N ASN E 376 -17.82 -46.88 -14.92
CA ASN E 376 -18.23 -47.28 -13.59
C ASN E 376 -19.55 -46.63 -13.19
N SER E 377 -20.50 -47.46 -12.75
CA SER E 377 -21.82 -46.98 -12.38
C SER E 377 -21.70 -45.85 -11.37
N ILE E 378 -22.58 -44.86 -11.48
CA ILE E 378 -22.56 -43.78 -10.50
C ILE E 378 -22.92 -44.30 -9.11
N PHE E 379 -23.65 -45.41 -9.02
CA PHE E 379 -23.95 -46.05 -7.75
C PHE E 379 -23.07 -47.25 -7.50
N GLY E 380 -22.04 -47.43 -8.31
CA GLY E 380 -21.19 -48.59 -8.21
C GLY E 380 -20.20 -48.50 -7.07
N LEU E 381 -19.38 -49.55 -6.94
CA LEU E 381 -18.40 -49.69 -5.89
C LEU E 381 -17.04 -49.18 -6.36
N ALA E 382 -16.14 -49.02 -5.38
CA ALA E 382 -14.79 -48.58 -5.71
C ALA E 382 -14.05 -49.69 -6.44
N PRO E 383 -13.10 -49.34 -7.31
CA PRO E 383 -12.33 -50.39 -7.99
C PRO E 383 -11.55 -51.27 -7.04
N MET E 384 -11.01 -50.69 -5.98
CA MET E 384 -10.15 -51.41 -5.05
C MET E 384 -10.69 -51.29 -3.64
N LEU E 385 -10.34 -52.26 -2.80
CA LEU E 385 -10.79 -52.23 -1.42
C LEU E 385 -9.99 -51.21 -0.61
N SER E 386 -10.55 -50.84 0.54
CA SER E 386 -9.87 -49.91 1.44
C SER E 386 -8.56 -50.51 1.95
N ASP E 387 -7.53 -49.67 2.02
CA ASP E 387 -6.24 -50.13 2.53
C ASP E 387 -6.32 -50.51 4.01
N THR E 388 -7.25 -49.93 4.76
CA THR E 388 -7.35 -50.20 6.20
C THR E 388 -8.16 -51.45 6.48
N ASP E 389 -9.49 -51.31 6.51
CA ASP E 389 -10.36 -52.41 6.90
C ASP E 389 -10.52 -53.48 5.83
N LYS E 390 -9.84 -53.35 4.68
CA LYS E 390 -9.94 -54.35 3.60
C LYS E 390 -11.39 -54.61 3.22
N LYS E 391 -12.24 -53.58 3.35
CA LYS E 391 -13.62 -53.74 2.97
C LYS E 391 -13.92 -52.80 1.81
N PRO E 392 -14.79 -53.20 0.89
CA PRO E 392 -15.12 -52.32 -0.24
C PRO E 392 -15.87 -51.09 0.24
N PHE E 393 -15.91 -50.07 -0.61
CA PHE E 393 -16.67 -48.87 -0.30
C PHE E 393 -17.28 -48.31 -1.58
N THR E 394 -18.46 -47.72 -1.43
CA THR E 394 -19.19 -47.19 -2.58
C THR E 394 -18.47 -45.99 -3.17
N ALA E 395 -18.71 -45.78 -4.47
CA ALA E 395 -18.17 -44.58 -5.13
C ALA E 395 -18.80 -43.32 -4.55
N ILE E 396 -20.11 -43.30 -4.39
CA ILE E 396 -20.78 -42.16 -3.75
C ILE E 396 -20.63 -42.28 -2.23
N LEU E 397 -20.19 -41.19 -1.60
CA LEU E 397 -20.04 -41.13 -0.15
C LEU E 397 -20.56 -39.79 0.34
N TYR E 398 -21.29 -39.83 1.45
CA TYR E 398 -21.85 -38.64 2.08
C TYR E 398 -21.02 -38.16 3.26
N GLY E 399 -21.09 -36.87 3.52
CA GLY E 399 -20.41 -36.27 4.66
C GLY E 399 -21.05 -36.60 5.98
N ASN E 400 -22.30 -36.14 6.17
CA ASN E 400 -23.05 -36.39 7.41
C ASN E 400 -24.48 -36.79 7.06
N GLY E 401 -24.77 -38.08 7.07
CA GLY E 401 -26.09 -38.56 6.75
C GLY E 401 -26.50 -39.74 7.61
N PRO E 402 -27.70 -40.28 7.36
CA PRO E 402 -28.12 -41.50 8.05
C PRO E 402 -27.41 -42.74 7.55
N GLY E 403 -26.61 -42.62 6.51
CA GLY E 403 -25.87 -43.74 5.96
C GLY E 403 -24.73 -44.25 6.82
N TYR E 404 -24.40 -43.55 7.90
CA TYR E 404 -23.36 -44.03 8.83
C TYR E 404 -23.80 -45.36 9.43
N LYS E 405 -23.11 -46.44 9.08
CA LYS E 405 -23.48 -47.78 9.53
C LYS E 405 -22.25 -48.53 10.03
N VAL E 406 -22.16 -48.70 11.34
CA VAL E 406 -21.09 -49.47 11.97
C VAL E 406 -21.71 -50.65 12.70
N VAL E 407 -21.39 -51.86 12.26
CA VAL E 407 -21.89 -53.08 12.89
C VAL E 407 -20.83 -53.55 13.89
N GLY E 408 -21.08 -53.30 15.17
CA GLY E 408 -20.20 -53.76 16.23
C GLY E 408 -18.77 -53.30 16.09
N GLY E 409 -18.57 -51.99 15.98
CA GLY E 409 -17.24 -51.44 15.86
C GLY E 409 -16.59 -51.55 14.50
N GLU E 410 -17.30 -52.09 13.51
CA GLU E 410 -16.76 -52.31 12.18
C GLU E 410 -17.65 -51.70 11.12
N ARG E 411 -17.04 -51.06 10.13
CA ARG E 411 -17.79 -50.51 9.02
C ARG E 411 -18.45 -51.63 8.25
N GLU E 412 -19.61 -51.33 7.64
CA GLU E 412 -20.38 -52.39 6.98
C GLU E 412 -19.61 -52.95 5.80
N ASN E 413 -19.55 -54.28 5.72
CA ASN E 413 -18.99 -54.91 4.54
C ASN E 413 -20.03 -54.73 3.44
N VAL E 414 -19.91 -53.67 2.64
CA VAL E 414 -20.98 -53.30 1.71
C VAL E 414 -21.08 -54.25 0.53
N SER E 415 -20.13 -55.15 0.37
CA SER E 415 -20.24 -56.14 -0.70
C SER E 415 -21.45 -57.05 -0.51
N MET E 416 -22.01 -57.11 0.69
CA MET E 416 -23.11 -57.99 1.02
C MET E 416 -24.46 -57.30 0.96
N VAL E 417 -24.50 -56.00 0.70
CA VAL E 417 -25.77 -55.26 0.62
C VAL E 417 -26.07 -54.90 -0.82
N ASP E 418 -27.31 -54.46 -1.05
CA ASP E 418 -27.74 -54.00 -2.36
C ASP E 418 -27.50 -52.50 -2.44
N TYR E 419 -26.26 -52.14 -2.79
CA TYR E 419 -25.90 -50.75 -2.96
C TYR E 419 -26.60 -50.10 -4.15
N ALA E 420 -27.17 -50.90 -5.05
CA ALA E 420 -27.92 -50.41 -6.19
C ALA E 420 -29.42 -50.23 -5.89
N HIS E 421 -29.87 -50.63 -4.72
CA HIS E 421 -31.28 -50.44 -4.37
C HIS E 421 -31.63 -48.96 -4.44
N ASN E 422 -32.86 -48.69 -4.88
CA ASN E 422 -33.26 -47.30 -5.08
C ASN E 422 -33.26 -46.54 -3.76
N ASN E 423 -33.56 -47.22 -2.66
CA ASN E 423 -33.58 -46.61 -1.33
C ASN E 423 -32.34 -46.98 -0.51
N TYR E 424 -31.23 -47.31 -1.18
CA TYR E 424 -29.99 -47.56 -0.47
C TYR E 424 -29.34 -46.24 -0.07
N GLN E 425 -28.80 -46.22 1.15
CA GLN E 425 -28.18 -45.03 1.74
C GLN E 425 -26.67 -45.22 1.77
N ALA E 426 -25.95 -44.44 0.97
CA ALA E 426 -24.51 -44.55 0.94
C ALA E 426 -23.93 -44.19 2.30
N GLN E 427 -22.71 -44.67 2.53
CA GLN E 427 -22.08 -44.51 3.84
C GLN E 427 -21.75 -43.05 4.10
N SER E 428 -21.67 -42.71 5.40
CA SER E 428 -21.44 -41.36 5.86
C SER E 428 -20.38 -41.36 6.95
N ALA E 429 -19.82 -40.16 7.19
CA ALA E 429 -18.81 -39.96 8.22
C ALA E 429 -19.41 -39.73 9.60
N VAL E 430 -20.55 -39.03 9.65
CA VAL E 430 -21.20 -38.67 10.91
C VAL E 430 -22.66 -39.08 10.84
N PRO E 431 -23.16 -39.89 11.78
CA PRO E 431 -24.57 -40.30 11.72
C PRO E 431 -25.51 -39.16 12.11
N LEU E 432 -26.47 -38.89 11.23
CA LEU E 432 -27.53 -37.92 11.48
C LEU E 432 -28.83 -38.44 10.91
N ARG E 433 -29.95 -38.05 11.51
CA ARG E 433 -31.25 -38.38 10.93
C ARG E 433 -31.36 -37.87 9.50
N HIS E 434 -30.95 -36.63 9.27
CA HIS E 434 -30.98 -36.06 7.94
C HIS E 434 -29.62 -35.50 7.58
N GLU E 435 -29.24 -35.68 6.31
CA GLU E 435 -28.04 -35.06 5.79
C GLU E 435 -28.19 -33.54 5.77
N THR E 436 -27.08 -32.83 5.96
CA THR E 436 -27.13 -31.38 5.98
C THR E 436 -26.87 -30.82 4.58
N HIS E 437 -27.07 -29.52 4.44
CA HIS E 437 -26.79 -28.82 3.20
C HIS E 437 -25.29 -28.62 3.04
N GLY E 438 -24.89 -27.72 2.14
CA GLY E 438 -23.49 -27.45 1.94
C GLY E 438 -23.22 -25.97 1.72
N GLY E 439 -22.18 -25.45 2.36
CA GLY E 439 -21.83 -24.05 2.20
C GLY E 439 -21.18 -23.73 0.87
N GLU E 440 -20.88 -24.74 0.08
CA GLU E 440 -20.27 -24.54 -1.23
C GLU E 440 -21.17 -23.68 -2.11
N ASP E 441 -20.56 -23.06 -3.11
CA ASP E 441 -21.33 -22.27 -4.06
C ASP E 441 -22.03 -23.18 -5.06
N VAL E 442 -23.13 -22.68 -5.60
CA VAL E 442 -23.91 -23.42 -6.57
C VAL E 442 -23.75 -22.78 -7.93
N ALA E 443 -24.05 -23.54 -8.97
CA ALA E 443 -23.87 -23.09 -10.34
C ALA E 443 -25.14 -22.44 -10.87
N VAL E 444 -24.99 -21.61 -11.89
CA VAL E 444 -26.08 -20.91 -12.53
C VAL E 444 -25.88 -21.03 -14.04
N PHE E 445 -26.70 -21.84 -14.69
CA PHE E 445 -26.68 -21.97 -16.14
C PHE E 445 -27.75 -21.04 -16.69
N SER E 446 -27.38 -20.21 -17.66
CA SER E 446 -28.29 -19.19 -18.17
C SER E 446 -28.19 -19.13 -19.68
N LYS E 447 -29.35 -19.13 -20.35
CA LYS E 447 -29.42 -19.00 -21.80
C LYS E 447 -30.56 -18.07 -22.18
N GLY E 448 -30.37 -17.34 -23.27
CA GLY E 448 -31.40 -16.48 -23.79
C GLY E 448 -31.04 -15.02 -23.76
N PRO E 449 -32.06 -14.15 -23.78
CA PRO E 449 -31.83 -12.71 -23.85
C PRO E 449 -31.18 -12.19 -22.57
N MET E 450 -30.03 -11.53 -22.72
CA MET E 450 -29.29 -10.88 -21.64
C MET E 450 -28.73 -11.87 -20.63
N ALA E 451 -28.69 -13.16 -20.99
CA ALA E 451 -28.07 -14.15 -20.12
C ALA E 451 -26.58 -13.92 -19.96
N HIS E 452 -25.95 -13.23 -20.91
CA HIS E 452 -24.52 -12.94 -20.82
C HIS E 452 -24.16 -12.03 -19.66
N LEU E 453 -25.15 -11.53 -18.93
CA LEU E 453 -24.90 -10.67 -17.78
C LEU E 453 -24.70 -11.48 -16.51
N LEU E 454 -25.00 -12.78 -16.55
CA LEU E 454 -24.78 -13.64 -15.40
C LEU E 454 -23.40 -14.28 -15.51
N HIS E 455 -22.39 -13.45 -15.24
CA HIS E 455 -20.99 -13.80 -15.33
C HIS E 455 -20.45 -14.02 -13.92
N GLY E 456 -19.24 -14.58 -13.84
CA GLY E 456 -18.44 -14.58 -12.63
C GLY E 456 -19.11 -15.19 -11.40
N VAL E 457 -18.47 -14.97 -10.27
CA VAL E 457 -18.95 -15.43 -8.99
C VAL E 457 -19.58 -14.22 -8.30
N HIS E 458 -20.89 -14.25 -8.10
CA HIS E 458 -21.59 -13.13 -7.46
C HIS E 458 -22.47 -13.67 -6.35
N GLU E 459 -23.17 -12.76 -5.67
CA GLU E 459 -24.06 -13.17 -4.61
C GLU E 459 -25.32 -13.78 -5.23
N GLN E 460 -26.10 -14.46 -4.38
CA GLN E 460 -27.33 -15.09 -4.89
C GLN E 460 -28.43 -14.08 -5.15
N ASN E 461 -28.42 -12.95 -4.44
CA ASN E 461 -29.42 -11.91 -4.65
C ASN E 461 -29.32 -11.25 -6.02
N TYR E 462 -28.25 -11.50 -6.78
CA TYR E 462 -28.05 -10.81 -8.05
C TYR E 462 -28.90 -11.39 -9.18
N VAL E 463 -29.24 -12.69 -9.08
CA VAL E 463 -29.92 -13.36 -10.20
C VAL E 463 -31.23 -12.68 -10.60
N PRO E 464 -32.17 -12.40 -9.70
CA PRO E 464 -33.44 -11.79 -10.15
C PRO E 464 -33.28 -10.37 -10.68
N HIS E 465 -32.21 -9.66 -10.31
CA HIS E 465 -32.03 -8.30 -10.84
C HIS E 465 -31.76 -8.32 -12.34
N VAL E 466 -31.15 -9.38 -12.85
CA VAL E 466 -30.87 -9.48 -14.28
C VAL E 466 -32.15 -9.80 -15.05
N MET E 467 -32.90 -10.78 -14.55
CA MET E 467 -34.15 -11.19 -15.18
C MET E 467 -35.09 -10.00 -15.26
N ALA E 468 -35.24 -9.26 -14.17
CA ALA E 468 -36.11 -8.09 -14.16
C ALA E 468 -35.63 -7.05 -15.16
N TYR E 469 -34.32 -6.87 -15.26
CA TYR E 469 -33.79 -5.89 -16.20
C TYR E 469 -34.01 -6.32 -17.64
N ALA E 470 -33.82 -7.62 -17.94
CA ALA E 470 -34.01 -8.10 -19.29
C ALA E 470 -35.47 -8.05 -19.72
N ALA E 471 -36.39 -8.38 -18.82
CA ALA E 471 -37.81 -8.38 -19.11
C ALA E 471 -38.46 -7.02 -18.94
N CYS E 472 -37.70 -6.02 -18.47
CA CYS E 472 -38.18 -4.66 -18.24
C CYS E 472 -39.29 -4.63 -17.18
N ILE E 473 -39.07 -5.38 -16.10
CA ILE E 473 -39.93 -5.37 -14.93
C ILE E 473 -39.10 -4.94 -13.72
N GLY E 474 -39.79 -4.66 -12.62
CA GLY E 474 -39.10 -4.24 -11.42
C GLY E 474 -38.71 -2.77 -11.45
N ALA E 475 -37.61 -2.47 -10.77
CA ALA E 475 -37.16 -1.08 -10.62
C ALA E 475 -36.41 -0.59 -11.85
N ASN E 476 -35.51 -1.41 -12.39
CA ASN E 476 -34.65 -1.02 -13.49
C ASN E 476 -35.34 -1.38 -14.81
N LEU E 477 -36.00 -0.38 -15.40
CA LEU E 477 -36.63 -0.50 -16.70
C LEU E 477 -35.80 0.13 -17.81
N GLY E 478 -34.48 0.20 -17.62
CA GLY E 478 -33.62 0.89 -18.56
C GLY E 478 -33.36 0.12 -19.85
N HIS E 479 -33.61 -1.18 -19.85
CA HIS E 479 -33.36 -1.98 -21.05
C HIS E 479 -34.31 -1.59 -22.17
N CYS E 480 -35.52 -1.13 -21.85
CA CYS E 480 -36.49 -0.68 -22.85
C CYS E 480 -36.59 0.84 -22.89
N ALA E 481 -35.45 1.51 -22.80
CA ALA E 481 -35.23 2.95 -22.91
C ALA E 481 -35.25 3.38 -24.37
N PRO E 482 -35.79 4.57 -24.68
CA PRO E 482 -35.76 5.05 -26.07
C PRO E 482 -34.33 5.23 -26.59
C1 NAG F . -23.35 12.65 -30.97
C2 NAG F . -24.83 12.26 -31.17
C3 NAG F . -25.17 11.77 -32.59
C4 NAG F . -24.25 12.25 -33.69
C5 NAG F . -22.76 12.31 -33.31
C6 NAG F . -21.88 13.11 -34.26
C7 NAG F . -25.79 11.95 -29.10
C8 NAG F . -26.17 11.19 -27.86
N2 NAG F . -25.12 11.34 -30.10
O3 NAG F . -26.48 12.12 -32.89
O4 NAG F . -24.50 11.30 -34.71
O5 NAG F . -22.55 12.99 -32.08
O6 NAG F . -21.72 12.50 -35.50
O7 NAG F . -26.05 13.13 -29.21
C1 NAG F . -24.79 11.87 -36.01
C2 NAG F . -24.27 10.88 -37.06
C3 NAG F . -24.56 11.40 -38.46
C4 NAG F . -26.04 11.76 -38.60
C5 NAG F . -26.47 12.69 -37.45
C6 NAG F . -27.94 13.03 -37.46
C7 NAG F . -22.32 9.46 -36.60
C8 NAG F . -20.82 9.47 -36.41
N2 NAG F . -22.87 10.66 -36.86
O3 NAG F . -24.20 10.39 -39.36
O4 NAG F . -26.21 12.36 -39.85
O5 NAG F . -26.17 12.06 -36.22
O6 NAG F . -28.34 13.44 -36.17
O7 NAG F . -22.97 8.43 -36.49
C1 NAG G . -29.19 8.00 -15.73
C2 NAG G . -28.99 7.02 -14.56
C3 NAG G . -30.37 6.88 -13.92
C4 NAG G . -31.01 8.25 -13.60
C5 NAG G . -30.76 9.31 -14.67
C6 NAG G . -31.01 10.73 -14.21
C7 NAG G . -27.18 5.37 -14.87
C8 NAG G . -26.30 6.33 -14.09
N2 NAG G . -28.45 5.78 -15.05
O3 NAG G . -30.24 6.08 -12.78
O4 NAG G . -32.40 8.02 -13.47
O5 NAG G . -29.44 9.26 -15.18
O6 NAG G . -29.81 11.45 -14.27
O7 NAG G . -26.74 4.31 -15.30
C1 NAG G . -32.82 7.91 -12.09
C2 NAG G . -34.13 8.68 -11.86
C3 NAG G . -34.50 8.54 -10.39
C4 NAG G . -34.59 7.07 -9.99
C5 NAG G . -33.32 6.32 -10.42
C6 NAG G . -33.41 4.83 -10.20
C7 NAG G . -34.29 10.62 -13.41
C8 NAG G . -34.14 12.12 -13.47
N2 NAG G . -34.05 10.08 -12.20
O3 NAG G . -35.72 9.22 -10.21
O4 NAG G . -34.77 7.04 -8.60
O5 NAG G . -33.07 6.55 -11.80
O6 NAG G . -32.41 4.18 -10.95
O7 NAG G . -34.62 9.97 -14.40
C1 NAG H . -34.65 25.78 15.19
C2 NAG H . -35.06 26.20 16.60
C3 NAG H . -35.64 24.97 17.31
C4 NAG H . -36.76 24.30 16.52
C5 NAG H . -36.36 24.12 15.05
C6 NAG H . -37.47 23.76 14.08
C7 NAG H . -33.90 27.94 17.91
C8 NAG H . -32.69 28.25 18.76
N2 NAG H . -33.97 26.69 17.41
O3 NAG H . -36.09 25.41 18.56
O4 NAG H . -36.97 23.06 17.17
O5 NAG H . -35.81 25.31 14.54
O6 NAG H . -37.14 22.61 13.35
O7 NAG H . -34.77 28.79 17.73
C1 NAG H . -38.37 22.72 17.24
C2 NAG H . -38.49 21.21 17.04
C3 NAG H . -39.95 20.81 17.13
C4 NAG H . -40.61 21.34 18.40
C5 NAG H . -40.32 22.84 18.54
C6 NAG H . -40.81 23.48 19.82
C7 NAG H . -36.78 20.07 15.67
C8 NAG H . -36.39 19.69 14.27
N2 NAG H . -37.93 20.76 15.79
O3 NAG H . -40.02 19.42 17.01
O4 NAG H . -41.98 21.02 18.25
O5 NAG H . -38.93 23.06 18.48
O6 NAG H . -39.83 24.37 20.31
O7 NAG H . -36.07 19.78 16.63
C1 BMA H . -42.60 20.30 19.38
C2 BMA H . -42.27 18.80 19.36
C3 BMA H . -43.04 18.09 20.50
C4 BMA H . -43.11 18.86 21.85
C5 BMA H . -42.81 20.37 21.80
C6 BMA H . -42.10 20.91 23.04
O2 BMA H . -40.90 18.54 19.49
O3 BMA H . -42.44 16.83 20.63
O4 BMA H . -44.41 18.64 22.33
O5 BMA H . -42.16 20.84 20.64
O6 BMA H . -43.12 21.34 23.93
C1 NAG I . 12.64 27.03 43.64
C2 NAG I . 12.71 28.45 44.28
C3 NAG I . 13.61 28.58 45.50
C4 NAG I . 13.86 27.29 46.27
C5 NAG I . 13.98 26.04 45.43
C6 NAG I . 13.94 24.81 46.31
C7 NAG I . 11.96 30.06 42.83
C8 NAG I . 12.09 31.08 41.73
N2 NAG I . 13.04 29.37 43.25
O3 NAG I . 13.08 29.52 46.39
O4 NAG I . 15.06 27.54 46.96
O5 NAG I . 12.95 25.92 44.47
O6 NAG I . 12.60 24.40 46.48
O7 NAG I . 10.88 29.85 43.35
C1 NAG I . 14.72 27.71 48.35
C2 NAG I . 15.77 27.05 49.25
C3 NAG I . 15.43 27.34 50.72
C4 NAG I . 15.21 28.83 50.94
C5 NAG I . 14.20 29.38 49.92
C6 NAG I . 13.98 30.87 49.97
C7 NAG I . 16.97 25.00 48.58
C8 NAG I . 16.82 23.52 48.38
N2 NAG I . 15.85 25.65 48.99
O3 NAG I . 16.51 26.87 51.49
O4 NAG I . 14.76 29.00 52.26
O5 NAG I . 14.66 29.09 48.63
O6 NAG I . 12.70 31.16 49.44
O7 NAG I . 18.03 25.57 48.39
C1 NAG J . 11.88 37.31 30.39
C2 NAG J . 12.72 37.49 29.14
C3 NAG J . 12.69 38.98 28.81
C4 NAG J . 11.26 39.53 28.76
C5 NAG J . 10.33 38.93 29.85
C6 NAG J . 8.85 39.12 29.61
C7 NAG J . 14.56 35.88 28.83
C8 NAG J . 16.00 35.56 29.18
N2 NAG J . 14.07 37.02 29.36
O3 NAG J . 13.37 39.18 27.60
O4 NAG J . 11.44 40.94 28.90
O5 NAG J . 10.53 37.55 30.03
O6 NAG J . 8.15 39.05 30.83
O7 NAG J . 13.91 35.15 28.10
C1 NAG J . 10.44 41.78 28.27
C2 NAG J . 9.88 42.77 29.31
C3 NAG J . 8.74 43.55 28.67
C4 NAG J . 9.21 44.21 27.38
C5 NAG J . 9.93 43.21 26.47
C6 NAG J . 10.58 43.83 25.26
C7 NAG J . 10.21 41.86 31.59
C8 NAG J . 9.53 41.19 32.75
N2 NAG J . 9.43 42.12 30.52
O3 NAG J . 8.28 44.47 29.62
O4 NAG J . 8.07 44.77 26.77
O5 NAG J . 10.94 42.53 27.20
O6 NAG J . 10.15 45.17 25.09
O7 NAG J . 11.40 42.15 31.62
C1 NAG K . -14.90 49.13 9.33
C2 NAG K . -15.95 50.03 8.69
C3 NAG K . -15.27 51.06 7.79
C4 NAG K . -14.18 51.83 8.52
C5 NAG K . -13.25 50.87 9.29
C6 NAG K . -12.30 51.55 10.25
C7 NAG K . -18.21 49.17 8.18
C8 NAG K . -18.99 48.30 7.23
N2 NAG K . -16.89 49.26 7.92
O3 NAG K . -16.28 51.90 7.30
O4 NAG K . -13.46 52.50 7.52
O5 NAG K . -14.02 49.96 10.06
O6 NAG K . -13.02 52.27 11.23
O7 NAG K . -18.76 49.73 9.13
C1 NAG K . -13.55 53.91 7.81
C2 NAG K . -12.23 54.58 7.37
C3 NAG K . -12.34 56.10 7.44
C4 NAG K . -13.59 56.56 6.70
C5 NAG K . -14.80 55.86 7.34
C6 NAG K . -16.14 56.30 6.81
C7 NAG K . -10.18 53.27 7.73
C8 NAG K . -9.13 52.91 8.76
N2 NAG K . -11.13 54.09 8.17
O3 NAG K . -11.16 56.65 6.93
O4 NAG K . -13.66 57.97 6.78
O5 NAG K . -14.64 54.48 7.12
O6 NAG K . -16.74 57.19 7.73
O7 NAG K . -10.13 52.82 6.60
C1 BMA K . -13.57 58.52 5.45
C2 BMA K . -13.99 59.97 5.54
C3 BMA K . -13.74 60.73 4.21
C4 BMA K . -12.49 60.31 3.38
C5 BMA K . -11.79 59.01 3.79
C6 BMA K . -10.27 59.14 3.87
O2 BMA K . -13.33 60.57 6.63
O3 BMA K . -13.74 62.10 4.54
O4 BMA K . -12.95 60.22 2.05
O5 BMA K . -12.25 58.38 4.98
O6 BMA K . -9.78 58.01 4.56
C1 NAG L . 75.15 9.39 12.48
C2 NAG L . 75.53 8.50 11.31
C3 NAG L . 76.38 9.31 10.34
C4 NAG L . 76.44 10.85 10.44
C5 NAG L . 76.63 11.26 11.91
C6 NAG L . 75.80 12.44 12.41
C7 NAG L . 76.30 6.12 11.86
C8 NAG L . 74.97 5.51 11.47
N2 NAG L . 76.43 7.45 11.74
O3 NAG L . 75.98 8.91 9.06
O4 NAG L . 77.45 11.08 9.50
O5 NAG L . 76.35 10.12 12.73
O6 NAG L . 75.36 12.25 13.73
O7 NAG L . 77.21 5.43 12.25
C1 NAG L . 78.64 11.69 10.00
C2 NAG L . 79.62 10.56 9.78
C3 NAG L . 79.95 10.42 8.30
C4 NAG L . 79.65 11.61 7.37
C5 NAG L . 79.92 12.86 8.20
C6 NAG L . 79.67 14.21 7.58
C7 NAG L . 81.20 10.25 11.70
C8 NAG L . 80.23 9.26 12.28
N2 NAG L . 80.83 10.83 10.54
O3 NAG L . 79.35 9.23 7.82
O4 NAG L . 80.57 11.32 6.34
O5 NAG L . 78.92 12.83 9.23
O6 NAG L . 78.34 14.36 7.18
O7 NAG L . 82.25 10.53 12.26
C1 NAG M . 28.16 12.74 -12.90
C2 NAG M . 27.31 13.78 -12.18
C3 NAG M . 26.60 14.57 -13.26
C4 NAG M . 27.57 15.10 -14.33
C5 NAG M . 28.68 14.07 -14.71
C6 NAG M . 29.87 14.66 -15.46
C7 NAG M . 26.32 13.14 -9.97
C8 NAG M . 25.14 12.42 -9.38
N2 NAG M . 26.33 13.18 -11.32
O3 NAG M . 25.91 15.61 -12.63
O4 NAG M . 26.70 15.40 -15.41
O5 NAG M . 29.20 13.41 -13.56
O6 NAG M . 31.03 14.57 -14.69
O7 NAG M . 27.17 13.67 -9.27
C1 NAG M . 27.14 16.54 -16.19
C2 NAG M . 27.11 16.10 -17.65
C3 NAG M . 27.71 17.23 -18.50
C4 NAG M . 26.96 18.52 -18.24
C5 NAG M . 26.85 18.81 -16.74
C6 NAG M . 25.97 20.00 -16.43
C7 NAG M . 27.21 13.65 -17.76
C8 NAG M . 28.09 12.45 -18.02
N2 NAG M . 27.81 14.85 -17.87
O3 NAG M . 27.64 16.84 -19.84
O4 NAG M . 27.68 19.55 -18.90
O5 NAG M . 26.32 17.68 -16.08
O6 NAG M . 24.83 20.00 -17.27
O7 NAG M . 26.03 13.51 -17.47
C1 NAG N . 40.69 44.71 -22.59
C2 NAG N . 40.71 46.13 -23.16
C3 NAG N . 39.27 46.54 -23.49
C4 NAG N . 38.58 45.51 -24.40
C5 NAG N . 38.79 44.08 -23.86
C6 NAG N . 38.39 42.98 -24.81
C7 NAG N . 42.47 47.66 -22.54
C8 NAG N . 43.02 48.59 -21.48
N2 NAG N . 41.33 47.03 -22.24
O3 NAG N . 39.30 47.82 -24.05
O4 NAG N . 37.21 45.85 -24.38
O5 NAG N . 40.14 43.84 -23.54
O6 NAG N . 37.49 42.11 -24.16
O7 NAG N . 43.06 47.49 -23.59
C1 NAG N . 36.81 46.28 -25.70
C2 NAG N . 35.40 45.76 -26.02
C3 NAG N . 34.90 46.35 -27.36
C4 NAG N . 35.07 47.86 -27.41
C5 NAG N . 36.52 48.21 -27.07
C6 NAG N . 36.80 49.70 -27.06
C7 NAG N . 34.89 43.48 -25.19
C8 NAG N . 34.91 42.02 -25.58
N2 NAG N . 35.32 44.33 -26.14
O3 NAG N . 33.57 45.95 -27.53
O4 NAG N . 34.74 48.27 -28.72
O5 NAG N . 36.81 47.70 -25.77
O6 NAG N . 38.12 49.94 -26.65
O7 NAG N . 34.51 43.85 -24.08
C1 NAG O . 22.04 -19.58 0.74
C2 NAG O . 22.63 -19.56 2.18
C3 NAG O . 24.07 -19.04 2.32
C4 NAG O . 24.97 -19.14 1.10
C5 NAG O . 24.19 -18.91 -0.20
C6 NAG O . 24.98 -19.32 -1.43
C7 NAG O . 20.93 -19.66 3.72
C8 NAG O . 19.87 -19.11 4.65
N2 NAG O . 21.69 -18.84 2.99
O3 NAG O . 24.71 -19.71 3.35
O4 NAG O . 25.97 -18.15 1.40
O5 NAG O . 22.97 -19.62 -0.32
O6 NAG O . 25.03 -20.73 -1.44
O7 NAG O . 21.11 -20.87 3.65
C1 NAG O . 27.32 -18.21 0.84
C2 NAG O . 27.95 -19.59 1.04
C3 NAG O . 29.30 -19.68 0.32
C4 NAG O . 29.17 -19.24 -1.13
C5 NAG O . 28.48 -17.87 -1.20
C6 NAG O . 28.20 -17.37 -2.60
C7 NAG O . 27.70 -20.89 3.18
C8 NAG O . 28.14 -20.86 4.63
N2 NAG O . 28.17 -19.87 2.44
O3 NAG O . 29.71 -21.01 0.40
O4 NAG O . 30.46 -19.21 -1.69
O5 NAG O . 27.24 -17.96 -0.53
O6 NAG O . 28.11 -15.96 -2.60
O7 NAG O . 26.98 -21.79 2.76
C1 NAG P . 9.11 -17.06 10.89
C2 NAG P . 8.02 -16.07 11.26
C3 NAG P . 7.93 -16.15 12.78
C4 NAG P . 7.79 -17.60 13.28
C5 NAG P . 8.65 -18.61 12.51
C6 NAG P . 8.25 -20.06 12.71
C7 NAG P . 7.72 -14.14 9.77
C8 NAG P . 8.23 -12.77 9.42
N2 NAG P . 8.35 -14.75 10.79
O3 NAG P . 6.87 -15.33 13.19
O4 NAG P . 8.19 -17.57 14.63
O5 NAG P . 8.64 -18.36 11.12
O6 NAG P . 7.01 -20.32 12.09
O7 NAG P . 6.81 -14.67 9.14
C1 NAG P . 7.01 -17.62 15.47
C2 NAG P . 7.36 -18.41 16.75
C3 NAG P . 6.10 -18.49 17.60
C4 NAG P . 5.56 -17.10 17.88
C5 NAG P . 5.41 -16.30 16.58
C6 NAG P . 5.03 -14.85 16.79
C7 NAG P . 8.88 -20.33 17.08
C8 NAG P . 9.21 -21.71 16.57
N2 NAG P . 7.85 -19.72 16.44
O3 NAG P . 6.43 -19.18 18.77
O4 NAG P . 4.31 -17.26 18.53
O5 NAG P . 6.64 -16.32 15.88
O6 NAG P . 5.25 -14.12 15.61
O7 NAG P . 9.49 -19.81 18.00
C1 NAG Q . -17.74 -36.00 24.96
C2 NAG Q . -18.82 -36.69 25.82
C3 NAG Q . -19.43 -35.66 26.76
C4 NAG Q . -18.38 -34.92 27.58
C5 NAG Q . -17.23 -34.43 26.68
C6 NAG Q . -15.98 -33.93 27.39
C7 NAG Q . -20.22 -38.56 25.00
C8 NAG Q . -21.41 -38.88 24.14
N2 NAG Q . -19.88 -37.25 25.05
O3 NAG Q . -20.33 -36.34 27.59
O4 NAG Q . -19.14 -33.87 28.17
O5 NAG Q . -16.78 -35.47 25.84
O6 NAG Q . -16.03 -32.55 27.62
O7 NAG Q . -19.62 -39.44 25.61
C1 NAG Q . -18.57 -33.33 29.38
C2 NAG Q . -18.91 -31.84 29.35
C3 NAG Q . -18.20 -31.19 30.54
C4 NAG Q . -18.57 -31.89 31.86
C5 NAG Q . -18.38 -33.42 31.69
C6 NAG Q . -18.78 -34.29 32.86
C7 NAG Q . -18.90 -30.22 27.44
C8 NAG Q . -18.25 -30.01 26.09
N2 NAG Q . -18.49 -31.34 28.07
O3 NAG Q . -18.53 -29.83 30.54
O4 NAG Q . -17.74 -31.29 32.83
O5 NAG Q . -19.10 -33.87 30.57
O6 NAG Q . -20.19 -34.29 32.99
O7 NAG Q . -19.70 -29.43 27.90
C1 BMA Q . -18.42 -30.89 34.06
C2 BMA Q . -19.05 -29.48 33.92
C3 BMA Q . -19.73 -29.08 35.25
C4 BMA Q . -20.45 -30.20 36.03
C5 BMA Q . -20.13 -31.65 35.63
C6 BMA Q . -21.33 -32.59 35.65
O2 BMA Q . -19.97 -29.44 32.87
O3 BMA Q . -20.58 -28.01 34.91
O4 BMA Q . -20.10 -29.99 37.39
O5 BMA Q . -19.45 -31.80 34.40
O6 BMA Q . -20.83 -33.86 36.04
C1 NAG R . -59.51 -38.25 -11.21
C2 NAG R . -59.91 -39.74 -11.38
C3 NAG R . -61.38 -39.96 -11.75
C4 NAG R . -62.35 -38.87 -11.35
C5 NAG R . -61.80 -37.45 -11.47
C6 NAG R . -62.67 -36.43 -10.74
C7 NAG R . -58.02 -41.01 -11.59
C8 NAG R . -56.88 -41.68 -12.33
N2 NAG R . -58.95 -40.31 -12.27
O3 NAG R . -61.84 -41.15 -11.17
O4 NAG R . -63.44 -39.10 -12.20
O5 NAG R . -60.52 -37.31 -10.90
O6 NAG R . -62.79 -35.18 -11.34
O7 NAG R . -58.08 -41.09 -10.37
C1 NAG R . -64.74 -38.90 -11.59
C2 NAG R . -65.59 -38.06 -12.55
C3 NAG R . -66.98 -37.85 -11.96
C4 NAG R . -67.59 -39.17 -11.52
C5 NAG R . -66.61 -39.96 -10.63
C6 NAG R . -67.10 -41.32 -10.23
C7 NAG R . -64.60 -36.41 -14.10
C8 NAG R . -63.93 -35.06 -14.18
N2 NAG R . -64.95 -36.82 -12.86
O3 NAG R . -67.76 -37.23 -12.94
O4 NAG R . -68.80 -38.89 -10.84
O5 NAG R . -65.39 -40.12 -11.33
O6 NAG R . -66.01 -42.10 -9.77
O7 NAG R . -64.78 -37.08 -15.10
C1 NAG S . -16.87 -59.15 2.96
C2 NAG S . -15.98 -60.22 3.63
C3 NAG S . -15.32 -61.05 2.55
C4 NAG S . -16.35 -61.64 1.58
C5 NAG S . -17.30 -60.53 1.09
C6 NAG S . -18.45 -61.07 0.25
C7 NAG S . -14.79 -58.64 5.32
C8 NAG S . -13.45 -58.59 6.02
N2 NAG S . -14.94 -59.72 4.51
O3 NAG S . -14.58 -62.06 3.20
O4 NAG S . -15.62 -62.23 0.52
O5 NAG S . -17.84 -59.83 2.20
O6 NAG S . -19.55 -61.37 1.09
O7 NAG S . -15.61 -57.76 5.54
C1 NAG S . -16.03 -63.61 0.36
C2 NAG S . -16.02 -63.98 -1.13
C3 NAG S . -16.49 -65.43 -1.28
C4 NAG S . -15.71 -66.41 -0.40
C5 NAG S . -15.57 -65.87 1.03
C6 NAG S . -14.60 -66.62 1.90
C7 NAG S . -16.47 -62.29 -2.89
C8 NAG S . -17.57 -61.48 -3.53
N2 NAG S . -16.88 -63.11 -1.90
O3 NAG S . -16.40 -65.74 -2.64
O4 NAG S . -16.46 -67.60 -0.43
O5 NAG S . -15.16 -64.51 1.03
O6 NAG S . -13.67 -67.34 1.12
O7 NAG S . -15.31 -62.18 -3.26
C1 BMA S . -15.69 -68.78 -0.81
C2 BMA S . -16.61 -69.57 -1.75
C3 BMA S . -16.31 -69.33 -3.25
C4 BMA S . -14.82 -69.28 -3.65
C5 BMA S . -13.88 -69.17 -2.45
C6 BMA S . -12.50 -68.64 -2.78
O2 BMA S . -17.93 -69.22 -1.43
O3 BMA S . -17.05 -68.20 -3.64
O4 BMA S . -14.59 -70.48 -4.36
O5 BMA S . -14.46 -68.40 -1.41
O6 BMA S . -11.69 -69.77 -3.03
ZN ZN T . -9.72 27.14 -7.26
ZN ZN U . -6.75 25.15 -8.15
MG MG V . -8.38 23.67 -13.02
CA CA W . -21.84 17.51 -23.86
C1 NAG X . 7.32 46.05 -21.31
C2 NAG X . 8.64 46.78 -21.53
C3 NAG X . 8.96 47.79 -20.43
C4 NAG X . 7.81 48.32 -19.57
C5 NAG X . 6.47 47.57 -19.51
C6 NAG X . 5.35 48.58 -19.72
C7 NAG X . 9.98 44.76 -20.71
C8 NAG X . 11.09 43.86 -21.22
N2 NAG X . 9.64 45.72 -21.58
O3 NAG X . 9.54 48.92 -21.03
O4 NAG X . 8.35 48.31 -18.28
O5 NAG X . 6.29 46.50 -20.43
O6 NAG X . 4.15 47.99 -19.27
O7 NAG X . 9.47 44.57 -19.62
P PO4 Y . -9.39 28.85 -9.65
O1 PO4 Y . -9.53 28.28 -8.21
O2 PO4 Y . -7.88 28.69 -10.07
O3 PO4 Y . -10.30 28.06 -10.64
O4 PO4 Y . -9.84 30.35 -9.69
ZN ZN Z . -8.27 18.86 22.13
ZN ZN AA . -5.71 15.95 21.73
MG MG BA . -3.73 17.11 25.98
CA CA CA . 5.93 26.80 38.35
C1 NAG DA . -21.25 -3.59 36.11
C2 NAG DA . -21.91 -4.96 36.31
C3 NAG DA . -23.43 -4.94 36.47
C4 NAG DA . -24.08 -3.65 36.92
C5 NAG DA . -23.31 -2.33 36.77
C6 NAG DA . -23.35 -1.57 38.09
C7 NAG DA . -20.51 -6.46 35.04
C8 NAG DA . -20.31 -7.12 33.71
N2 NAG DA . -21.59 -5.67 35.10
O3 NAG DA . -23.75 -5.93 37.43
O4 NAG DA . -25.24 -3.62 36.11
O5 NAG DA . -21.94 -2.39 36.44
O6 NAG DA . -24.50 -0.78 38.13
O7 NAG DA . -19.74 -6.66 35.98
P PO4 EA . -8.77 17.48 24.78
O1 PO4 EA . -8.82 18.36 23.48
O2 PO4 EA . -9.83 18.00 25.81
O3 PO4 EA . -9.08 16.00 24.39
O4 PO4 EA . -7.37 17.58 25.44
ZN ZN FA . 50.86 22.88 1.08
ZN ZN GA . 49.62 21.54 4.44
MG MG HA . 48.57 17.59 2.92
CA CA IA . 39.92 5.33 -8.30
C1 NAG JA . 35.18 -2.36 -8.37
C2 NAG JA . 34.78 -2.41 -9.85
C3 NAG JA . 34.23 -3.78 -10.23
C4 NAG JA . 35.19 -4.88 -9.79
C5 NAG JA . 35.57 -4.70 -8.31
C6 NAG JA . 36.58 -5.71 -7.83
C7 NAG JA . 34.13 -0.37 -10.98
C8 NAG JA . 33.07 0.69 -11.15
N2 NAG JA . 33.86 -1.34 -10.11
O3 NAG JA . 34.05 -3.79 -11.62
O4 NAG JA . 34.54 -6.11 -10.02
O5 NAG JA . 36.11 -3.40 -8.13
O6 NAG JA . 36.00 -6.99 -7.76
O7 NAG JA . 35.18 -0.33 -11.60
P PO4 KA . 52.57 21.09 0.90
O1 PO4 KA . 52.49 22.64 0.86
O2 PO4 KA . 51.31 20.55 1.64
O3 PO4 KA . 53.87 20.63 1.66
O4 PO4 KA . 52.66 20.42 -0.53
ZN ZN LA . -4.11 -35.75 -5.70
ZN ZN MA . -4.20 -33.19 -8.75
MG MG NA . 0.59 -32.14 -8.59
CA CA OA . 14.95 -25.25 1.19
C1 NAG PA . 6.49 -53.92 -25.88
C2 NAG PA . 7.44 -54.65 -26.87
C3 NAG PA . 6.71 -55.72 -27.67
C4 NAG PA . 5.37 -56.13 -27.07
C5 NAG PA . 5.30 -56.02 -25.54
C6 NAG PA . 5.88 -57.26 -24.89
C7 NAG PA . 9.12 -53.92 -28.54
C8 NAG PA . 9.36 -52.91 -29.64
N2 NAG PA . 7.93 -53.80 -27.91
O3 NAG PA . 7.56 -56.83 -27.77
O4 NAG PA . 4.35 -55.36 -27.67
O5 NAG PA . 5.93 -54.86 -24.99
O6 NAG PA . 5.41 -57.43 -23.58
O7 NAG PA . 9.96 -54.76 -28.26
P PO4 QA . -1.81 -37.09 -6.99
O1 PO4 QA . -3.21 -36.87 -6.33
O2 PO4 QA . -2.01 -37.80 -8.36
O3 PO4 QA . -1.12 -35.70 -7.20
O4 PO4 QA . -0.90 -37.98 -6.08
ZN ZN RA . -32.66 -29.51 2.21
ZN ZN SA . -33.34 -26.46 -0.44
MG MG TA . -37.94 -27.72 -1.23
CA CA UA . -52.38 -37.26 -7.20
C1 NAG VA . -42.58 -8.16 19.48
C2 NAG VA . -41.66 -8.22 20.69
C3 NAG VA . -41.60 -6.86 21.36
C4 NAG VA . -41.03 -5.85 20.38
C5 NAG VA . -41.72 -5.92 19.02
C6 NAG VA . -40.74 -6.34 17.93
C7 NAG VA . -43.32 -9.79 21.44
C8 NAG VA . -44.13 -9.92 22.70
N2 NAG VA . -42.11 -9.25 21.60
O3 NAG VA . -40.78 -6.94 22.53
O4 NAG VA . -41.18 -4.54 20.92
O5 NAG VA . -42.84 -6.82 19.06
O6 NAG VA . -41.19 -5.85 16.65
O7 NAG VA . -43.74 -10.15 20.36
C1 NAG WA . -45.79 -47.65 -15.00
C2 NAG WA . -44.67 -47.65 -16.04
C3 NAG WA . -44.01 -49.02 -15.94
C4 NAG WA . -43.63 -49.38 -14.50
C5 NAG WA . -44.67 -48.95 -13.46
C6 NAG WA . -44.15 -48.93 -12.02
C7 NAG WA . -45.05 -46.24 -18.04
C8 NAG WA . -44.25 -45.16 -17.33
N2 NAG WA . -45.19 -47.39 -17.35
O3 NAG WA . -42.90 -49.03 -16.80
O4 NAG WA . -43.45 -50.77 -14.49
O5 NAG WA . -45.19 -47.67 -13.74
O6 NAG WA . -43.13 -47.98 -11.91
O7 NAG WA . -45.52 -46.05 -19.15
P PO4 XA . -35.11 -28.25 3.39
O1 PO4 XA . -33.63 -28.73 3.19
O2 PO4 XA . -35.97 -28.72 2.18
O3 PO4 XA . -35.69 -28.85 4.71
O4 PO4 XA . -35.14 -26.68 3.46
#